data_2Q4U
#
_entry.id   2Q4U
#
_cell.length_a   47.884
_cell.length_b   52.748
_cell.length_c   114.364
_cell.angle_alpha   90.000
_cell.angle_beta   90.000
_cell.angle_gamma   90.000
#
_symmetry.space_group_name_H-M   'P 21 21 21'
#
loop_
_entity.id
_entity.type
_entity.pdbx_description
1 polymer 'Protein Zgc:100843'
2 water water
#
_entity_poly.entity_id   1
_entity_poly.type   'polypeptide(L)'
_entity_poly.pdbx_seq_one_letter_code
;SDSAFANLDAAGFLQIWQHFDADDNGYIEGKELDDFFRH(MSE)LKKLQPKDKITDERVQQIKKSF(MSE)SAYDATFDG
RLQIEELAN(MSE)ILPQEENFLLIFRREAPLDNSVEF(MSE)KIWRKYDADSSGYISAAELKNFLKDLFLQHKKKIPPN
KLDEYTDA(MSE)(MSE)KIFDKNKDGRLDLNDLARILALQENFLLQFK(MSE)DASSQVERKRDFEKIFAHYDVSRTGA
LEGPEVDGFVKD(MSE)(MSE)ELVRPSISGGDLDKFRECLLTHCD(MSE)NKDGKIQKSELALCLGLKHKP
;
_entity_poly.pdbx_strand_id   A
#
# COMPACT_ATOMS: atom_id res chain seq x y z
N SER A 3 7.29 5.53 -18.45
CA SER A 3 8.65 5.56 -19.04
C SER A 3 9.69 5.93 -17.98
N ALA A 4 9.24 6.53 -16.88
CA ALA A 4 10.14 6.93 -15.82
C ALA A 4 10.64 5.74 -15.03
N PHE A 5 11.80 5.90 -14.40
CA PHE A 5 12.36 4.85 -13.58
C PHE A 5 11.34 4.52 -12.48
N ALA A 6 10.97 3.25 -12.38
CA ALA A 6 10.02 2.81 -11.36
C ALA A 6 10.65 1.73 -10.48
N ASN A 7 10.87 2.07 -9.21
CA ASN A 7 11.46 1.14 -8.25
C ASN A 7 10.46 0.27 -7.49
N LEU A 8 10.89 -0.96 -7.24
CA LEU A 8 10.15 -1.96 -6.50
C LEU A 8 9.99 -1.49 -5.03
N ASP A 9 8.77 -1.48 -4.51
CA ASP A 9 8.56 -1.14 -3.09
C ASP A 9 8.55 -2.45 -2.25
N ALA A 10 8.53 -2.30 -0.92
CA ALA A 10 8.53 -3.43 0.03
C ALA A 10 7.43 -4.44 -0.29
N ALA A 11 6.22 -3.95 -0.55
CA ALA A 11 5.14 -4.87 -0.86
C ALA A 11 5.42 -5.71 -2.12
N GLY A 12 5.91 -5.05 -3.16
CA GLY A 12 6.22 -5.77 -4.41
C GLY A 12 7.35 -6.76 -4.18
N PHE A 13 8.41 -6.29 -3.52
CA PHE A 13 9.57 -7.13 -3.20
C PHE A 13 9.14 -8.43 -2.51
N LEU A 14 8.17 -8.35 -1.61
CA LEU A 14 7.72 -9.56 -0.93
C LEU A 14 6.98 -10.50 -1.88
N GLN A 15 6.12 -9.95 -2.73
CA GLN A 15 5.35 -10.77 -3.67
C GLN A 15 6.26 -11.66 -4.51
N ILE A 16 7.33 -11.09 -5.05
CA ILE A 16 8.27 -11.83 -5.88
C ILE A 16 9.10 -12.77 -5.01
N TRP A 17 9.53 -12.28 -3.84
CA TRP A 17 10.33 -13.09 -2.94
C TRP A 17 9.67 -14.42 -2.56
N GLN A 18 8.38 -14.37 -2.25
CA GLN A 18 7.61 -15.53 -1.85
C GLN A 18 7.58 -16.66 -2.88
N HIS A 19 7.70 -16.30 -4.16
CA HIS A 19 7.72 -17.29 -5.24
C HIS A 19 9.00 -18.11 -5.10
N PHE A 20 10.07 -17.46 -4.67
CA PHE A 20 11.36 -18.11 -4.50
C PHE A 20 11.58 -18.72 -3.12
N ASP A 21 10.83 -18.26 -2.12
CA ASP A 21 10.99 -18.76 -0.76
C ASP A 21 9.60 -19.06 -0.18
N ALA A 22 8.92 -20.00 -0.83
CA ALA A 22 7.59 -20.43 -0.42
C ALA A 22 7.66 -21.02 0.98
N ASP A 23 8.81 -21.62 1.31
CA ASP A 23 8.98 -22.22 2.64
C ASP A 23 9.15 -21.14 3.70
N ASP A 24 9.48 -19.93 3.26
CA ASP A 24 9.70 -18.79 4.13
C ASP A 24 10.86 -19.06 5.09
N ASN A 25 11.94 -19.61 4.53
CA ASN A 25 13.16 -19.85 5.31
C ASN A 25 13.84 -18.46 5.42
N GLY A 26 13.47 -17.54 4.53
CA GLY A 26 14.08 -16.23 4.56
C GLY A 26 15.28 -16.05 3.62
N TYR A 27 15.44 -16.98 2.67
CA TYR A 27 16.54 -16.88 1.70
C TYR A 27 16.12 -17.41 0.36
N ILE A 28 16.98 -17.20 -0.64
CA ILE A 28 16.79 -17.73 -1.99
C ILE A 28 18.19 -18.06 -2.52
N GLU A 29 18.30 -19.11 -3.34
CA GLU A 29 19.60 -19.47 -3.88
C GLU A 29 20.19 -18.25 -4.56
N GLY A 30 21.47 -17.99 -4.27
CA GLY A 30 22.14 -16.84 -4.85
C GLY A 30 22.33 -16.96 -6.35
N LYS A 31 22.29 -18.18 -6.88
CA LYS A 31 22.43 -18.35 -8.31
C LYS A 31 21.09 -17.99 -8.95
N GLU A 32 20.08 -17.72 -8.13
CA GLU A 32 18.77 -17.38 -8.66
C GLU A 32 18.48 -15.89 -8.60
N LEU A 33 19.51 -15.07 -8.42
CA LEU A 33 19.28 -13.63 -8.34
C LEU A 33 18.99 -13.10 -9.74
N ASP A 34 19.46 -13.81 -10.77
CA ASP A 34 19.20 -13.40 -12.12
C ASP A 34 17.68 -13.48 -12.39
N ASP A 35 17.07 -14.58 -11.98
CA ASP A 35 15.63 -14.74 -12.19
C ASP A 35 14.83 -13.86 -11.25
N PHE A 36 15.38 -13.51 -10.09
CA PHE A 36 14.64 -12.63 -9.19
C PHE A 36 14.45 -11.25 -9.84
N PHE A 37 15.39 -10.88 -10.70
CA PHE A 37 15.34 -9.59 -11.39
C PHE A 37 14.41 -9.54 -12.60
N ARG A 38 14.23 -10.69 -13.26
CA ARG A 38 13.35 -10.75 -14.42
C ARG A 38 11.94 -10.52 -13.93
N HIS A 39 11.63 -11.07 -12.75
CA HIS A 39 10.29 -10.90 -12.16
C HIS A 39 10.12 -9.42 -11.83
N LEU A 41 11.68 -6.72 -13.10
CA LEU A 41 11.57 -5.92 -14.33
C LEU A 41 10.19 -6.10 -14.97
N LYS A 42 9.65 -7.31 -14.93
CA LYS A 42 8.33 -7.55 -15.53
C LYS A 42 7.21 -6.93 -14.68
N LYS A 43 7.42 -6.83 -13.37
CA LYS A 43 6.43 -6.22 -12.49
C LYS A 43 6.43 -4.69 -12.67
N LEU A 44 7.61 -4.08 -12.63
CA LEU A 44 7.77 -2.65 -12.76
C LEU A 44 7.40 -2.07 -14.14
N GLN A 45 7.84 -2.74 -15.20
CA GLN A 45 7.59 -2.28 -16.57
C GLN A 45 6.84 -3.40 -17.30
N PRO A 46 5.56 -3.59 -16.95
CA PRO A 46 4.60 -4.59 -17.46
C PRO A 46 4.53 -4.81 -18.97
N LYS A 47 4.87 -3.78 -19.75
CA LYS A 47 4.81 -3.87 -21.19
C LYS A 47 6.17 -4.08 -21.85
N ASP A 48 7.23 -3.99 -21.07
CA ASP A 48 8.56 -4.18 -21.63
C ASP A 48 8.77 -5.64 -22.01
N LYS A 49 9.59 -5.85 -23.03
CA LYS A 49 9.94 -7.18 -23.50
C LYS A 49 11.36 -7.38 -22.97
N ILE A 50 11.46 -8.08 -21.84
CA ILE A 50 12.73 -8.32 -21.16
C ILE A 50 13.63 -9.39 -21.79
N THR A 51 14.93 -9.11 -21.89
CA THR A 51 15.91 -10.04 -22.46
C THR A 51 16.89 -10.47 -21.38
N ASP A 52 17.69 -11.48 -21.69
CA ASP A 52 18.67 -11.94 -20.71
C ASP A 52 19.70 -10.83 -20.47
N GLU A 53 20.11 -10.18 -21.54
CA GLU A 53 21.09 -9.10 -21.45
C GLU A 53 20.59 -7.99 -20.51
N ARG A 54 19.34 -7.58 -20.69
CA ARG A 54 18.74 -6.55 -19.87
C ARG A 54 18.77 -6.94 -18.38
N VAL A 55 18.42 -8.19 -18.08
CA VAL A 55 18.40 -8.67 -16.70
C VAL A 55 19.79 -8.48 -16.08
N GLN A 56 20.85 -8.84 -16.82
CA GLN A 56 22.21 -8.66 -16.32
C GLN A 56 22.55 -7.18 -16.10
N GLN A 57 22.22 -6.34 -17.06
CA GLN A 57 22.50 -4.91 -16.94
C GLN A 57 21.78 -4.29 -15.70
N ILE A 58 20.49 -4.60 -15.53
CA ILE A 58 19.74 -4.03 -14.41
C ILE A 58 20.21 -4.69 -13.13
N LYS A 59 20.22 -6.02 -13.11
CA LYS A 59 20.67 -6.78 -11.95
C LYS A 59 21.98 -6.19 -11.39
N LYS A 60 22.96 -6.01 -12.28
CA LYS A 60 24.26 -5.49 -11.86
C LYS A 60 24.24 -4.10 -11.29
N SER A 61 23.53 -3.20 -11.94
CA SER A 61 23.47 -1.81 -11.45
C SER A 61 22.94 -1.73 -10.01
N PHE A 62 22.27 -2.79 -9.54
CA PHE A 62 21.68 -2.82 -8.19
C PHE A 62 22.60 -3.16 -7.00
N SER A 64 27.12 -3.93 -5.67
CA SER A 64 28.55 -3.98 -5.95
C SER A 64 28.89 -4.96 -7.07
N ALA A 65 30.01 -4.69 -7.73
CA ALA A 65 30.50 -5.58 -8.78
C ALA A 65 30.67 -6.93 -8.07
N TYR A 66 31.18 -6.86 -6.84
CA TYR A 66 31.42 -8.04 -6.04
C TYR A 66 30.11 -8.83 -5.85
N ASP A 67 29.05 -8.15 -5.41
CA ASP A 67 27.77 -8.81 -5.20
C ASP A 67 27.23 -9.52 -6.46
N ALA A 68 27.55 -8.96 -7.63
CA ALA A 68 27.13 -9.53 -8.90
C ALA A 68 27.55 -11.00 -8.98
N THR A 69 28.68 -11.33 -8.36
CA THR A 69 29.19 -12.70 -8.36
C THR A 69 28.73 -13.46 -7.13
N PHE A 70 28.02 -12.78 -6.24
CA PHE A 70 27.53 -13.41 -5.03
C PHE A 70 26.36 -14.31 -5.39
N ASP A 71 26.67 -15.59 -5.60
CA ASP A 71 25.71 -16.62 -5.96
C ASP A 71 25.35 -17.43 -4.72
N GLY A 72 25.98 -17.08 -3.61
CA GLY A 72 25.71 -17.79 -2.37
C GLY A 72 24.33 -17.48 -1.83
N ARG A 73 24.00 -18.05 -0.68
CA ARG A 73 22.70 -17.82 -0.06
C ARG A 73 22.59 -16.38 0.41
N LEU A 74 21.54 -15.70 -0.06
CA LEU A 74 21.28 -14.32 0.31
C LEU A 74 20.02 -14.30 1.20
N GLN A 75 20.16 -13.80 2.42
CA GLN A 75 19.05 -13.70 3.36
C GLN A 75 18.16 -12.57 2.86
N ILE A 76 16.88 -12.61 3.24
CA ILE A 76 15.96 -11.59 2.79
C ILE A 76 16.46 -10.18 3.10
N GLU A 77 16.94 -9.95 4.33
CA GLU A 77 17.44 -8.63 4.71
C GLU A 77 18.58 -8.17 3.80
N GLU A 78 19.41 -9.11 3.35
CA GLU A 78 20.54 -8.80 2.49
C GLU A 78 20.09 -8.30 1.11
N LEU A 79 19.16 -9.01 0.49
CA LEU A 79 18.69 -8.56 -0.83
C LEU A 79 17.96 -7.23 -0.67
N ALA A 80 17.12 -7.13 0.36
CA ALA A 80 16.39 -5.87 0.60
C ALA A 80 17.39 -4.73 0.86
N ASN A 81 18.46 -5.02 1.60
CA ASN A 81 19.44 -3.97 1.88
C ASN A 81 20.14 -3.54 0.58
N ILE A 83 18.67 -3.71 -2.42
CA ILE A 83 17.67 -3.21 -3.37
C ILE A 83 16.66 -2.13 -2.94
N LEU A 84 16.09 -2.26 -1.75
CA LEU A 84 15.06 -1.29 -1.33
C LEU A 84 15.56 -0.09 -0.55
N PRO A 85 14.95 1.08 -0.77
CA PRO A 85 15.35 2.30 -0.05
C PRO A 85 14.84 2.11 1.39
N GLN A 86 15.27 2.97 2.30
CA GLN A 86 14.89 2.89 3.72
C GLN A 86 13.40 2.64 4.03
N GLU A 87 12.57 3.62 3.74
CA GLU A 87 11.15 3.53 4.02
C GLU A 87 10.54 2.17 3.63
N GLU A 88 10.74 1.78 2.37
CA GLU A 88 10.21 0.51 1.91
C GLU A 88 10.94 -0.63 2.61
N ASN A 89 12.21 -0.37 2.94
CA ASN A 89 13.05 -1.34 3.61
C ASN A 89 12.53 -1.59 5.04
N PHE A 90 12.44 -0.53 5.83
CA PHE A 90 11.94 -0.67 7.17
C PHE A 90 10.56 -1.29 7.18
N LEU A 91 9.76 -0.98 6.15
CA LEU A 91 8.41 -1.53 6.09
C LEU A 91 8.49 -3.04 5.87
N LEU A 92 9.53 -3.49 5.16
CA LEU A 92 9.69 -4.91 4.93
C LEU A 92 10.01 -5.64 6.24
N ILE A 93 10.95 -5.09 7.00
CA ILE A 93 11.34 -5.72 8.25
C ILE A 93 10.23 -5.68 9.29
N PHE A 94 9.55 -4.54 9.39
CA PHE A 94 8.46 -4.40 10.35
C PHE A 94 7.35 -5.39 10.07
N ARG A 95 6.91 -5.45 8.81
CA ARG A 95 5.81 -6.35 8.47
C ARG A 95 6.18 -7.82 8.72
N ARG A 96 7.45 -8.15 8.54
CA ARG A 96 7.91 -9.52 8.75
C ARG A 96 7.89 -9.83 10.25
N GLU A 97 8.35 -8.91 11.07
CA GLU A 97 8.30 -9.21 12.49
C GLU A 97 6.98 -8.87 13.17
N ALA A 98 6.03 -8.25 12.46
CA ALA A 98 4.76 -7.92 13.09
C ALA A 98 3.65 -7.91 12.04
N PRO A 99 3.39 -9.09 11.44
CA PRO A 99 2.32 -9.10 10.43
C PRO A 99 1.01 -8.60 11.00
N LEU A 100 0.60 -7.43 10.52
CA LEU A 100 -0.64 -6.82 10.93
C LEU A 100 -1.43 -6.72 9.64
N ASP A 101 -2.04 -7.84 9.29
CA ASP A 101 -2.78 -7.94 8.05
C ASP A 101 -4.27 -7.92 8.26
N ASN A 102 -4.74 -7.06 9.16
CA ASN A 102 -6.18 -6.95 9.38
C ASN A 102 -6.65 -5.50 9.20
N SER A 103 -7.08 -5.19 7.99
CA SER A 103 -7.54 -3.83 7.65
C SER A 103 -8.92 -3.52 8.23
N VAL A 104 -9.76 -4.54 8.32
CA VAL A 104 -11.11 -4.35 8.85
C VAL A 104 -10.98 -3.47 10.08
N GLU A 105 -10.15 -3.91 11.03
CA GLU A 105 -9.93 -3.14 12.29
C GLU A 105 -9.06 -1.87 12.12
N PHE A 106 -8.20 -1.84 11.10
CA PHE A 106 -7.39 -0.65 10.87
C PHE A 106 -8.36 0.50 10.61
N LYS A 108 -11.52 0.81 11.44
CA LYS A 108 -12.21 1.14 12.69
C LYS A 108 -11.33 2.01 13.57
N ILE A 109 -10.09 1.59 13.80
CA ILE A 109 -9.16 2.36 14.63
C ILE A 109 -8.90 3.71 13.95
N TRP A 110 -8.87 3.70 12.62
CA TRP A 110 -8.64 4.99 11.95
C TRP A 110 -9.83 5.90 12.19
N ARG A 111 -11.03 5.35 12.18
CA ARG A 111 -12.22 6.16 12.38
C ARG A 111 -12.19 6.87 13.72
N LYS A 112 -11.69 6.17 14.74
CA LYS A 112 -11.57 6.71 16.10
C LYS A 112 -10.66 7.94 16.20
N TYR A 113 -9.49 7.87 15.56
CA TYR A 113 -8.55 9.00 15.61
C TYR A 113 -8.74 10.00 14.46
N ASP A 114 -9.75 9.77 13.62
CA ASP A 114 -10.07 10.65 12.49
C ASP A 114 -11.56 10.46 12.14
N ALA A 115 -12.40 10.80 13.10
CA ALA A 115 -13.87 10.69 12.98
C ALA A 115 -14.51 11.42 11.80
N ASP A 116 -13.86 12.47 11.30
CA ASP A 116 -14.40 13.21 10.15
C ASP A 116 -13.77 12.75 8.83
N SER A 117 -12.93 11.72 8.88
CA SER A 117 -12.28 11.20 7.70
C SER A 117 -11.49 12.25 6.91
N SER A 118 -10.74 13.08 7.64
CA SER A 118 -9.93 14.10 7.01
C SER A 118 -8.78 13.45 6.25
N GLY A 119 -8.42 12.24 6.66
CA GLY A 119 -7.30 11.56 6.02
C GLY A 119 -6.00 11.67 6.81
N TYR A 120 -6.05 12.25 8.01
CA TYR A 120 -4.85 12.38 8.86
C TYR A 120 -5.20 12.11 10.32
N ILE A 121 -4.21 11.68 11.11
CA ILE A 121 -4.39 11.55 12.57
C ILE A 121 -3.25 12.36 13.18
N SER A 122 -3.54 13.06 14.28
CA SER A 122 -2.49 13.83 14.94
C SER A 122 -1.36 12.89 15.30
N ALA A 123 -0.14 13.27 14.94
CA ALA A 123 1.04 12.45 15.19
C ALA A 123 1.24 12.19 16.69
N ALA A 124 0.59 13.03 17.51
CA ALA A 124 0.68 12.88 18.96
C ALA A 124 -0.01 11.59 19.42
N GLU A 125 -0.93 11.08 18.59
CA GLU A 125 -1.67 9.84 18.89
C GLU A 125 -1.02 8.58 18.32
N LEU A 126 0.19 8.67 17.79
CA LEU A 126 0.83 7.50 17.17
C LEU A 126 0.95 6.27 18.06
N LYS A 127 1.73 6.37 19.14
CA LYS A 127 1.91 5.26 20.05
C LYS A 127 0.56 4.80 20.59
N ASN A 128 -0.33 5.75 20.86
CA ASN A 128 -1.67 5.41 21.35
C ASN A 128 -2.34 4.59 20.23
N PHE A 129 -2.19 5.08 19.01
CA PHE A 129 -2.78 4.44 17.84
C PHE A 129 -2.21 3.02 17.68
N LEU A 130 -0.88 2.89 17.70
CA LEU A 130 -0.26 1.57 17.53
C LEU A 130 -0.63 0.60 18.64
N LYS A 131 -1.17 1.12 19.75
CA LYS A 131 -1.56 0.22 20.82
C LYS A 131 -2.89 -0.44 20.46
N ASP A 132 -3.82 0.37 19.95
CA ASP A 132 -5.14 -0.11 19.54
C ASP A 132 -5.06 -1.09 18.39
N LEU A 133 -4.28 -0.74 17.37
CA LEU A 133 -4.13 -1.61 16.22
C LEU A 133 -3.67 -3.02 16.65
N PHE A 134 -2.67 -3.09 17.51
CA PHE A 134 -2.23 -4.41 17.96
C PHE A 134 -3.34 -5.15 18.72
N LEU A 135 -4.16 -4.42 19.46
CA LEU A 135 -5.27 -5.01 20.20
C LEU A 135 -6.33 -5.61 19.26
N GLN A 136 -6.71 -4.88 18.21
CA GLN A 136 -7.71 -5.42 17.30
C GLN A 136 -7.13 -6.64 16.62
N HIS A 137 -5.81 -6.71 16.56
CA HIS A 137 -5.12 -7.87 16.01
C HIS A 137 -4.87 -8.88 17.15
N LYS A 138 -5.41 -8.55 18.33
CA LYS A 138 -5.28 -9.36 19.53
C LYS A 138 -3.80 -9.67 19.80
N LYS A 139 -2.90 -8.96 19.10
CA LYS A 139 -1.44 -9.20 19.20
C LYS A 139 -0.69 -8.43 20.27
N LYS A 140 0.17 -9.14 21.02
CA LYS A 140 0.98 -8.47 22.06
C LYS A 140 2.46 -8.43 21.74
N ILE A 141 3.10 -7.31 22.05
CA ILE A 141 4.52 -7.17 21.85
C ILE A 141 5.14 -6.48 23.07
N PRO A 142 6.48 -6.60 23.23
CA PRO A 142 7.14 -5.95 24.37
C PRO A 142 7.00 -4.43 24.25
N PRO A 143 6.97 -3.73 25.39
CA PRO A 143 6.83 -2.27 25.45
C PRO A 143 7.94 -1.55 24.66
N ASN A 144 9.15 -2.12 24.66
CA ASN A 144 10.26 -1.52 23.95
C ASN A 144 10.08 -1.62 22.42
N LYS A 145 9.70 -2.80 21.94
CA LYS A 145 9.47 -2.97 20.50
C LYS A 145 8.40 -1.99 20.03
N LEU A 146 7.40 -1.77 20.88
CA LEU A 146 6.33 -0.85 20.56
C LEU A 146 6.94 0.55 20.44
N ASP A 147 7.88 0.83 21.33
CA ASP A 147 8.60 2.11 21.35
C ASP A 147 9.36 2.26 20.04
N GLU A 148 10.30 1.36 19.80
CA GLU A 148 11.13 1.38 18.59
C GLU A 148 10.27 1.61 17.33
N TYR A 149 9.20 0.84 17.23
CA TYR A 149 8.28 0.94 16.11
C TYR A 149 7.66 2.33 16.07
N THR A 150 7.12 2.78 17.20
CA THR A 150 6.50 4.11 17.23
C THR A 150 7.51 5.18 16.78
N ASP A 151 8.71 5.12 17.33
CA ASP A 151 9.75 6.09 17.01
C ASP A 151 10.35 5.91 15.63
N ALA A 152 10.38 4.68 15.13
CA ALA A 152 10.91 4.44 13.80
C ALA A 152 9.92 4.99 12.76
N LYS A 155 9.92 8.63 11.81
CA LYS A 155 11.02 8.94 10.91
C LYS A 155 10.66 9.08 9.44
N ILE A 156 9.81 8.19 8.94
CA ILE A 156 9.44 8.24 7.54
C ILE A 156 8.07 8.82 7.27
N PHE A 157 7.29 9.04 8.34
CA PHE A 157 5.93 9.58 8.21
C PHE A 157 5.74 10.98 8.79
N ASP A 158 6.70 11.46 9.57
CA ASP A 158 6.59 12.80 10.15
C ASP A 158 7.92 13.55 10.05
N LYS A 159 8.46 13.65 8.84
CA LYS A 159 9.73 14.34 8.64
C LYS A 159 9.46 15.84 8.72
N ASN A 160 8.51 16.33 7.95
CA ASN A 160 8.11 17.74 7.95
C ASN A 160 7.92 18.09 9.43
N LYS A 161 7.72 17.05 10.23
CA LYS A 161 7.52 17.20 11.66
C LYS A 161 6.43 18.22 11.97
N ASP A 162 5.39 18.22 11.14
CA ASP A 162 4.27 19.13 11.30
C ASP A 162 3.28 18.57 12.31
N GLY A 163 3.64 17.45 12.93
CA GLY A 163 2.77 16.85 13.93
C GLY A 163 1.58 16.03 13.48
N ARG A 164 1.52 15.72 12.19
CA ARG A 164 0.43 14.91 11.64
C ARG A 164 0.92 13.80 10.71
N LEU A 165 0.33 12.62 10.84
CA LEU A 165 0.70 11.49 9.98
C LEU A 165 -0.50 11.29 9.05
N ASP A 166 -0.22 10.94 7.80
CA ASP A 166 -1.24 10.77 6.76
C ASP A 166 -1.65 9.31 6.61
N LEU A 167 -2.94 9.07 6.34
CA LEU A 167 -3.45 7.71 6.14
C LEU A 167 -2.67 7.00 5.01
N ASN A 168 -2.33 7.72 3.95
CA ASN A 168 -1.58 7.12 2.84
C ASN A 168 -0.24 6.53 3.29
N ASP A 169 0.30 7.03 4.41
CA ASP A 169 1.54 6.47 4.93
C ASP A 169 1.28 5.33 5.93
N LEU A 170 0.49 5.59 6.96
CA LEU A 170 0.25 4.57 8.00
C LEU A 170 -0.42 3.30 7.48
N ALA A 171 -1.31 3.42 6.50
CA ALA A 171 -1.98 2.25 5.92
C ALA A 171 -0.92 1.27 5.40
N ARG A 172 0.27 1.79 5.08
CA ARG A 172 1.33 0.94 4.56
C ARG A 172 1.97 -0.01 5.57
N ILE A 173 1.70 0.14 6.87
CA ILE A 173 2.34 -0.77 7.84
C ILE A 173 1.65 -2.13 7.87
N LEU A 174 0.50 -2.23 7.19
CA LEU A 174 -0.23 -3.49 7.15
C LEU A 174 0.53 -4.54 6.32
N ALA A 175 0.44 -5.80 6.76
CA ALA A 175 1.09 -6.92 6.07
C ALA A 175 0.06 -7.56 5.13
N LEU A 176 -0.14 -6.92 3.98
CA LEU A 176 -1.07 -7.36 2.96
C LEU A 176 -0.33 -7.45 1.62
N GLN A 177 -0.29 -8.63 1.02
CA GLN A 177 0.37 -8.82 -0.26
C GLN A 177 -0.16 -7.78 -1.25
N GLU A 178 -1.47 -7.62 -1.25
CA GLU A 178 -2.17 -6.65 -2.10
C GLU A 178 -3.00 -5.79 -1.13
N ASN A 179 -2.41 -4.67 -0.74
CA ASN A 179 -3.02 -3.76 0.22
C ASN A 179 -4.34 -3.15 -0.22
N PHE A 180 -5.37 -3.43 0.57
CA PHE A 180 -6.73 -2.97 0.39
C PHE A 180 -6.82 -1.56 -0.16
N LEU A 181 -5.88 -0.71 0.25
CA LEU A 181 -5.87 0.69 -0.14
C LEU A 181 -4.72 1.06 -1.05
N LEU A 182 -3.51 0.71 -0.61
CA LEU A 182 -2.29 1.00 -1.36
C LEU A 182 -2.39 0.45 -2.78
N GLN A 183 -3.41 0.89 -3.50
CA GLN A 183 -3.63 0.47 -4.87
C GLN A 183 -3.52 1.64 -5.85
N PHE A 184 -3.28 2.85 -5.32
CA PHE A 184 -3.19 4.05 -6.18
C PHE A 184 -1.81 4.66 -6.37
N LYS A 185 -1.74 5.58 -7.34
CA LYS A 185 -0.53 6.32 -7.66
C LYS A 185 -0.30 7.27 -6.49
N ASP A 187 2.42 9.88 -6.50
CA ASP A 187 3.47 10.84 -6.86
C ASP A 187 3.04 12.30 -6.70
N ALA A 188 3.90 13.22 -7.16
CA ALA A 188 3.67 14.65 -7.08
C ALA A 188 2.22 15.07 -7.24
N SER A 189 1.83 15.33 -8.48
CA SER A 189 0.48 15.75 -8.80
C SER A 189 -0.48 14.55 -8.84
N SER A 190 0.05 13.34 -8.70
CA SER A 190 -0.79 12.14 -8.71
C SER A 190 -1.87 12.12 -7.63
N GLN A 191 -1.65 12.90 -6.55
CA GLN A 191 -2.61 12.99 -5.45
C GLN A 191 -3.48 14.22 -5.68
N VAL A 192 -3.14 14.96 -6.75
CA VAL A 192 -3.87 16.13 -7.15
C VAL A 192 -4.83 15.74 -8.28
N GLU A 193 -4.28 15.51 -9.46
CA GLU A 193 -5.09 15.14 -10.61
C GLU A 193 -6.19 14.15 -10.25
N ARG A 194 -5.85 13.14 -9.46
CA ARG A 194 -6.82 12.14 -9.04
C ARG A 194 -8.01 12.79 -8.32
N LYS A 195 -7.76 13.90 -7.62
CA LYS A 195 -8.84 14.57 -6.89
C LYS A 195 -9.83 15.28 -7.82
N ARG A 196 -9.32 16.17 -8.68
CA ARG A 196 -10.17 16.90 -9.62
C ARG A 196 -11.11 15.92 -10.29
N ASP A 197 -10.53 14.87 -10.88
CA ASP A 197 -11.30 13.83 -11.54
C ASP A 197 -12.20 13.12 -10.52
N PHE A 198 -11.79 13.13 -9.26
CA PHE A 198 -12.59 12.53 -8.19
C PHE A 198 -13.76 13.48 -7.91
N GLU A 199 -13.46 14.77 -7.87
CA GLU A 199 -14.51 15.75 -7.59
C GLU A 199 -15.64 15.71 -8.63
N LYS A 200 -15.27 15.85 -9.91
CA LYS A 200 -16.26 15.85 -10.98
C LYS A 200 -16.98 14.53 -11.08
N ILE A 201 -16.27 13.47 -10.74
CA ILE A 201 -16.85 12.16 -10.83
C ILE A 201 -17.78 11.91 -9.65
N PHE A 202 -17.49 12.51 -8.51
CA PHE A 202 -18.41 12.32 -7.42
C PHE A 202 -19.63 13.21 -7.69
N ALA A 203 -19.45 14.25 -8.50
CA ALA A 203 -20.52 15.22 -8.83
C ALA A 203 -21.65 14.61 -9.65
N HIS A 204 -21.25 13.99 -10.76
CA HIS A 204 -22.12 13.29 -11.70
C HIS A 204 -23.12 12.32 -11.05
N TYR A 205 -22.62 11.21 -10.50
CA TYR A 205 -23.44 10.17 -9.88
C TYR A 205 -24.42 10.57 -8.76
N ASP A 206 -24.04 11.53 -7.92
CA ASP A 206 -24.88 12.01 -6.81
C ASP A 206 -25.88 13.08 -7.27
N VAL A 207 -26.74 12.67 -8.21
CA VAL A 207 -27.76 13.53 -8.82
C VAL A 207 -28.68 14.26 -7.86
N SER A 208 -29.08 13.60 -6.77
CA SER A 208 -29.97 14.25 -5.82
C SER A 208 -29.20 15.21 -4.92
N ARG A 209 -27.88 15.20 -5.07
CA ARG A 209 -27.01 16.09 -4.28
C ARG A 209 -27.21 15.83 -2.78
N THR A 210 -27.35 14.56 -2.39
CA THR A 210 -27.55 14.28 -0.97
C THR A 210 -26.26 14.37 -0.19
N GLY A 211 -25.32 13.49 -0.55
CA GLY A 211 -24.04 13.48 0.13
C GLY A 211 -23.42 12.10 0.04
N ALA A 212 -24.25 11.12 -0.33
CA ALA A 212 -23.76 9.76 -0.47
C ALA A 212 -24.30 9.08 -1.73
N LEU A 213 -23.53 8.12 -2.24
CA LEU A 213 -23.91 7.35 -3.41
C LEU A 213 -24.29 5.99 -2.86
N GLU A 214 -25.20 5.33 -3.56
CA GLU A 214 -25.62 3.98 -3.14
C GLU A 214 -25.85 3.15 -4.38
N GLY A 215 -25.39 1.90 -4.35
CA GLY A 215 -25.58 0.99 -5.46
C GLY A 215 -25.02 1.30 -6.84
N PRO A 216 -25.89 1.49 -7.84
CA PRO A 216 -25.41 1.80 -9.18
C PRO A 216 -24.47 3.01 -9.12
N GLU A 217 -24.89 4.03 -8.37
CA GLU A 217 -24.09 5.24 -8.20
C GLU A 217 -22.69 4.83 -7.73
N VAL A 218 -22.64 4.03 -6.66
CA VAL A 218 -21.35 3.55 -6.12
C VAL A 218 -20.58 2.71 -7.13
N ASP A 219 -21.32 1.97 -7.96
CA ASP A 219 -20.68 1.11 -8.96
C ASP A 219 -20.19 1.93 -10.13
N GLY A 220 -21.03 2.87 -10.56
CA GLY A 220 -20.66 3.73 -11.67
C GLY A 220 -19.44 4.57 -11.31
N PHE A 221 -19.39 5.07 -10.07
CA PHE A 221 -18.25 5.87 -9.60
C PHE A 221 -16.98 5.04 -9.70
N VAL A 222 -17.05 3.87 -9.08
CA VAL A 222 -15.94 2.93 -9.07
C VAL A 222 -15.35 2.73 -10.47
N LYS A 223 -16.15 2.19 -11.39
CA LYS A 223 -15.65 1.97 -12.73
C LYS A 223 -15.18 3.27 -13.37
N ASP A 224 -15.91 4.36 -13.12
CA ASP A 224 -15.53 5.66 -13.67
C ASP A 224 -14.53 6.39 -12.79
N GLU A 227 -11.02 2.92 -13.24
CA GLU A 227 -10.66 2.68 -14.62
C GLU A 227 -9.53 3.64 -14.98
N LEU A 228 -9.62 4.88 -14.51
CA LEU A 228 -8.57 5.83 -14.81
C LEU A 228 -7.43 5.85 -13.78
N VAL A 229 -7.71 5.45 -12.54
CA VAL A 229 -6.64 5.43 -11.55
C VAL A 229 -5.65 4.35 -11.98
N ARG A 230 -6.09 3.10 -11.95
CA ARG A 230 -5.25 1.98 -12.38
C ARG A 230 -6.05 1.17 -13.41
N PRO A 231 -5.91 1.53 -14.70
CA PRO A 231 -6.58 0.88 -15.83
C PRO A 231 -6.31 -0.62 -15.91
N SER A 232 -6.81 -1.25 -16.98
CA SER A 232 -6.63 -2.67 -17.18
C SER A 232 -6.94 -3.49 -15.93
N ILE A 233 -8.15 -3.31 -15.42
CA ILE A 233 -8.63 -4.02 -14.24
C ILE A 233 -9.72 -4.98 -14.70
N SER A 234 -9.87 -6.09 -13.99
CA SER A 234 -10.88 -7.10 -14.31
C SER A 234 -12.32 -6.63 -14.04
N GLY A 235 -13.26 -7.36 -14.64
CA GLY A 235 -14.67 -7.05 -14.48
C GLY A 235 -15.15 -7.38 -13.08
N GLY A 236 -15.18 -8.67 -12.74
CA GLY A 236 -15.61 -9.07 -11.42
C GLY A 236 -14.76 -8.41 -10.34
N ASP A 237 -13.70 -7.75 -10.76
CA ASP A 237 -12.79 -7.08 -9.84
C ASP A 237 -13.31 -5.67 -9.48
N LEU A 238 -14.59 -5.60 -9.12
CA LEU A 238 -15.24 -4.37 -8.70
C LEU A 238 -16.14 -4.66 -7.48
N ASP A 239 -16.40 -5.95 -7.28
CA ASP A 239 -17.24 -6.44 -6.17
C ASP A 239 -16.61 -6.22 -4.79
N LYS A 240 -15.43 -6.78 -4.58
CA LYS A 240 -14.72 -6.62 -3.30
C LYS A 240 -14.42 -5.14 -3.14
N PHE A 241 -14.37 -4.44 -4.26
CA PHE A 241 -14.12 -3.01 -4.22
C PHE A 241 -15.37 -2.33 -3.64
N ARG A 242 -16.53 -2.87 -4.01
CA ARG A 242 -17.82 -2.36 -3.56
C ARG A 242 -18.22 -2.88 -2.16
N GLU A 243 -17.69 -4.02 -1.74
CA GLU A 243 -17.99 -4.55 -0.42
C GLU A 243 -17.02 -3.91 0.57
N CYS A 244 -15.73 -3.92 0.20
CA CYS A 244 -14.69 -3.32 1.02
C CYS A 244 -15.10 -1.93 1.46
N LEU A 245 -15.87 -1.23 0.63
CA LEU A 245 -16.33 0.13 0.96
C LEU A 245 -17.22 0.13 2.20
N LEU A 246 -18.43 -0.41 2.07
CA LEU A 246 -19.37 -0.49 3.17
C LEU A 246 -18.81 -1.42 4.27
N THR A 247 -17.63 -1.99 4.01
CA THR A 247 -16.95 -2.90 4.93
C THR A 247 -15.87 -2.19 5.75
N HIS A 248 -15.12 -1.34 5.05
CA HIS A 248 -14.03 -0.57 5.63
C HIS A 248 -14.21 0.95 5.50
N CYS A 249 -15.45 1.44 5.41
CA CYS A 249 -15.64 2.89 5.24
C CYS A 249 -16.93 3.46 5.82
N ASP A 250 -18.03 3.36 5.06
CA ASP A 250 -19.31 3.89 5.53
C ASP A 250 -19.53 3.51 7.00
N ASN A 252 -23.03 3.72 9.47
CA ASN A 252 -24.27 2.95 9.60
C ASN A 252 -24.31 1.96 8.43
N LYS A 253 -25.22 0.99 8.49
CA LYS A 253 -25.33 0.00 7.42
C LYS A 253 -26.27 0.53 6.35
N ASP A 254 -26.14 1.82 6.02
CA ASP A 254 -27.00 2.42 5.01
C ASP A 254 -26.78 1.93 3.59
N GLY A 255 -25.59 1.40 3.31
CA GLY A 255 -25.31 0.93 1.97
C GLY A 255 -24.88 2.13 1.14
N LYS A 256 -24.80 3.27 1.80
CA LYS A 256 -24.38 4.49 1.13
C LYS A 256 -22.88 4.60 1.34
N ILE A 257 -22.25 5.42 0.52
CA ILE A 257 -20.83 5.65 0.63
C ILE A 257 -20.64 7.15 0.68
N GLN A 258 -20.38 7.68 1.87
CA GLN A 258 -20.18 9.11 2.05
C GLN A 258 -19.00 9.59 1.18
N LYS A 259 -19.02 10.85 0.79
CA LYS A 259 -17.94 11.40 -0.03
C LYS A 259 -16.58 11.39 0.70
N SER A 260 -16.61 11.74 1.98
CA SER A 260 -15.36 11.78 2.76
C SER A 260 -14.77 10.38 2.96
N GLU A 261 -15.61 9.42 3.33
CA GLU A 261 -15.14 8.05 3.55
C GLU A 261 -14.53 7.58 2.23
N LEU A 262 -15.24 7.84 1.14
CA LEU A 262 -14.82 7.44 -0.19
C LEU A 262 -13.44 8.05 -0.53
N ALA A 263 -13.26 9.33 -0.23
CA ALA A 263 -11.97 9.99 -0.51
C ALA A 263 -10.80 9.24 0.11
N LEU A 264 -10.95 8.87 1.38
CA LEU A 264 -9.91 8.12 2.08
C LEU A 264 -9.33 7.00 1.23
N CYS A 265 -10.15 6.03 0.86
CA CYS A 265 -9.71 4.88 0.06
C CYS A 265 -9.03 5.25 -1.25
N LEU A 266 -9.23 6.48 -1.72
CA LEU A 266 -8.64 6.91 -2.99
C LEU A 266 -7.28 7.59 -2.81
N GLY A 267 -6.81 7.64 -1.58
CA GLY A 267 -5.55 8.29 -1.31
C GLY A 267 -5.77 9.80 -1.25
N LEU A 268 -6.96 10.22 -1.65
CA LEU A 268 -7.33 11.64 -1.66
C LEU A 268 -7.88 12.00 -0.30
N LYS A 269 -8.40 13.22 -0.17
CA LYS A 269 -8.95 13.71 1.09
C LYS A 269 -9.99 14.77 0.82
N HIS A 270 -11.21 14.56 1.30
CA HIS A 270 -12.27 15.54 1.07
C HIS A 270 -12.30 16.58 2.19
N LYS A 271 -11.79 17.77 1.87
CA LYS A 271 -11.76 18.89 2.81
C LYS A 271 -13.08 19.65 2.67
N PRO A 272 -13.99 19.47 3.65
CA PRO A 272 -15.30 20.12 3.66
C PRO A 272 -15.25 21.62 4.00
N SER A 3 9.94 2.95 -19.64
CA SER A 3 9.33 4.30 -19.51
C SER A 3 9.99 5.03 -18.34
N ALA A 4 9.20 5.56 -17.41
CA ALA A 4 9.79 6.25 -16.26
C ALA A 4 10.40 5.20 -15.32
N PHE A 5 11.49 5.59 -14.65
CA PHE A 5 12.14 4.69 -13.70
C PHE A 5 11.19 4.44 -12.53
N ALA A 6 11.57 3.54 -11.63
CA ALA A 6 10.81 3.19 -10.44
C ALA A 6 11.49 2.03 -9.70
N ASN A 7 11.44 2.07 -8.38
CA ASN A 7 12.02 0.99 -7.61
C ASN A 7 10.88 0.12 -7.13
N LEU A 8 11.24 -1.03 -6.57
CA LEU A 8 10.27 -1.97 -6.05
C LEU A 8 9.77 -1.41 -4.71
N ASP A 9 8.49 -1.60 -4.40
CA ASP A 9 7.97 -1.22 -3.10
C ASP A 9 7.85 -2.56 -2.34
N ALA A 10 7.89 -2.53 -1.01
CA ALA A 10 7.83 -3.73 -0.18
C ALA A 10 6.78 -4.74 -0.64
N ALA A 11 5.64 -4.26 -1.10
CA ALA A 11 4.60 -5.18 -1.56
C ALA A 11 5.10 -6.02 -2.74
N GLY A 12 5.55 -5.34 -3.80
CA GLY A 12 6.07 -6.02 -4.99
C GLY A 12 7.28 -6.92 -4.71
N PHE A 13 8.17 -6.45 -3.84
CA PHE A 13 9.34 -7.24 -3.46
C PHE A 13 8.87 -8.55 -2.83
N LEU A 14 8.05 -8.46 -1.78
CA LEU A 14 7.54 -9.65 -1.12
C LEU A 14 6.85 -10.65 -2.05
N GLN A 15 6.03 -10.15 -2.98
CA GLN A 15 5.30 -11.03 -3.90
C GLN A 15 6.28 -11.89 -4.71
N ILE A 16 7.36 -11.27 -5.19
CA ILE A 16 8.38 -11.98 -5.96
C ILE A 16 9.16 -12.90 -5.04
N TRP A 17 9.43 -12.43 -3.82
CA TRP A 17 10.19 -13.21 -2.86
C TRP A 17 9.51 -14.53 -2.45
N GLN A 18 8.21 -14.64 -2.69
CA GLN A 18 7.45 -15.83 -2.35
C GLN A 18 7.48 -16.83 -3.50
N HIS A 19 7.89 -16.36 -4.66
CA HIS A 19 7.97 -17.16 -5.88
C HIS A 19 9.26 -17.99 -5.83
N PHE A 20 10.25 -17.51 -5.07
CA PHE A 20 11.55 -18.15 -4.95
C PHE A 20 11.87 -18.76 -3.59
N ASP A 21 11.02 -18.49 -2.62
CA ASP A 21 11.19 -18.96 -1.27
C ASP A 21 9.76 -19.21 -0.79
N ALA A 22 9.08 -20.13 -1.45
CA ALA A 22 7.69 -20.44 -1.12
C ALA A 22 7.56 -20.94 0.30
N ASP A 23 8.65 -21.43 0.89
CA ASP A 23 8.62 -21.96 2.25
C ASP A 23 9.01 -20.98 3.35
N ASP A 24 9.19 -19.72 2.96
CA ASP A 24 9.59 -18.66 3.88
C ASP A 24 10.79 -19.04 4.73
N ASN A 25 11.82 -19.62 4.09
CA ASN A 25 13.04 -19.99 4.79
C ASN A 25 13.83 -18.71 5.21
N GLY A 26 13.52 -17.57 4.61
CA GLY A 26 14.24 -16.35 4.98
C GLY A 26 15.46 -16.08 4.11
N TYR A 27 15.64 -16.89 3.07
CA TYR A 27 16.75 -16.71 2.15
C TYR A 27 16.40 -17.37 0.84
N ILE A 28 17.24 -17.10 -0.16
CA ILE A 28 17.16 -17.73 -1.47
C ILE A 28 18.61 -18.00 -1.88
N GLU A 29 18.86 -19.13 -2.54
CA GLU A 29 20.20 -19.44 -2.98
C GLU A 29 20.52 -18.36 -4.01
N GLY A 30 21.75 -17.84 -3.96
CA GLY A 30 22.17 -16.78 -4.87
C GLY A 30 22.09 -17.14 -6.34
N LYS A 31 21.62 -18.35 -6.65
CA LYS A 31 21.50 -18.78 -8.03
C LYS A 31 20.24 -18.27 -8.78
N GLU A 32 19.09 -18.20 -8.13
CA GLU A 32 17.88 -17.70 -8.81
C GLU A 32 17.79 -16.18 -8.80
N LEU A 33 18.94 -15.53 -8.69
CA LEU A 33 19.00 -14.07 -8.65
C LEU A 33 18.60 -13.46 -10.01
N ASP A 34 18.83 -14.18 -11.10
CA ASP A 34 18.43 -13.69 -12.43
C ASP A 34 16.91 -13.64 -12.54
N ASP A 35 16.26 -14.74 -12.12
CA ASP A 35 14.81 -14.86 -12.15
C ASP A 35 14.14 -13.72 -11.39
N PHE A 36 14.58 -13.50 -10.16
CA PHE A 36 14.02 -12.43 -9.33
C PHE A 36 14.08 -11.12 -10.14
N PHE A 37 15.30 -10.73 -10.52
CA PHE A 37 15.47 -9.50 -11.29
C PHE A 37 14.65 -9.55 -12.58
N ARG A 38 14.47 -10.75 -13.11
CA ARG A 38 13.68 -10.94 -14.33
C ARG A 38 12.24 -10.65 -13.94
N HIS A 39 11.82 -11.16 -12.79
CA HIS A 39 10.47 -10.91 -12.30
C HIS A 39 10.27 -9.45 -12.00
N LEU A 41 11.58 -6.76 -13.23
CA LEU A 41 11.39 -6.01 -14.48
C LEU A 41 10.01 -6.30 -15.07
N LYS A 42 9.49 -7.51 -14.80
CA LYS A 42 8.17 -7.85 -15.31
C LYS A 42 7.12 -7.04 -14.54
N LYS A 43 7.34 -6.84 -13.24
CA LYS A 43 6.41 -6.07 -12.43
C LYS A 43 6.50 -4.56 -12.63
N LEU A 44 7.72 -4.04 -12.85
CA LEU A 44 7.91 -2.61 -13.03
C LEU A 44 7.53 -2.11 -14.42
N GLN A 45 7.83 -2.90 -15.44
CA GLN A 45 7.52 -2.54 -16.83
C GLN A 45 6.86 -3.73 -17.49
N PRO A 46 5.59 -4.00 -17.12
CA PRO A 46 4.76 -5.10 -17.61
C PRO A 46 4.72 -5.22 -19.12
N LYS A 47 5.38 -4.26 -19.80
CA LYS A 47 5.42 -4.24 -21.26
C LYS A 47 6.82 -4.26 -21.90
N ASP A 48 7.88 -4.45 -21.13
CA ASP A 48 9.23 -4.49 -21.71
C ASP A 48 9.63 -5.93 -22.05
N LYS A 49 10.27 -6.11 -23.19
CA LYS A 49 10.70 -7.45 -23.60
C LYS A 49 11.93 -7.83 -22.79
N ILE A 50 11.70 -8.28 -21.57
CA ILE A 50 12.77 -8.63 -20.64
C ILE A 50 13.78 -9.66 -21.16
N THR A 51 14.79 -9.17 -21.89
CA THR A 51 15.84 -10.03 -22.45
C THR A 51 16.85 -10.46 -21.40
N ASP A 52 17.61 -11.51 -21.74
CA ASP A 52 18.63 -12.03 -20.83
C ASP A 52 19.62 -10.92 -20.44
N GLU A 53 20.16 -10.23 -21.44
CA GLU A 53 21.11 -9.16 -21.19
C GLU A 53 20.53 -8.08 -20.28
N ARG A 54 19.39 -7.52 -20.68
CA ARG A 54 18.73 -6.50 -19.88
C ARG A 54 18.71 -6.91 -18.40
N VAL A 55 18.33 -8.16 -18.13
CA VAL A 55 18.27 -8.66 -16.76
C VAL A 55 19.65 -8.52 -16.13
N GLN A 56 20.68 -8.97 -16.85
CA GLN A 56 22.06 -8.85 -16.34
C GLN A 56 22.37 -7.39 -16.10
N GLN A 57 21.91 -6.53 -17.00
CA GLN A 57 22.15 -5.12 -16.82
C GLN A 57 21.43 -4.60 -15.55
N ILE A 58 20.14 -4.91 -15.43
CA ILE A 58 19.41 -4.40 -14.30
C ILE A 58 19.93 -4.94 -12.97
N LYS A 59 20.20 -6.25 -12.90
CA LYS A 59 20.74 -6.80 -11.66
C LYS A 59 22.06 -6.10 -11.33
N LYS A 60 22.89 -5.88 -12.35
CA LYS A 60 24.19 -5.26 -12.14
C LYS A 60 24.13 -3.83 -11.62
N SER A 61 23.09 -3.10 -11.97
CA SER A 61 23.00 -1.72 -11.51
C SER A 61 22.63 -1.63 -10.01
N PHE A 62 22.15 -2.75 -9.44
CA PHE A 62 21.74 -2.80 -8.02
C PHE A 62 22.79 -3.35 -7.06
N SER A 64 27.06 -4.63 -6.37
CA SER A 64 28.43 -4.27 -6.72
C SER A 64 28.98 -5.41 -7.58
N ALA A 65 30.08 -5.15 -8.28
CA ALA A 65 30.72 -6.18 -9.12
C ALA A 65 30.88 -7.48 -8.34
N TYR A 66 31.73 -7.41 -7.32
CA TYR A 66 32.01 -8.53 -6.44
C TYR A 66 30.73 -9.27 -6.03
N ASP A 67 29.65 -8.52 -5.77
CA ASP A 67 28.37 -9.09 -5.35
C ASP A 67 27.50 -9.69 -6.48
N ALA A 68 27.63 -9.11 -7.68
CA ALA A 68 26.88 -9.55 -8.85
C ALA A 68 27.11 -11.03 -9.14
N THR A 69 28.32 -11.49 -8.86
CA THR A 69 28.69 -12.89 -9.08
C THR A 69 28.94 -13.61 -7.77
N PHE A 70 28.11 -13.33 -6.77
CA PHE A 70 28.25 -13.99 -5.47
C PHE A 70 27.57 -15.35 -5.52
N ASP A 71 28.27 -16.37 -5.04
CA ASP A 71 27.74 -17.72 -5.04
C ASP A 71 27.29 -18.12 -3.64
N GLY A 72 26.00 -18.03 -3.37
CA GLY A 72 25.51 -18.41 -2.05
C GLY A 72 24.14 -17.88 -1.67
N ARG A 73 23.54 -18.49 -0.64
CA ARG A 73 22.23 -18.09 -0.16
C ARG A 73 22.32 -16.63 0.28
N LEU A 74 21.26 -15.88 0.03
CA LEU A 74 21.17 -14.48 0.42
C LEU A 74 19.99 -14.34 1.38
N GLN A 75 20.25 -13.78 2.56
CA GLN A 75 19.23 -13.56 3.56
C GLN A 75 18.31 -12.49 2.99
N ILE A 76 17.02 -12.57 3.32
CA ILE A 76 16.05 -11.62 2.82
C ILE A 76 16.51 -10.19 3.12
N GLU A 77 16.96 -9.95 4.35
CA GLU A 77 17.43 -8.60 4.73
C GLU A 77 18.58 -8.14 3.82
N GLU A 78 19.41 -9.09 3.38
CA GLU A 78 20.54 -8.78 2.52
C GLU A 78 20.11 -8.30 1.13
N LEU A 79 19.13 -8.97 0.52
CA LEU A 79 18.69 -8.54 -0.80
C LEU A 79 17.92 -7.22 -0.69
N ALA A 80 16.98 -7.14 0.26
CA ALA A 80 16.21 -5.92 0.44
C ALA A 80 17.11 -4.69 0.53
N ASN A 81 18.23 -4.83 1.24
CA ASN A 81 19.17 -3.74 1.41
C ASN A 81 19.72 -3.28 0.06
N ILE A 83 18.18 -3.64 -2.90
CA ILE A 83 17.09 -3.12 -3.71
C ILE A 83 16.24 -1.99 -3.13
N LEU A 84 15.65 -2.23 -1.96
CA LEU A 84 14.77 -1.26 -1.33
C LEU A 84 15.45 -0.23 -0.47
N PRO A 85 15.12 1.05 -0.67
CA PRO A 85 15.71 2.15 0.12
C PRO A 85 15.30 1.94 1.58
N GLN A 86 16.04 2.56 2.49
CA GLN A 86 15.81 2.42 3.92
C GLN A 86 14.35 2.46 4.40
N GLU A 87 13.48 3.21 3.72
CA GLU A 87 12.10 3.27 4.20
C GLU A 87 11.25 2.05 3.84
N GLU A 88 11.13 1.75 2.55
CA GLU A 88 10.32 0.62 2.09
C GLU A 88 10.81 -0.72 2.69
N ASN A 89 12.11 -0.81 2.90
CA ASN A 89 12.71 -1.99 3.49
C ASN A 89 12.00 -2.14 4.83
N PHE A 90 11.88 -1.01 5.51
CA PHE A 90 11.23 -1.01 6.79
C PHE A 90 9.83 -1.65 6.67
N LEU A 91 9.04 -1.19 5.70
CA LEU A 91 7.70 -1.74 5.51
C LEU A 91 7.79 -3.27 5.24
N LEU A 92 8.71 -3.67 4.36
CA LEU A 92 8.89 -5.11 4.06
C LEU A 92 9.20 -5.82 5.37
N ILE A 93 10.19 -5.28 6.09
CA ILE A 93 10.61 -5.88 7.34
C ILE A 93 9.51 -5.94 8.41
N PHE A 94 8.90 -4.79 8.70
CA PHE A 94 7.86 -4.70 9.73
C PHE A 94 6.74 -5.70 9.52
N ARG A 95 6.32 -5.82 8.26
CA ARG A 95 5.23 -6.70 7.90
C ARG A 95 5.51 -8.17 8.27
N ARG A 96 6.79 -8.58 8.24
CA ARG A 96 7.13 -9.96 8.58
C ARG A 96 7.40 -10.13 10.07
N GLU A 97 7.93 -9.11 10.71
CA GLU A 97 8.20 -9.22 12.14
C GLU A 97 6.94 -9.02 13.00
N ALA A 98 6.10 -8.05 12.63
CA ALA A 98 4.89 -7.76 13.39
C ALA A 98 3.76 -7.61 12.39
N PRO A 99 3.33 -8.74 11.80
CA PRO A 99 2.26 -8.73 10.81
C PRO A 99 0.90 -8.27 11.32
N LEU A 100 0.34 -7.29 10.59
CA LEU A 100 -0.97 -6.72 10.89
C LEU A 100 -1.75 -6.90 9.59
N ASP A 101 -2.69 -7.84 9.60
CA ASP A 101 -3.43 -8.17 8.39
C ASP A 101 -4.90 -7.83 8.34
N ASN A 102 -5.39 -7.07 9.31
CA ASN A 102 -6.82 -6.72 9.34
C ASN A 102 -7.10 -5.24 8.97
N SER A 103 -7.35 -5.01 7.69
CA SER A 103 -7.63 -3.66 7.20
C SER A 103 -8.96 -3.06 7.70
N VAL A 104 -9.89 -3.93 8.09
CA VAL A 104 -11.18 -3.46 8.58
C VAL A 104 -11.00 -2.86 9.98
N GLU A 105 -10.25 -3.55 10.84
CA GLU A 105 -9.98 -3.03 12.19
C GLU A 105 -9.10 -1.78 12.08
N PHE A 106 -8.29 -1.72 11.02
CA PHE A 106 -7.45 -0.56 10.81
C PHE A 106 -8.36 0.64 10.55
N LYS A 108 -11.44 0.95 11.15
CA LYS A 108 -12.25 1.20 12.35
C LYS A 108 -11.46 2.12 13.28
N ILE A 109 -10.27 1.68 13.66
CA ILE A 109 -9.36 2.44 14.55
C ILE A 109 -9.02 3.80 13.96
N TRP A 110 -8.69 3.82 12.67
CA TRP A 110 -8.34 5.09 12.05
C TRP A 110 -9.39 6.17 12.33
N ARG A 111 -10.66 5.83 12.13
CA ARG A 111 -11.75 6.76 12.34
C ARG A 111 -11.92 7.16 13.79
N LYS A 112 -11.41 6.33 14.70
CA LYS A 112 -11.46 6.61 16.13
C LYS A 112 -10.58 7.85 16.37
N TYR A 113 -9.44 7.90 15.66
CA TYR A 113 -8.54 9.04 15.81
C TYR A 113 -8.73 10.09 14.70
N ASP A 114 -9.66 9.83 13.77
CA ASP A 114 -9.95 10.74 12.65
C ASP A 114 -11.41 10.52 12.19
N ALA A 115 -12.36 10.87 13.08
CA ALA A 115 -13.80 10.74 12.82
C ALA A 115 -14.38 11.62 11.73
N ASP A 116 -13.67 12.69 11.35
CA ASP A 116 -14.15 13.58 10.31
C ASP A 116 -13.52 13.21 8.96
N SER A 117 -12.71 12.15 8.97
CA SER A 117 -12.06 11.66 7.76
C SER A 117 -11.22 12.64 6.93
N SER A 118 -10.21 13.25 7.55
CA SER A 118 -9.33 14.17 6.85
C SER A 118 -8.19 13.41 6.14
N GLY A 119 -7.96 12.18 6.57
CA GLY A 119 -6.87 11.40 6.00
C GLY A 119 -5.59 11.57 6.80
N TYR A 120 -5.70 12.15 8.00
CA TYR A 120 -4.56 12.36 8.91
C TYR A 120 -5.00 12.11 10.33
N ILE A 121 -4.10 11.59 11.17
CA ILE A 121 -4.40 11.48 12.60
C ILE A 121 -3.34 12.38 13.26
N SER A 122 -3.67 12.92 14.43
CA SER A 122 -2.70 13.76 15.12
C SER A 122 -1.50 12.90 15.41
N ALA A 123 -0.31 13.44 15.17
CA ALA A 123 0.95 12.74 15.36
C ALA A 123 1.22 12.23 16.79
N ALA A 124 0.70 12.94 17.78
CA ALA A 124 0.89 12.55 19.18
C ALA A 124 0.07 11.32 19.58
N GLU A 125 -0.89 10.93 18.72
CA GLU A 125 -1.75 9.77 18.94
C GLU A 125 -1.17 8.47 18.37
N LEU A 126 -0.09 8.58 17.61
CA LEU A 126 0.51 7.43 16.95
C LEU A 126 0.77 6.21 17.84
N LYS A 127 1.60 6.35 18.87
CA LYS A 127 1.94 5.24 19.73
C LYS A 127 0.71 4.56 20.34
N ASN A 128 -0.32 5.34 20.68
CA ASN A 128 -1.53 4.74 21.24
C ASN A 128 -2.30 4.09 20.09
N PHE A 129 -2.31 4.76 18.95
CA PHE A 129 -2.97 4.22 17.77
C PHE A 129 -2.43 2.80 17.49
N LEU A 130 -1.11 2.63 17.55
CA LEU A 130 -0.50 1.31 17.30
C LEU A 130 -0.98 0.31 18.35
N LYS A 131 -0.99 0.75 19.60
CA LYS A 131 -1.44 -0.05 20.72
C LYS A 131 -2.81 -0.62 20.43
N ASP A 132 -3.72 0.25 20.02
CA ASP A 132 -5.09 -0.16 19.70
C ASP A 132 -5.14 -1.03 18.46
N LEU A 133 -4.24 -0.77 17.51
CA LEU A 133 -4.18 -1.57 16.28
C LEU A 133 -3.72 -3.01 16.63
N PHE A 134 -2.71 -3.13 17.48
CA PHE A 134 -2.25 -4.46 17.87
C PHE A 134 -3.35 -5.23 18.63
N LEU A 135 -4.09 -4.52 19.49
CA LEU A 135 -5.18 -5.14 20.24
C LEU A 135 -6.22 -5.72 19.29
N GLN A 136 -6.61 -4.95 18.27
CA GLN A 136 -7.61 -5.45 17.34
C GLN A 136 -7.02 -6.62 16.55
N HIS A 137 -5.70 -6.75 16.58
CA HIS A 137 -5.02 -7.87 15.92
C HIS A 137 -4.66 -9.00 16.91
N LYS A 138 -5.05 -8.82 18.18
CA LYS A 138 -4.76 -9.81 19.22
C LYS A 138 -3.27 -10.17 19.18
N LYS A 139 -2.43 -9.17 18.91
CA LYS A 139 -0.98 -9.36 18.85
C LYS A 139 -0.37 -8.57 19.99
N LYS A 140 0.20 -9.28 20.95
CA LYS A 140 0.85 -8.59 22.08
C LYS A 140 2.34 -8.52 21.86
N ILE A 141 2.89 -7.31 21.95
CA ILE A 141 4.31 -7.17 21.79
C ILE A 141 4.88 -6.58 23.08
N PRO A 142 6.20 -6.77 23.29
CA PRO A 142 6.83 -6.25 24.49
C PRO A 142 6.79 -4.72 24.46
N PRO A 143 6.56 -4.09 25.62
CA PRO A 143 6.53 -2.63 25.60
C PRO A 143 7.81 -2.05 24.93
N ASN A 144 8.79 -2.91 24.67
CA ASN A 144 10.03 -2.49 24.01
C ASN A 144 9.95 -2.44 22.47
N LYS A 145 9.22 -3.38 21.86
CA LYS A 145 9.08 -3.35 20.39
C LYS A 145 8.14 -2.23 19.96
N LEU A 146 7.12 -1.98 20.78
CA LEU A 146 6.15 -0.94 20.50
C LEU A 146 6.88 0.42 20.53
N ASP A 147 7.94 0.47 21.33
CA ASP A 147 8.76 1.66 21.50
C ASP A 147 9.50 1.99 20.21
N GLU A 148 10.26 1.01 19.71
CA GLU A 148 11.03 1.16 18.48
C GLU A 148 10.17 1.33 17.23
N TYR A 149 9.04 0.64 17.21
CA TYR A 149 8.11 0.72 16.10
C TYR A 149 7.58 2.14 15.96
N THR A 150 7.19 2.74 17.08
CA THR A 150 6.65 4.11 17.05
C THR A 150 7.76 5.11 16.71
N ASP A 151 8.91 4.90 17.34
CA ASP A 151 10.08 5.73 17.16
C ASP A 151 10.51 5.78 15.70
N ALA A 152 10.59 4.60 15.09
CA ALA A 152 10.98 4.52 13.69
C ALA A 152 9.89 5.11 12.77
N LYS A 155 10.11 8.88 12.62
CA LYS A 155 11.24 9.34 11.83
C LYS A 155 11.08 9.11 10.33
N ILE A 156 9.98 8.50 9.91
CA ILE A 156 9.82 8.28 8.48
C ILE A 156 8.56 8.86 7.87
N PHE A 157 7.55 9.08 8.70
CA PHE A 157 6.29 9.62 8.20
C PHE A 157 5.93 10.94 8.87
N ASP A 158 6.82 11.40 9.75
CA ASP A 158 6.60 12.66 10.45
C ASP A 158 7.50 13.74 9.86
N LYS A 159 8.17 13.41 8.75
CA LYS A 159 9.07 14.35 8.07
C LYS A 159 8.32 15.63 7.72
N ASN A 160 7.00 15.52 7.62
CA ASN A 160 6.16 16.67 7.32
C ASN A 160 6.30 17.63 8.48
N LYS A 161 6.55 17.06 9.66
CA LYS A 161 6.73 17.82 10.90
C LYS A 161 5.54 18.70 11.25
N ASP A 162 4.53 18.70 10.39
CA ASP A 162 3.35 19.49 10.63
C ASP A 162 2.53 18.84 11.75
N GLY A 163 3.09 17.79 12.36
CA GLY A 163 2.42 17.10 13.46
C GLY A 163 1.25 16.21 13.10
N ARG A 164 1.16 15.83 11.84
CA ARG A 164 0.10 14.97 11.34
C ARG A 164 0.65 13.74 10.62
N LEU A 165 -0.13 12.66 10.58
CA LEU A 165 0.25 11.44 9.88
C LEU A 165 -0.82 11.15 8.84
N ASP A 166 -0.38 11.08 7.59
CA ASP A 166 -1.25 10.84 6.44
C ASP A 166 -1.64 9.37 6.46
N LEU A 167 -2.90 9.10 6.21
CA LEU A 167 -3.41 7.73 6.14
C LEU A 167 -2.62 7.00 5.02
N ASN A 168 -2.06 7.76 4.07
CA ASN A 168 -1.30 7.15 2.98
C ASN A 168 0.04 6.56 3.42
N ASP A 169 0.55 7.02 4.56
CA ASP A 169 1.77 6.44 5.09
C ASP A 169 1.44 5.29 6.05
N LEU A 170 0.65 5.56 7.07
CA LEU A 170 0.32 4.54 8.07
C LEU A 170 -0.33 3.27 7.50
N ALA A 171 -1.22 3.42 6.51
CA ALA A 171 -1.86 2.27 5.88
C ALA A 171 -0.77 1.33 5.35
N ARG A 172 0.43 1.86 5.13
CA ARG A 172 1.51 1.02 4.62
C ARG A 172 2.12 0.05 5.63
N ILE A 173 1.88 0.24 6.93
CA ILE A 173 2.47 -0.69 7.91
C ILE A 173 1.75 -2.02 7.90
N LEU A 174 0.60 -2.08 7.22
CA LEU A 174 -0.16 -3.30 7.13
C LEU A 174 0.54 -4.37 6.31
N ALA A 175 0.11 -5.63 6.49
CA ALA A 175 0.65 -6.79 5.78
C ALA A 175 -0.48 -7.58 5.11
N LEU A 176 -0.85 -7.17 3.89
CA LEU A 176 -1.90 -7.83 3.13
C LEU A 176 -1.25 -8.51 1.93
N GLN A 177 -1.85 -9.59 1.44
CA GLN A 177 -1.27 -10.27 0.29
C GLN A 177 -1.06 -9.20 -0.79
N GLU A 178 -2.01 -8.27 -0.85
CA GLU A 178 -2.02 -7.14 -1.76
C GLU A 178 -2.98 -6.10 -1.18
N ASN A 179 -2.44 -4.94 -0.82
CA ASN A 179 -3.20 -3.83 -0.23
C ASN A 179 -4.01 -3.10 -1.29
N PHE A 180 -5.33 -3.35 -1.31
CA PHE A 180 -6.18 -2.71 -2.29
C PHE A 180 -6.08 -1.20 -2.21
N LEU A 181 -5.74 -0.70 -1.03
CA LEU A 181 -5.63 0.73 -0.83
C LEU A 181 -4.62 1.39 -1.75
N LEU A 182 -3.38 1.41 -1.29
CA LEU A 182 -2.27 2.02 -2.01
C LEU A 182 -2.01 1.36 -3.37
N GLN A 183 -3.03 0.66 -3.88
CA GLN A 183 -2.93 -0.03 -5.17
C GLN A 183 -2.93 0.98 -6.32
N PHE A 184 -3.10 2.25 -6.00
CA PHE A 184 -3.13 3.31 -7.02
C PHE A 184 -1.82 4.11 -7.04
N LYS A 185 -1.38 4.50 -8.23
CA LYS A 185 -0.16 5.28 -8.35
C LYS A 185 -0.27 6.45 -7.36
N ASP A 187 1.95 9.11 -7.12
CA ASP A 187 2.76 10.26 -7.50
C ASP A 187 1.94 11.56 -7.53
N ALA A 188 2.62 12.67 -7.26
CA ALA A 188 1.99 13.99 -7.26
C ALA A 188 1.06 14.19 -8.45
N SER A 189 1.45 13.63 -9.59
CA SER A 189 0.70 13.73 -10.83
C SER A 189 -0.52 12.81 -10.92
N SER A 190 -0.45 11.65 -10.29
CA SER A 190 -1.56 10.71 -10.30
C SER A 190 -2.64 11.21 -9.34
N GLN A 191 -2.21 11.77 -8.21
CA GLN A 191 -3.14 12.30 -7.22
C GLN A 191 -3.86 13.56 -7.70
N VAL A 192 -3.20 14.37 -8.52
CA VAL A 192 -3.86 15.57 -9.01
C VAL A 192 -4.90 15.15 -10.04
N GLU A 193 -4.51 14.24 -10.93
CA GLU A 193 -5.45 13.79 -11.94
C GLU A 193 -6.57 12.93 -11.32
N ARG A 194 -6.19 11.93 -10.51
CA ARG A 194 -7.19 11.08 -9.88
C ARG A 194 -8.22 11.93 -9.15
N LYS A 195 -7.77 12.96 -8.43
CA LYS A 195 -8.68 13.81 -7.69
C LYS A 195 -9.63 14.56 -8.62
N ARG A 196 -9.11 15.04 -9.75
CA ARG A 196 -9.94 15.77 -10.69
C ARG A 196 -10.98 14.82 -11.28
N ASP A 197 -10.59 13.56 -11.47
CA ASP A 197 -11.54 12.56 -11.99
C ASP A 197 -12.58 12.31 -10.89
N PHE A 198 -12.10 12.22 -9.65
CA PHE A 198 -12.95 11.98 -8.48
C PHE A 198 -14.07 13.04 -8.33
N GLU A 199 -13.71 14.31 -8.23
CA GLU A 199 -14.73 15.36 -8.05
C GLU A 199 -15.76 15.42 -9.19
N LYS A 200 -15.31 15.18 -10.41
CA LYS A 200 -16.20 15.23 -11.58
C LYS A 200 -17.16 14.05 -11.63
N ILE A 201 -16.63 12.85 -11.38
CA ILE A 201 -17.47 11.67 -11.47
C ILE A 201 -18.41 11.48 -10.30
N PHE A 202 -17.97 11.87 -9.11
CA PHE A 202 -18.80 11.79 -7.94
C PHE A 202 -19.98 12.77 -8.07
N ALA A 203 -19.69 14.04 -8.39
CA ALA A 203 -20.76 15.03 -8.54
C ALA A 203 -21.64 14.62 -9.69
N HIS A 204 -21.04 13.94 -10.66
CA HIS A 204 -21.76 13.40 -11.81
C HIS A 204 -22.82 12.42 -11.31
N TYR A 205 -22.49 11.65 -10.27
CA TYR A 205 -23.42 10.66 -9.72
C TYR A 205 -24.24 11.13 -8.49
N ASP A 206 -23.80 12.15 -7.77
CA ASP A 206 -24.60 12.61 -6.61
C ASP A 206 -25.58 13.71 -7.08
N VAL A 207 -26.53 13.28 -7.92
CA VAL A 207 -27.52 14.18 -8.50
C VAL A 207 -28.47 14.77 -7.45
N SER A 208 -28.55 14.13 -6.28
CA SER A 208 -29.38 14.59 -5.19
C SER A 208 -28.64 15.64 -4.37
N ARG A 209 -27.32 15.57 -4.37
CA ARG A 209 -26.47 16.50 -3.63
C ARG A 209 -26.51 16.25 -2.12
N THR A 210 -26.53 14.96 -1.76
CA THR A 210 -26.56 14.52 -0.37
C THR A 210 -25.14 14.28 0.11
N GLY A 211 -24.19 14.16 -0.83
CA GLY A 211 -22.81 13.90 -0.46
C GLY A 211 -22.47 12.45 -0.12
N ALA A 212 -23.18 11.51 -0.74
CA ALA A 212 -22.99 10.06 -0.54
C ALA A 212 -23.57 9.36 -1.77
N LEU A 213 -23.06 8.16 -2.07
CA LEU A 213 -23.53 7.39 -3.19
C LEU A 213 -24.06 6.05 -2.65
N GLU A 214 -25.11 5.53 -3.27
CA GLU A 214 -25.68 4.24 -2.85
C GLU A 214 -26.20 3.47 -4.07
N GLY A 215 -26.10 2.14 -4.04
CA GLY A 215 -26.59 1.32 -5.14
C GLY A 215 -26.00 1.64 -6.51
N PRO A 216 -26.85 1.96 -7.50
CA PRO A 216 -26.41 2.28 -8.86
C PRO A 216 -25.32 3.35 -8.87
N GLU A 217 -25.47 4.36 -8.01
CA GLU A 217 -24.50 5.45 -7.92
C GLU A 217 -23.10 4.90 -7.59
N VAL A 218 -23.05 4.02 -6.58
CA VAL A 218 -21.79 3.39 -6.16
C VAL A 218 -21.17 2.58 -7.31
N ASP A 219 -22.00 1.80 -8.00
CA ASP A 219 -21.48 0.97 -9.09
C ASP A 219 -21.19 1.80 -10.32
N GLY A 220 -22.08 2.74 -10.62
CA GLY A 220 -21.89 3.60 -11.78
C GLY A 220 -20.65 4.45 -11.62
N PHE A 221 -20.34 4.79 -10.37
CA PHE A 221 -19.20 5.62 -10.06
C PHE A 221 -17.94 4.79 -10.17
N VAL A 222 -17.97 3.57 -9.61
CA VAL A 222 -16.81 2.73 -9.66
C VAL A 222 -16.49 2.44 -11.10
N LYS A 223 -17.47 1.92 -11.83
CA LYS A 223 -17.22 1.60 -13.21
C LYS A 223 -16.48 2.71 -13.97
N ASP A 224 -17.03 3.92 -13.95
CA ASP A 224 -16.43 5.03 -14.70
C ASP A 224 -15.07 5.50 -14.18
N GLU A 227 -12.52 2.12 -15.26
CA GLU A 227 -12.17 2.03 -16.70
C GLU A 227 -11.19 3.07 -17.23
N LEU A 228 -11.07 4.21 -16.54
CA LEU A 228 -10.13 5.24 -16.96
C LEU A 228 -8.84 5.08 -16.16
N VAL A 229 -8.95 4.82 -14.86
CA VAL A 229 -7.76 4.62 -14.01
C VAL A 229 -7.07 3.34 -14.44
N ARG A 230 -7.87 2.38 -14.88
CA ARG A 230 -7.38 1.09 -15.34
C ARG A 230 -8.20 0.74 -16.59
N PRO A 231 -7.88 1.39 -17.73
CA PRO A 231 -8.62 1.11 -18.97
C PRO A 231 -8.75 -0.40 -19.18
N SER A 232 -9.93 -0.83 -19.60
CA SER A 232 -10.20 -2.24 -19.88
C SER A 232 -10.15 -3.12 -18.63
N ILE A 233 -10.90 -2.73 -17.60
CA ILE A 233 -10.94 -3.49 -16.35
C ILE A 233 -12.16 -4.45 -16.34
N SER A 234 -11.89 -5.72 -16.07
CA SER A 234 -12.94 -6.76 -16.04
C SER A 234 -14.13 -6.42 -15.15
N GLY A 235 -15.31 -6.85 -15.60
CA GLY A 235 -16.50 -6.61 -14.82
C GLY A 235 -16.24 -7.22 -13.45
N GLY A 236 -15.60 -8.39 -13.45
CA GLY A 236 -15.29 -9.07 -12.20
C GLY A 236 -14.52 -8.21 -11.22
N ASP A 237 -13.55 -7.45 -11.73
CA ASP A 237 -12.75 -6.59 -10.86
C ASP A 237 -13.51 -5.33 -10.45
N LEU A 238 -14.53 -4.97 -11.24
CA LEU A 238 -15.35 -3.81 -10.96
C LEU A 238 -16.34 -4.08 -9.83
N ASP A 239 -16.84 -5.32 -9.72
CA ASP A 239 -17.77 -5.63 -8.64
C ASP A 239 -16.95 -5.92 -7.38
N LYS A 240 -15.74 -6.44 -7.59
CA LYS A 240 -14.83 -6.75 -6.50
C LYS A 240 -14.59 -5.47 -5.69
N PHE A 241 -13.79 -4.58 -6.24
CA PHE A 241 -13.51 -3.31 -5.56
C PHE A 241 -14.81 -2.72 -5.05
N ARG A 242 -15.89 -2.92 -5.78
CA ARG A 242 -17.17 -2.41 -5.31
C ARG A 242 -17.41 -2.99 -3.91
N GLU A 243 -17.29 -4.31 -3.80
CA GLU A 243 -17.48 -4.98 -2.52
C GLU A 243 -16.54 -4.42 -1.44
N CYS A 244 -15.27 -4.24 -1.78
CA CYS A 244 -14.31 -3.68 -0.83
C CYS A 244 -14.79 -2.34 -0.26
N LEU A 245 -15.34 -1.48 -1.10
CA LEU A 245 -15.82 -0.20 -0.59
C LEU A 245 -16.84 -0.40 0.50
N LEU A 246 -17.80 -1.27 0.22
CA LEU A 246 -18.87 -1.56 1.17
C LEU A 246 -18.35 -2.43 2.31
N THR A 247 -17.21 -3.07 2.09
CA THR A 247 -16.56 -3.92 3.08
C THR A 247 -15.99 -3.12 4.26
N HIS A 248 -15.51 -1.89 4.00
CA HIS A 248 -14.93 -1.08 5.06
C HIS A 248 -15.68 0.22 5.37
N CYS A 249 -16.40 0.74 4.38
CA CYS A 249 -17.13 2.00 4.55
C CYS A 249 -18.60 1.89 4.92
N ASP A 250 -19.32 0.97 4.28
CA ASP A 250 -20.75 0.81 4.56
C ASP A 250 -20.93 0.63 6.09
N ASN A 252 -23.18 0.66 7.74
CA ASN A 252 -24.48 0.04 7.97
C ASN A 252 -24.61 -1.00 6.85
N LYS A 253 -25.79 -1.60 6.71
CA LYS A 253 -25.97 -2.58 5.66
C LYS A 253 -26.43 -1.82 4.42
N ASP A 254 -27.42 -0.95 4.64
CA ASP A 254 -28.02 -0.12 3.60
C ASP A 254 -27.04 0.38 2.54
N GLY A 255 -25.80 0.61 2.94
CA GLY A 255 -24.78 1.06 2.01
C GLY A 255 -24.79 2.54 1.69
N LYS A 256 -24.57 3.37 2.71
CA LYS A 256 -24.53 4.81 2.52
C LYS A 256 -23.08 5.20 2.80
N ILE A 257 -22.39 5.56 1.72
CA ILE A 257 -20.98 5.95 1.75
C ILE A 257 -20.84 7.43 1.46
N GLN A 258 -20.68 8.26 2.50
CA GLN A 258 -20.53 9.71 2.29
C GLN A 258 -19.44 9.99 1.26
N LYS A 259 -19.30 11.26 0.90
CA LYS A 259 -18.26 11.65 -0.04
C LYS A 259 -16.96 11.60 0.77
N SER A 260 -17.08 11.61 2.09
CA SER A 260 -15.90 11.55 2.95
C SER A 260 -15.32 10.13 3.11
N GLU A 261 -16.13 9.11 2.88
CA GLU A 261 -15.62 7.74 2.99
C GLU A 261 -14.74 7.55 1.75
N LEU A 262 -15.36 7.41 0.57
CA LEU A 262 -14.62 7.23 -0.67
C LEU A 262 -13.28 8.02 -0.67
N ALA A 263 -13.31 9.25 -0.17
CA ALA A 263 -12.11 10.08 -0.14
C ALA A 263 -10.93 9.30 0.45
N LEU A 264 -11.13 8.70 1.61
CA LEU A 264 -10.07 7.88 2.20
C LEU A 264 -9.98 6.48 1.60
N CYS A 265 -11.10 5.78 1.46
CA CYS A 265 -11.10 4.41 0.90
C CYS A 265 -10.71 4.30 -0.56
N LEU A 266 -10.49 5.43 -1.22
CA LEU A 266 -10.06 5.36 -2.62
C LEU A 266 -8.59 5.80 -2.71
N GLY A 267 -8.21 6.75 -1.84
CA GLY A 267 -6.85 7.25 -1.82
C GLY A 267 -6.73 8.75 -2.00
N LEU A 268 -7.76 9.47 -1.54
CA LEU A 268 -7.79 10.93 -1.67
C LEU A 268 -8.19 11.60 -0.37
N LYS A 269 -8.47 12.92 -0.42
CA LYS A 269 -8.87 13.65 0.80
C LYS A 269 -9.90 14.74 0.49
N HIS A 270 -10.96 14.80 1.28
CA HIS A 270 -11.99 15.81 1.07
C HIS A 270 -12.41 16.43 2.39
N LYS A 271 -11.95 17.66 2.63
CA LYS A 271 -12.27 18.39 3.85
C LYS A 271 -13.76 18.72 3.92
N PRO A 272 -14.41 18.37 5.04
CA PRO A 272 -15.85 18.65 5.20
C PRO A 272 -16.15 20.13 5.30
N SER A 3 7.94 3.35 -19.38
CA SER A 3 9.12 4.15 -19.81
C SER A 3 9.93 4.69 -18.63
N ALA A 4 9.30 5.52 -17.81
CA ALA A 4 9.96 6.12 -16.66
C ALA A 4 10.49 5.06 -15.68
N PHE A 5 11.51 5.44 -14.91
CA PHE A 5 12.09 4.55 -13.94
C PHE A 5 11.06 4.24 -12.85
N ALA A 6 11.33 3.18 -12.09
CA ALA A 6 10.48 2.76 -10.99
C ALA A 6 11.34 1.83 -10.12
N ASN A 7 11.36 2.11 -8.83
CA ASN A 7 12.12 1.29 -7.90
C ASN A 7 11.13 0.57 -7.00
N LEU A 8 11.21 -0.75 -7.05
CA LEU A 8 10.38 -1.66 -6.26
C LEU A 8 10.16 -1.21 -4.82
N ASP A 9 8.94 -1.33 -4.32
CA ASP A 9 8.65 -1.01 -2.93
C ASP A 9 8.63 -2.33 -2.10
N ALA A 10 8.57 -2.20 -0.78
CA ALA A 10 8.55 -3.33 0.15
C ALA A 10 7.48 -4.36 -0.21
N ALA A 11 6.28 -3.87 -0.51
CA ALA A 11 5.20 -4.79 -0.86
C ALA A 11 5.53 -5.66 -2.09
N GLY A 12 5.91 -5.01 -3.19
CA GLY A 12 6.23 -5.75 -4.41
C GLY A 12 7.36 -6.74 -4.16
N PHE A 13 8.42 -6.28 -3.51
CA PHE A 13 9.57 -7.12 -3.18
C PHE A 13 9.14 -8.42 -2.49
N LEU A 14 8.15 -8.36 -1.62
CA LEU A 14 7.69 -9.56 -0.94
C LEU A 14 6.98 -10.52 -1.89
N GLN A 15 6.10 -9.99 -2.74
CA GLN A 15 5.36 -10.83 -3.68
C GLN A 15 6.27 -11.72 -4.51
N ILE A 16 7.33 -11.13 -5.05
CA ILE A 16 8.29 -11.86 -5.88
C ILE A 16 9.13 -12.79 -4.99
N TRP A 17 9.54 -12.30 -3.84
CA TRP A 17 10.35 -13.10 -2.92
C TRP A 17 9.67 -14.43 -2.55
N GLN A 18 8.39 -14.36 -2.22
CA GLN A 18 7.61 -15.53 -1.82
C GLN A 18 7.59 -16.65 -2.86
N HIS A 19 7.68 -16.29 -4.13
CA HIS A 19 7.67 -17.27 -5.21
C HIS A 19 8.94 -18.11 -5.10
N PHE A 20 10.02 -17.47 -4.70
CA PHE A 20 11.30 -18.12 -4.56
C PHE A 20 11.57 -18.71 -3.17
N ASP A 21 10.78 -18.31 -2.19
CA ASP A 21 10.95 -18.79 -0.83
C ASP A 21 9.54 -19.06 -0.29
N ALA A 22 8.83 -19.92 -1.01
CA ALA A 22 7.47 -20.31 -0.68
C ALA A 22 7.36 -20.81 0.75
N ASP A 23 8.42 -21.44 1.24
CA ASP A 23 8.43 -21.98 2.60
C ASP A 23 8.82 -20.93 3.62
N ASP A 24 9.09 -19.72 3.14
CA ASP A 24 9.49 -18.61 3.98
C ASP A 24 10.63 -18.94 4.94
N ASN A 25 11.70 -19.50 4.39
CA ASN A 25 12.89 -19.82 5.18
C ASN A 25 13.68 -18.50 5.40
N GLY A 26 13.33 -17.43 4.68
CA GLY A 26 14.05 -16.18 4.85
C GLY A 26 15.29 -16.02 3.98
N TYR A 27 15.54 -16.97 3.08
CA TYR A 27 16.68 -16.87 2.18
C TYR A 27 16.38 -17.49 0.83
N ILE A 28 17.17 -17.10 -0.17
CA ILE A 28 17.06 -17.68 -1.51
C ILE A 28 18.48 -17.99 -2.00
N GLU A 29 18.57 -18.85 -3.02
CA GLU A 29 19.84 -19.22 -3.58
C GLU A 29 20.24 -18.23 -4.66
N GLY A 30 21.55 -18.07 -4.85
CA GLY A 30 22.07 -17.16 -5.85
C GLY A 30 21.56 -17.47 -7.25
N LYS A 31 21.26 -18.74 -7.54
CA LYS A 31 20.75 -19.08 -8.87
C LYS A 31 19.30 -18.59 -9.07
N GLU A 32 18.66 -18.23 -7.96
CA GLU A 32 17.28 -17.74 -7.96
C GLU A 32 17.29 -16.20 -8.16
N LEU A 33 18.31 -15.57 -7.58
CA LEU A 33 18.51 -14.12 -7.62
C LEU A 33 18.51 -13.57 -9.03
N ASP A 34 18.62 -14.45 -10.03
CA ASP A 34 18.61 -13.99 -11.40
C ASP A 34 17.18 -13.67 -11.83
N ASP A 35 16.36 -14.71 -12.02
CA ASP A 35 14.97 -14.57 -12.45
C ASP A 35 14.15 -13.71 -11.47
N PHE A 36 14.69 -13.45 -10.28
CA PHE A 36 14.01 -12.60 -9.30
C PHE A 36 13.95 -11.18 -9.91
N PHE A 37 14.98 -10.85 -10.71
CA PHE A 37 15.06 -9.55 -11.38
C PHE A 37 14.18 -9.49 -12.63
N ARG A 38 14.02 -10.64 -13.29
CA ARG A 38 13.18 -10.71 -14.48
C ARG A 38 11.76 -10.43 -14.03
N HIS A 39 11.40 -11.00 -12.89
CA HIS A 39 10.07 -10.77 -12.33
C HIS A 39 9.99 -9.39 -11.69
N LEU A 41 11.39 -6.74 -12.98
CA LEU A 41 11.18 -5.91 -14.16
C LEU A 41 9.80 -6.09 -14.81
N LYS A 42 9.22 -7.28 -14.69
CA LYS A 42 7.89 -7.51 -15.26
C LYS A 42 6.90 -6.67 -14.45
N LYS A 43 7.05 -6.68 -13.14
CA LYS A 43 6.18 -5.91 -12.26
C LYS A 43 6.33 -4.39 -12.41
N LEU A 44 7.56 -3.92 -12.62
CA LEU A 44 7.84 -2.49 -12.76
C LEU A 44 7.57 -1.88 -14.14
N GLN A 45 7.92 -2.61 -15.20
CA GLN A 45 7.74 -2.14 -16.57
C GLN A 45 6.96 -3.24 -17.31
N PRO A 46 5.67 -3.37 -16.99
CA PRO A 46 4.70 -4.34 -17.54
C PRO A 46 4.68 -4.54 -19.06
N LYS A 47 4.96 -3.47 -19.80
CA LYS A 47 4.93 -3.53 -21.25
C LYS A 47 6.28 -3.90 -21.83
N ASP A 48 7.34 -3.70 -21.06
CA ASP A 48 8.67 -4.01 -21.57
C ASP A 48 8.78 -5.47 -21.97
N LYS A 49 9.38 -5.70 -23.13
CA LYS A 49 9.60 -7.05 -23.61
C LYS A 49 10.90 -7.40 -22.90
N ILE A 50 10.75 -7.78 -21.63
CA ILE A 50 11.88 -8.14 -20.79
C ILE A 50 12.83 -9.16 -21.46
N THR A 51 14.13 -8.86 -21.51
CA THR A 51 15.10 -9.77 -22.12
C THR A 51 16.08 -10.31 -21.08
N ASP A 52 16.95 -11.24 -21.51
CA ASP A 52 17.92 -11.78 -20.57
C ASP A 52 19.09 -10.80 -20.49
N GLU A 53 19.23 -10.03 -21.57
CA GLU A 53 20.27 -9.01 -21.68
C GLU A 53 19.86 -7.88 -20.73
N ARG A 54 18.60 -7.45 -20.87
CA ARG A 54 18.06 -6.40 -20.03
C ARG A 54 17.96 -6.87 -18.56
N VAL A 55 17.98 -8.18 -18.32
CA VAL A 55 17.87 -8.69 -16.96
C VAL A 55 19.22 -8.56 -16.30
N GLN A 56 20.27 -8.90 -17.04
CA GLN A 56 21.64 -8.80 -16.55
C GLN A 56 22.09 -7.35 -16.40
N GLN A 57 21.61 -6.46 -17.25
CA GLN A 57 21.99 -5.07 -17.08
C GLN A 57 21.34 -4.51 -15.80
N ILE A 58 20.14 -5.00 -15.48
CA ILE A 58 19.45 -4.47 -14.32
C ILE A 58 19.92 -5.04 -12.98
N LYS A 59 20.41 -6.28 -12.98
CA LYS A 59 20.90 -6.85 -11.73
C LYS A 59 22.20 -6.13 -11.32
N LYS A 60 23.07 -5.89 -12.30
CA LYS A 60 24.33 -5.22 -12.01
C LYS A 60 24.12 -3.76 -11.70
N SER A 61 22.94 -3.23 -11.95
CA SER A 61 22.70 -1.82 -11.65
C SER A 61 22.17 -1.62 -10.22
N PHE A 62 22.15 -2.71 -9.43
CA PHE A 62 21.65 -2.64 -8.03
C PHE A 62 22.66 -3.05 -6.95
N SER A 64 27.23 -3.64 -5.83
CA SER A 64 28.61 -3.39 -6.17
C SER A 64 29.08 -4.45 -7.16
N ALA A 65 30.16 -4.14 -7.86
CA ALA A 65 30.75 -5.06 -8.83
C ALA A 65 30.93 -6.40 -8.11
N TYR A 66 31.54 -6.35 -6.93
CA TYR A 66 31.78 -7.55 -6.15
C TYR A 66 30.54 -8.40 -5.89
N ASP A 67 29.45 -7.79 -5.44
CA ASP A 67 28.22 -8.52 -5.14
C ASP A 67 27.64 -9.31 -6.33
N ALA A 68 27.95 -8.86 -7.53
CA ALA A 68 27.48 -9.52 -8.75
C ALA A 68 28.18 -10.88 -8.83
N THR A 69 29.32 -11.01 -8.14
CA THR A 69 30.08 -12.25 -8.13
C THR A 69 29.49 -13.29 -7.19
N PHE A 70 28.99 -12.84 -6.05
CA PHE A 70 28.39 -13.74 -5.07
C PHE A 70 27.05 -14.26 -5.58
N ASP A 71 26.94 -15.58 -5.68
CA ASP A 71 25.73 -16.24 -6.14
C ASP A 71 25.36 -17.34 -5.15
N GLY A 72 25.79 -17.17 -3.91
CA GLY A 72 25.50 -18.16 -2.89
C GLY A 72 24.14 -17.94 -2.26
N ARG A 73 24.12 -17.81 -0.94
CA ARG A 73 22.88 -17.59 -0.23
C ARG A 73 22.72 -16.13 0.16
N LEU A 74 21.65 -15.51 -0.32
CA LEU A 74 21.35 -14.12 0.01
C LEU A 74 20.10 -14.16 0.90
N GLN A 75 20.26 -13.69 2.15
CA GLN A 75 19.18 -13.64 3.12
C GLN A 75 18.26 -12.51 2.67
N ILE A 76 16.99 -12.56 3.08
CA ILE A 76 16.05 -11.53 2.67
C ILE A 76 16.56 -10.13 2.98
N GLU A 77 17.16 -9.93 4.15
CA GLU A 77 17.68 -8.61 4.54
C GLU A 77 18.70 -8.05 3.53
N GLU A 78 19.55 -8.92 2.99
CA GLU A 78 20.58 -8.50 2.03
C GLU A 78 19.99 -8.02 0.70
N LEU A 79 19.09 -8.80 0.11
CA LEU A 79 18.50 -8.39 -1.15
C LEU A 79 17.65 -7.12 -0.93
N ALA A 80 17.07 -7.00 0.27
CA ALA A 80 16.25 -5.82 0.59
C ALA A 80 17.14 -4.57 0.60
N ASN A 81 18.26 -4.65 1.31
CA ASN A 81 19.18 -3.54 1.39
C ASN A 81 19.60 -3.09 -0.01
N ILE A 83 18.04 -3.61 -3.04
CA ILE A 83 16.94 -3.10 -3.86
C ILE A 83 16.01 -2.03 -3.28
N LEU A 84 15.75 -2.08 -1.98
CA LEU A 84 14.81 -1.14 -1.39
C LEU A 84 15.41 0.04 -0.67
N PRO A 85 14.78 1.21 -0.83
CA PRO A 85 15.27 2.41 -0.14
C PRO A 85 14.88 2.24 1.34
N GLN A 86 15.26 3.19 2.18
CA GLN A 86 14.99 3.16 3.62
C GLN A 86 13.55 2.82 4.02
N GLU A 87 12.61 3.66 3.64
CA GLU A 87 11.20 3.50 3.99
C GLU A 87 10.64 2.13 3.58
N GLU A 88 10.90 1.74 2.34
CA GLU A 88 10.40 0.47 1.85
C GLU A 88 11.10 -0.66 2.61
N ASN A 89 12.38 -0.43 2.91
CA ASN A 89 13.20 -1.38 3.63
C ASN A 89 12.65 -1.59 5.05
N PHE A 90 12.47 -0.50 5.78
CA PHE A 90 11.94 -0.62 7.12
C PHE A 90 10.55 -1.25 7.11
N LEU A 91 9.75 -0.95 6.09
CA LEU A 91 8.42 -1.53 6.03
C LEU A 91 8.54 -3.03 5.83
N LEU A 92 9.66 -3.47 5.24
CA LEU A 92 9.85 -4.90 5.05
C LEU A 92 10.19 -5.59 6.36
N ILE A 93 11.07 -4.99 7.15
CA ILE A 93 11.45 -5.60 8.40
C ILE A 93 10.31 -5.60 9.40
N PHE A 94 9.61 -4.48 9.49
CA PHE A 94 8.49 -4.36 10.41
C PHE A 94 7.40 -5.38 10.12
N ARG A 95 6.94 -5.42 8.87
CA ARG A 95 5.87 -6.33 8.51
C ARG A 95 6.23 -7.80 8.77
N ARG A 96 7.50 -8.16 8.54
CA ARG A 96 7.94 -9.52 8.78
C ARG A 96 7.92 -9.81 10.27
N GLU A 97 8.20 -8.80 11.08
CA GLU A 97 8.14 -9.05 12.52
C GLU A 97 6.87 -8.53 13.20
N ALA A 98 5.79 -8.35 12.44
CA ALA A 98 4.53 -7.86 13.03
C ALA A 98 3.44 -7.77 11.99
N PRO A 99 3.06 -8.92 11.39
CA PRO A 99 2.01 -8.91 10.37
C PRO A 99 0.65 -8.46 10.88
N LEU A 100 0.22 -7.29 10.39
CA LEU A 100 -1.08 -6.70 10.73
C LEU A 100 -1.88 -6.89 9.45
N ASP A 101 -2.77 -7.87 9.48
CA ASP A 101 -3.55 -8.22 8.29
C ASP A 101 -5.00 -7.83 8.25
N ASN A 102 -5.48 -7.09 9.24
CA ASN A 102 -6.89 -6.71 9.27
C ASN A 102 -7.14 -5.24 8.87
N SER A 103 -7.33 -5.00 7.57
CA SER A 103 -7.57 -3.65 7.07
C SER A 103 -8.90 -3.07 7.57
N VAL A 104 -9.92 -3.91 7.71
CA VAL A 104 -11.22 -3.43 8.19
C VAL A 104 -11.04 -2.95 9.62
N GLU A 105 -10.32 -3.74 10.42
CA GLU A 105 -10.08 -3.33 11.82
C GLU A 105 -9.18 -2.08 11.82
N PHE A 106 -8.21 -2.02 10.90
CA PHE A 106 -7.34 -0.86 10.80
C PHE A 106 -8.19 0.38 10.58
N LYS A 108 -11.41 0.89 11.25
CA LYS A 108 -12.22 1.14 12.44
C LYS A 108 -11.42 2.05 13.38
N ILE A 109 -10.19 1.65 13.69
CA ILE A 109 -9.30 2.42 14.58
C ILE A 109 -8.97 3.78 13.95
N TRP A 110 -8.73 3.79 12.66
CA TRP A 110 -8.42 5.08 12.02
C TRP A 110 -9.51 6.11 12.27
N ARG A 111 -10.77 5.72 12.07
CA ARG A 111 -11.89 6.63 12.25
C ARG A 111 -12.06 7.11 13.67
N LYS A 112 -11.55 6.32 14.61
CA LYS A 112 -11.58 6.64 16.02
C LYS A 112 -10.71 7.89 16.25
N TYR A 113 -9.51 7.88 15.66
CA TYR A 113 -8.59 9.01 15.80
C TYR A 113 -8.76 10.06 14.69
N ASP A 114 -9.67 9.81 13.75
CA ASP A 114 -9.93 10.73 12.63
C ASP A 114 -11.38 10.54 12.16
N ALA A 115 -12.33 10.85 13.04
CA ALA A 115 -13.77 10.72 12.76
C ALA A 115 -14.35 11.67 11.70
N ASP A 116 -13.61 12.74 11.39
CA ASP A 116 -14.07 13.71 10.39
C ASP A 116 -13.42 13.40 9.04
N SER A 117 -12.54 12.40 9.03
CA SER A 117 -11.87 11.99 7.81
C SER A 117 -10.98 13.01 7.07
N SER A 118 -9.90 13.44 7.71
CA SER A 118 -8.98 14.39 7.10
C SER A 118 -7.82 13.67 6.40
N GLY A 119 -7.80 12.34 6.56
CA GLY A 119 -6.73 11.54 5.97
C GLY A 119 -5.47 11.63 6.83
N TYR A 120 -5.61 12.21 8.02
CA TYR A 120 -4.50 12.35 8.96
C TYR A 120 -5.03 12.10 10.37
N ILE A 121 -4.18 11.58 11.26
CA ILE A 121 -4.56 11.46 12.67
C ILE A 121 -3.60 12.46 13.32
N SER A 122 -3.80 12.78 14.59
CA SER A 122 -2.86 13.71 15.22
C SER A 122 -1.64 12.89 15.56
N ALA A 123 -0.47 13.49 15.35
CA ALA A 123 0.83 12.85 15.56
C ALA A 123 1.13 12.35 16.98
N ALA A 124 0.56 13.01 17.98
CA ALA A 124 0.78 12.61 19.37
C ALA A 124 0.04 11.31 19.69
N GLU A 125 -0.90 10.94 18.81
CA GLU A 125 -1.69 9.73 18.95
C GLU A 125 -1.05 8.46 18.36
N LEU A 126 0.15 8.58 17.78
CA LEU A 126 0.77 7.42 17.14
C LEU A 126 0.87 6.18 18.03
N LYS A 127 1.61 6.29 19.13
CA LYS A 127 1.77 5.18 20.07
C LYS A 127 0.41 4.71 20.57
N ASN A 128 -0.48 5.66 20.89
CA ASN A 128 -1.82 5.30 21.35
C ASN A 128 -2.48 4.52 20.21
N PHE A 129 -2.24 4.97 18.99
CA PHE A 129 -2.79 4.34 17.81
C PHE A 129 -2.23 2.92 17.62
N LEU A 130 -0.90 2.78 17.66
CA LEU A 130 -0.29 1.45 17.47
C LEU A 130 -0.72 0.48 18.55
N LYS A 131 -0.87 0.98 19.78
CA LYS A 131 -1.31 0.12 20.87
C LYS A 131 -2.66 -0.48 20.53
N ASP A 132 -3.60 0.38 20.15
CA ASP A 132 -4.95 -0.03 19.79
C ASP A 132 -4.92 -1.00 18.63
N LEU A 133 -4.06 -0.69 17.65
CA LEU A 133 -3.94 -1.56 16.50
C LEU A 133 -3.32 -2.91 16.94
N PHE A 134 -2.29 -2.88 17.79
CA PHE A 134 -1.77 -4.19 18.19
C PHE A 134 -2.77 -4.95 19.05
N LEU A 135 -3.47 -4.24 19.92
CA LEU A 135 -4.44 -4.90 20.76
C LEU A 135 -5.51 -5.56 19.91
N GLN A 136 -6.09 -4.76 19.00
CA GLN A 136 -7.15 -5.20 18.10
C GLN A 136 -6.65 -6.25 17.15
N HIS A 137 -5.36 -6.53 17.24
CA HIS A 137 -4.76 -7.58 16.43
C HIS A 137 -4.35 -8.79 17.31
N LYS A 138 -4.85 -8.79 18.55
CA LYS A 138 -4.55 -9.88 19.48
C LYS A 138 -3.07 -10.26 19.32
N LYS A 139 -2.22 -9.24 19.17
CA LYS A 139 -0.77 -9.42 19.01
C LYS A 139 -0.14 -8.53 20.04
N LYS A 140 0.53 -9.12 21.02
CA LYS A 140 1.20 -8.31 22.05
C LYS A 140 2.69 -8.27 21.79
N ILE A 141 3.32 -7.15 22.09
CA ILE A 141 4.74 -7.04 21.90
C ILE A 141 5.42 -6.42 23.11
N PRO A 142 6.73 -6.66 23.27
CA PRO A 142 7.46 -6.08 24.40
C PRO A 142 7.43 -4.55 24.29
N PRO A 143 7.21 -3.88 25.43
CA PRO A 143 7.13 -2.42 25.54
C PRO A 143 8.30 -1.69 24.84
N ASN A 144 9.48 -2.31 24.85
CA ASN A 144 10.61 -1.68 24.18
C ASN A 144 10.41 -1.81 22.66
N LYS A 145 9.72 -2.85 22.21
CA LYS A 145 9.48 -3.02 20.78
C LYS A 145 8.41 -2.06 20.24
N LEU A 146 7.33 -1.88 21.00
CA LEU A 146 6.26 -0.98 20.59
C LEU A 146 6.78 0.45 20.44
N ASP A 147 7.35 0.98 21.52
CA ASP A 147 7.91 2.32 21.50
C ASP A 147 8.98 2.43 20.40
N GLU A 148 9.55 1.29 20.03
CA GLU A 148 10.59 1.25 18.99
C GLU A 148 9.99 1.46 17.61
N TYR A 149 8.89 0.76 17.36
CA TYR A 149 8.18 0.86 16.11
C TYR A 149 7.58 2.25 16.02
N THR A 150 7.13 2.77 17.16
CA THR A 150 6.53 4.11 17.18
C THR A 150 7.61 5.14 16.79
N ASP A 151 8.77 5.00 17.41
CA ASP A 151 9.91 5.88 17.17
C ASP A 151 10.39 5.86 15.73
N ALA A 152 10.50 4.67 15.15
CA ALA A 152 10.94 4.56 13.78
C ALA A 152 9.90 5.12 12.82
N LYS A 155 10.15 8.89 12.42
CA LYS A 155 11.26 9.30 11.56
C LYS A 155 10.99 9.16 10.08
N ILE A 156 10.04 8.30 9.71
CA ILE A 156 9.78 8.12 8.30
C ILE A 156 8.50 8.79 7.81
N PHE A 157 7.49 8.85 8.67
CA PHE A 157 6.22 9.43 8.27
C PHE A 157 5.98 10.83 8.81
N ASP A 158 6.79 11.26 9.79
CA ASP A 158 6.62 12.59 10.36
C ASP A 158 7.59 13.59 9.73
N LYS A 159 8.22 13.21 8.63
CA LYS A 159 9.17 14.10 7.95
C LYS A 159 8.51 15.44 7.65
N ASN A 160 7.19 15.42 7.47
CA ASN A 160 6.48 16.65 7.18
C ASN A 160 6.50 17.49 8.46
N LYS A 161 6.65 16.80 9.58
CA LYS A 161 6.72 17.40 10.92
C LYS A 161 5.67 18.45 11.29
N ASP A 162 4.63 18.58 10.49
CA ASP A 162 3.58 19.54 10.77
C ASP A 162 2.59 18.94 11.78
N GLY A 163 3.02 17.91 12.49
CA GLY A 163 2.18 17.28 13.51
C GLY A 163 1.07 16.32 13.10
N ARG A 164 1.05 15.95 11.83
CA ARG A 164 0.03 15.03 11.30
C ARG A 164 0.67 13.81 10.61
N LEU A 165 -0.06 12.70 10.61
CA LEU A 165 0.39 11.48 9.92
C LEU A 165 -0.68 11.16 8.89
N ASP A 166 -0.24 11.02 7.66
CA ASP A 166 -1.10 10.76 6.50
C ASP A 166 -1.55 9.30 6.51
N LEU A 167 -2.83 9.09 6.22
CA LEU A 167 -3.40 7.75 6.13
C LEU A 167 -2.69 6.99 4.97
N ASN A 168 -2.40 7.67 3.86
CA ASN A 168 -1.70 7.02 2.74
C ASN A 168 -0.40 6.41 3.24
N ASP A 169 0.18 7.00 4.29
CA ASP A 169 1.41 6.46 4.85
C ASP A 169 1.19 5.35 5.89
N LEU A 170 0.42 5.64 6.93
CA LEU A 170 0.22 4.65 7.99
C LEU A 170 -0.38 3.35 7.46
N ALA A 171 -1.21 3.46 6.43
CA ALA A 171 -1.80 2.28 5.82
C ALA A 171 -0.66 1.41 5.26
N ARG A 172 0.56 1.95 5.19
CA ARG A 172 1.67 1.16 4.66
C ARG A 172 2.18 0.09 5.63
N ILE A 173 1.94 0.23 6.94
CA ILE A 173 2.45 -0.76 7.89
C ILE A 173 1.69 -2.08 7.88
N LEU A 174 0.59 -2.13 7.14
CA LEU A 174 -0.21 -3.34 7.06
C LEU A 174 0.41 -4.45 6.20
N ALA A 175 0.12 -5.70 6.56
CA ALA A 175 0.60 -6.88 5.84
C ALA A 175 -0.58 -7.58 5.17
N LEU A 176 -0.84 -7.22 3.92
CA LEU A 176 -1.93 -7.80 3.14
C LEU A 176 -1.33 -8.44 1.89
N GLN A 177 -1.96 -9.50 1.38
CA GLN A 177 -1.40 -10.10 0.17
C GLN A 177 -1.33 -8.99 -0.88
N GLU A 178 -2.33 -8.11 -0.84
CA GLU A 178 -2.44 -6.94 -1.72
C GLU A 178 -3.14 -5.85 -0.89
N ASN A 179 -2.43 -4.74 -0.69
CA ASN A 179 -2.92 -3.62 0.11
C ASN A 179 -4.18 -2.94 -0.38
N PHE A 180 -5.17 -2.96 0.51
CA PHE A 180 -6.50 -2.39 0.30
C PHE A 180 -6.57 -0.93 -0.11
N LEU A 181 -5.73 -0.08 0.50
CA LEU A 181 -5.74 1.34 0.21
C LEU A 181 -4.71 1.82 -0.79
N LEU A 182 -3.45 1.51 -0.52
CA LEU A 182 -2.37 1.91 -1.42
C LEU A 182 -2.62 1.26 -2.79
N GLN A 183 -3.87 0.85 -2.97
CA GLN A 183 -4.34 0.22 -4.18
C GLN A 183 -4.39 1.23 -5.32
N PHE A 184 -3.54 2.26 -5.25
CA PHE A 184 -3.52 3.28 -6.30
C PHE A 184 -2.18 3.99 -6.53
N LYS A 185 -1.86 4.25 -7.80
CA LYS A 185 -0.64 4.95 -8.16
C LYS A 185 -0.59 6.24 -7.36
N ASP A 187 1.85 8.54 -7.42
CA ASP A 187 2.80 9.52 -7.96
C ASP A 187 2.19 10.92 -8.08
N ALA A 188 3.07 11.93 -8.15
CA ALA A 188 2.66 13.33 -8.25
C ALA A 188 1.50 13.51 -9.23
N SER A 189 1.69 13.10 -10.48
CA SER A 189 0.65 13.23 -11.49
C SER A 189 -0.65 12.50 -11.14
N SER A 190 -0.56 11.21 -10.82
CA SER A 190 -1.76 10.44 -10.49
C SER A 190 -2.68 11.17 -9.49
N GLN A 191 -2.19 11.38 -8.27
CA GLN A 191 -3.00 12.06 -7.26
C GLN A 191 -3.54 13.38 -7.82
N VAL A 192 -2.79 13.96 -8.76
CA VAL A 192 -3.20 15.19 -9.41
C VAL A 192 -4.35 14.84 -10.34
N GLU A 193 -4.07 13.96 -11.30
CA GLU A 193 -5.09 13.56 -12.26
C GLU A 193 -6.30 12.94 -11.51
N ARG A 194 -6.13 11.73 -10.98
CA ARG A 194 -7.20 11.03 -10.27
C ARG A 194 -8.18 11.91 -9.50
N LYS A 195 -7.66 12.92 -8.81
CA LYS A 195 -8.51 13.82 -8.03
C LYS A 195 -9.52 14.53 -8.91
N ARG A 196 -9.07 15.02 -10.07
CA ARG A 196 -9.97 15.71 -11.00
C ARG A 196 -11.10 14.76 -11.41
N ASP A 197 -10.74 13.50 -11.64
CA ASP A 197 -11.73 12.49 -12.02
C ASP A 197 -12.70 12.32 -10.85
N PHE A 198 -12.15 12.18 -9.64
CA PHE A 198 -12.92 12.01 -8.42
C PHE A 198 -14.07 13.04 -8.30
N GLU A 199 -13.74 14.32 -8.24
CA GLU A 199 -14.80 15.35 -8.10
C GLU A 199 -15.82 15.36 -9.23
N LYS A 200 -15.35 15.14 -10.45
CA LYS A 200 -16.23 15.15 -11.62
C LYS A 200 -17.23 14.00 -11.61
N ILE A 201 -16.73 12.79 -11.43
CA ILE A 201 -17.59 11.62 -11.47
C ILE A 201 -18.49 11.47 -10.25
N PHE A 202 -17.97 11.84 -9.09
CA PHE A 202 -18.76 11.78 -7.88
C PHE A 202 -19.95 12.75 -8.02
N ALA A 203 -19.67 14.04 -8.26
CA ALA A 203 -20.75 15.01 -8.40
C ALA A 203 -21.59 14.65 -9.60
N HIS A 204 -20.97 13.94 -10.55
CA HIS A 204 -21.66 13.45 -11.73
C HIS A 204 -22.73 12.44 -11.29
N TYR A 205 -22.42 11.64 -10.25
CA TYR A 205 -23.37 10.66 -9.75
C TYR A 205 -24.16 11.11 -8.51
N ASP A 206 -23.78 12.23 -7.89
CA ASP A 206 -24.52 12.72 -6.72
C ASP A 206 -25.61 13.68 -7.20
N VAL A 207 -26.54 13.14 -8.00
CA VAL A 207 -27.63 13.89 -8.61
C VAL A 207 -28.55 14.57 -7.61
N SER A 208 -28.79 13.91 -6.47
CA SER A 208 -29.63 14.49 -5.43
C SER A 208 -28.87 15.56 -4.65
N ARG A 209 -27.58 15.72 -4.98
CA ARG A 209 -26.72 16.71 -4.31
C ARG A 209 -26.83 16.53 -2.80
N THR A 210 -27.00 15.28 -2.42
CA THR A 210 -27.11 14.87 -1.04
C THR A 210 -25.73 14.85 -0.45
N GLY A 211 -24.73 14.72 -1.33
CA GLY A 211 -23.35 14.68 -0.92
C GLY A 211 -23.03 13.44 -0.13
N ALA A 212 -23.42 12.30 -0.70
CA ALA A 212 -23.21 10.95 -0.14
C ALA A 212 -23.82 9.99 -1.16
N LEU A 213 -23.01 9.10 -1.73
CA LEU A 213 -23.50 8.16 -2.75
C LEU A 213 -24.25 6.98 -2.15
N GLU A 214 -24.80 6.11 -3.01
CA GLU A 214 -25.55 4.92 -2.57
C GLU A 214 -26.12 4.02 -3.71
N GLY A 215 -26.44 2.78 -3.34
CA GLY A 215 -27.03 1.82 -4.28
C GLY A 215 -26.43 1.80 -5.66
N PRO A 216 -27.26 1.83 -6.71
CA PRO A 216 -26.72 1.80 -8.08
C PRO A 216 -25.83 3.00 -8.45
N GLU A 217 -25.74 4.00 -7.56
CA GLU A 217 -24.89 5.16 -7.84
C GLU A 217 -23.43 4.67 -7.80
N VAL A 218 -23.03 4.10 -6.66
CA VAL A 218 -21.68 3.59 -6.46
C VAL A 218 -21.33 2.66 -7.63
N ASP A 219 -22.36 2.03 -8.19
CA ASP A 219 -22.18 1.12 -9.30
C ASP A 219 -21.46 1.87 -10.41
N GLY A 220 -22.15 2.84 -10.99
CA GLY A 220 -21.57 3.63 -12.06
C GLY A 220 -20.26 4.29 -11.66
N PHE A 221 -20.22 4.85 -10.46
CA PHE A 221 -19.02 5.51 -9.99
C PHE A 221 -17.87 4.52 -9.97
N VAL A 222 -18.12 3.33 -9.45
CA VAL A 222 -17.06 2.34 -9.41
C VAL A 222 -16.75 1.91 -10.82
N LYS A 223 -17.72 2.00 -11.72
CA LYS A 223 -17.43 1.60 -13.09
C LYS A 223 -16.66 2.65 -13.89
N ASP A 224 -17.25 3.84 -14.04
CA ASP A 224 -16.64 4.88 -14.85
C ASP A 224 -15.25 5.28 -14.34
N GLU A 227 -12.91 1.73 -14.66
CA GLU A 227 -12.73 1.33 -16.05
C GLU A 227 -11.81 2.33 -16.76
N LEU A 228 -11.42 3.42 -16.07
CA LEU A 228 -10.53 4.44 -16.64
C LEU A 228 -9.17 4.48 -15.92
N VAL A 229 -9.20 4.34 -14.60
CA VAL A 229 -7.95 4.35 -13.81
C VAL A 229 -7.13 3.19 -14.33
N ARG A 230 -7.83 2.24 -14.93
CA ARG A 230 -7.25 1.04 -15.50
C ARG A 230 -8.17 0.65 -16.67
N PRO A 231 -7.97 1.26 -17.86
CA PRO A 231 -8.82 0.91 -18.99
C PRO A 231 -9.01 -0.62 -19.03
N SER A 232 -10.23 -1.05 -19.32
CA SER A 232 -10.57 -2.47 -19.37
C SER A 232 -10.08 -3.26 -18.17
N ILE A 233 -10.27 -2.69 -16.98
CA ILE A 233 -9.88 -3.36 -15.75
C ILE A 233 -10.82 -4.55 -15.60
N SER A 234 -10.43 -5.55 -14.81
CA SER A 234 -11.26 -6.73 -14.61
C SER A 234 -12.70 -6.43 -14.18
N GLY A 235 -13.65 -7.04 -14.89
CA GLY A 235 -15.06 -6.84 -14.57
C GLY A 235 -15.41 -7.36 -13.19
N GLY A 236 -14.83 -8.51 -12.83
CA GLY A 236 -15.07 -9.08 -11.53
C GLY A 236 -14.39 -8.29 -10.42
N ASP A 237 -13.35 -7.55 -10.80
CA ASP A 237 -12.59 -6.73 -9.86
C ASP A 237 -13.37 -5.45 -9.52
N LEU A 238 -14.24 -5.04 -10.42
CA LEU A 238 -15.06 -3.86 -10.19
C LEU A 238 -16.02 -4.19 -9.05
N ASP A 239 -16.52 -5.42 -9.02
CA ASP A 239 -17.44 -5.84 -7.96
C ASP A 239 -16.73 -5.94 -6.62
N LYS A 240 -15.55 -6.56 -6.62
CA LYS A 240 -14.75 -6.73 -5.42
C LYS A 240 -14.47 -5.37 -4.78
N PHE A 241 -14.00 -4.44 -5.61
CA PHE A 241 -13.69 -3.11 -5.11
C PHE A 241 -14.97 -2.46 -4.57
N ARG A 242 -16.08 -2.69 -5.25
CA ARG A 242 -17.34 -2.15 -4.78
C ARG A 242 -17.59 -2.78 -3.41
N GLU A 243 -17.16 -4.02 -3.23
CA GLU A 243 -17.34 -4.69 -1.95
C GLU A 243 -16.31 -4.19 -0.91
N CYS A 244 -15.11 -3.84 -1.37
CA CYS A 244 -14.07 -3.32 -0.48
C CYS A 244 -14.56 -2.03 0.20
N LEU A 245 -14.79 -0.97 -0.58
CA LEU A 245 -15.26 0.29 0.00
C LEU A 245 -16.33 0.02 1.06
N LEU A 246 -17.27 -0.86 0.70
CA LEU A 246 -18.35 -1.22 1.61
C LEU A 246 -17.80 -1.94 2.84
N THR A 247 -17.00 -2.99 2.59
CA THR A 247 -16.37 -3.77 3.65
C THR A 247 -15.65 -2.92 4.72
N HIS A 248 -15.05 -1.81 4.30
CA HIS A 248 -14.31 -0.95 5.20
C HIS A 248 -15.10 0.26 5.71
N CYS A 249 -15.78 0.93 4.77
CA CYS A 249 -16.59 2.09 5.09
C CYS A 249 -17.93 1.65 5.65
N ASP A 250 -18.94 1.67 4.78
CA ASP A 250 -20.31 1.32 5.12
C ASP A 250 -20.45 0.56 6.44
N ASN A 252 -22.65 -0.19 8.81
CA ASN A 252 -23.66 -1.23 8.88
C ASN A 252 -24.13 -1.64 7.50
N LYS A 253 -25.17 -2.48 7.46
CA LYS A 253 -25.74 -2.91 6.19
C LYS A 253 -26.23 -1.69 5.43
N ASP A 254 -25.97 -0.49 5.98
CA ASP A 254 -26.40 0.77 5.36
C ASP A 254 -26.20 0.81 3.84
N GLY A 255 -24.95 0.72 3.41
CA GLY A 255 -24.66 0.75 1.99
C GLY A 255 -24.49 2.16 1.48
N LYS A 256 -24.27 3.09 2.41
CA LYS A 256 -24.08 4.48 2.03
C LYS A 256 -22.63 4.89 2.15
N ILE A 257 -22.03 5.13 0.98
CA ILE A 257 -20.64 5.54 0.92
C ILE A 257 -20.58 7.04 0.89
N GLN A 258 -20.08 7.62 1.97
CA GLN A 258 -19.93 9.07 2.07
C GLN A 258 -18.77 9.50 1.18
N LYS A 259 -18.82 10.74 0.70
CA LYS A 259 -17.75 11.27 -0.16
C LYS A 259 -16.36 11.09 0.47
N SER A 260 -16.24 11.55 1.72
CA SER A 260 -14.98 11.47 2.46
C SER A 260 -14.40 10.04 2.49
N GLU A 261 -15.24 9.06 2.83
CA GLU A 261 -14.80 7.68 2.90
C GLU A 261 -14.39 7.20 1.51
N LEU A 262 -15.06 7.71 0.48
CA LEU A 262 -14.73 7.33 -0.88
C LEU A 262 -13.37 7.94 -1.25
N ALA A 263 -13.22 9.24 -1.01
CA ALA A 263 -11.94 9.89 -1.33
C ALA A 263 -10.82 9.21 -0.53
N LEU A 264 -11.06 9.09 0.78
CA LEU A 264 -10.07 8.45 1.64
C LEU A 264 -9.74 7.03 1.18
N CYS A 265 -10.77 6.24 0.86
CA CYS A 265 -10.54 4.88 0.39
C CYS A 265 -10.06 4.86 -1.05
N LEU A 266 -9.52 6.00 -1.49
CA LEU A 266 -9.00 6.17 -2.85
C LEU A 266 -7.62 6.83 -2.86
N GLY A 267 -7.08 7.05 -1.66
CA GLY A 267 -5.79 7.70 -1.55
C GLY A 267 -5.94 9.19 -1.73
N LEU A 268 -7.17 9.66 -1.69
CA LEU A 268 -7.46 11.08 -1.84
C LEU A 268 -8.09 11.59 -0.56
N LYS A 269 -8.03 12.90 -0.33
CA LYS A 269 -8.61 13.51 0.89
C LYS A 269 -9.73 14.49 0.56
N HIS A 270 -10.79 14.49 1.35
CA HIS A 270 -11.92 15.38 1.10
C HIS A 270 -12.03 16.49 2.15
N LYS A 271 -11.87 17.73 1.69
CA LYS A 271 -11.98 18.89 2.55
C LYS A 271 -13.29 19.60 2.26
N PRO A 272 -14.28 19.49 3.18
CA PRO A 272 -15.61 20.10 3.05
C PRO A 272 -15.60 21.63 3.15
N SER A 3 7.31 5.54 -18.38
CA SER A 3 8.68 5.57 -18.98
C SER A 3 9.72 5.95 -17.92
N ALA A 4 9.26 6.55 -16.82
CA ALA A 4 10.16 6.95 -15.75
C ALA A 4 10.70 5.77 -14.96
N PHE A 5 11.84 5.99 -14.32
CA PHE A 5 12.44 4.95 -13.49
C PHE A 5 11.46 4.61 -12.36
N ALA A 6 11.20 3.33 -12.19
CA ALA A 6 10.31 2.85 -11.14
C ALA A 6 11.12 1.87 -10.27
N ASN A 7 11.35 2.26 -9.03
CA ASN A 7 12.10 1.45 -8.09
C ASN A 7 11.17 0.79 -7.08
N LEU A 8 11.00 -0.52 -7.25
CA LEU A 8 10.19 -1.40 -6.42
C LEU A 8 10.11 -0.97 -4.94
N ASP A 9 8.99 -1.27 -4.30
CA ASP A 9 8.82 -0.99 -2.87
C ASP A 9 8.77 -2.30 -2.07
N ALA A 10 8.64 -2.21 -0.74
CA ALA A 10 8.59 -3.36 0.17
C ALA A 10 7.49 -4.35 -0.21
N ALA A 11 6.30 -3.85 -0.54
CA ALA A 11 5.22 -4.75 -0.90
C ALA A 11 5.56 -5.62 -2.12
N GLY A 12 5.90 -4.99 -3.24
CA GLY A 12 6.23 -5.74 -4.45
C GLY A 12 7.36 -6.74 -4.20
N PHE A 13 8.41 -6.28 -3.54
CA PHE A 13 9.56 -7.13 -3.20
C PHE A 13 9.12 -8.44 -2.53
N LEU A 14 8.16 -8.35 -1.61
CA LEU A 14 7.70 -9.56 -0.94
C LEU A 14 6.98 -10.50 -1.90
N GLN A 15 6.10 -9.96 -2.74
CA GLN A 15 5.35 -10.78 -3.68
C GLN A 15 6.26 -11.67 -4.53
N ILE A 16 7.33 -11.08 -5.04
CA ILE A 16 8.30 -11.83 -5.86
C ILE A 16 9.11 -12.78 -4.99
N TRP A 17 9.54 -12.28 -3.83
CA TRP A 17 10.35 -13.10 -2.92
C TRP A 17 9.68 -14.43 -2.56
N GLN A 18 8.39 -14.36 -2.24
CA GLN A 18 7.61 -15.54 -1.85
C GLN A 18 7.60 -16.66 -2.88
N HIS A 19 7.74 -16.31 -4.16
CA HIS A 19 7.76 -17.31 -5.23
C HIS A 19 9.03 -18.12 -5.09
N PHE A 20 10.07 -17.49 -4.57
CA PHE A 20 11.36 -18.14 -4.36
C PHE A 20 11.56 -18.69 -2.95
N ASP A 21 10.70 -18.31 -2.01
CA ASP A 21 10.82 -18.76 -0.63
C ASP A 21 9.43 -18.97 -0.03
N ALA A 22 8.70 -19.90 -0.64
CA ALA A 22 7.34 -20.30 -0.29
C ALA A 22 7.18 -20.68 1.18
N ASP A 23 8.05 -21.55 1.66
CA ASP A 23 8.01 -21.99 3.06
C ASP A 23 8.47 -20.86 3.95
N ASP A 24 8.91 -19.77 3.31
CA ASP A 24 9.40 -18.60 4.01
C ASP A 24 10.52 -18.92 4.99
N ASN A 25 11.61 -19.48 4.44
CA ASN A 25 12.79 -19.80 5.23
C ASN A 25 13.64 -18.52 5.44
N GLY A 26 13.29 -17.42 4.75
CA GLY A 26 14.07 -16.20 4.93
C GLY A 26 15.31 -16.05 4.04
N TYR A 27 15.52 -16.99 3.12
CA TYR A 27 16.65 -16.89 2.20
C TYR A 27 16.35 -17.51 0.87
N ILE A 28 17.15 -17.17 -0.13
CA ILE A 28 17.05 -17.77 -1.46
C ILE A 28 18.47 -18.05 -1.95
N GLU A 29 18.60 -19.00 -2.87
CA GLU A 29 19.90 -19.33 -3.42
C GLU A 29 20.26 -18.27 -4.45
N GLY A 30 21.54 -17.90 -4.48
CA GLY A 30 22.02 -16.88 -5.41
C GLY A 30 21.79 -17.26 -6.87
N LYS A 31 21.65 -18.55 -7.17
CA LYS A 31 21.40 -18.93 -8.56
C LYS A 31 20.01 -18.39 -9.01
N GLU A 32 19.14 -18.16 -8.04
CA GLU A 32 17.79 -17.66 -8.29
C GLU A 32 17.76 -16.13 -8.46
N LEU A 33 18.90 -15.49 -8.29
CA LEU A 33 18.99 -14.02 -8.38
C LEU A 33 18.65 -13.48 -9.77
N ASP A 34 19.35 -13.94 -10.81
CA ASP A 34 19.08 -13.48 -12.16
C ASP A 34 17.56 -13.53 -12.43
N ASP A 35 16.90 -14.61 -12.01
CA ASP A 35 15.46 -14.72 -12.23
C ASP A 35 14.67 -13.84 -11.26
N PHE A 36 15.23 -13.52 -10.10
CA PHE A 36 14.51 -12.64 -9.18
C PHE A 36 14.31 -11.25 -9.82
N PHE A 37 15.22 -10.89 -10.71
CA PHE A 37 15.16 -9.60 -11.40
C PHE A 37 14.19 -9.58 -12.57
N ARG A 38 13.90 -10.76 -13.13
CA ARG A 38 12.96 -10.85 -14.23
C ARG A 38 11.63 -10.47 -13.65
N HIS A 39 11.24 -11.12 -12.56
CA HIS A 39 9.98 -10.82 -11.90
C HIS A 39 9.89 -9.32 -11.59
N LEU A 41 11.43 -6.70 -13.09
CA LEU A 41 11.26 -5.97 -14.35
C LEU A 41 9.89 -6.25 -14.99
N LYS A 42 9.36 -7.46 -14.77
CA LYS A 42 8.05 -7.78 -15.32
C LYS A 42 7.01 -6.96 -14.55
N LYS A 43 7.21 -6.80 -13.24
CA LYS A 43 6.29 -6.03 -12.42
C LYS A 43 6.42 -4.50 -12.59
N LEU A 44 7.65 -4.00 -12.61
CA LEU A 44 7.89 -2.56 -12.74
C LEU A 44 7.57 -1.95 -14.11
N GLN A 45 7.96 -2.66 -15.18
CA GLN A 45 7.73 -2.19 -16.55
C GLN A 45 6.93 -3.27 -17.29
N PRO A 46 5.64 -3.40 -16.97
CA PRO A 46 4.67 -4.36 -17.51
C PRO A 46 4.64 -4.55 -19.04
N LYS A 47 4.92 -3.49 -19.78
CA LYS A 47 4.89 -3.55 -21.23
C LYS A 47 6.24 -3.92 -21.82
N ASP A 48 7.30 -3.72 -21.06
CA ASP A 48 8.63 -4.02 -21.56
C ASP A 48 8.75 -5.48 -21.96
N LYS A 49 9.38 -5.70 -23.11
CA LYS A 49 9.61 -7.05 -23.60
C LYS A 49 10.93 -7.40 -22.90
N ILE A 50 10.80 -7.80 -21.63
CA ILE A 50 11.93 -8.16 -20.80
C ILE A 50 12.88 -9.15 -21.49
N THR A 51 14.18 -8.81 -21.55
CA THR A 51 15.18 -9.69 -22.20
C THR A 51 16.23 -10.16 -21.20
N ASP A 52 16.87 -11.29 -21.47
CA ASP A 52 17.89 -11.79 -20.55
C ASP A 52 19.05 -10.80 -20.51
N GLU A 53 19.19 -10.04 -21.58
CA GLU A 53 20.22 -9.02 -21.69
C GLU A 53 19.83 -7.89 -20.74
N ARG A 54 18.58 -7.45 -20.88
CA ARG A 54 18.05 -6.41 -20.03
C ARG A 54 17.95 -6.86 -18.57
N VAL A 55 18.02 -8.17 -18.33
CA VAL A 55 17.92 -8.67 -16.95
C VAL A 55 19.28 -8.55 -16.30
N GLN A 56 20.32 -8.90 -17.04
CA GLN A 56 21.69 -8.80 -16.56
C GLN A 56 22.12 -7.35 -16.37
N GLN A 57 21.67 -6.46 -17.24
CA GLN A 57 22.03 -5.06 -17.04
C GLN A 57 21.37 -4.52 -15.76
N ILE A 58 20.18 -5.02 -15.44
CA ILE A 58 19.49 -4.50 -14.27
C ILE A 58 19.96 -5.04 -12.93
N LYS A 59 20.61 -6.22 -12.92
CA LYS A 59 21.11 -6.74 -11.66
C LYS A 59 22.42 -6.04 -11.26
N LYS A 60 23.28 -5.78 -12.24
CA LYS A 60 24.53 -5.10 -11.94
C LYS A 60 24.28 -3.66 -11.59
N SER A 61 23.12 -3.13 -11.95
CA SER A 61 22.84 -1.74 -11.61
C SER A 61 22.32 -1.57 -10.16
N PHE A 62 22.19 -2.69 -9.43
CA PHE A 62 21.71 -2.63 -8.04
C PHE A 62 22.71 -3.07 -6.97
N SER A 64 27.29 -3.80 -5.89
CA SER A 64 28.70 -3.65 -6.21
C SER A 64 29.12 -4.73 -7.21
N ALA A 65 30.21 -4.47 -7.91
CA ALA A 65 30.74 -5.42 -8.88
C ALA A 65 30.86 -6.76 -8.14
N TYR A 66 31.56 -6.72 -7.01
CA TYR A 66 31.78 -7.90 -6.20
C TYR A 66 30.47 -8.64 -5.88
N ASP A 67 29.49 -7.94 -5.33
CA ASP A 67 28.21 -8.56 -4.96
C ASP A 67 27.54 -9.34 -6.10
N ALA A 68 27.84 -8.95 -7.34
CA ALA A 68 27.30 -9.60 -8.52
C ALA A 68 27.97 -10.97 -8.69
N THR A 69 29.08 -11.18 -7.98
CA THR A 69 29.82 -12.43 -8.06
C THR A 69 29.31 -13.50 -7.07
N PHE A 70 28.89 -13.07 -5.88
CA PHE A 70 28.40 -13.99 -4.87
C PHE A 70 27.29 -14.87 -5.45
N ASP A 71 27.40 -16.18 -5.26
CA ASP A 71 26.42 -17.13 -5.79
C ASP A 71 25.57 -17.76 -4.69
N GLY A 72 26.11 -17.76 -3.47
CA GLY A 72 25.41 -18.36 -2.34
C GLY A 72 24.04 -17.83 -1.99
N ARG A 73 23.46 -18.42 -0.94
CA ARG A 73 22.14 -18.04 -0.43
C ARG A 73 22.23 -16.59 0.04
N LEU A 74 21.19 -15.83 -0.25
CA LEU A 74 21.11 -14.44 0.18
C LEU A 74 19.91 -14.36 1.14
N GLN A 75 20.15 -13.83 2.35
CA GLN A 75 19.12 -13.68 3.35
C GLN A 75 18.23 -12.55 2.86
N ILE A 76 16.94 -12.60 3.22
CA ILE A 76 16.01 -11.59 2.78
C ILE A 76 16.51 -10.17 3.10
N GLU A 77 16.96 -9.95 4.34
CA GLU A 77 17.45 -8.61 4.72
C GLU A 77 18.59 -8.14 3.81
N GLU A 78 19.41 -9.09 3.35
CA GLU A 78 20.54 -8.76 2.47
C GLU A 78 20.09 -8.27 1.10
N LEU A 79 19.13 -8.97 0.49
CA LEU A 79 18.68 -8.52 -0.82
C LEU A 79 17.90 -7.21 -0.71
N ALA A 80 16.98 -7.13 0.24
CA ALA A 80 16.20 -5.91 0.42
C ALA A 80 17.11 -4.67 0.52
N ASN A 81 18.21 -4.81 1.24
CA ASN A 81 19.15 -3.70 1.39
C ASN A 81 19.67 -3.23 0.03
N ILE A 83 18.09 -3.62 -3.00
CA ILE A 83 16.99 -3.08 -3.79
C ILE A 83 16.14 -1.95 -3.21
N LEU A 84 15.54 -2.20 -2.06
CA LEU A 84 14.64 -1.24 -1.43
C LEU A 84 15.33 -0.18 -0.62
N PRO A 85 14.95 1.09 -0.83
CA PRO A 85 15.54 2.20 -0.08
C PRO A 85 15.19 1.98 1.39
N GLN A 86 16.03 2.46 2.29
CA GLN A 86 15.85 2.27 3.73
C GLN A 86 14.43 2.34 4.30
N GLU A 87 13.59 3.25 3.80
CA GLU A 87 12.25 3.34 4.37
C GLU A 87 11.37 2.12 4.11
N GLU A 88 11.19 1.76 2.84
CA GLU A 88 10.34 0.62 2.49
C GLU A 88 10.80 -0.67 3.17
N ASN A 89 12.11 -0.93 3.07
CA ASN A 89 12.74 -2.10 3.68
C ASN A 89 12.10 -2.25 5.06
N PHE A 90 12.21 -1.17 5.83
CA PHE A 90 11.65 -1.14 7.16
C PHE A 90 10.23 -1.73 7.18
N LEU A 91 9.41 -1.37 6.19
CA LEU A 91 8.04 -1.90 6.10
C LEU A 91 8.05 -3.39 5.69
N LEU A 92 8.94 -3.76 4.77
CA LEU A 92 9.04 -5.16 4.35
C LEU A 92 9.34 -5.99 5.59
N ILE A 93 10.27 -5.47 6.38
CA ILE A 93 10.70 -6.12 7.60
C ILE A 93 9.63 -6.06 8.70
N PHE A 94 9.09 -4.87 8.93
CA PHE A 94 8.06 -4.71 9.95
C PHE A 94 6.85 -5.60 9.65
N ARG A 95 6.45 -5.62 8.38
CA ARG A 95 5.30 -6.41 7.98
C ARG A 95 5.64 -7.91 8.07
N ARG A 96 6.94 -8.22 8.07
CA ARG A 96 7.39 -9.60 8.22
C ARG A 96 7.44 -9.95 9.70
N GLU A 97 8.04 -9.08 10.51
CA GLU A 97 8.13 -9.36 11.94
C GLU A 97 6.92 -8.95 12.79
N ALA A 98 5.88 -8.35 12.21
CA ALA A 98 4.71 -7.97 12.99
C ALA A 98 3.54 -7.79 12.05
N PRO A 99 3.09 -8.91 11.43
CA PRO A 99 1.97 -8.87 10.49
C PRO A 99 0.64 -8.40 11.05
N LEU A 100 0.12 -7.35 10.41
CA LEU A 100 -1.16 -6.73 10.75
C LEU A 100 -2.00 -6.90 9.47
N ASP A 101 -2.92 -7.84 9.51
CA ASP A 101 -3.73 -8.15 8.34
C ASP A 101 -5.18 -7.76 8.39
N ASN A 102 -5.55 -6.97 9.40
CA ASN A 102 -6.95 -6.57 9.52
C ASN A 102 -7.20 -5.08 9.16
N SER A 103 -7.41 -4.85 7.87
CA SER A 103 -7.67 -3.50 7.35
C SER A 103 -9.00 -2.93 7.89
N VAL A 104 -9.96 -3.80 8.15
CA VAL A 104 -11.25 -3.35 8.68
C VAL A 104 -11.05 -2.76 10.06
N GLU A 105 -10.29 -3.46 10.91
CA GLU A 105 -10.00 -2.94 12.26
C GLU A 105 -9.08 -1.72 12.13
N PHE A 106 -8.22 -1.72 11.12
CA PHE A 106 -7.34 -0.57 10.90
C PHE A 106 -8.21 0.66 10.65
N LYS A 108 -11.55 1.18 11.14
CA LYS A 108 -12.36 1.50 12.30
C LYS A 108 -11.49 2.27 13.30
N ILE A 109 -10.31 1.74 13.59
CA ILE A 109 -9.37 2.39 14.53
C ILE A 109 -8.95 3.75 13.96
N TRP A 110 -8.77 3.80 12.65
CA TRP A 110 -8.40 5.09 12.05
C TRP A 110 -9.47 6.14 12.30
N ARG A 111 -10.73 5.74 12.11
CA ARG A 111 -11.87 6.65 12.29
C ARG A 111 -12.00 7.14 13.72
N LYS A 112 -11.52 6.34 14.66
CA LYS A 112 -11.55 6.68 16.08
C LYS A 112 -10.67 7.93 16.28
N TYR A 113 -9.48 7.92 15.68
CA TYR A 113 -8.56 9.05 15.80
C TYR A 113 -8.76 10.10 14.69
N ASP A 114 -9.68 9.84 13.76
CA ASP A 114 -10.00 10.77 12.65
C ASP A 114 -11.46 10.55 12.23
N ALA A 115 -12.39 11.04 13.06
CA ALA A 115 -13.83 10.91 12.82
C ALA A 115 -14.42 11.71 11.66
N ASP A 116 -13.74 12.78 11.25
CA ASP A 116 -14.22 13.60 10.13
C ASP A 116 -13.60 13.12 8.80
N SER A 117 -12.71 12.14 8.89
CA SER A 117 -12.07 11.58 7.71
C SER A 117 -11.23 12.53 6.83
N SER A 118 -10.19 13.12 7.40
CA SER A 118 -9.30 14.01 6.66
C SER A 118 -8.18 13.23 5.98
N GLY A 119 -7.85 12.07 6.55
CA GLY A 119 -6.76 11.28 6.01
C GLY A 119 -5.47 11.53 6.78
N TYR A 120 -5.57 12.18 7.94
CA TYR A 120 -4.41 12.47 8.79
C TYR A 120 -4.72 12.17 10.24
N ILE A 121 -3.68 11.80 11.01
CA ILE A 121 -3.82 11.63 12.45
C ILE A 121 -2.67 12.39 13.12
N SER A 122 -2.92 12.87 14.34
CA SER A 122 -1.92 13.59 15.09
C SER A 122 -0.78 12.63 15.39
N ALA A 123 0.42 12.99 14.96
CA ALA A 123 1.59 12.16 15.18
C ALA A 123 1.77 11.93 16.70
N ALA A 124 1.39 12.93 17.51
CA ALA A 124 1.51 12.84 18.96
C ALA A 124 0.78 11.61 19.53
N GLU A 125 -0.19 11.09 18.78
CA GLU A 125 -0.97 9.93 19.21
C GLU A 125 -0.54 8.60 18.59
N LEU A 126 0.58 8.58 17.87
CA LEU A 126 0.98 7.35 17.20
C LEU A 126 1.05 6.08 18.07
N LYS A 127 1.70 6.16 19.23
CA LYS A 127 1.77 4.99 20.10
C LYS A 127 0.37 4.61 20.59
N ASN A 128 -0.45 5.62 20.91
CA ASN A 128 -1.81 5.34 21.35
C ASN A 128 -2.48 4.55 20.22
N PHE A 129 -2.26 5.01 18.99
CA PHE A 129 -2.83 4.37 17.82
C PHE A 129 -2.27 2.95 17.61
N LEU A 130 -0.94 2.81 17.64
CA LEU A 130 -0.32 1.50 17.43
C LEU A 130 -0.70 0.50 18.50
N LYS A 131 -0.85 0.97 19.74
CA LYS A 131 -1.25 0.10 20.83
C LYS A 131 -2.60 -0.52 20.53
N ASP A 132 -3.55 0.33 20.13
CA ASP A 132 -4.90 -0.11 19.82
C ASP A 132 -4.98 -0.98 18.57
N LEU A 133 -4.08 -0.76 17.62
CA LEU A 133 -4.05 -1.58 16.41
C LEU A 133 -3.53 -2.99 16.78
N PHE A 134 -2.50 -3.07 17.61
CA PHE A 134 -2.01 -4.39 17.98
C PHE A 134 -3.07 -5.17 18.78
N LEU A 135 -3.75 -4.47 19.68
CA LEU A 135 -4.79 -5.10 20.48
C LEU A 135 -5.90 -5.66 19.57
N GLN A 136 -6.27 -4.91 18.53
CA GLN A 136 -7.35 -5.34 17.64
C GLN A 136 -7.02 -6.53 16.75
N HIS A 137 -5.74 -6.78 16.49
CA HIS A 137 -5.32 -7.94 15.68
C HIS A 137 -5.08 -9.13 16.62
N LYS A 138 -5.32 -8.92 17.92
CA LYS A 138 -5.13 -9.98 18.91
C LYS A 138 -3.67 -10.44 18.90
N LYS A 139 -2.76 -9.50 19.11
CA LYS A 139 -1.32 -9.77 19.10
C LYS A 139 -0.70 -8.97 20.22
N LYS A 140 0.08 -9.63 21.07
CA LYS A 140 0.76 -8.95 22.18
C LYS A 140 2.22 -8.84 21.84
N ILE A 141 2.74 -7.62 21.77
CA ILE A 141 4.15 -7.44 21.48
C ILE A 141 4.91 -6.84 22.66
N PRO A 142 6.25 -6.87 22.62
CA PRO A 142 7.11 -6.33 23.68
C PRO A 142 6.99 -4.80 23.78
N PRO A 143 6.88 -4.27 25.02
CA PRO A 143 6.76 -2.82 25.23
C PRO A 143 7.94 -2.03 24.63
N ASN A 144 9.15 -2.60 24.72
CA ASN A 144 10.32 -1.95 24.17
C ASN A 144 10.22 -1.96 22.63
N LYS A 145 9.45 -2.88 22.08
CA LYS A 145 9.28 -2.93 20.62
C LYS A 145 8.23 -1.92 20.14
N LEU A 146 7.21 -1.69 20.97
CA LEU A 146 6.15 -0.75 20.62
C LEU A 146 6.65 0.69 20.47
N ASP A 147 7.26 1.20 21.53
CA ASP A 147 7.81 2.55 21.52
C ASP A 147 8.90 2.66 20.45
N GLU A 148 9.47 1.51 20.10
CA GLU A 148 10.54 1.43 19.09
C GLU A 148 9.96 1.63 17.70
N TYR A 149 8.92 0.87 17.41
CA TYR A 149 8.23 0.95 16.14
C TYR A 149 7.62 2.33 16.06
N THR A 150 7.08 2.81 17.18
CA THR A 150 6.46 4.13 17.19
C THR A 150 7.51 5.18 16.79
N ASP A 151 8.67 5.10 17.43
CA ASP A 151 9.76 6.01 17.19
C ASP A 151 10.37 5.88 15.80
N ALA A 152 10.37 4.67 15.26
CA ALA A 152 10.89 4.45 13.92
C ALA A 152 9.92 5.01 12.87
N LYS A 155 10.11 8.68 12.14
CA LYS A 155 11.31 9.00 11.37
C LYS A 155 11.03 9.05 9.88
N ILE A 156 10.31 8.04 9.39
CA ILE A 156 10.03 7.99 7.97
C ILE A 156 8.68 8.57 7.59
N PHE A 157 7.80 8.73 8.57
CA PHE A 157 6.45 9.23 8.30
C PHE A 157 6.17 10.68 8.64
N ASP A 158 6.75 11.18 9.73
CA ASP A 158 6.53 12.57 10.12
C ASP A 158 7.55 13.51 9.50
N LYS A 159 8.01 13.17 8.30
CA LYS A 159 9.00 14.01 7.61
C LYS A 159 8.40 15.38 7.31
N ASN A 160 7.08 15.44 7.23
CA ASN A 160 6.41 16.70 6.98
C ASN A 160 6.51 17.48 8.29
N LYS A 161 6.72 16.73 9.37
CA LYS A 161 6.86 17.27 10.72
C LYS A 161 5.77 18.21 11.22
N ASP A 162 4.74 18.45 10.41
CA ASP A 162 3.67 19.32 10.84
C ASP A 162 2.95 18.71 12.04
N GLY A 163 3.46 17.58 12.52
CA GLY A 163 2.87 16.92 13.66
C GLY A 163 1.68 16.06 13.29
N ARG A 164 1.57 15.75 12.00
CA ARG A 164 0.50 14.91 11.46
C ARG A 164 1.07 13.72 10.69
N LEU A 165 0.36 12.59 10.73
CA LEU A 165 0.81 11.43 9.98
C LEU A 165 -0.33 11.13 9.00
N ASP A 166 0.06 10.98 7.75
CA ASP A 166 -0.87 10.76 6.63
C ASP A 166 -1.34 9.31 6.62
N LEU A 167 -2.61 9.12 6.32
CA LEU A 167 -3.21 7.79 6.21
C LEU A 167 -2.54 7.03 5.04
N ASN A 168 -2.07 7.75 4.02
CA ASN A 168 -1.39 7.10 2.90
C ASN A 168 -0.07 6.48 3.37
N ASP A 169 0.46 7.00 4.47
CA ASP A 169 1.68 6.44 5.02
C ASP A 169 1.38 5.31 6.02
N LEU A 170 0.57 5.60 7.04
CA LEU A 170 0.28 4.59 8.06
C LEU A 170 -0.34 3.31 7.48
N ALA A 171 -1.18 3.45 6.46
CA ALA A 171 -1.77 2.29 5.82
C ALA A 171 -0.64 1.41 5.26
N ARG A 172 0.58 1.95 5.19
CA ARG A 172 1.68 1.16 4.66
C ARG A 172 2.21 0.10 5.64
N ILE A 173 1.87 0.18 6.92
CA ILE A 173 2.40 -0.81 7.88
C ILE A 173 1.67 -2.16 7.84
N LEU A 174 0.52 -2.21 7.16
CA LEU A 174 -0.25 -3.44 7.06
C LEU A 174 0.43 -4.52 6.20
N ALA A 175 0.44 -5.75 6.72
CA ALA A 175 1.02 -6.90 6.03
C ALA A 175 -0.03 -7.52 5.10
N LEU A 176 -0.31 -6.81 4.02
CA LEU A 176 -1.26 -7.22 3.00
C LEU A 176 -0.54 -7.19 1.65
N GLN A 177 -0.39 -8.36 1.04
CA GLN A 177 0.28 -8.49 -0.25
C GLN A 177 -0.24 -7.48 -1.28
N GLU A 178 -1.55 -7.29 -1.31
CA GLU A 178 -2.21 -6.31 -2.19
C GLU A 178 -3.02 -5.41 -1.27
N ASN A 179 -2.39 -4.33 -0.83
CA ASN A 179 -3.00 -3.39 0.10
C ASN A 179 -4.28 -2.74 -0.41
N PHE A 180 -5.30 -2.84 0.45
CA PHE A 180 -6.65 -2.34 0.23
C PHE A 180 -6.75 -0.86 -0.13
N LEU A 181 -5.91 -0.04 0.52
CA LEU A 181 -5.95 1.41 0.31
C LEU A 181 -4.85 1.91 -0.60
N LEU A 182 -3.63 1.45 -0.32
CA LEU A 182 -2.47 1.83 -1.12
C LEU A 182 -2.69 1.28 -2.52
N GLN A 183 -3.94 0.94 -2.79
CA GLN A 183 -4.35 0.39 -4.06
C GLN A 183 -4.29 1.43 -5.16
N PHE A 184 -3.48 2.47 -4.98
CA PHE A 184 -3.37 3.53 -5.98
C PHE A 184 -2.02 4.25 -6.07
N LYS A 185 -1.76 4.83 -7.23
CA LYS A 185 -0.54 5.58 -7.49
C LYS A 185 -0.55 6.86 -6.64
N ASP A 187 2.05 9.42 -6.88
CA ASP A 187 3.03 10.38 -7.36
C ASP A 187 2.46 11.79 -7.60
N ALA A 188 3.22 12.60 -8.33
CA ALA A 188 2.86 13.97 -8.66
C ALA A 188 1.51 14.14 -9.36
N SER A 189 1.51 14.61 -10.60
CA SER A 189 0.27 14.83 -11.35
C SER A 189 -0.70 13.64 -11.38
N SER A 190 -0.28 12.50 -10.87
CA SER A 190 -1.13 11.32 -10.84
C SER A 190 -2.29 11.61 -9.89
N GLN A 191 -1.98 11.80 -8.61
CA GLN A 191 -2.99 12.11 -7.61
C GLN A 191 -3.79 13.36 -8.01
N VAL A 192 -3.14 14.30 -8.67
CA VAL A 192 -3.85 15.51 -9.08
C VAL A 192 -4.88 15.12 -10.12
N GLU A 193 -4.48 14.28 -11.07
CA GLU A 193 -5.42 13.85 -12.10
C GLU A 193 -6.57 13.06 -11.44
N ARG A 194 -6.25 11.99 -10.72
CA ARG A 194 -7.28 11.19 -10.07
C ARG A 194 -8.21 12.05 -9.20
N LYS A 195 -7.66 13.06 -8.55
CA LYS A 195 -8.46 13.92 -7.70
C LYS A 195 -9.44 14.78 -8.49
N ARG A 196 -9.09 15.10 -9.74
CA ARG A 196 -9.97 15.90 -10.60
C ARG A 196 -11.07 14.95 -11.11
N ASP A 197 -10.66 13.72 -11.43
CA ASP A 197 -11.59 12.71 -11.93
C ASP A 197 -12.62 12.39 -10.83
N PHE A 198 -12.13 12.28 -9.60
CA PHE A 198 -12.97 12.00 -8.44
C PHE A 198 -14.10 13.06 -8.29
N GLU A 199 -13.73 14.33 -8.12
CA GLU A 199 -14.75 15.38 -7.95
C GLU A 199 -15.74 15.42 -9.11
N LYS A 200 -15.23 15.21 -10.32
CA LYS A 200 -16.06 15.24 -11.53
C LYS A 200 -17.01 14.05 -11.63
N ILE A 201 -16.52 12.86 -11.32
CA ILE A 201 -17.37 11.68 -11.44
C ILE A 201 -18.35 11.50 -10.30
N PHE A 202 -17.96 11.93 -9.12
CA PHE A 202 -18.81 11.85 -7.94
C PHE A 202 -20.02 12.81 -8.12
N ALA A 203 -19.75 14.03 -8.57
CA ALA A 203 -20.81 15.03 -8.78
C ALA A 203 -21.75 14.56 -9.85
N HIS A 204 -21.18 13.91 -10.87
CA HIS A 204 -21.94 13.33 -11.96
C HIS A 204 -22.97 12.35 -11.41
N TYR A 205 -22.59 11.54 -10.41
CA TYR A 205 -23.49 10.55 -9.81
C TYR A 205 -24.31 11.02 -8.59
N ASP A 206 -23.88 12.05 -7.88
CA ASP A 206 -24.66 12.54 -6.72
C ASP A 206 -25.70 13.56 -7.20
N VAL A 207 -26.62 13.10 -8.02
CA VAL A 207 -27.65 13.93 -8.62
C VAL A 207 -28.60 14.57 -7.62
N SER A 208 -28.89 13.88 -6.53
CA SER A 208 -29.76 14.43 -5.49
C SER A 208 -28.98 15.38 -4.60
N ARG A 209 -27.66 15.43 -4.82
CA ARG A 209 -26.77 16.30 -4.05
C ARG A 209 -26.85 16.05 -2.53
N THR A 210 -26.69 14.78 -2.15
CA THR A 210 -26.74 14.43 -0.74
C THR A 210 -25.35 14.25 -0.15
N GLY A 211 -24.33 14.20 -1.02
CA GLY A 211 -22.97 14.01 -0.54
C GLY A 211 -22.58 12.58 -0.17
N ALA A 212 -23.22 11.61 -0.82
CA ALA A 212 -22.98 10.17 -0.62
C ALA A 212 -23.50 9.46 -1.88
N LEU A 213 -23.13 8.19 -2.03
CA LEU A 213 -23.56 7.40 -3.17
C LEU A 213 -24.06 6.05 -2.63
N GLU A 214 -25.13 5.53 -3.22
CA GLU A 214 -25.68 4.22 -2.81
C GLU A 214 -26.28 3.51 -4.03
N GLY A 215 -26.29 2.18 -4.00
CA GLY A 215 -26.85 1.39 -5.09
C GLY A 215 -26.34 1.74 -6.49
N PRO A 216 -27.22 2.19 -7.40
CA PRO A 216 -26.87 2.55 -8.79
C PRO A 216 -25.71 3.52 -8.86
N GLU A 217 -25.82 4.63 -8.12
CA GLU A 217 -24.79 5.66 -8.10
C GLU A 217 -23.42 5.01 -7.82
N VAL A 218 -23.44 3.81 -7.25
CA VAL A 218 -22.23 3.06 -6.90
C VAL A 218 -21.59 2.28 -8.05
N ASP A 219 -22.36 1.34 -8.61
CA ASP A 219 -21.84 0.53 -9.70
C ASP A 219 -21.29 1.52 -10.70
N GLY A 220 -22.06 2.58 -10.96
CA GLY A 220 -21.65 3.60 -11.90
C GLY A 220 -20.30 4.22 -11.56
N PHE A 221 -20.22 4.89 -10.41
CA PHE A 221 -19.00 5.54 -9.99
C PHE A 221 -17.81 4.59 -10.02
N VAL A 222 -17.98 3.41 -9.44
CA VAL A 222 -16.88 2.46 -9.40
C VAL A 222 -16.35 2.26 -10.81
N LYS A 223 -17.24 1.92 -11.72
CA LYS A 223 -16.80 1.70 -13.10
C LYS A 223 -16.07 2.90 -13.70
N ASP A 224 -16.67 4.09 -13.66
CA ASP A 224 -16.06 5.28 -14.25
C ASP A 224 -14.74 5.73 -13.60
N GLU A 227 -12.14 2.58 -14.48
CA GLU A 227 -11.77 2.51 -15.89
C GLU A 227 -10.97 3.74 -16.30
N LEU A 228 -10.92 4.73 -15.43
CA LEU A 228 -10.18 5.94 -15.72
C LEU A 228 -8.79 5.82 -15.10
N VAL A 229 -8.72 5.24 -13.89
CA VAL A 229 -7.45 5.07 -13.18
C VAL A 229 -6.67 3.84 -13.67
N ARG A 230 -7.40 2.79 -14.04
CA ARG A 230 -6.80 1.57 -14.55
C ARG A 230 -7.49 1.25 -15.88
N PRO A 231 -7.15 2.01 -16.93
CA PRO A 231 -7.72 1.86 -18.28
C PRO A 231 -7.91 0.42 -18.76
N SER A 232 -9.12 0.16 -19.25
CA SER A 232 -9.45 -1.17 -19.77
C SER A 232 -9.35 -2.22 -18.67
N ILE A 233 -9.83 -1.86 -17.47
CA ILE A 233 -9.82 -2.75 -16.31
C ILE A 233 -10.98 -3.75 -16.41
N SER A 234 -10.70 -5.00 -16.04
CA SER A 234 -11.71 -6.07 -16.12
C SER A 234 -12.79 -5.98 -15.05
N GLY A 235 -14.02 -6.36 -15.44
CA GLY A 235 -15.14 -6.32 -14.52
C GLY A 235 -14.82 -7.02 -13.22
N GLY A 236 -14.24 -8.22 -13.32
CA GLY A 236 -13.86 -8.95 -12.12
C GLY A 236 -13.18 -8.00 -11.16
N ASP A 237 -12.33 -7.12 -11.70
CA ASP A 237 -11.62 -6.14 -10.86
C ASP A 237 -12.61 -5.14 -10.28
N LEU A 238 -13.45 -4.55 -11.14
CA LEU A 238 -14.45 -3.59 -10.71
C LEU A 238 -15.23 -4.06 -9.49
N ASP A 239 -15.97 -5.15 -9.63
CA ASP A 239 -16.78 -5.67 -8.53
C ASP A 239 -15.93 -6.04 -7.31
N LYS A 240 -14.69 -6.43 -7.55
CA LYS A 240 -13.78 -6.77 -6.48
C LYS A 240 -13.34 -5.48 -5.78
N PHE A 241 -13.73 -4.35 -6.37
CA PHE A 241 -13.42 -3.07 -5.75
C PHE A 241 -14.72 -2.57 -5.13
N ARG A 242 -15.83 -2.88 -5.78
CA ARG A 242 -17.11 -2.49 -5.21
C ARG A 242 -17.14 -3.10 -3.81
N GLU A 243 -16.70 -4.35 -3.73
CA GLU A 243 -16.63 -5.07 -2.46
C GLU A 243 -15.44 -4.56 -1.65
N CYS A 244 -14.33 -4.30 -2.34
CA CYS A 244 -13.12 -3.77 -1.69
C CYS A 244 -13.40 -2.41 -1.08
N LEU A 245 -14.60 -1.88 -1.35
CA LEU A 245 -15.00 -0.58 -0.84
C LEU A 245 -16.09 -0.72 0.22
N LEU A 246 -17.07 -1.59 -0.05
CA LEU A 246 -18.17 -1.79 0.86
C LEU A 246 -17.74 -2.31 2.23
N THR A 247 -17.10 -3.47 2.27
CA THR A 247 -16.65 -4.05 3.55
C THR A 247 -15.90 -3.03 4.43
N HIS A 248 -15.39 -1.96 3.83
CA HIS A 248 -14.63 -0.95 4.55
C HIS A 248 -15.39 0.35 4.81
N CYS A 249 -16.16 0.81 3.82
CA CYS A 249 -16.89 2.06 3.95
C CYS A 249 -18.42 1.92 4.02
N ASP A 250 -18.89 1.12 4.98
CA ASP A 250 -20.32 0.93 5.18
C ASP A 250 -20.65 1.18 6.66
N ASN A 252 -23.82 1.19 7.82
CA ASN A 252 -24.98 0.35 8.13
C ASN A 252 -25.33 -0.61 6.98
N LYS A 253 -26.44 -1.33 7.16
CA LYS A 253 -26.90 -2.29 6.17
C LYS A 253 -27.39 -1.59 4.91
N ASP A 254 -27.51 -0.26 5.00
CA ASP A 254 -27.97 0.59 3.90
C ASP A 254 -27.17 0.50 2.61
N GLY A 255 -25.85 0.57 2.73
CA GLY A 255 -25.00 0.50 1.55
C GLY A 255 -24.65 1.91 1.10
N LYS A 256 -24.62 2.83 2.05
CA LYS A 256 -24.29 4.21 1.75
C LYS A 256 -22.79 4.41 1.76
N ILE A 257 -22.32 5.20 0.79
CA ILE A 257 -20.91 5.51 0.67
C ILE A 257 -20.77 7.01 0.62
N GLN A 258 -20.49 7.61 1.76
CA GLN A 258 -20.34 9.06 1.86
C GLN A 258 -19.15 9.53 1.03
N LYS A 259 -19.20 10.76 0.52
CA LYS A 259 -18.10 11.30 -0.29
C LYS A 259 -16.77 10.94 0.36
N SER A 260 -16.67 11.23 1.66
CA SER A 260 -15.47 10.93 2.42
C SER A 260 -15.00 9.48 2.29
N GLU A 261 -15.80 8.53 2.76
CA GLU A 261 -15.45 7.11 2.68
C GLU A 261 -14.69 6.83 1.35
N LEU A 262 -15.09 7.50 0.28
CA LEU A 262 -14.43 7.33 -1.01
C LEU A 262 -13.07 8.08 -1.05
N ALA A 263 -13.05 9.32 -0.57
CA ALA A 263 -11.81 10.12 -0.58
C ALA A 263 -10.65 9.39 0.08
N LEU A 264 -10.88 8.94 1.31
CA LEU A 264 -9.85 8.20 2.03
C LEU A 264 -9.47 6.88 1.37
N CYS A 265 -10.29 6.37 0.45
CA CYS A 265 -10.00 5.13 -0.25
C CYS A 265 -9.31 5.36 -1.61
N LEU A 266 -9.54 6.52 -2.22
CA LEU A 266 -8.92 6.81 -3.51
C LEU A 266 -7.59 7.54 -3.34
N GLY A 267 -6.95 7.30 -2.20
CA GLY A 267 -5.68 7.94 -1.92
C GLY A 267 -5.81 9.45 -1.84
N LEU A 268 -7.06 9.92 -1.89
CA LEU A 268 -7.34 11.37 -1.85
C LEU A 268 -7.74 11.80 -0.46
N LYS A 269 -8.11 13.06 -0.31
CA LYS A 269 -8.52 13.61 1.00
C LYS A 269 -9.67 14.61 0.86
N HIS A 270 -10.52 14.69 1.88
CA HIS A 270 -11.64 15.64 1.82
C HIS A 270 -11.75 16.49 3.06
N LYS A 271 -12.22 17.72 2.87
CA LYS A 271 -12.41 18.67 3.96
C LYS A 271 -13.89 19.05 4.01
N PRO A 272 -14.49 19.01 5.22
CA PRO A 272 -15.90 19.37 5.40
C PRO A 272 -16.11 20.88 5.39
N SER A 3 7.50 4.48 -17.90
CA SER A 3 8.51 5.33 -18.63
C SER A 3 9.62 5.82 -17.70
N ALA A 4 9.23 6.46 -16.60
CA ALA A 4 10.21 6.95 -15.63
C ALA A 4 10.76 5.81 -14.79
N PHE A 5 11.95 6.01 -14.23
CA PHE A 5 12.53 5.00 -13.38
C PHE A 5 11.50 4.67 -12.30
N ALA A 6 11.19 3.38 -12.15
CA ALA A 6 10.23 2.93 -11.15
C ALA A 6 10.94 1.97 -10.19
N ASN A 7 10.83 2.24 -8.90
CA ASN A 7 11.46 1.38 -7.92
C ASN A 7 10.48 0.40 -7.29
N LEU A 8 10.97 -0.80 -7.09
CA LEU A 8 10.22 -1.89 -6.46
C LEU A 8 10.04 -1.50 -4.98
N ASP A 9 8.81 -1.42 -4.50
CA ASP A 9 8.58 -1.13 -3.08
C ASP A 9 8.58 -2.45 -2.25
N ALA A 10 8.55 -2.32 -0.92
CA ALA A 10 8.55 -3.45 0.02
C ALA A 10 7.44 -4.45 -0.29
N ALA A 11 6.24 -3.96 -0.55
CA ALA A 11 5.14 -4.88 -0.84
C ALA A 11 5.41 -5.70 -2.11
N GLY A 12 5.92 -5.06 -3.15
CA GLY A 12 6.21 -5.77 -4.39
C GLY A 12 7.35 -6.76 -4.18
N PHE A 13 8.41 -6.30 -3.51
CA PHE A 13 9.57 -7.13 -3.19
C PHE A 13 9.14 -8.43 -2.51
N LEU A 14 8.16 -8.35 -1.63
CA LEU A 14 7.70 -9.56 -0.95
C LEU A 14 6.99 -10.52 -1.89
N GLN A 15 6.11 -9.98 -2.74
CA GLN A 15 5.36 -10.82 -3.67
C GLN A 15 6.27 -11.71 -4.52
N ILE A 16 7.33 -11.13 -5.07
CA ILE A 16 8.28 -11.86 -5.90
C ILE A 16 9.12 -12.79 -5.03
N TRP A 17 9.56 -12.29 -3.88
CA TRP A 17 10.37 -13.10 -2.97
C TRP A 17 9.72 -14.45 -2.64
N GLN A 18 8.46 -14.39 -2.22
CA GLN A 18 7.68 -15.57 -1.84
C GLN A 18 7.65 -16.68 -2.89
N HIS A 19 7.72 -16.31 -4.16
CA HIS A 19 7.71 -17.28 -5.24
C HIS A 19 8.98 -18.10 -5.16
N PHE A 20 10.05 -17.48 -4.71
CA PHE A 20 11.35 -18.12 -4.57
C PHE A 20 11.62 -18.72 -3.20
N ASP A 21 10.83 -18.32 -2.21
CA ASP A 21 10.99 -18.80 -0.84
C ASP A 21 9.58 -19.09 -0.31
N ALA A 22 8.88 -19.98 -1.01
CA ALA A 22 7.53 -20.37 -0.66
C ALA A 22 7.50 -20.92 0.76
N ASP A 23 8.60 -21.53 1.18
CA ASP A 23 8.67 -22.11 2.53
C ASP A 23 8.98 -21.05 3.57
N ASP A 24 9.20 -19.83 3.10
CA ASP A 24 9.55 -18.70 3.96
C ASP A 24 10.70 -19.00 4.90
N ASN A 25 11.77 -19.60 4.37
CA ASN A 25 12.96 -19.87 5.15
C ASN A 25 13.69 -18.51 5.33
N GLY A 26 13.31 -17.51 4.52
CA GLY A 26 13.96 -16.21 4.63
C GLY A 26 15.19 -16.05 3.75
N TYR A 27 15.45 -17.00 2.85
CA TYR A 27 16.59 -16.89 1.95
C TYR A 27 16.31 -17.50 0.60
N ILE A 28 17.11 -17.12 -0.39
CA ILE A 28 17.02 -17.71 -1.72
C ILE A 28 18.44 -18.08 -2.15
N GLU A 29 18.55 -19.10 -3.00
CA GLU A 29 19.83 -19.56 -3.49
C GLU A 29 20.34 -18.63 -4.59
N GLY A 30 21.64 -18.74 -4.87
CA GLY A 30 22.27 -17.91 -5.90
C GLY A 30 21.64 -17.94 -7.27
N LYS A 31 21.25 -19.13 -7.74
CA LYS A 31 20.63 -19.23 -9.06
C LYS A 31 19.18 -18.67 -9.07
N GLU A 32 18.75 -18.19 -7.91
CA GLU A 32 17.42 -17.61 -7.76
C GLU A 32 17.57 -16.08 -7.85
N LEU A 33 18.73 -15.60 -8.27
CA LEU A 33 18.94 -14.15 -8.34
C LEU A 33 18.68 -13.53 -9.72
N ASP A 34 19.42 -14.00 -10.73
CA ASP A 34 19.22 -13.49 -12.07
C ASP A 34 17.73 -13.56 -12.42
N ASP A 35 17.05 -14.61 -11.95
CA ASP A 35 15.61 -14.74 -12.22
C ASP A 35 14.80 -13.85 -11.28
N PHE A 36 15.33 -13.53 -10.11
CA PHE A 36 14.59 -12.64 -9.20
C PHE A 36 14.41 -11.26 -9.87
N PHE A 37 15.38 -10.89 -10.70
CA PHE A 37 15.35 -9.60 -11.38
C PHE A 37 14.41 -9.55 -12.60
N ARG A 38 14.24 -10.68 -13.27
CA ARG A 38 13.37 -10.75 -14.42
C ARG A 38 11.94 -10.53 -13.95
N HIS A 39 11.62 -11.08 -12.77
CA HIS A 39 10.29 -10.92 -12.19
C HIS A 39 10.08 -9.44 -11.90
N LEU A 41 11.57 -6.74 -13.18
CA LEU A 41 11.44 -5.97 -14.42
C LEU A 41 10.05 -6.13 -15.05
N LYS A 42 9.47 -7.33 -14.93
CA LYS A 42 8.14 -7.54 -15.49
C LYS A 42 7.09 -6.85 -14.61
N LYS A 43 7.32 -6.82 -13.30
CA LYS A 43 6.40 -6.16 -12.40
C LYS A 43 6.44 -4.63 -12.61
N LEU A 44 7.61 -4.12 -13.00
CA LEU A 44 7.75 -2.68 -13.22
C LEU A 44 7.60 -2.32 -14.71
N GLN A 45 7.89 -3.27 -15.59
CA GLN A 45 7.77 -3.06 -17.03
C GLN A 45 6.73 -4.07 -17.51
N PRO A 46 5.45 -3.79 -17.26
CA PRO A 46 4.30 -4.63 -17.61
C PRO A 46 4.16 -5.02 -19.09
N LYS A 47 4.45 -4.07 -19.98
CA LYS A 47 4.34 -4.26 -21.42
C LYS A 47 5.70 -4.36 -22.10
N ASP A 48 6.77 -4.14 -21.35
CA ASP A 48 8.09 -4.20 -21.93
C ASP A 48 8.56 -5.64 -22.14
N LYS A 49 9.41 -5.82 -23.14
CA LYS A 49 9.97 -7.11 -23.50
C LYS A 49 11.42 -7.17 -23.03
N ILE A 50 11.65 -7.92 -21.96
CA ILE A 50 12.97 -8.08 -21.34
C ILE A 50 13.82 -9.21 -21.92
N THR A 51 15.14 -9.02 -21.93
CA THR A 51 16.08 -10.01 -22.46
C THR A 51 17.05 -10.43 -21.36
N ASP A 52 17.85 -11.46 -21.64
CA ASP A 52 18.82 -11.90 -20.64
C ASP A 52 19.83 -10.79 -20.41
N GLU A 53 20.30 -10.18 -21.49
CA GLU A 53 21.29 -9.11 -21.41
C GLU A 53 20.82 -7.97 -20.50
N ARG A 54 19.55 -7.60 -20.64
CA ARG A 54 18.97 -6.54 -19.84
C ARG A 54 18.92 -6.92 -18.36
N VAL A 55 18.58 -8.17 -18.07
CA VAL A 55 18.51 -8.65 -16.70
C VAL A 55 19.89 -8.46 -16.04
N GLN A 56 20.95 -8.85 -16.74
CA GLN A 56 22.31 -8.68 -16.20
C GLN A 56 22.62 -7.20 -15.95
N GLN A 57 22.33 -6.36 -16.94
CA GLN A 57 22.58 -4.94 -16.82
C GLN A 57 21.82 -4.33 -15.61
N ILE A 58 20.51 -4.59 -15.51
CA ILE A 58 19.74 -4.03 -14.40
C ILE A 58 20.19 -4.70 -13.11
N LYS A 59 20.16 -6.03 -13.09
CA LYS A 59 20.58 -6.80 -11.92
C LYS A 59 21.88 -6.21 -11.36
N LYS A 60 22.87 -6.03 -12.25
CA LYS A 60 24.17 -5.53 -11.83
C LYS A 60 24.19 -4.09 -11.36
N SER A 61 23.38 -3.24 -11.95
CA SER A 61 23.36 -1.83 -11.54
C SER A 61 22.94 -1.67 -10.06
N PHE A 62 22.26 -2.69 -9.51
CA PHE A 62 21.78 -2.64 -8.11
C PHE A 62 22.78 -3.09 -7.05
N SER A 64 27.33 -3.90 -5.95
CA SER A 64 28.74 -3.79 -6.22
C SER A 64 29.14 -4.86 -7.23
N ALA A 65 30.23 -4.61 -7.93
CA ALA A 65 30.76 -5.57 -8.90
C ALA A 65 30.85 -6.90 -8.15
N TYR A 66 31.54 -6.87 -7.03
CA TYR A 66 31.74 -8.04 -6.19
C TYR A 66 30.41 -8.77 -5.89
N ASP A 67 29.44 -8.04 -5.33
CA ASP A 67 28.15 -8.64 -4.98
C ASP A 67 27.46 -9.39 -6.13
N ALA A 68 27.73 -8.96 -7.36
CA ALA A 68 27.17 -9.59 -8.55
C ALA A 68 27.74 -10.99 -8.73
N THR A 69 28.82 -11.30 -8.01
CA THR A 69 29.45 -12.60 -8.12
C THR A 69 28.93 -13.65 -7.11
N PHE A 70 28.11 -13.21 -6.15
CA PHE A 70 27.56 -14.11 -5.13
C PHE A 70 26.57 -15.11 -5.75
N ASP A 71 26.75 -16.39 -5.43
CA ASP A 71 25.90 -17.46 -5.94
C ASP A 71 25.33 -18.29 -4.80
N GLY A 72 25.76 -17.97 -3.58
CA GLY A 72 25.28 -18.73 -2.42
C GLY A 72 23.91 -18.36 -1.90
N ARG A 73 23.80 -18.33 -0.57
CA ARG A 73 22.55 -17.99 0.08
C ARG A 73 22.53 -16.52 0.48
N LEU A 74 21.54 -15.80 -0.05
CA LEU A 74 21.36 -14.39 0.25
C LEU A 74 20.11 -14.30 1.15
N GLN A 75 20.30 -13.81 2.37
CA GLN A 75 19.22 -13.65 3.33
C GLN A 75 18.36 -12.50 2.81
N ILE A 76 17.05 -12.56 3.07
CA ILE A 76 16.14 -11.53 2.58
C ILE A 76 16.61 -10.13 2.90
N GLU A 77 17.20 -9.94 4.08
CA GLU A 77 17.68 -8.62 4.50
C GLU A 77 18.71 -8.04 3.52
N GLU A 78 19.55 -8.91 2.96
CA GLU A 78 20.59 -8.49 2.01
C GLU A 78 20.00 -8.01 0.69
N LEU A 79 19.11 -8.80 0.10
CA LEU A 79 18.51 -8.38 -1.16
C LEU A 79 17.65 -7.12 -0.93
N ALA A 80 17.07 -7.00 0.27
CA ALA A 80 16.26 -5.83 0.59
C ALA A 80 17.15 -4.58 0.60
N ASN A 81 18.26 -4.68 1.31
CA ASN A 81 19.20 -3.57 1.40
C ASN A 81 19.65 -3.14 0.00
N ILE A 83 18.10 -3.64 -2.96
CA ILE A 83 17.00 -3.14 -3.78
C ILE A 83 16.09 -2.06 -3.21
N LEU A 84 15.82 -2.12 -1.91
CA LEU A 84 14.90 -1.16 -1.29
C LEU A 84 15.54 -0.10 -0.42
N PRO A 85 15.09 1.15 -0.58
CA PRO A 85 15.60 2.27 0.23
C PRO A 85 15.00 2.04 1.63
N GLN A 86 15.27 2.94 2.58
CA GLN A 86 14.77 2.81 3.95
C GLN A 86 13.26 2.66 4.07
N GLU A 87 12.54 3.74 3.83
CA GLU A 87 11.08 3.76 3.90
C GLU A 87 10.53 2.35 3.60
N GLU A 88 10.84 1.85 2.41
CA GLU A 88 10.36 0.53 2.00
C GLU A 88 11.08 -0.60 2.73
N ASN A 89 12.36 -0.40 2.99
CA ASN A 89 13.18 -1.38 3.69
C ASN A 89 12.65 -1.61 5.11
N PHE A 90 12.45 -0.52 5.84
CA PHE A 90 11.93 -0.66 7.18
C PHE A 90 10.54 -1.28 7.17
N LEU A 91 9.76 -0.98 6.13
CA LEU A 91 8.41 -1.54 6.06
C LEU A 91 8.50 -3.04 5.84
N LEU A 92 9.54 -3.49 5.13
CA LEU A 92 9.69 -4.92 4.91
C LEU A 92 10.00 -5.65 6.21
N ILE A 93 10.93 -5.10 6.98
CA ILE A 93 11.31 -5.75 8.22
C ILE A 93 10.20 -5.70 9.27
N PHE A 94 9.53 -4.56 9.37
CA PHE A 94 8.44 -4.42 10.33
C PHE A 94 7.32 -5.40 10.05
N ARG A 95 6.88 -5.45 8.79
CA ARG A 95 5.78 -6.35 8.44
C ARG A 95 6.13 -7.81 8.67
N ARG A 96 7.41 -8.16 8.46
CA ARG A 96 7.85 -9.53 8.67
C ARG A 96 7.79 -9.86 10.14
N GLU A 97 8.22 -8.94 10.99
CA GLU A 97 8.14 -9.27 12.41
C GLU A 97 6.81 -8.89 13.10
N ALA A 98 5.89 -8.25 12.39
CA ALA A 98 4.61 -7.89 13.02
C ALA A 98 3.50 -7.78 12.00
N PRO A 99 3.10 -8.92 11.40
CA PRO A 99 2.03 -8.91 10.40
C PRO A 99 0.67 -8.45 10.92
N LEU A 100 0.21 -7.32 10.38
CA LEU A 100 -1.09 -6.74 10.71
C LEU A 100 -1.92 -6.90 9.45
N ASP A 101 -2.83 -7.87 9.50
CA ASP A 101 -3.64 -8.21 8.33
C ASP A 101 -5.07 -7.79 8.34
N ASN A 102 -5.49 -7.03 9.35
CA ASN A 102 -6.89 -6.61 9.42
C ASN A 102 -7.13 -5.15 9.03
N SER A 103 -7.28 -4.91 7.73
CA SER A 103 -7.52 -3.58 7.20
C SER A 103 -8.91 -3.01 7.55
N VAL A 104 -9.85 -3.88 7.90
CA VAL A 104 -11.19 -3.42 8.27
C VAL A 104 -11.05 -2.90 9.69
N GLU A 105 -10.31 -3.63 10.52
CA GLU A 105 -10.08 -3.19 11.91
C GLU A 105 -9.20 -1.93 11.89
N PHE A 106 -8.27 -1.87 10.92
CA PHE A 106 -7.41 -0.70 10.78
C PHE A 106 -8.30 0.52 10.56
N LYS A 108 -11.42 0.91 11.23
CA LYS A 108 -12.20 1.13 12.44
C LYS A 108 -11.40 2.04 13.39
N ILE A 109 -10.17 1.63 13.69
CA ILE A 109 -9.28 2.39 14.57
C ILE A 109 -8.96 3.76 13.96
N TRP A 110 -8.78 3.78 12.65
CA TRP A 110 -8.47 5.07 12.02
C TRP A 110 -9.56 6.11 12.30
N ARG A 111 -10.82 5.69 12.19
CA ARG A 111 -11.95 6.58 12.39
C ARG A 111 -12.03 7.14 13.80
N LYS A 112 -11.54 6.38 14.77
CA LYS A 112 -11.52 6.79 16.17
C LYS A 112 -10.64 8.04 16.33
N TYR A 113 -9.45 8.00 15.74
CA TYR A 113 -8.53 9.13 15.83
C TYR A 113 -8.70 10.12 14.66
N ASP A 114 -9.67 9.86 13.79
CA ASP A 114 -9.98 10.72 12.64
C ASP A 114 -11.45 10.50 12.22
N ALA A 115 -12.36 10.90 13.12
CA ALA A 115 -13.81 10.75 12.91
C ALA A 115 -14.43 11.53 11.76
N ASP A 116 -13.78 12.58 11.29
CA ASP A 116 -14.30 13.38 10.18
C ASP A 116 -13.68 12.92 8.84
N SER A 117 -12.89 11.85 8.89
CA SER A 117 -12.25 11.31 7.70
C SER A 117 -11.44 12.33 6.87
N SER A 118 -10.65 13.15 7.56
CA SER A 118 -9.82 14.14 6.89
C SER A 118 -8.69 13.44 6.15
N GLY A 119 -8.45 12.18 6.48
CA GLY A 119 -7.35 11.46 5.85
C GLY A 119 -6.05 11.61 6.63
N TYR A 120 -6.12 12.23 7.82
CA TYR A 120 -4.94 12.41 8.68
C TYR A 120 -5.30 12.13 10.12
N ILE A 121 -4.28 11.77 10.91
CA ILE A 121 -4.46 11.58 12.35
C ILE A 121 -3.37 12.41 13.04
N SER A 122 -3.72 13.09 14.12
CA SER A 122 -2.73 13.89 14.84
C SER A 122 -1.56 12.98 15.20
N ALA A 123 -0.35 13.42 14.89
CA ALA A 123 0.87 12.67 15.14
C ALA A 123 1.08 12.39 16.62
N ALA A 124 0.37 13.14 17.46
CA ALA A 124 0.45 12.98 18.90
C ALA A 124 -0.19 11.66 19.37
N GLU A 125 -1.05 11.09 18.52
CA GLU A 125 -1.74 9.84 18.82
C GLU A 125 -1.06 8.57 18.27
N LEU A 126 0.17 8.68 17.78
CA LEU A 126 0.82 7.52 17.17
C LEU A 126 0.92 6.28 18.07
N LYS A 127 1.70 6.37 19.14
CA LYS A 127 1.86 5.26 20.06
C LYS A 127 0.49 4.79 20.57
N ASN A 128 -0.40 5.74 20.88
CA ASN A 128 -1.73 5.38 21.35
C ASN A 128 -2.38 4.58 20.23
N PHE A 129 -2.17 5.03 19.00
CA PHE A 129 -2.75 4.37 17.84
C PHE A 129 -2.18 2.97 17.66
N LEU A 130 -0.85 2.83 17.68
CA LEU A 130 -0.24 1.51 17.49
C LEU A 130 -0.65 0.53 18.57
N LYS A 131 -0.81 1.02 19.80
CA LYS A 131 -1.23 0.14 20.88
C LYS A 131 -2.57 -0.50 20.52
N ASP A 132 -3.50 0.33 20.05
CA ASP A 132 -4.84 -0.13 19.67
C ASP A 132 -4.88 -1.09 18.49
N LEU A 133 -4.15 -0.76 17.42
CA LEU A 133 -4.11 -1.62 16.24
C LEU A 133 -3.68 -3.06 16.60
N PHE A 134 -2.67 -3.18 17.46
CA PHE A 134 -2.22 -4.51 17.87
C PHE A 134 -3.32 -5.28 18.63
N LEU A 135 -4.06 -4.56 19.49
CA LEU A 135 -5.14 -5.18 20.25
C LEU A 135 -6.19 -5.77 19.30
N GLN A 136 -6.58 -5.00 18.27
CA GLN A 136 -7.59 -5.51 17.34
C GLN A 136 -7.06 -6.71 16.57
N HIS A 137 -5.74 -6.83 16.45
CA HIS A 137 -5.13 -7.99 15.76
C HIS A 137 -4.82 -9.12 16.76
N LYS A 138 -5.05 -8.88 18.05
CA LYS A 138 -4.79 -9.87 19.10
C LYS A 138 -3.31 -10.28 19.08
N LYS A 139 -2.43 -9.28 19.09
CA LYS A 139 -0.98 -9.51 19.06
C LYS A 139 -0.33 -8.61 20.10
N LYS A 140 0.48 -9.19 20.99
CA LYS A 140 1.16 -8.39 22.01
C LYS A 140 2.66 -8.35 21.74
N ILE A 141 3.29 -7.23 22.05
CA ILE A 141 4.71 -7.12 21.84
C ILE A 141 5.40 -6.54 23.07
N PRO A 142 6.73 -6.72 23.19
CA PRO A 142 7.47 -6.19 24.33
C PRO A 142 7.56 -4.67 24.19
N PRO A 143 7.35 -3.95 25.31
CA PRO A 143 7.41 -2.49 25.38
C PRO A 143 8.74 -2.00 24.75
N ASN A 144 9.65 -2.95 24.60
CA ASN A 144 10.94 -2.71 23.97
C ASN A 144 10.65 -2.53 22.46
N LYS A 145 9.68 -3.26 21.95
CA LYS A 145 9.33 -3.19 20.52
C LYS A 145 8.29 -2.14 20.10
N LEU A 146 7.25 -1.95 20.92
CA LEU A 146 6.21 -0.98 20.60
C LEU A 146 6.79 0.43 20.46
N ASP A 147 7.38 0.92 21.55
CA ASP A 147 7.99 2.24 21.55
C ASP A 147 9.04 2.35 20.43
N GLU A 148 9.57 1.21 20.00
CA GLU A 148 10.58 1.16 18.95
C GLU A 148 9.95 1.37 17.56
N TYR A 149 8.84 0.68 17.34
CA TYR A 149 8.13 0.78 16.09
C TYR A 149 7.59 2.20 15.97
N THR A 150 7.29 2.81 17.12
CA THR A 150 6.79 4.19 17.13
C THR A 150 7.90 5.15 16.68
N ASP A 151 9.09 4.92 17.21
CA ASP A 151 10.27 5.71 16.89
C ASP A 151 10.54 5.76 15.41
N ALA A 152 10.67 4.59 14.81
CA ALA A 152 10.93 4.48 13.38
C ALA A 152 9.81 5.11 12.55
N LYS A 155 9.87 9.04 12.43
CA LYS A 155 10.91 9.54 11.53
C LYS A 155 10.54 9.42 10.06
N ILE A 156 10.23 8.20 9.64
CA ILE A 156 9.89 7.95 8.26
C ILE A 156 8.61 8.63 7.79
N PHE A 157 7.63 8.71 8.69
CA PHE A 157 6.33 9.28 8.34
C PHE A 157 6.07 10.75 8.63
N ASP A 158 6.54 11.25 9.76
CA ASP A 158 6.31 12.65 10.13
C ASP A 158 7.45 13.55 9.63
N LYS A 159 7.38 13.93 8.37
CA LYS A 159 8.41 14.80 7.78
C LYS A 159 7.81 16.06 7.20
N ASN A 160 6.56 16.34 7.53
CA ASN A 160 5.90 17.55 7.08
C ASN A 160 5.90 18.44 8.31
N LYS A 161 6.30 17.81 9.42
CA LYS A 161 6.37 18.43 10.73
C LYS A 161 5.08 19.13 11.16
N ASP A 162 4.02 18.97 10.38
CA ASP A 162 2.76 19.59 10.76
C ASP A 162 2.16 18.87 11.95
N GLY A 163 2.81 17.79 12.40
CA GLY A 163 2.30 17.04 13.54
C GLY A 163 1.12 16.16 13.22
N ARG A 164 0.97 15.85 11.93
CA ARG A 164 -0.09 14.98 11.43
C ARG A 164 0.56 13.84 10.65
N LEU A 165 -0.04 12.66 10.70
CA LEU A 165 0.46 11.51 9.94
C LEU A 165 -0.62 11.17 8.92
N ASP A 166 -0.20 11.04 7.68
CA ASP A 166 -1.08 10.77 6.54
C ASP A 166 -1.49 9.31 6.56
N LEU A 167 -2.76 9.07 6.27
CA LEU A 167 -3.31 7.71 6.19
C LEU A 167 -2.57 6.95 5.07
N ASN A 168 -2.30 7.62 3.95
CA ASN A 168 -1.58 6.97 2.84
C ASN A 168 -0.25 6.38 3.27
N ASP A 169 0.31 6.90 4.36
CA ASP A 169 1.56 6.35 4.88
C ASP A 169 1.28 5.24 5.91
N LEU A 170 0.52 5.55 6.96
CA LEU A 170 0.26 4.55 8.00
C LEU A 170 -0.43 3.28 7.51
N ALA A 171 -1.31 3.41 6.52
CA ALA A 171 -2.01 2.26 5.95
C ALA A 171 -0.98 1.25 5.42
N ARG A 172 0.20 1.74 5.06
CA ARG A 172 1.25 0.89 4.52
C ARG A 172 1.91 -0.05 5.53
N ILE A 173 1.66 0.12 6.83
CA ILE A 173 2.31 -0.78 7.81
C ILE A 173 1.60 -2.12 7.90
N LEU A 174 0.52 -2.27 7.14
CA LEU A 174 -0.23 -3.51 7.13
C LEU A 174 0.44 -4.59 6.28
N ALA A 175 0.37 -5.84 6.74
CA ALA A 175 0.94 -6.99 6.05
C ALA A 175 -0.18 -7.65 5.24
N LEU A 176 -0.27 -7.25 3.98
CA LEU A 176 -1.29 -7.77 3.07
C LEU A 176 -0.63 -8.18 1.74
N GLN A 177 -1.18 -9.18 1.08
CA GLN A 177 -0.62 -9.57 -0.21
C GLN A 177 -1.39 -8.83 -1.29
N GLU A 178 -2.30 -7.97 -0.85
CA GLU A 178 -3.14 -7.14 -1.69
C GLU A 178 -3.73 -6.08 -0.77
N ASN A 179 -2.93 -5.04 -0.52
CA ASN A 179 -3.34 -3.98 0.38
C ASN A 179 -4.63 -3.27 -0.04
N PHE A 180 -5.65 -3.49 0.78
CA PHE A 180 -6.97 -2.93 0.61
C PHE A 180 -6.99 -1.56 -0.04
N LEU A 181 -6.08 -0.70 0.40
CA LEU A 181 -5.98 0.67 -0.08
C LEU A 181 -4.82 0.87 -1.05
N LEU A 182 -3.63 0.52 -0.57
CA LEU A 182 -2.44 0.65 -1.37
C LEU A 182 -2.66 -0.09 -2.69
N GLN A 183 -3.29 0.60 -3.64
CA GLN A 183 -3.58 0.04 -4.95
C GLN A 183 -3.49 1.12 -6.02
N PHE A 184 -3.21 2.36 -5.61
CA PHE A 184 -3.14 3.48 -6.57
C PHE A 184 -1.82 4.27 -6.57
N LYS A 185 -1.56 4.95 -7.69
CA LYS A 185 -0.36 5.77 -7.84
C LYS A 185 -0.42 6.93 -6.84
N ASP A 187 2.25 9.72 -6.66
CA ASP A 187 3.26 10.76 -6.85
C ASP A 187 2.72 12.19 -6.65
N ALA A 188 3.62 13.16 -6.83
CA ALA A 188 3.34 14.58 -6.68
C ALA A 188 1.93 14.99 -7.10
N SER A 189 1.80 15.27 -8.38
CA SER A 189 0.53 15.66 -8.98
C SER A 189 -0.42 14.47 -9.00
N SER A 190 0.16 13.27 -8.91
CA SER A 190 -0.62 12.03 -8.94
C SER A 190 -1.86 12.05 -8.04
N GLN A 191 -1.68 12.53 -6.80
CA GLN A 191 -2.75 12.62 -5.81
C GLN A 191 -3.52 13.92 -5.97
N VAL A 192 -3.10 14.73 -6.94
CA VAL A 192 -3.78 15.99 -7.24
C VAL A 192 -4.76 15.74 -8.39
N GLU A 193 -4.22 15.51 -9.59
CA GLU A 193 -5.07 15.25 -10.74
C GLU A 193 -6.20 14.31 -10.34
N ARG A 194 -5.84 13.22 -9.68
CA ARG A 194 -6.80 12.22 -9.23
C ARG A 194 -7.90 12.87 -8.39
N LYS A 195 -7.56 13.87 -7.58
CA LYS A 195 -8.56 14.55 -6.78
C LYS A 195 -9.51 15.29 -7.70
N ARG A 196 -8.97 15.93 -8.73
CA ARG A 196 -9.79 16.67 -9.70
C ARG A 196 -10.73 15.65 -10.34
N ASP A 197 -10.20 14.48 -10.68
CA ASP A 197 -11.01 13.42 -11.28
C ASP A 197 -12.11 12.92 -10.34
N PHE A 198 -11.77 12.80 -9.06
CA PHE A 198 -12.72 12.35 -8.06
C PHE A 198 -13.86 13.37 -7.92
N GLU A 199 -13.52 14.64 -7.79
CA GLU A 199 -14.56 15.67 -7.65
C GLU A 199 -15.56 15.62 -8.82
N LYS A 200 -15.04 15.47 -10.04
CA LYS A 200 -15.87 15.43 -11.23
C LYS A 200 -16.75 14.19 -11.26
N ILE A 201 -16.20 13.06 -10.85
CA ILE A 201 -16.95 11.82 -10.87
C ILE A 201 -17.96 11.73 -9.73
N PHE A 202 -17.57 12.18 -8.54
CA PHE A 202 -18.52 12.14 -7.45
C PHE A 202 -19.72 13.05 -7.77
N ALA A 203 -19.47 14.17 -8.44
CA ALA A 203 -20.53 15.14 -8.79
C ALA A 203 -21.53 14.60 -9.77
N HIS A 204 -21.02 13.94 -10.82
CA HIS A 204 -21.82 13.32 -11.85
C HIS A 204 -22.81 12.31 -11.28
N TYR A 205 -22.39 11.54 -10.28
CA TYR A 205 -23.26 10.53 -9.67
C TYR A 205 -24.11 11.03 -8.49
N ASP A 206 -23.75 12.14 -7.86
CA ASP A 206 -24.54 12.67 -6.73
C ASP A 206 -25.67 13.59 -7.25
N VAL A 207 -26.59 12.99 -8.01
CA VAL A 207 -27.72 13.70 -8.63
C VAL A 207 -28.65 14.39 -7.65
N SER A 208 -29.01 13.72 -6.56
CA SER A 208 -29.90 14.31 -5.58
C SER A 208 -29.11 15.25 -4.66
N ARG A 209 -27.79 15.26 -4.86
CA ARG A 209 -26.90 16.12 -4.07
C ARG A 209 -26.98 15.84 -2.56
N THR A 210 -26.72 14.60 -2.16
CA THR A 210 -26.76 14.27 -0.75
C THR A 210 -25.38 14.09 -0.14
N GLY A 211 -24.35 14.02 -0.98
CA GLY A 211 -22.99 13.83 -0.48
C GLY A 211 -22.60 12.39 -0.18
N ALA A 212 -23.33 11.43 -0.76
CA ALA A 212 -23.09 10.00 -0.59
C ALA A 212 -23.62 9.29 -1.84
N LEU A 213 -23.07 8.11 -2.14
CA LEU A 213 -23.51 7.34 -3.29
C LEU A 213 -24.11 6.03 -2.80
N GLU A 214 -25.13 5.55 -3.51
CA GLU A 214 -25.76 4.28 -3.12
C GLU A 214 -26.15 3.47 -4.35
N GLY A 215 -25.80 2.18 -4.31
CA GLY A 215 -26.14 1.27 -5.39
C GLY A 215 -25.62 1.60 -6.78
N PRO A 216 -26.52 1.87 -7.73
CA PRO A 216 -26.11 2.20 -9.10
C PRO A 216 -25.12 3.35 -9.03
N GLU A 217 -25.45 4.36 -8.22
CA GLU A 217 -24.59 5.53 -8.05
C GLU A 217 -23.20 5.09 -7.58
N VAL A 218 -23.15 3.98 -6.82
CA VAL A 218 -21.89 3.42 -6.31
C VAL A 218 -21.17 2.60 -7.38
N ASP A 219 -21.90 1.76 -8.08
CA ASP A 219 -21.29 0.91 -9.11
C ASP A 219 -20.76 1.74 -10.26
N GLY A 220 -21.54 2.74 -10.65
CA GLY A 220 -21.13 3.62 -11.72
C GLY A 220 -19.86 4.39 -11.39
N PHE A 221 -19.76 4.84 -10.14
CA PHE A 221 -18.59 5.61 -9.68
C PHE A 221 -17.33 4.76 -9.64
N VAL A 222 -17.51 3.46 -9.43
CA VAL A 222 -16.38 2.55 -9.35
C VAL A 222 -15.62 2.49 -10.68
N LYS A 223 -16.28 1.99 -11.70
CA LYS A 223 -15.65 1.86 -13.01
C LYS A 223 -15.14 3.15 -13.61
N ASP A 224 -15.90 4.24 -13.47
CA ASP A 224 -15.45 5.50 -14.07
C ASP A 224 -14.16 6.05 -13.45
N GLU A 227 -11.05 4.17 -14.84
CA GLU A 227 -10.56 4.52 -16.17
C GLU A 227 -9.85 5.87 -16.23
N LEU A 228 -9.76 6.55 -15.10
CA LEU A 228 -9.08 7.84 -14.99
C LEU A 228 -7.76 7.68 -14.23
N VAL A 229 -7.65 6.61 -13.45
CA VAL A 229 -6.44 6.32 -12.68
C VAL A 229 -5.71 5.15 -13.33
N ARG A 230 -6.50 4.17 -13.76
CA ARG A 230 -5.99 2.96 -14.37
C ARG A 230 -6.89 2.54 -15.54
N PRO A 231 -6.72 3.17 -16.71
CA PRO A 231 -7.50 2.92 -17.94
C PRO A 231 -7.75 1.46 -18.33
N SER A 232 -9.02 1.15 -18.59
CA SER A 232 -9.44 -0.20 -18.98
C SER A 232 -8.96 -1.27 -17.99
N ILE A 233 -9.57 -1.30 -16.82
CA ILE A 233 -9.22 -2.25 -15.77
C ILE A 233 -10.12 -3.48 -15.89
N SER A 234 -9.71 -4.59 -15.30
CA SER A 234 -10.48 -5.84 -15.39
C SER A 234 -11.79 -5.83 -14.59
N GLY A 235 -12.82 -6.42 -15.19
CA GLY A 235 -14.13 -6.48 -14.56
C GLY A 235 -14.09 -7.10 -13.18
N GLY A 236 -13.54 -8.31 -13.09
CA GLY A 236 -13.45 -8.98 -11.82
C GLY A 236 -12.95 -8.00 -10.78
N ASP A 237 -12.06 -7.11 -11.20
CA ASP A 237 -11.50 -6.10 -10.30
C ASP A 237 -12.61 -5.16 -9.82
N LEU A 238 -13.26 -4.46 -10.75
CA LEU A 238 -14.35 -3.56 -10.41
C LEU A 238 -15.29 -4.20 -9.38
N ASP A 239 -15.66 -5.45 -9.62
CA ASP A 239 -16.54 -6.17 -8.70
C ASP A 239 -15.91 -6.22 -7.31
N LYS A 240 -14.64 -6.65 -7.25
CA LYS A 240 -13.94 -6.72 -6.00
C LYS A 240 -13.71 -5.32 -5.40
N PHE A 241 -13.76 -4.31 -6.24
CA PHE A 241 -13.58 -2.98 -5.72
C PHE A 241 -14.91 -2.50 -5.15
N ARG A 242 -16.00 -2.84 -5.81
CA ARG A 242 -17.30 -2.44 -5.28
C ARG A 242 -17.38 -3.04 -3.88
N GLU A 243 -17.05 -4.32 -3.79
CA GLU A 243 -17.07 -5.01 -2.50
C GLU A 243 -15.93 -4.56 -1.58
N CYS A 244 -14.76 -4.30 -2.15
CA CYS A 244 -13.64 -3.83 -1.34
C CYS A 244 -14.12 -2.62 -0.53
N LEU A 245 -14.86 -1.73 -1.18
CA LEU A 245 -15.37 -0.52 -0.52
C LEU A 245 -16.34 -0.85 0.60
N LEU A 246 -17.26 -1.77 0.32
CA LEU A 246 -18.24 -2.17 1.32
C LEU A 246 -17.56 -2.79 2.52
N THR A 247 -16.71 -3.78 2.26
CA THR A 247 -15.96 -4.46 3.32
C THR A 247 -15.28 -3.53 4.35
N HIS A 248 -14.41 -2.65 3.86
CA HIS A 248 -13.68 -1.72 4.71
C HIS A 248 -14.46 -0.50 5.13
N CYS A 249 -15.34 -0.06 4.24
CA CYS A 249 -16.13 1.14 4.48
C CYS A 249 -17.64 0.89 4.67
N ASP A 250 -18.14 1.16 5.87
CA ASP A 250 -19.57 0.98 6.19
C ASP A 250 -19.98 1.41 7.60
N ASN A 252 -23.10 3.46 9.27
CA ASN A 252 -24.46 3.07 9.56
C ASN A 252 -24.79 1.87 8.71
N LYS A 253 -25.66 1.00 9.21
CA LYS A 253 -26.04 -0.20 8.49
C LYS A 253 -26.57 0.12 7.07
N ASP A 254 -26.64 1.41 6.73
CA ASP A 254 -27.12 1.82 5.40
C ASP A 254 -26.12 1.49 4.30
N GLY A 255 -24.83 1.65 4.62
CA GLY A 255 -23.80 1.36 3.64
C GLY A 255 -23.66 2.41 2.57
N LYS A 256 -23.71 3.69 2.95
CA LYS A 256 -23.60 4.76 1.98
C LYS A 256 -22.15 5.13 1.66
N ILE A 257 -21.89 5.34 0.37
CA ILE A 257 -20.56 5.73 -0.06
C ILE A 257 -20.43 7.23 0.16
N GLN A 258 -20.56 7.63 1.42
CA GLN A 258 -20.46 9.03 1.79
C GLN A 258 -19.19 9.59 1.13
N LYS A 259 -19.29 10.77 0.52
CA LYS A 259 -18.12 11.38 -0.16
C LYS A 259 -16.90 11.29 0.75
N SER A 260 -17.18 11.24 2.04
CA SER A 260 -16.17 11.12 3.08
C SER A 260 -15.26 9.88 2.98
N GLU A 261 -15.85 8.69 2.99
CA GLU A 261 -15.07 7.45 2.93
C GLU A 261 -14.58 7.08 1.53
N LEU A 262 -15.32 7.49 0.50
CA LEU A 262 -14.91 7.17 -0.86
C LEU A 262 -13.54 7.82 -1.10
N ALA A 263 -13.33 9.01 -0.54
CA ALA A 263 -12.06 9.70 -0.71
C ALA A 263 -10.88 8.87 -0.17
N LEU A 264 -11.04 8.34 1.03
CA LEU A 264 -9.98 7.53 1.67
C LEU A 264 -9.61 6.27 0.87
N CYS A 265 -10.59 5.59 0.25
CA CYS A 265 -10.24 4.39 -0.49
C CYS A 265 -9.43 4.75 -1.73
N LEU A 266 -9.80 5.85 -2.37
CA LEU A 266 -9.08 6.30 -3.55
C LEU A 266 -7.79 7.02 -3.11
N GLY A 267 -7.57 7.07 -1.79
CA GLY A 267 -6.39 7.74 -1.25
C GLY A 267 -6.43 9.25 -1.38
N LEU A 268 -7.61 9.84 -1.20
CA LEU A 268 -7.75 11.29 -1.32
C LEU A 268 -8.19 11.87 0.02
N LYS A 269 -8.51 13.15 0.03
CA LYS A 269 -8.91 13.82 1.27
C LYS A 269 -9.94 14.90 1.01
N HIS A 270 -11.20 14.60 1.29
CA HIS A 270 -12.26 15.56 1.05
C HIS A 270 -12.32 16.62 2.15
N LYS A 271 -11.81 17.81 1.84
CA LYS A 271 -11.81 18.92 2.78
C LYS A 271 -13.16 19.63 2.67
N PRO A 272 -14.05 19.42 3.65
CA PRO A 272 -15.39 20.02 3.69
C PRO A 272 -15.40 21.51 4.03
N SER A 3 7.49 1.79 -19.36
CA SER A 3 7.78 3.25 -19.17
C SER A 3 9.22 3.48 -18.69
N ALA A 4 9.45 4.65 -18.10
CA ALA A 4 10.77 5.01 -17.58
C ALA A 4 11.03 4.17 -16.32
N PHE A 5 11.85 4.72 -15.41
CA PHE A 5 12.21 4.02 -14.19
C PHE A 5 11.16 3.99 -13.09
N ALA A 6 11.41 3.14 -12.10
CA ALA A 6 10.57 2.95 -10.93
C ALA A 6 11.30 1.91 -10.06
N ASN A 7 11.21 2.07 -8.75
CA ASN A 7 11.86 1.10 -7.87
C ASN A 7 10.79 0.20 -7.26
N LEU A 8 11.23 -0.96 -6.79
CA LEU A 8 10.35 -1.92 -6.17
C LEU A 8 10.04 -1.43 -4.75
N ASP A 9 8.77 -1.47 -4.37
CA ASP A 9 8.38 -1.12 -3.01
C ASP A 9 8.39 -2.43 -2.18
N ALA A 10 8.43 -2.30 -0.85
CA ALA A 10 8.47 -3.45 0.07
C ALA A 10 7.38 -4.47 -0.28
N ALA A 11 6.18 -3.98 -0.61
CA ALA A 11 5.12 -4.90 -0.95
C ALA A 11 5.42 -5.75 -2.19
N GLY A 12 5.89 -5.10 -3.25
CA GLY A 12 6.21 -5.81 -4.48
C GLY A 12 7.36 -6.79 -4.26
N PHE A 13 8.39 -6.33 -3.56
CA PHE A 13 9.55 -7.16 -3.23
C PHE A 13 9.10 -8.48 -2.59
N LEU A 14 8.16 -8.39 -1.65
CA LEU A 14 7.66 -9.59 -0.98
C LEU A 14 6.92 -10.51 -1.96
N GLN A 15 6.12 -9.94 -2.84
CA GLN A 15 5.35 -10.74 -3.80
C GLN A 15 6.24 -11.59 -4.71
N ILE A 16 7.40 -11.06 -5.08
CA ILE A 16 8.32 -11.80 -5.93
C ILE A 16 9.09 -12.79 -5.06
N TRP A 17 9.49 -12.33 -3.88
CA TRP A 17 10.25 -13.17 -2.95
C TRP A 17 9.63 -14.56 -2.69
N GLN A 18 8.30 -14.59 -2.60
CA GLN A 18 7.54 -15.82 -2.33
C GLN A 18 7.55 -16.82 -3.51
N HIS A 19 7.76 -16.29 -4.71
CA HIS A 19 7.80 -17.07 -5.94
C HIS A 19 9.05 -17.95 -5.87
N PHE A 20 10.09 -17.44 -5.22
CA PHE A 20 11.38 -18.11 -5.09
C PHE A 20 11.71 -18.74 -3.76
N ASP A 21 10.88 -18.47 -2.75
CA ASP A 21 11.10 -19.00 -1.43
C ASP A 21 9.72 -19.28 -0.84
N ALA A 22 9.08 -20.33 -1.36
CA ALA A 22 7.74 -20.68 -0.90
C ALA A 22 7.72 -21.23 0.51
N ASP A 23 8.85 -21.80 0.96
CA ASP A 23 8.90 -22.35 2.31
C ASP A 23 9.18 -21.28 3.36
N ASP A 24 9.37 -20.05 2.89
CA ASP A 24 9.70 -18.91 3.75
C ASP A 24 10.92 -19.22 4.62
N ASN A 25 11.95 -19.80 4.00
CA ASN A 25 13.19 -20.10 4.72
C ASN A 25 13.89 -18.76 5.09
N GLY A 26 13.66 -17.72 4.29
CA GLY A 26 14.28 -16.44 4.60
C GLY A 26 15.45 -16.12 3.68
N TYR A 27 15.63 -16.93 2.65
CA TYR A 27 16.71 -16.69 1.67
C TYR A 27 16.25 -17.19 0.31
N ILE A 28 17.06 -16.87 -0.70
CA ILE A 28 16.85 -17.35 -2.07
C ILE A 28 18.25 -17.51 -2.66
N GLU A 29 18.66 -18.77 -2.79
CA GLU A 29 19.97 -19.13 -3.32
C GLU A 29 20.29 -18.19 -4.49
N GLY A 30 21.56 -17.82 -4.59
CA GLY A 30 22.01 -16.92 -5.65
C GLY A 30 21.51 -17.32 -7.03
N LYS A 31 21.53 -18.62 -7.34
CA LYS A 31 21.05 -19.06 -8.66
C LYS A 31 19.70 -18.42 -9.03
N GLU A 32 18.85 -18.23 -8.02
CA GLU A 32 17.52 -17.65 -8.17
C GLU A 32 17.54 -16.11 -8.33
N LEU A 33 18.69 -15.51 -8.08
CA LEU A 33 18.82 -14.04 -8.16
C LEU A 33 18.52 -13.49 -9.55
N ASP A 34 19.22 -13.98 -10.56
CA ASP A 34 18.98 -13.51 -11.92
C ASP A 34 17.49 -13.61 -12.28
N ASP A 35 16.82 -14.68 -11.89
CA ASP A 35 15.39 -14.82 -12.19
C ASP A 35 14.60 -13.85 -11.31
N PHE A 36 15.10 -13.57 -10.11
CA PHE A 36 14.40 -12.63 -9.22
C PHE A 36 14.29 -11.24 -9.88
N PHE A 37 15.34 -10.86 -10.60
CA PHE A 37 15.35 -9.55 -11.26
C PHE A 37 14.42 -9.47 -12.47
N ARG A 38 14.26 -10.60 -13.17
CA ARG A 38 13.41 -10.67 -14.35
C ARG A 38 11.97 -10.48 -13.91
N HIS A 39 11.63 -11.01 -12.75
CA HIS A 39 10.28 -10.85 -12.20
C HIS A 39 10.08 -9.40 -11.80
N LEU A 41 11.58 -6.73 -13.12
CA LEU A 41 11.46 -5.95 -14.35
C LEU A 41 10.09 -6.11 -15.00
N LYS A 42 9.53 -7.32 -14.96
CA LYS A 42 8.22 -7.54 -15.55
C LYS A 42 7.13 -6.90 -14.68
N LYS A 43 7.36 -6.84 -13.37
CA LYS A 43 6.42 -6.21 -12.46
C LYS A 43 6.44 -4.69 -12.66
N LEU A 44 7.61 -4.13 -12.96
CA LEU A 44 7.75 -2.70 -13.15
C LEU A 44 7.61 -2.28 -14.62
N GLN A 45 7.85 -3.21 -15.54
CA GLN A 45 7.74 -2.94 -16.98
C GLN A 45 6.67 -3.89 -17.53
N PRO A 46 5.40 -3.60 -17.24
CA PRO A 46 4.21 -4.37 -17.64
C PRO A 46 4.13 -4.78 -19.12
N LYS A 47 4.31 -3.79 -20.00
CA LYS A 47 4.23 -4.02 -21.45
C LYS A 47 5.58 -4.00 -22.13
N ASP A 48 6.65 -4.14 -21.36
CA ASP A 48 7.98 -4.13 -21.94
C ASP A 48 8.49 -5.54 -22.18
N LYS A 49 9.35 -5.67 -23.17
CA LYS A 49 9.94 -6.97 -23.51
C LYS A 49 11.36 -7.06 -22.97
N ILE A 50 11.50 -7.78 -21.87
CA ILE A 50 12.79 -7.97 -21.19
C ILE A 50 13.64 -9.08 -21.82
N THR A 51 14.92 -8.78 -22.07
CA THR A 51 15.86 -9.74 -22.65
C THR A 51 16.80 -10.24 -21.56
N ASP A 52 17.68 -11.16 -21.91
CA ASP A 52 18.62 -11.68 -20.92
C ASP A 52 19.76 -10.73 -20.58
N GLU A 53 20.43 -10.17 -21.58
CA GLU A 53 21.53 -9.26 -21.35
C GLU A 53 21.13 -8.09 -20.45
N ARG A 54 19.87 -7.71 -20.54
CA ARG A 54 19.32 -6.61 -19.77
C ARG A 54 19.23 -6.97 -18.29
N VAL A 55 19.42 -8.25 -17.97
CA VAL A 55 19.36 -8.71 -16.59
C VAL A 55 20.64 -8.28 -15.89
N GLN A 56 21.77 -8.80 -16.35
CA GLN A 56 23.08 -8.45 -15.82
C GLN A 56 23.21 -6.94 -15.54
N GLN A 57 23.11 -6.14 -16.59
CA GLN A 57 23.20 -4.68 -16.52
C GLN A 57 22.37 -4.14 -15.31
N ILE A 58 21.05 -4.27 -15.36
CA ILE A 58 20.19 -3.78 -14.27
C ILE A 58 20.53 -4.49 -12.97
N LYS A 59 20.48 -5.83 -12.99
CA LYS A 59 20.83 -6.61 -11.80
C LYS A 59 22.14 -6.06 -11.24
N LYS A 60 23.10 -5.87 -12.13
CA LYS A 60 24.39 -5.36 -11.72
C LYS A 60 24.36 -3.87 -11.48
N SER A 61 23.25 -3.22 -11.81
CA SER A 61 23.14 -1.78 -11.57
C SER A 61 22.61 -1.56 -10.13
N PHE A 62 21.86 -2.53 -9.62
CA PHE A 62 21.26 -2.42 -8.27
C PHE A 62 22.23 -2.68 -7.13
N SER A 64 26.42 -4.25 -6.19
CA SER A 64 27.84 -3.97 -6.38
C SER A 64 28.41 -5.04 -7.32
N ALA A 65 29.60 -4.76 -7.86
CA ALA A 65 30.28 -5.69 -8.77
C ALA A 65 30.50 -7.03 -8.07
N TYR A 66 31.19 -6.98 -6.93
CA TYR A 66 31.48 -8.18 -6.15
C TYR A 66 30.18 -8.93 -5.85
N ASP A 67 29.18 -8.24 -5.34
CA ASP A 67 27.91 -8.89 -5.04
C ASP A 67 27.33 -9.62 -6.27
N ALA A 68 27.66 -9.11 -7.45
CA ALA A 68 27.20 -9.69 -8.70
C ALA A 68 27.74 -11.11 -8.85
N THR A 69 28.82 -11.40 -8.14
CA THR A 69 29.45 -12.71 -8.21
C THR A 69 29.00 -13.68 -7.10
N PHE A 70 28.06 -13.24 -6.25
CA PHE A 70 27.59 -14.09 -5.16
C PHE A 70 26.81 -15.30 -5.66
N ASP A 71 26.80 -16.36 -4.87
CA ASP A 71 26.11 -17.59 -5.25
C ASP A 71 25.67 -18.33 -3.99
N GLY A 72 26.06 -17.79 -2.84
CA GLY A 72 25.68 -18.38 -1.57
C GLY A 72 24.29 -17.90 -1.21
N ARG A 73 23.73 -18.40 -0.10
CA ARG A 73 22.40 -17.98 0.29
C ARG A 73 22.34 -16.47 0.42
N LEU A 74 21.39 -15.85 -0.28
CA LEU A 74 21.19 -14.41 -0.19
C LEU A 74 19.97 -14.25 0.74
N GLN A 75 20.23 -13.75 1.94
CA GLN A 75 19.22 -13.52 2.96
C GLN A 75 18.33 -12.38 2.50
N ILE A 76 17.04 -12.45 2.85
CA ILE A 76 16.10 -11.42 2.42
C ILE A 76 16.61 -10.02 2.79
N GLU A 77 17.16 -9.89 4.00
CA GLU A 77 17.67 -8.60 4.47
C GLU A 77 18.71 -8.02 3.50
N GLU A 78 19.55 -8.89 2.95
CA GLU A 78 20.60 -8.47 2.00
C GLU A 78 20.01 -8.00 0.68
N LEU A 79 19.15 -8.81 0.07
CA LEU A 79 18.55 -8.40 -1.19
C LEU A 79 17.72 -7.12 -0.95
N ALA A 80 17.06 -7.03 0.19
CA ALA A 80 16.27 -5.83 0.50
C ALA A 80 17.22 -4.64 0.63
N ASN A 81 18.35 -4.86 1.29
CA ASN A 81 19.34 -3.81 1.47
C ASN A 81 19.87 -3.26 0.13
N ILE A 83 17.94 -3.58 -3.12
CA ILE A 83 16.80 -3.10 -3.89
C ILE A 83 15.91 -2.04 -3.28
N LEU A 84 15.71 -2.10 -1.96
CA LEU A 84 14.81 -1.16 -1.31
C LEU A 84 15.52 -0.13 -0.44
N PRO A 85 15.14 1.15 -0.59
CA PRO A 85 15.72 2.24 0.21
C PRO A 85 15.35 2.00 1.68
N GLN A 86 16.03 2.68 2.58
CA GLN A 86 15.81 2.54 4.01
C GLN A 86 14.35 2.43 4.45
N GLU A 87 13.54 3.42 4.13
CA GLU A 87 12.14 3.42 4.53
C GLU A 87 11.46 2.11 4.17
N GLU A 88 11.53 1.73 2.90
CA GLU A 88 10.87 0.51 2.45
C GLU A 88 11.47 -0.74 3.08
N ASN A 89 12.79 -0.73 3.30
CA ASN A 89 13.47 -1.86 3.93
C ASN A 89 12.86 -2.00 5.33
N PHE A 90 12.47 -0.86 5.91
CA PHE A 90 11.87 -0.90 7.22
C PHE A 90 10.47 -1.50 7.21
N LEU A 91 9.69 -1.19 6.17
CA LEU A 91 8.33 -1.72 6.07
C LEU A 91 8.29 -3.22 5.72
N LEU A 92 9.15 -3.66 4.80
CA LEU A 92 9.19 -5.08 4.44
C LEU A 92 9.41 -5.92 5.69
N ILE A 93 10.36 -5.45 6.50
CA ILE A 93 10.74 -6.14 7.72
C ILE A 93 9.66 -6.07 8.79
N PHE A 94 9.09 -4.88 8.98
CA PHE A 94 8.04 -4.71 9.98
C PHE A 94 6.84 -5.59 9.67
N ARG A 95 6.46 -5.63 8.39
CA ARG A 95 5.30 -6.41 7.98
C ARG A 95 5.62 -7.92 8.08
N ARG A 96 6.91 -8.27 8.10
CA ARG A 96 7.31 -9.65 8.24
C ARG A 96 7.35 -10.01 9.73
N GLU A 97 7.99 -9.16 10.53
CA GLU A 97 8.07 -9.43 11.96
C GLU A 97 6.87 -9.02 12.82
N ALA A 98 5.89 -8.32 12.25
CA ALA A 98 4.72 -7.92 13.05
C ALA A 98 3.55 -7.76 12.10
N PRO A 99 3.10 -8.89 11.50
CA PRO A 99 1.98 -8.86 10.57
C PRO A 99 0.64 -8.38 11.12
N LEU A 100 0.16 -7.31 10.50
CA LEU A 100 -1.12 -6.68 10.82
C LEU A 100 -1.88 -6.85 9.51
N ASP A 101 -2.77 -7.83 9.50
CA ASP A 101 -3.50 -8.18 8.28
C ASP A 101 -4.96 -7.83 8.22
N ASN A 102 -5.46 -7.08 9.20
CA ASN A 102 -6.88 -6.73 9.21
C ASN A 102 -7.14 -5.26 8.84
N SER A 103 -7.37 -5.01 7.55
CA SER A 103 -7.62 -3.65 7.08
C SER A 103 -8.94 -3.07 7.65
N VAL A 104 -9.99 -3.88 7.64
CA VAL A 104 -11.28 -3.42 8.17
C VAL A 104 -11.08 -2.96 9.61
N GLU A 105 -10.35 -3.76 10.40
CA GLU A 105 -10.08 -3.37 11.79
C GLU A 105 -9.19 -2.12 11.80
N PHE A 106 -8.23 -2.05 10.86
CA PHE A 106 -7.36 -0.88 10.77
C PHE A 106 -8.22 0.37 10.56
N LYS A 108 -11.34 0.84 11.32
CA LYS A 108 -12.11 1.07 12.55
C LYS A 108 -11.30 1.93 13.51
N ILE A 109 -10.02 1.58 13.69
CA ILE A 109 -9.14 2.34 14.59
C ILE A 109 -8.84 3.69 13.92
N TRP A 110 -8.76 3.71 12.59
CA TRP A 110 -8.49 4.98 11.93
C TRP A 110 -9.54 6.01 12.31
N ARG A 111 -10.81 5.60 12.24
CA ARG A 111 -11.92 6.49 12.57
C ARG A 111 -11.67 7.05 13.98
N LYS A 112 -11.57 6.16 14.96
CA LYS A 112 -11.32 6.57 16.34
C LYS A 112 -10.28 7.71 16.47
N TYR A 113 -9.38 7.84 15.50
CA TYR A 113 -8.36 8.89 15.59
C TYR A 113 -8.44 10.03 14.56
N ASP A 114 -9.24 9.84 13.50
CA ASP A 114 -9.44 10.82 12.43
C ASP A 114 -10.94 10.96 12.28
N ALA A 115 -11.56 11.70 13.21
CA ALA A 115 -13.02 11.87 13.22
C ALA A 115 -13.57 12.66 12.04
N ASP A 116 -12.89 13.74 11.68
CA ASP A 116 -13.34 14.57 10.57
C ASP A 116 -12.89 14.09 9.20
N SER A 117 -12.40 12.84 9.15
CA SER A 117 -11.96 12.26 7.90
C SER A 117 -10.95 13.12 7.13
N SER A 118 -9.88 13.54 7.78
CA SER A 118 -8.87 14.37 7.12
C SER A 118 -7.78 13.56 6.44
N GLY A 119 -7.59 12.32 6.90
CA GLY A 119 -6.57 11.47 6.34
C GLY A 119 -5.25 11.69 7.10
N TYR A 120 -5.38 12.20 8.32
CA TYR A 120 -4.25 12.47 9.19
C TYR A 120 -4.59 12.21 10.64
N ILE A 121 -3.65 11.62 11.40
CA ILE A 121 -3.85 11.52 12.84
C ILE A 121 -2.72 12.40 13.40
N SER A 122 -2.77 12.66 14.69
CA SER A 122 -1.74 13.47 15.31
C SER A 122 -0.54 12.56 15.51
N ALA A 123 0.62 13.03 15.06
CA ALA A 123 1.84 12.25 15.20
C ALA A 123 2.13 12.03 16.68
N ALA A 124 1.50 12.83 17.55
CA ALA A 124 1.69 12.70 19.00
C ALA A 124 0.89 11.52 19.56
N GLU A 125 -0.06 11.03 18.77
CA GLU A 125 -0.92 9.92 19.19
C GLU A 125 -0.53 8.55 18.60
N LEU A 126 0.56 8.48 17.84
CA LEU A 126 0.93 7.23 17.19
C LEU A 126 1.01 5.95 18.05
N LYS A 127 1.53 6.05 19.27
CA LYS A 127 1.62 4.87 20.13
C LYS A 127 0.22 4.32 20.51
N ASN A 128 -0.71 5.21 20.85
CA ASN A 128 -2.07 4.80 21.20
C ASN A 128 -2.72 4.14 20.00
N PHE A 129 -2.52 4.74 18.84
CA PHE A 129 -3.08 4.19 17.62
C PHE A 129 -2.47 2.78 17.43
N LEU A 130 -1.15 2.67 17.54
CA LEU A 130 -0.49 1.37 17.36
C LEU A 130 -0.93 0.39 18.44
N LYS A 131 -1.12 0.90 19.65
CA LYS A 131 -1.57 0.07 20.77
C LYS A 131 -2.91 -0.56 20.43
N ASP A 132 -3.84 0.28 19.96
CA ASP A 132 -5.17 -0.20 19.58
C ASP A 132 -5.07 -1.16 18.42
N LEU A 133 -4.21 -0.85 17.47
CA LEU A 133 -4.02 -1.72 16.31
C LEU A 133 -3.43 -3.07 16.75
N PHE A 134 -2.42 -3.08 17.62
CA PHE A 134 -1.89 -4.37 18.04
C PHE A 134 -2.92 -5.14 18.85
N LEU A 135 -3.61 -4.44 19.75
CA LEU A 135 -4.62 -5.07 20.57
C LEU A 135 -5.71 -5.66 19.70
N GLN A 136 -6.13 -4.90 18.67
CA GLN A 136 -7.21 -5.33 17.78
C GLN A 136 -6.89 -6.47 16.84
N HIS A 137 -5.61 -6.74 16.60
CA HIS A 137 -5.20 -7.88 15.77
C HIS A 137 -4.96 -9.10 16.67
N LYS A 138 -5.19 -8.93 17.97
CA LYS A 138 -4.99 -10.02 18.93
C LYS A 138 -3.53 -10.47 18.92
N LYS A 139 -2.63 -9.50 19.00
CA LYS A 139 -1.19 -9.75 18.99
C LYS A 139 -0.60 -8.95 20.12
N LYS A 140 0.03 -9.64 21.06
CA LYS A 140 0.68 -8.98 22.20
C LYS A 140 2.16 -8.89 21.90
N ILE A 141 2.67 -7.68 21.73
CA ILE A 141 4.09 -7.53 21.43
C ILE A 141 4.84 -6.90 22.60
N PRO A 142 6.20 -6.94 22.56
CA PRO A 142 7.02 -6.36 23.63
C PRO A 142 6.91 -4.83 23.63
N PRO A 143 6.63 -4.23 24.80
CA PRO A 143 6.51 -2.77 24.89
C PRO A 143 7.66 -1.99 24.23
N ASN A 144 8.90 -2.36 24.54
CA ASN A 144 10.04 -1.67 23.94
C ASN A 144 10.00 -1.73 22.42
N LYS A 145 9.59 -2.86 21.87
CA LYS A 145 9.48 -2.98 20.41
C LYS A 145 8.39 -2.01 19.92
N LEU A 146 7.41 -1.78 20.80
CA LEU A 146 6.32 -0.87 20.49
C LEU A 146 6.92 0.55 20.40
N ASP A 147 7.87 0.81 21.28
CA ASP A 147 8.57 2.09 21.33
C ASP A 147 9.36 2.27 20.03
N GLU A 148 10.27 1.34 19.77
CA GLU A 148 11.10 1.37 18.56
C GLU A 148 10.25 1.57 17.31
N TYR A 149 9.14 0.84 17.24
CA TYR A 149 8.23 0.92 16.14
C TYR A 149 7.62 2.31 16.08
N THR A 150 7.08 2.78 17.19
CA THR A 150 6.47 4.11 17.23
C THR A 150 7.50 5.17 16.81
N ASP A 151 8.68 5.11 17.42
CA ASP A 151 9.75 6.04 17.16
C ASP A 151 10.34 5.96 15.77
N ALA A 152 10.44 4.76 15.23
CA ALA A 152 10.97 4.62 13.87
C ALA A 152 9.97 5.13 12.84
N LYS A 155 10.27 8.75 12.07
CA LYS A 155 11.41 9.09 11.22
C LYS A 155 11.05 9.08 9.75
N ILE A 156 10.35 8.04 9.32
CA ILE A 156 9.99 7.94 7.92
C ILE A 156 8.63 8.50 7.53
N PHE A 157 7.75 8.70 8.52
CA PHE A 157 6.40 9.18 8.26
C PHE A 157 6.12 10.65 8.49
N ASP A 158 6.59 11.19 9.62
CA ASP A 158 6.37 12.60 9.92
C ASP A 158 7.50 13.40 9.28
N LYS A 159 7.42 13.60 7.97
CA LYS A 159 8.45 14.34 7.25
C LYS A 159 7.99 15.76 7.02
N ASN A 160 6.68 15.96 7.04
CA ASN A 160 6.13 17.28 6.88
C ASN A 160 6.25 17.89 8.27
N LYS A 161 6.58 17.02 9.22
CA LYS A 161 6.75 17.37 10.63
C LYS A 161 5.71 18.29 11.25
N ASP A 162 4.61 18.51 10.53
CA ASP A 162 3.53 19.34 11.03
C ASP A 162 2.88 18.68 12.24
N GLY A 163 3.34 17.48 12.59
CA GLY A 163 2.79 16.78 13.74
C GLY A 163 1.51 16.03 13.44
N ARG A 164 1.23 15.82 12.16
CA ARG A 164 0.06 15.07 11.73
C ARG A 164 0.59 13.95 10.83
N LEU A 165 0.13 12.72 11.05
CA LEU A 165 0.59 11.60 10.21
C LEU A 165 -0.50 11.32 9.17
N ASP A 166 -0.07 10.97 7.97
CA ASP A 166 -0.98 10.73 6.84
C ASP A 166 -1.40 9.27 6.72
N LEU A 167 -2.67 9.05 6.37
CA LEU A 167 -3.23 7.71 6.18
C LEU A 167 -2.50 6.98 5.03
N ASN A 168 -2.14 7.72 3.98
CA ASN A 168 -1.43 7.10 2.84
C ASN A 168 -0.09 6.51 3.27
N ASP A 169 0.41 6.95 4.43
CA ASP A 169 1.65 6.39 4.95
C ASP A 169 1.35 5.25 5.94
N LEU A 170 0.55 5.54 6.98
CA LEU A 170 0.28 4.54 8.00
C LEU A 170 -0.41 3.27 7.50
N ALA A 171 -1.30 3.39 6.51
CA ALA A 171 -1.97 2.23 5.94
C ALA A 171 -0.93 1.23 5.43
N ARG A 172 0.23 1.74 5.03
CA ARG A 172 1.28 0.89 4.51
C ARG A 172 1.93 -0.05 5.52
N ILE A 173 1.63 0.08 6.81
CA ILE A 173 2.27 -0.82 7.79
C ILE A 173 1.56 -2.17 7.87
N LEU A 174 0.46 -2.33 7.13
CA LEU A 174 -0.29 -3.58 7.13
C LEU A 174 0.40 -4.64 6.27
N ALA A 175 0.51 -5.86 6.83
CA ALA A 175 1.12 -7.01 6.15
C ALA A 175 0.08 -7.62 5.22
N LEU A 176 0.09 -7.16 3.97
CA LEU A 176 -0.83 -7.61 2.95
C LEU A 176 -0.04 -7.80 1.64
N GLN A 177 -0.28 -8.90 0.93
CA GLN A 177 0.42 -9.11 -0.34
C GLN A 177 0.05 -7.95 -1.25
N GLU A 178 -1.23 -7.58 -1.21
CA GLU A 178 -1.78 -6.47 -1.98
C GLU A 178 -2.80 -5.77 -1.07
N ASN A 179 -2.55 -4.49 -0.78
CA ASN A 179 -3.39 -3.70 0.10
C ASN A 179 -4.62 -3.14 -0.61
N PHE A 180 -5.79 -3.43 -0.03
CA PHE A 180 -7.08 -2.98 -0.57
C PHE A 180 -7.09 -1.50 -0.87
N LEU A 181 -6.08 -0.79 -0.38
CA LEU A 181 -6.00 0.66 -0.58
C LEU A 181 -4.90 1.09 -1.53
N LEU A 182 -3.69 1.16 -1.00
CA LEU A 182 -2.53 1.56 -1.76
C LEU A 182 -2.32 0.64 -2.95
N GLN A 183 -3.07 0.90 -4.01
CA GLN A 183 -3.00 0.13 -5.24
C GLN A 183 -3.03 1.09 -6.44
N PHE A 184 -2.96 2.38 -6.14
CA PHE A 184 -2.99 3.42 -7.18
C PHE A 184 -1.64 4.14 -7.28
N LYS A 185 -1.20 4.42 -8.50
CA LYS A 185 0.07 5.10 -8.74
C LYS A 185 0.10 6.45 -8.03
N ASP A 187 2.38 9.40 -9.01
CA ASP A 187 3.24 10.39 -9.66
C ASP A 187 2.84 11.77 -9.15
N ALA A 188 3.68 12.77 -9.38
CA ALA A 188 3.37 14.12 -8.90
C ALA A 188 2.07 14.64 -9.52
N SER A 189 2.16 15.20 -10.73
CA SER A 189 0.99 15.74 -11.42
C SER A 189 -0.19 14.76 -11.42
N SER A 190 0.13 13.48 -11.35
CA SER A 190 -0.85 12.40 -11.33
C SER A 190 -1.87 12.58 -10.21
N GLN A 191 -1.42 12.33 -8.98
CA GLN A 191 -2.25 12.45 -7.78
C GLN A 191 -3.24 13.61 -7.85
N VAL A 192 -2.79 14.79 -8.24
CA VAL A 192 -3.71 15.93 -8.30
C VAL A 192 -4.81 15.63 -9.30
N GLU A 193 -4.48 14.91 -10.37
CA GLU A 193 -5.48 14.60 -11.37
C GLU A 193 -6.56 13.63 -10.88
N ARG A 194 -6.14 12.59 -10.15
CA ARG A 194 -7.09 11.61 -9.64
C ARG A 194 -8.21 12.28 -8.84
N LYS A 195 -7.88 13.31 -8.07
CA LYS A 195 -8.92 13.99 -7.30
C LYS A 195 -9.83 14.74 -8.27
N ARG A 196 -9.23 15.29 -9.34
CA ARG A 196 -9.99 16.02 -10.35
C ARG A 196 -10.96 15.03 -10.98
N ASP A 197 -10.52 13.80 -11.16
CA ASP A 197 -11.39 12.77 -11.74
C ASP A 197 -12.48 12.45 -10.71
N PHE A 198 -12.07 12.29 -9.46
CA PHE A 198 -12.99 12.00 -8.36
C PHE A 198 -14.09 13.08 -8.19
N GLU A 199 -13.68 14.31 -7.86
CA GLU A 199 -14.66 15.40 -7.65
C GLU A 199 -15.75 15.44 -8.73
N LYS A 200 -15.33 15.47 -9.99
CA LYS A 200 -16.26 15.56 -11.10
C LYS A 200 -17.04 14.28 -11.34
N ILE A 201 -16.44 13.13 -11.03
CA ILE A 201 -17.14 11.90 -11.26
C ILE A 201 -18.16 11.62 -10.16
N PHE A 202 -17.82 12.05 -8.95
CA PHE A 202 -18.71 11.90 -7.82
C PHE A 202 -19.88 12.90 -7.99
N ALA A 203 -19.56 14.10 -8.50
CA ALA A 203 -20.57 15.15 -8.72
C ALA A 203 -21.62 14.62 -9.65
N HIS A 204 -21.16 13.99 -10.74
CA HIS A 204 -22.03 13.39 -11.74
C HIS A 204 -23.06 12.48 -11.08
N TYR A 205 -22.60 11.62 -10.17
CA TYR A 205 -23.49 10.69 -9.47
C TYR A 205 -24.15 11.29 -8.21
N ASP A 206 -23.48 12.21 -7.51
CA ASP A 206 -24.12 12.79 -6.31
C ASP A 206 -25.26 13.78 -6.67
N VAL A 207 -26.22 13.33 -7.49
CA VAL A 207 -27.32 14.19 -7.93
C VAL A 207 -28.21 14.73 -6.80
N SER A 208 -28.26 14.00 -5.70
CA SER A 208 -29.04 14.38 -4.55
C SER A 208 -28.24 15.28 -3.62
N ARG A 209 -26.99 15.54 -4.00
CA ARG A 209 -26.12 16.41 -3.22
C ARG A 209 -26.22 16.13 -1.70
N THR A 210 -26.29 14.84 -1.38
CA THR A 210 -26.36 14.35 0.00
C THR A 210 -24.96 13.98 0.45
N GLY A 211 -24.11 13.63 -0.51
CA GLY A 211 -22.75 13.23 -0.21
C GLY A 211 -22.52 11.72 -0.17
N ALA A 212 -23.44 10.95 -0.74
CA ALA A 212 -23.32 9.49 -0.76
C ALA A 212 -23.95 8.91 -2.04
N LEU A 213 -23.62 7.66 -2.35
CA LEU A 213 -24.12 6.94 -3.53
C LEU A 213 -24.59 5.54 -3.11
N GLU A 214 -25.05 4.75 -4.07
CA GLU A 214 -25.51 3.38 -3.76
C GLU A 214 -25.96 2.69 -5.04
N GLY A 215 -26.54 1.50 -4.89
CA GLY A 215 -27.01 0.74 -6.03
C GLY A 215 -26.41 1.27 -7.33
N PRO A 216 -27.25 1.73 -8.27
CA PRO A 216 -26.73 2.26 -9.53
C PRO A 216 -25.62 3.29 -9.39
N GLU A 217 -25.80 4.27 -8.50
CA GLU A 217 -24.79 5.31 -8.29
C GLU A 217 -23.40 4.75 -7.97
N VAL A 218 -23.30 3.96 -6.88
CA VAL A 218 -22.04 3.36 -6.45
C VAL A 218 -21.33 2.54 -7.53
N ASP A 219 -22.09 1.72 -8.25
CA ASP A 219 -21.48 0.90 -9.28
C ASP A 219 -21.11 1.75 -10.48
N GLY A 220 -21.97 2.73 -10.79
CA GLY A 220 -21.71 3.61 -11.91
C GLY A 220 -20.47 4.45 -11.68
N PHE A 221 -20.19 4.76 -10.42
CA PHE A 221 -19.04 5.57 -10.06
C PHE A 221 -17.77 4.76 -10.15
N VAL A 222 -17.79 3.56 -9.57
CA VAL A 222 -16.61 2.72 -9.61
C VAL A 222 -16.29 2.44 -11.06
N LYS A 223 -17.29 1.96 -11.79
CA LYS A 223 -17.07 1.66 -13.19
C LYS A 223 -16.33 2.78 -13.93
N ASP A 224 -16.86 3.99 -13.88
CA ASP A 224 -16.24 5.12 -14.62
C ASP A 224 -14.91 5.61 -14.03
N GLU A 227 -12.42 2.43 -15.03
CA GLU A 227 -12.16 2.14 -16.44
C GLU A 227 -11.18 3.12 -17.09
N LEU A 228 -10.97 4.25 -16.43
CA LEU A 228 -10.04 5.26 -16.92
C LEU A 228 -8.73 5.15 -16.13
N VAL A 229 -8.83 4.85 -14.83
CA VAL A 229 -7.64 4.70 -13.97
C VAL A 229 -6.99 3.35 -14.19
N ARG A 230 -7.81 2.38 -14.60
CA ARG A 230 -7.38 1.02 -14.85
C ARG A 230 -8.04 0.65 -16.18
N PRO A 231 -7.60 1.28 -17.28
CA PRO A 231 -8.18 1.00 -18.60
C PRO A 231 -8.37 -0.49 -18.88
N SER A 232 -9.56 -0.82 -19.40
CA SER A 232 -9.92 -2.19 -19.75
C SER A 232 -9.96 -3.12 -18.54
N ILE A 233 -10.69 -2.69 -17.51
CA ILE A 233 -10.84 -3.46 -16.28
C ILE A 233 -12.06 -4.40 -16.34
N SER A 234 -11.83 -5.69 -16.10
CA SER A 234 -12.89 -6.70 -16.13
C SER A 234 -14.09 -6.39 -15.24
N GLY A 235 -15.26 -6.81 -15.69
CA GLY A 235 -16.46 -6.60 -14.90
C GLY A 235 -16.19 -7.20 -13.53
N GLY A 236 -15.52 -8.35 -13.53
CA GLY A 236 -15.19 -9.03 -12.29
C GLY A 236 -14.41 -8.17 -11.31
N ASP A 237 -13.38 -7.50 -11.80
CA ASP A 237 -12.57 -6.65 -10.94
C ASP A 237 -13.34 -5.42 -10.46
N LEU A 238 -14.40 -5.07 -11.19
CA LEU A 238 -15.23 -3.94 -10.83
C LEU A 238 -16.13 -4.36 -9.65
N ASP A 239 -16.36 -5.66 -9.49
CA ASP A 239 -17.17 -6.16 -8.38
C ASP A 239 -16.30 -6.10 -7.12
N LYS A 240 -15.03 -6.44 -7.28
CA LYS A 240 -14.07 -6.41 -6.19
C LYS A 240 -13.97 -5.03 -5.55
N PHE A 241 -13.81 -4.02 -6.40
CA PHE A 241 -13.70 -2.66 -5.91
C PHE A 241 -15.02 -2.33 -5.20
N ARG A 242 -16.12 -2.83 -5.74
CA ARG A 242 -17.41 -2.58 -5.11
C ARG A 242 -17.41 -3.22 -3.73
N GLU A 243 -17.12 -4.53 -3.69
CA GLU A 243 -17.06 -5.27 -2.43
C GLU A 243 -16.06 -4.63 -1.46
N CYS A 244 -14.84 -4.37 -1.94
CA CYS A 244 -13.83 -3.75 -1.08
C CYS A 244 -14.45 -2.50 -0.44
N LEU A 245 -15.29 -1.80 -1.19
CA LEU A 245 -15.93 -0.62 -0.66
C LEU A 245 -16.97 -0.95 0.40
N LEU A 246 -18.03 -1.65 0.00
CA LEU A 246 -19.08 -2.02 0.94
C LEU A 246 -18.51 -2.75 2.14
N THR A 247 -17.31 -3.28 2.00
CA THR A 247 -16.64 -4.00 3.07
C THR A 247 -16.00 -3.03 4.08
N HIS A 248 -15.56 -1.88 3.60
CA HIS A 248 -14.89 -0.91 4.47
C HIS A 248 -15.59 0.46 4.67
N CYS A 249 -16.37 0.91 3.70
CA CYS A 249 -17.01 2.21 3.81
C CYS A 249 -18.54 2.22 4.01
N ASP A 250 -19.15 1.05 4.16
CA ASP A 250 -20.60 0.99 4.37
C ASP A 250 -20.81 1.05 5.89
N ASN A 252 -23.09 2.76 8.38
CA ASN A 252 -24.39 2.38 8.93
C ASN A 252 -25.07 1.62 7.80
N LYS A 253 -25.93 0.67 8.14
CA LYS A 253 -26.63 -0.14 7.14
C LYS A 253 -27.28 0.67 6.00
N ASP A 254 -27.09 1.98 5.99
CA ASP A 254 -27.68 2.82 4.94
C ASP A 254 -27.39 2.27 3.54
N GLY A 255 -26.22 1.66 3.37
CA GLY A 255 -25.85 1.11 2.08
C GLY A 255 -25.25 2.23 1.23
N LYS A 256 -25.07 3.38 1.87
CA LYS A 256 -24.51 4.53 1.20
C LYS A 256 -23.03 4.56 1.48
N ILE A 257 -22.33 5.33 0.66
CA ILE A 257 -20.90 5.51 0.80
C ILE A 257 -20.63 7.00 0.79
N GLN A 258 -20.09 7.53 1.89
CA GLN A 258 -19.80 8.95 1.99
C GLN A 258 -18.70 9.39 1.00
N LYS A 259 -18.55 10.69 0.83
CA LYS A 259 -17.53 11.23 -0.10
C LYS A 259 -16.09 11.12 0.44
N SER A 260 -15.84 11.76 1.59
CA SER A 260 -14.51 11.74 2.18
C SER A 260 -14.00 10.31 2.44
N GLU A 261 -14.87 9.42 2.88
CA GLU A 261 -14.44 8.04 3.13
C GLU A 261 -14.18 7.38 1.77
N LEU A 262 -14.85 7.89 0.74
CA LEU A 262 -14.70 7.35 -0.59
C LEU A 262 -13.37 7.90 -1.15
N ALA A 263 -13.12 9.18 -0.92
CA ALA A 263 -11.88 9.78 -1.41
C ALA A 263 -10.66 9.13 -0.72
N LEU A 264 -10.74 8.97 0.60
CA LEU A 264 -9.63 8.38 1.34
C LEU A 264 -9.20 6.96 0.96
N CYS A 265 -9.59 6.48 -0.23
CA CYS A 265 -9.23 5.13 -0.71
C CYS A 265 -8.07 5.22 -1.74
N LEU A 266 -8.32 5.95 -2.84
CA LEU A 266 -7.32 6.19 -3.88
C LEU A 266 -6.42 7.35 -3.42
N GLY A 267 -6.09 7.33 -2.14
CA GLY A 267 -5.23 8.35 -1.58
C GLY A 267 -5.76 9.76 -1.63
N LEU A 268 -6.88 9.93 -2.33
CA LEU A 268 -7.52 11.24 -2.46
C LEU A 268 -8.12 11.64 -1.12
N LYS A 269 -8.31 12.95 -0.89
CA LYS A 269 -8.89 13.46 0.39
C LYS A 269 -10.02 14.47 0.20
N HIS A 270 -11.04 14.40 1.05
CA HIS A 270 -12.15 15.33 0.97
C HIS A 270 -12.21 16.23 2.20
N LYS A 271 -11.62 17.42 2.07
CA LYS A 271 -11.57 18.39 3.15
C LYS A 271 -12.65 19.44 2.94
N PRO A 272 -13.60 19.54 3.89
CA PRO A 272 -14.70 20.52 3.79
C PRO A 272 -14.25 21.95 4.11
N SER A 3 7.51 4.48 -17.91
CA SER A 3 8.51 5.32 -18.64
C SER A 3 9.61 5.81 -17.71
N ALA A 4 9.23 6.45 -16.60
CA ALA A 4 10.21 6.94 -15.64
C ALA A 4 10.75 5.80 -14.80
N PHE A 5 11.96 5.98 -14.26
CA PHE A 5 12.53 4.97 -13.40
C PHE A 5 11.51 4.67 -12.31
N ALA A 6 11.19 3.38 -12.13
CA ALA A 6 10.24 2.96 -11.13
C ALA A 6 10.93 1.95 -10.18
N ASN A 7 10.85 2.22 -8.89
CA ASN A 7 11.46 1.31 -7.93
C ASN A 7 10.45 0.37 -7.32
N LEU A 8 10.90 -0.86 -7.12
CA LEU A 8 10.12 -1.92 -6.50
C LEU A 8 9.80 -1.52 -5.05
N ASP A 9 8.55 -1.62 -4.62
CA ASP A 9 8.20 -1.34 -3.23
C ASP A 9 8.26 -2.68 -2.44
N ALA A 10 8.06 -2.62 -1.12
CA ALA A 10 8.10 -3.82 -0.28
C ALA A 10 7.02 -4.82 -0.69
N ALA A 11 5.83 -4.33 -1.01
CA ALA A 11 4.76 -5.23 -1.42
C ALA A 11 5.19 -6.05 -2.64
N GLY A 12 5.61 -5.35 -3.70
CA GLY A 12 6.07 -6.01 -4.91
C GLY A 12 7.29 -6.91 -4.68
N PHE A 13 8.18 -6.46 -3.80
CA PHE A 13 9.37 -7.23 -3.44
C PHE A 13 8.94 -8.55 -2.78
N LEU A 14 8.04 -8.46 -1.80
CA LEU A 14 7.58 -9.66 -1.11
C LEU A 14 6.86 -10.67 -2.01
N GLN A 15 6.02 -10.19 -2.94
CA GLN A 15 5.31 -11.10 -3.82
C GLN A 15 6.29 -11.97 -4.60
N ILE A 16 7.29 -11.33 -5.19
CA ILE A 16 8.32 -12.02 -5.96
C ILE A 16 9.17 -12.89 -5.04
N TRP A 17 9.49 -12.37 -3.86
CA TRP A 17 10.31 -13.13 -2.93
C TRP A 17 9.63 -14.44 -2.50
N GLN A 18 8.33 -14.39 -2.30
CA GLN A 18 7.56 -15.54 -1.87
C GLN A 18 7.53 -16.66 -2.90
N HIS A 19 7.64 -16.31 -4.19
CA HIS A 19 7.64 -17.29 -5.25
C HIS A 19 8.90 -18.14 -5.12
N PHE A 20 10.03 -17.47 -4.97
CA PHE A 20 11.33 -18.12 -4.85
C PHE A 20 11.62 -18.70 -3.48
N ASP A 21 10.85 -18.28 -2.49
CA ASP A 21 11.03 -18.71 -1.12
C ASP A 21 9.60 -19.05 -0.69
N ALA A 22 8.94 -19.89 -1.49
CA ALA A 22 7.57 -20.30 -1.26
C ALA A 22 7.34 -20.79 0.16
N ASP A 23 8.33 -21.46 0.73
CA ASP A 23 8.24 -21.99 2.09
C ASP A 23 8.61 -20.95 3.14
N ASP A 24 8.87 -19.74 2.65
CA ASP A 24 9.25 -18.61 3.48
C ASP A 24 10.50 -18.87 4.31
N ASN A 25 11.52 -19.44 3.66
CA ASN A 25 12.82 -19.74 4.31
C ASN A 25 13.51 -18.47 4.87
N GLY A 26 13.28 -17.32 4.25
CA GLY A 26 13.96 -16.11 4.73
C GLY A 26 15.30 -15.94 4.01
N TYR A 27 15.53 -16.79 3.01
CA TYR A 27 16.74 -16.73 2.19
C TYR A 27 16.49 -17.39 0.87
N ILE A 28 17.27 -16.98 -0.15
CA ILE A 28 17.21 -17.59 -1.47
C ILE A 28 18.64 -17.87 -1.92
N GLU A 29 18.77 -18.66 -2.99
CA GLU A 29 20.07 -19.02 -3.53
C GLU A 29 20.48 -18.03 -4.61
N GLY A 30 21.79 -17.91 -4.80
CA GLY A 30 22.33 -17.01 -5.81
C GLY A 30 21.82 -17.36 -7.20
N LYS A 31 21.49 -18.62 -7.45
CA LYS A 31 20.98 -18.99 -8.79
C LYS A 31 19.54 -18.51 -9.02
N GLU A 32 18.83 -18.22 -7.92
CA GLU A 32 17.45 -17.74 -7.95
C GLU A 32 17.44 -16.21 -8.16
N LEU A 33 18.46 -15.56 -7.59
CA LEU A 33 18.61 -14.12 -7.64
C LEU A 33 18.60 -13.55 -9.04
N ASP A 34 18.80 -14.42 -10.04
CA ASP A 34 18.77 -13.96 -11.41
C ASP A 34 17.31 -13.68 -11.80
N ASP A 35 16.54 -14.75 -12.01
CA ASP A 35 15.13 -14.66 -12.40
C ASP A 35 14.34 -13.75 -11.45
N PHE A 36 14.86 -13.50 -10.26
CA PHE A 36 14.18 -12.59 -9.34
C PHE A 36 14.14 -11.22 -10.03
N PHE A 37 15.27 -10.84 -10.64
CA PHE A 37 15.35 -9.56 -11.35
C PHE A 37 14.50 -9.51 -12.61
N ARG A 38 14.44 -10.63 -13.33
CA ARG A 38 13.64 -10.71 -14.55
C ARG A 38 12.19 -10.55 -14.10
N HIS A 39 11.86 -11.12 -12.93
CA HIS A 39 10.51 -10.99 -12.38
C HIS A 39 10.23 -9.51 -12.14
N LEU A 41 11.55 -6.76 -13.31
CA LEU A 41 11.43 -5.98 -14.54
C LEU A 41 10.05 -6.16 -15.18
N LYS A 42 9.47 -7.35 -15.03
CA LYS A 42 8.14 -7.60 -15.59
C LYS A 42 7.08 -6.91 -14.72
N LYS A 43 7.33 -6.81 -13.41
CA LYS A 43 6.39 -6.16 -12.51
C LYS A 43 6.43 -4.63 -12.68
N LEU A 44 7.64 -4.07 -12.77
CA LEU A 44 7.81 -2.63 -12.92
C LEU A 44 7.61 -2.10 -14.35
N GLN A 45 7.90 -2.95 -15.34
CA GLN A 45 7.75 -2.59 -16.75
C GLN A 45 6.85 -3.65 -17.40
N PRO A 46 5.55 -3.61 -17.09
CA PRO A 46 4.47 -4.50 -17.53
C PRO A 46 4.36 -4.86 -19.02
N LYS A 47 4.58 -3.86 -19.89
CA LYS A 47 4.46 -4.06 -21.32
C LYS A 47 5.79 -4.03 -22.06
N ASP A 48 6.88 -4.21 -21.32
CA ASP A 48 8.20 -4.21 -21.93
C ASP A 48 8.68 -5.64 -22.19
N LYS A 49 9.57 -5.78 -23.17
CA LYS A 49 10.12 -7.07 -23.57
C LYS A 49 11.57 -7.18 -23.10
N ILE A 50 11.81 -8.04 -22.11
CA ILE A 50 13.12 -8.27 -21.50
C ILE A 50 14.10 -9.04 -22.39
N THR A 51 15.26 -9.40 -21.83
CA THR A 51 16.33 -10.15 -22.50
C THR A 51 17.38 -10.46 -21.45
N ASP A 52 18.15 -11.53 -21.65
CA ASP A 52 19.19 -11.89 -20.68
C ASP A 52 20.12 -10.68 -20.50
N GLU A 53 20.55 -10.10 -21.61
CA GLU A 53 21.43 -8.95 -21.58
C GLU A 53 20.87 -7.87 -20.64
N ARG A 54 19.55 -7.68 -20.71
CA ARG A 54 18.88 -6.69 -19.89
C ARG A 54 18.89 -7.04 -18.40
N VAL A 55 18.44 -8.25 -18.07
CA VAL A 55 18.38 -8.72 -16.69
C VAL A 55 19.76 -8.53 -16.05
N GLN A 56 20.81 -8.95 -16.76
CA GLN A 56 22.17 -8.79 -16.23
C GLN A 56 22.51 -7.31 -16.02
N GLN A 57 22.17 -6.47 -16.98
CA GLN A 57 22.45 -5.05 -16.83
C GLN A 57 21.68 -4.48 -15.60
N ILE A 58 20.43 -4.88 -15.42
CA ILE A 58 19.67 -4.34 -14.30
C ILE A 58 20.16 -4.88 -12.97
N LYS A 59 20.47 -6.18 -12.91
CA LYS A 59 20.97 -6.76 -11.67
C LYS A 59 22.29 -6.08 -11.26
N LYS A 60 23.16 -5.83 -12.25
CA LYS A 60 24.44 -5.20 -11.95
C LYS A 60 24.29 -3.75 -11.55
N SER A 61 23.19 -3.13 -11.93
CA SER A 61 23.00 -1.72 -11.57
C SER A 61 22.52 -1.58 -10.11
N PHE A 62 22.08 -2.68 -9.49
CA PHE A 62 21.58 -2.66 -8.11
C PHE A 62 22.58 -3.14 -7.06
N SER A 64 26.93 -4.40 -6.01
CA SER A 64 28.36 -4.35 -6.24
C SER A 64 28.66 -5.43 -7.28
N ALA A 65 29.83 -5.36 -7.88
CA ALA A 65 30.27 -6.35 -8.87
C ALA A 65 30.44 -7.69 -8.14
N TYR A 66 30.65 -7.62 -6.84
CA TYR A 66 30.86 -8.82 -6.03
C TYR A 66 29.54 -9.52 -5.76
N ASP A 67 28.48 -8.73 -5.56
CA ASP A 67 27.17 -9.31 -5.30
C ASP A 67 26.64 -9.97 -6.58
N ALA A 68 26.77 -9.26 -7.69
CA ALA A 68 26.30 -9.70 -9.00
C ALA A 68 26.67 -11.16 -9.28
N THR A 69 27.97 -11.45 -9.15
CA THR A 69 28.49 -12.79 -9.38
C THR A 69 28.85 -13.46 -8.06
N PHE A 70 27.96 -13.32 -7.06
CA PHE A 70 28.18 -13.93 -5.75
C PHE A 70 27.47 -15.28 -5.74
N ASP A 71 28.11 -16.29 -5.17
CA ASP A 71 27.52 -17.63 -5.13
C ASP A 71 27.27 -18.11 -3.70
N GLY A 72 25.99 -18.31 -3.35
CA GLY A 72 25.67 -18.79 -2.02
C GLY A 72 24.24 -18.49 -1.55
N ARG A 73 24.08 -18.28 -0.25
CA ARG A 73 22.78 -17.98 0.31
C ARG A 73 22.68 -16.51 0.71
N LEU A 74 21.54 -15.89 0.37
CA LEU A 74 21.29 -14.49 0.67
C LEU A 74 20.00 -14.36 1.50
N GLN A 75 20.11 -13.79 2.70
CA GLN A 75 18.95 -13.59 3.59
C GLN A 75 18.04 -12.57 2.93
N ILE A 76 16.73 -12.66 3.21
CA ILE A 76 15.79 -11.75 2.60
C ILE A 76 16.18 -10.30 2.92
N GLU A 77 16.71 -10.06 4.12
CA GLU A 77 17.09 -8.71 4.52
C GLU A 77 18.37 -8.29 3.83
N GLU A 78 19.24 -9.25 3.55
CA GLU A 78 20.48 -8.94 2.89
C GLU A 78 20.19 -8.50 1.46
N LEU A 79 19.17 -9.07 0.81
CA LEU A 79 18.84 -8.65 -0.55
C LEU A 79 18.10 -7.31 -0.48
N ALA A 80 17.14 -7.20 0.41
CA ALA A 80 16.40 -5.94 0.55
C ALA A 80 17.34 -4.76 0.82
N ASN A 81 18.44 -5.01 1.54
CA ASN A 81 19.38 -3.94 1.83
C ASN A 81 20.06 -3.41 0.56
N ILE A 83 18.34 -3.53 -2.63
CA ILE A 83 17.32 -3.18 -3.60
C ILE A 83 16.23 -2.18 -3.20
N LEU A 84 15.94 -2.03 -1.92
CA LEU A 84 14.87 -1.12 -1.52
C LEU A 84 15.27 0.19 -0.89
N PRO A 85 14.44 1.22 -1.05
CA PRO A 85 14.80 2.48 -0.41
C PRO A 85 14.46 2.22 1.08
N GLN A 86 15.09 2.93 1.99
CA GLN A 86 14.90 2.75 3.44
C GLN A 86 13.45 2.65 3.94
N GLU A 87 12.54 3.36 3.32
CA GLU A 87 11.15 3.32 3.75
C GLU A 87 10.41 2.04 3.33
N GLU A 88 10.54 1.69 2.05
CA GLU A 88 9.89 0.48 1.56
C GLU A 88 10.54 -0.69 2.26
N ASN A 89 11.83 -0.53 2.53
CA ASN A 89 12.58 -1.55 3.22
C ASN A 89 12.00 -1.74 4.61
N PHE A 90 11.59 -0.64 5.22
CA PHE A 90 11.03 -0.74 6.55
C PHE A 90 9.71 -1.50 6.51
N LEU A 91 8.83 -1.15 5.58
CA LEU A 91 7.54 -1.84 5.47
C LEU A 91 7.75 -3.36 5.20
N LEU A 92 8.79 -3.70 4.44
CA LEU A 92 9.06 -5.12 4.16
C LEU A 92 9.39 -5.79 5.48
N ILE A 93 10.39 -5.24 6.16
CA ILE A 93 10.83 -5.80 7.44
C ILE A 93 9.81 -5.77 8.56
N PHE A 94 9.39 -4.58 8.95
CA PHE A 94 8.42 -4.43 10.03
C PHE A 94 7.31 -5.45 9.84
N ARG A 95 6.86 -5.58 8.59
CA ARG A 95 5.79 -6.51 8.29
C ARG A 95 6.13 -7.93 8.79
N ARG A 96 7.33 -8.40 8.47
CA ARG A 96 7.77 -9.73 8.86
C ARG A 96 7.97 -9.92 10.37
N GLU A 97 8.12 -8.82 11.10
CA GLU A 97 8.29 -8.95 12.54
C GLU A 97 6.92 -8.92 13.25
N ALA A 98 6.28 -7.77 13.24
CA ALA A 98 4.97 -7.58 13.87
C ALA A 98 3.95 -7.44 12.76
N PRO A 99 3.56 -8.57 12.14
CA PRO A 99 2.58 -8.55 11.05
C PRO A 99 1.15 -8.17 11.44
N LEU A 100 0.59 -7.21 10.71
CA LEU A 100 -0.76 -6.70 10.90
C LEU A 100 -1.48 -6.98 9.58
N ASP A 101 -2.09 -8.16 9.50
CA ASP A 101 -2.73 -8.61 8.27
C ASP A 101 -4.23 -8.45 8.11
N ASN A 102 -4.83 -7.39 8.64
CA ASN A 102 -6.29 -7.22 8.47
C ASN A 102 -6.63 -5.74 8.30
N SER A 103 -7.03 -5.33 7.10
CA SER A 103 -7.36 -3.92 6.91
C SER A 103 -8.83 -3.68 7.23
N VAL A 104 -9.46 -4.65 7.88
CA VAL A 104 -10.85 -4.48 8.26
C VAL A 104 -10.73 -3.58 9.48
N GLU A 105 -10.16 -4.10 10.56
CA GLU A 105 -10.00 -3.35 11.80
C GLU A 105 -9.22 -2.02 11.72
N PHE A 106 -8.14 -2.00 10.92
CA PHE A 106 -7.35 -0.78 10.75
C PHE A 106 -8.21 0.46 10.58
N LYS A 108 -11.49 1.05 11.29
CA LYS A 108 -12.28 1.32 12.50
C LYS A 108 -11.43 2.15 13.46
N ILE A 109 -10.20 1.71 13.71
CA ILE A 109 -9.27 2.43 14.60
C ILE A 109 -8.92 3.79 13.99
N TRP A 110 -8.70 3.81 12.68
CA TRP A 110 -8.37 5.09 12.05
C TRP A 110 -9.40 6.16 12.35
N ARG A 111 -10.68 5.82 12.17
CA ARG A 111 -11.77 6.77 12.41
C ARG A 111 -11.87 7.15 13.88
N LYS A 112 -11.41 6.26 14.74
CA LYS A 112 -11.42 6.51 16.18
C LYS A 112 -10.40 7.62 16.48
N TYR A 113 -9.45 7.83 15.56
CA TYR A 113 -8.44 8.87 15.76
C TYR A 113 -8.50 10.04 14.78
N ASP A 114 -9.27 9.87 13.71
CA ASP A 114 -9.39 10.87 12.65
C ASP A 114 -10.88 11.04 12.34
N ALA A 115 -11.58 11.80 13.19
CA ALA A 115 -13.04 12.02 13.05
C ALA A 115 -13.45 12.92 11.91
N ASP A 116 -12.67 13.97 11.69
CA ASP A 116 -12.97 14.93 10.61
C ASP A 116 -12.62 14.39 9.23
N SER A 117 -12.30 13.09 9.17
CA SER A 117 -11.95 12.42 7.93
C SER A 117 -10.91 13.21 7.14
N SER A 118 -9.88 13.66 7.83
CA SER A 118 -8.83 14.45 7.19
C SER A 118 -7.74 13.61 6.51
N GLY A 119 -7.57 12.37 6.97
CA GLY A 119 -6.55 11.50 6.41
C GLY A 119 -5.23 11.70 7.12
N TYR A 120 -5.31 12.19 8.35
CA TYR A 120 -4.15 12.44 9.18
C TYR A 120 -4.48 12.17 10.63
N ILE A 121 -3.52 11.61 11.39
CA ILE A 121 -3.71 11.51 12.84
C ILE A 121 -2.55 12.37 13.39
N SER A 122 -2.69 12.77 14.64
CA SER A 122 -1.66 13.56 15.29
C SER A 122 -0.49 12.62 15.48
N ALA A 123 0.69 13.06 15.05
CA ALA A 123 1.89 12.24 15.18
C ALA A 123 2.20 12.03 16.67
N ALA A 124 1.52 12.79 17.54
CA ALA A 124 1.71 12.70 18.99
C ALA A 124 0.91 11.52 19.56
N GLU A 125 -0.05 11.03 18.77
CA GLU A 125 -0.91 9.92 19.18
C GLU A 125 -0.52 8.56 18.60
N LEU A 126 0.56 8.49 17.82
CA LEU A 126 0.93 7.24 17.18
C LEU A 126 1.04 5.98 18.04
N LYS A 127 1.57 6.09 19.26
CA LYS A 127 1.69 4.93 20.13
C LYS A 127 0.32 4.30 20.47
N ASN A 128 -0.66 5.15 20.83
CA ASN A 128 -2.00 4.65 21.17
C ASN A 128 -2.70 4.04 19.97
N PHE A 129 -2.51 4.67 18.82
CA PHE A 129 -3.11 4.15 17.60
C PHE A 129 -2.55 2.72 17.37
N LEU A 130 -1.23 2.57 17.46
CA LEU A 130 -0.60 1.24 17.25
C LEU A 130 -1.11 0.25 18.29
N LYS A 131 -1.29 0.75 19.51
CA LYS A 131 -1.79 -0.05 20.62
C LYS A 131 -3.14 -0.65 20.27
N ASP A 132 -4.06 0.20 19.81
CA ASP A 132 -5.38 -0.26 19.42
C ASP A 132 -5.22 -1.24 18.27
N LEU A 133 -4.34 -0.92 17.33
CA LEU A 133 -4.08 -1.80 16.20
C LEU A 133 -3.50 -3.15 16.65
N PHE A 134 -2.53 -3.15 17.56
CA PHE A 134 -2.01 -4.44 18.00
C PHE A 134 -3.06 -5.20 18.80
N LEU A 135 -3.77 -4.49 19.66
CA LEU A 135 -4.81 -5.12 20.46
C LEU A 135 -5.92 -5.66 19.56
N GLN A 136 -6.27 -4.92 18.51
CA GLN A 136 -7.35 -5.36 17.61
C GLN A 136 -7.03 -6.55 16.72
N HIS A 137 -5.75 -6.78 16.43
CA HIS A 137 -5.34 -7.95 15.63
C HIS A 137 -5.10 -9.14 16.56
N LYS A 138 -5.35 -8.95 17.85
CA LYS A 138 -5.16 -10.01 18.83
C LYS A 138 -3.70 -10.48 18.77
N LYS A 139 -2.79 -9.52 18.91
CA LYS A 139 -1.35 -9.79 18.85
C LYS A 139 -0.65 -9.05 19.95
N LYS A 140 0.12 -9.77 20.75
CA LYS A 140 0.90 -9.16 21.82
C LYS A 140 2.30 -8.88 21.28
N ILE A 141 2.92 -7.85 21.84
CA ILE A 141 4.26 -7.47 21.46
C ILE A 141 4.99 -6.86 22.66
N PRO A 142 6.33 -6.88 22.64
CA PRO A 142 7.18 -6.33 23.70
C PRO A 142 7.04 -4.80 23.79
N PRO A 143 6.87 -4.27 25.01
CA PRO A 143 6.74 -2.82 25.22
C PRO A 143 7.93 -2.05 24.63
N ASN A 144 9.11 -2.64 24.73
CA ASN A 144 10.32 -2.01 24.19
C ASN A 144 10.21 -1.96 22.66
N LYS A 145 9.46 -2.90 22.08
CA LYS A 145 9.29 -2.90 20.63
C LYS A 145 8.25 -1.84 20.21
N LEU A 146 7.21 -1.68 21.02
CA LEU A 146 6.17 -0.70 20.70
C LEU A 146 6.82 0.69 20.55
N ASP A 147 7.70 1.01 21.48
CA ASP A 147 8.43 2.27 21.47
C ASP A 147 9.31 2.36 20.21
N GLU A 148 10.01 1.26 19.90
CA GLU A 148 10.89 1.23 18.73
C GLU A 148 10.10 1.43 17.43
N TYR A 149 8.96 0.75 17.35
CA TYR A 149 8.10 0.85 16.20
C TYR A 149 7.58 2.28 16.12
N THR A 150 7.07 2.79 17.23
CA THR A 150 6.55 4.15 17.27
C THR A 150 7.59 5.17 16.79
N ASP A 151 8.79 5.06 17.36
CA ASP A 151 9.89 5.96 17.04
C ASP A 151 10.41 5.81 15.61
N ALA A 152 10.41 4.60 15.10
CA ALA A 152 10.87 4.37 13.74
C ALA A 152 9.88 4.92 12.72
N LYS A 155 9.91 8.61 11.90
CA LYS A 155 11.07 8.92 11.07
C LYS A 155 10.74 9.06 9.59
N ILE A 156 9.83 8.22 9.11
CA ILE A 156 9.47 8.27 7.70
C ILE A 156 8.12 8.88 7.39
N PHE A 157 7.27 9.02 8.41
CA PHE A 157 5.93 9.57 8.22
C PHE A 157 5.71 10.98 8.77
N ASP A 158 6.66 11.48 9.56
CA ASP A 158 6.54 12.83 10.12
C ASP A 158 7.93 13.47 10.12
N LYS A 159 8.59 13.41 8.97
CA LYS A 159 9.92 13.98 8.83
C LYS A 159 9.93 15.47 9.12
N ASN A 160 8.98 16.21 8.55
CA ASN A 160 8.87 17.65 8.76
C ASN A 160 8.56 17.88 10.23
N LYS A 161 8.41 16.78 10.95
CA LYS A 161 8.10 16.78 12.37
C LYS A 161 6.96 17.70 12.81
N ASP A 162 6.12 18.15 11.87
CA ASP A 162 5.02 19.01 12.27
C ASP A 162 3.79 18.20 12.64
N GLY A 163 4.05 17.09 13.33
CA GLY A 163 2.99 16.23 13.82
C GLY A 163 1.81 15.89 12.92
N ARG A 164 2.08 15.20 11.82
CA ARG A 164 1.05 14.75 10.89
C ARG A 164 1.45 13.41 10.26
N LEU A 165 0.50 12.50 10.19
CA LEU A 165 0.70 11.18 9.59
C LEU A 165 -0.54 11.00 8.71
N ASP A 166 -0.29 10.71 7.43
CA ASP A 166 -1.31 10.56 6.40
C ASP A 166 -1.77 9.11 6.24
N LEU A 167 -3.08 8.89 6.13
CA LEU A 167 -3.62 7.55 5.92
C LEU A 167 -2.83 6.82 4.80
N ASN A 168 -2.65 7.45 3.63
CA ASN A 168 -1.90 6.80 2.55
C ASN A 168 -0.61 6.17 3.08
N ASP A 169 0.01 6.85 4.04
CA ASP A 169 1.24 6.35 4.66
C ASP A 169 1.06 5.30 5.76
N LEU A 170 0.38 5.65 6.85
CA LEU A 170 0.24 4.69 7.95
C LEU A 170 -0.40 3.39 7.47
N ALA A 171 -1.24 3.48 6.45
CA ALA A 171 -1.87 2.29 5.88
C ALA A 171 -0.79 1.40 5.28
N ARG A 172 0.44 1.90 5.16
CA ARG A 172 1.51 1.09 4.59
C ARG A 172 2.05 0.04 5.56
N ILE A 173 1.89 0.23 6.87
CA ILE A 173 2.43 -0.73 7.85
C ILE A 173 1.74 -2.09 7.85
N LEU A 174 0.55 -2.16 7.25
CA LEU A 174 -0.18 -3.41 7.20
C LEU A 174 0.59 -4.47 6.42
N ALA A 175 0.33 -5.74 6.75
CA ALA A 175 0.97 -6.89 6.10
C ALA A 175 -0.05 -7.55 5.16
N LEU A 176 -0.21 -6.93 4.00
CA LEU A 176 -1.13 -7.38 2.97
C LEU A 176 -0.38 -7.39 1.63
N GLN A 177 -0.43 -8.51 0.92
CA GLN A 177 0.23 -8.62 -0.38
C GLN A 177 -0.20 -7.46 -1.28
N GLU A 178 -1.49 -7.09 -1.17
CA GLU A 178 -2.07 -5.97 -1.91
C GLU A 178 -2.87 -5.12 -0.91
N ASN A 179 -2.15 -4.23 -0.21
CA ASN A 179 -2.72 -3.35 0.79
C ASN A 179 -4.04 -2.76 0.31
N PHE A 180 -5.00 -2.73 1.22
CA PHE A 180 -6.35 -2.24 0.97
C PHE A 180 -6.54 -0.95 0.21
N LEU A 181 -5.79 0.10 0.59
CA LEU A 181 -5.92 1.40 -0.07
C LEU A 181 -4.92 1.45 -1.20
N LEU A 182 -3.70 1.02 -0.89
CA LEU A 182 -2.61 1.00 -1.85
C LEU A 182 -3.06 0.45 -3.20
N GLN A 183 -3.65 1.33 -4.00
CA GLN A 183 -4.10 1.01 -5.34
C GLN A 183 -3.83 2.21 -6.24
N PHE A 184 -3.48 3.32 -5.60
CA PHE A 184 -3.21 4.57 -6.33
C PHE A 184 -1.73 4.80 -6.62
N LYS A 185 -1.46 5.44 -7.76
CA LYS A 185 -0.11 5.75 -8.19
C LYS A 185 0.34 7.10 -7.64
N ASP A 187 2.41 9.90 -7.01
CA ASP A 187 3.64 10.47 -7.54
C ASP A 187 3.64 12.00 -7.54
N ALA A 188 4.62 12.59 -8.24
CA ALA A 188 4.77 14.03 -8.32
C ALA A 188 3.44 14.75 -8.48
N SER A 189 2.78 14.57 -9.63
CA SER A 189 1.50 15.22 -9.85
C SER A 189 0.27 14.32 -10.09
N SER A 190 0.33 13.11 -9.53
CA SER A 190 -0.79 12.17 -9.67
C SER A 190 -1.94 12.68 -8.81
N GLN A 191 -1.80 12.53 -7.49
CA GLN A 191 -2.80 12.98 -6.52
C GLN A 191 -3.29 14.38 -6.89
N VAL A 192 -2.38 15.17 -7.45
CA VAL A 192 -2.68 16.53 -7.89
C VAL A 192 -3.97 16.58 -8.70
N GLU A 193 -3.93 16.15 -9.96
CA GLU A 193 -5.12 16.15 -10.81
C GLU A 193 -6.13 15.18 -10.21
N ARG A 194 -5.60 14.13 -9.60
CA ARG A 194 -6.36 13.06 -8.96
C ARG A 194 -7.60 13.51 -8.17
N LYS A 195 -7.50 14.61 -7.44
CA LYS A 195 -8.66 15.07 -6.68
C LYS A 195 -9.71 15.56 -7.67
N ARG A 196 -9.28 16.40 -8.60
CA ARG A 196 -10.15 16.95 -9.64
C ARG A 196 -10.98 15.82 -10.25
N ASP A 197 -10.32 14.72 -10.62
CA ASP A 197 -11.04 13.59 -11.22
C ASP A 197 -12.08 13.02 -10.24
N PHE A 198 -11.69 12.95 -8.96
CA PHE A 198 -12.58 12.47 -7.90
C PHE A 198 -13.76 13.43 -7.78
N GLU A 199 -13.47 14.72 -7.71
CA GLU A 199 -14.56 15.71 -7.59
C GLU A 199 -15.54 15.59 -8.77
N LYS A 200 -14.97 15.48 -9.97
CA LYS A 200 -15.77 15.37 -11.19
C LYS A 200 -16.66 14.14 -11.19
N ILE A 201 -16.09 13.00 -10.82
CA ILE A 201 -16.84 11.77 -10.81
C ILE A 201 -17.87 11.75 -9.68
N PHE A 202 -17.52 12.32 -8.54
CA PHE A 202 -18.47 12.32 -7.45
C PHE A 202 -19.67 13.25 -7.74
N ALA A 203 -19.50 14.24 -8.63
CA ALA A 203 -20.56 15.21 -8.95
C ALA A 203 -21.70 14.58 -9.74
N HIS A 204 -21.31 13.96 -10.86
CA HIS A 204 -22.19 13.24 -11.76
C HIS A 204 -23.16 12.31 -11.02
N TYR A 205 -22.68 11.12 -10.65
CA TYR A 205 -23.47 10.09 -9.95
C TYR A 205 -24.35 10.58 -8.80
N ASP A 206 -23.87 11.58 -8.05
CA ASP A 206 -24.56 12.15 -6.90
C ASP A 206 -25.80 12.99 -7.28
N VAL A 207 -26.73 12.38 -8.03
CA VAL A 207 -27.94 13.04 -8.51
C VAL A 207 -28.73 13.85 -7.49
N SER A 208 -29.03 13.25 -6.35
CA SER A 208 -29.80 13.92 -5.32
C SER A 208 -29.09 15.08 -4.66
N ARG A 209 -27.77 15.10 -4.78
CA ARG A 209 -26.97 16.15 -4.17
C ARG A 209 -26.95 15.99 -2.63
N THR A 210 -26.82 14.74 -2.17
CA THR A 210 -26.78 14.49 -0.74
C THR A 210 -25.37 14.49 -0.21
N GLY A 211 -24.40 14.28 -1.11
CA GLY A 211 -23.00 14.21 -0.70
C GLY A 211 -22.58 12.82 -0.24
N ALA A 212 -23.09 11.81 -0.93
CA ALA A 212 -22.82 10.38 -0.66
C ALA A 212 -23.32 9.64 -1.90
N LEU A 213 -22.92 8.37 -2.02
CA LEU A 213 -23.35 7.55 -3.14
C LEU A 213 -23.91 6.25 -2.58
N GLU A 214 -24.91 5.70 -3.28
CA GLU A 214 -25.55 4.45 -2.87
C GLU A 214 -25.93 3.59 -4.09
N GLY A 215 -25.55 2.31 -4.06
CA GLY A 215 -25.91 1.40 -5.14
C GLY A 215 -25.24 1.50 -6.51
N PRO A 216 -26.02 1.53 -7.59
CA PRO A 216 -25.35 1.63 -8.88
C PRO A 216 -24.59 2.95 -8.97
N GLU A 217 -24.96 3.92 -8.13
CA GLU A 217 -24.28 5.21 -8.10
C GLU A 217 -22.86 4.96 -7.57
N VAL A 218 -22.69 3.90 -6.78
CA VAL A 218 -21.38 3.54 -6.20
C VAL A 218 -20.49 2.74 -7.15
N ASP A 219 -21.10 2.01 -8.07
CA ASP A 219 -20.36 1.18 -9.02
C ASP A 219 -19.95 2.00 -10.22
N GLY A 220 -20.82 2.93 -10.58
CA GLY A 220 -20.53 3.80 -11.70
C GLY A 220 -19.30 4.63 -11.36
N PHE A 221 -19.24 5.12 -10.12
CA PHE A 221 -18.09 5.92 -9.66
C PHE A 221 -16.87 5.01 -9.71
N VAL A 222 -16.93 3.94 -8.92
CA VAL A 222 -15.88 2.97 -8.85
C VAL A 222 -15.34 2.66 -10.24
N LYS A 223 -16.22 2.28 -11.16
CA LYS A 223 -15.79 1.96 -12.51
C LYS A 223 -15.20 3.16 -13.26
N ASP A 224 -15.91 4.29 -13.27
CA ASP A 224 -15.38 5.44 -13.99
C ASP A 224 -14.13 6.04 -13.32
N GLU A 227 -10.96 2.92 -13.45
CA GLU A 227 -10.54 2.62 -14.82
C GLU A 227 -9.94 3.86 -15.45
N LEU A 228 -9.98 4.97 -14.72
CA LEU A 228 -9.41 6.23 -15.18
C LEU A 228 -8.08 6.45 -14.48
N VAL A 229 -8.00 6.04 -13.21
CA VAL A 229 -6.78 6.19 -12.43
C VAL A 229 -5.72 5.24 -12.99
N ARG A 230 -5.83 3.97 -12.62
CA ARG A 230 -4.90 2.96 -13.10
C ARG A 230 -4.99 3.00 -14.62
N PRO A 231 -3.86 3.10 -15.31
CA PRO A 231 -3.88 3.14 -16.78
C PRO A 231 -4.67 1.95 -17.33
N SER A 232 -5.98 2.13 -17.43
CA SER A 232 -6.89 1.10 -17.93
C SER A 232 -6.94 -0.17 -17.07
N ILE A 233 -7.78 -0.15 -16.04
CA ILE A 233 -7.95 -1.28 -15.13
C ILE A 233 -8.67 -2.44 -15.82
N SER A 234 -8.62 -3.63 -15.20
CA SER A 234 -9.25 -4.82 -15.78
C SER A 234 -10.68 -5.06 -15.33
N GLY A 235 -11.45 -5.71 -16.21
CA GLY A 235 -12.84 -6.02 -15.93
C GLY A 235 -13.07 -6.60 -14.55
N GLY A 236 -12.11 -7.39 -14.06
CA GLY A 236 -12.22 -8.00 -12.75
C GLY A 236 -11.54 -7.25 -11.62
N ASP A 237 -10.56 -6.41 -11.95
CA ASP A 237 -9.85 -5.68 -10.91
C ASP A 237 -10.71 -4.61 -10.25
N LEU A 238 -11.71 -4.12 -10.99
CA LEU A 238 -12.62 -3.15 -10.43
C LEU A 238 -13.47 -3.89 -9.39
N ASP A 239 -13.49 -5.21 -9.51
CA ASP A 239 -14.24 -6.07 -8.60
C ASP A 239 -13.61 -6.11 -7.20
N LYS A 240 -12.61 -6.95 -7.02
CA LYS A 240 -11.89 -7.13 -5.75
C LYS A 240 -11.44 -5.82 -5.10
N PHE A 241 -12.02 -4.72 -5.55
CA PHE A 241 -11.76 -3.38 -5.04
C PHE A 241 -13.09 -2.78 -4.62
N ARG A 242 -14.11 -2.99 -5.46
CA ARG A 242 -15.43 -2.48 -5.19
C ARG A 242 -15.92 -3.09 -3.88
N GLU A 243 -15.40 -4.27 -3.55
CA GLU A 243 -15.76 -5.00 -2.34
C GLU A 243 -15.01 -4.41 -1.14
N CYS A 244 -13.86 -3.82 -1.44
CA CYS A 244 -13.03 -3.18 -0.44
C CYS A 244 -13.82 -2.05 0.24
N LEU A 245 -14.54 -1.25 -0.54
CA LEU A 245 -15.33 -0.14 -0.01
C LEU A 245 -16.54 -0.63 0.79
N LEU A 246 -17.17 -1.68 0.26
CA LEU A 246 -18.35 -2.27 0.87
C LEU A 246 -18.12 -2.72 2.32
N THR A 247 -16.86 -2.74 2.75
CA THR A 247 -16.48 -3.15 4.10
C THR A 247 -16.40 -2.00 5.12
N HIS A 248 -15.17 -1.50 5.30
CA HIS A 248 -14.88 -0.41 6.24
C HIS A 248 -15.81 0.78 6.09
N CYS A 249 -15.77 1.35 4.88
CA CYS A 249 -16.53 2.52 4.47
C CYS A 249 -18.06 2.36 4.37
N ASP A 250 -18.59 1.19 4.68
CA ASP A 250 -20.03 0.99 4.63
C ASP A 250 -20.59 0.88 6.06
N ASN A 252 -23.21 1.54 7.15
CA ASN A 252 -24.57 1.01 7.13
C ASN A 252 -24.42 -0.41 6.57
N LYS A 253 -25.21 -0.75 5.56
CA LYS A 253 -25.16 -2.06 4.94
C LYS A 253 -25.41 -1.92 3.45
N ASP A 254 -26.46 -1.21 3.09
CA ASP A 254 -26.81 -0.99 1.69
C ASP A 254 -25.65 -0.39 0.90
N GLY A 255 -24.42 -0.75 1.25
CA GLY A 255 -23.27 -0.24 0.55
C GLY A 255 -23.38 1.25 0.28
N LYS A 256 -23.92 1.98 1.25
CA LYS A 256 -24.06 3.41 1.11
C LYS A 256 -22.69 3.99 1.40
N ILE A 257 -22.07 4.58 0.38
CA ILE A 257 -20.77 5.17 0.56
C ILE A 257 -20.92 6.68 0.56
N GLN A 258 -20.28 7.32 1.53
CA GLN A 258 -20.33 8.76 1.68
C GLN A 258 -19.15 9.39 0.92
N LYS A 259 -19.20 10.70 0.66
CA LYS A 259 -18.11 11.35 -0.09
C LYS A 259 -16.77 11.31 0.65
N SER A 260 -16.80 11.60 1.95
CA SER A 260 -15.57 11.61 2.74
C SER A 260 -14.81 10.27 2.78
N GLU A 261 -15.52 9.15 2.80
CA GLU A 261 -14.86 7.85 2.86
C GLU A 261 -14.36 7.37 1.49
N LEU A 262 -15.02 7.79 0.42
CA LEU A 262 -14.58 7.39 -0.91
C LEU A 262 -13.21 8.05 -1.15
N ALA A 263 -13.07 9.30 -0.72
CA ALA A 263 -11.80 10.02 -0.90
C ALA A 263 -10.62 9.27 -0.25
N LEU A 264 -10.78 8.95 1.02
CA LEU A 264 -9.72 8.22 1.71
C LEU A 264 -9.37 6.95 0.95
N CYS A 265 -10.37 6.26 0.40
CA CYS A 265 -10.12 5.04 -0.36
C CYS A 265 -9.48 5.37 -1.72
N LEU A 266 -9.54 6.65 -2.13
CA LEU A 266 -8.98 7.06 -3.40
C LEU A 266 -7.66 7.83 -3.29
N GLY A 267 -6.92 7.55 -2.22
CA GLY A 267 -5.66 8.23 -2.02
C GLY A 267 -5.81 9.70 -1.68
N LEU A 268 -7.00 10.25 -1.91
CA LEU A 268 -7.24 11.67 -1.65
C LEU A 268 -7.86 11.90 -0.29
N LYS A 269 -8.13 13.17 0.00
CA LYS A 269 -8.73 13.60 1.26
C LYS A 269 -9.84 14.60 0.99
N HIS A 270 -10.90 14.54 1.77
CA HIS A 270 -12.00 15.47 1.57
C HIS A 270 -12.15 16.39 2.77
N LYS A 271 -12.63 17.60 2.50
CA LYS A 271 -12.86 18.59 3.54
C LYS A 271 -14.16 19.31 3.18
N PRO A 272 -15.26 19.03 3.91
CA PRO A 272 -16.58 19.64 3.70
C PRO A 272 -16.71 21.02 4.33
N SER A 3 8.95 4.94 -20.14
CA SER A 3 8.44 5.16 -18.75
C SER A 3 9.54 5.67 -17.82
N ALA A 4 9.16 6.28 -16.70
CA ALA A 4 10.14 6.81 -15.75
C ALA A 4 10.74 5.69 -14.89
N PHE A 5 11.88 5.97 -14.30
CA PHE A 5 12.52 5.00 -13.42
C PHE A 5 11.53 4.65 -12.30
N ALA A 6 11.28 3.36 -12.13
CA ALA A 6 10.39 2.87 -11.09
C ALA A 6 11.19 1.89 -10.23
N ASN A 7 11.38 2.25 -8.97
CA ASN A 7 12.13 1.43 -8.04
C ASN A 7 11.17 0.77 -7.05
N LEU A 8 11.04 -0.54 -7.23
CA LEU A 8 10.23 -1.43 -6.40
C LEU A 8 10.09 -1.01 -4.92
N ASP A 9 8.96 -1.32 -4.32
CA ASP A 9 8.72 -1.05 -2.90
C ASP A 9 8.68 -2.38 -2.12
N ALA A 10 8.59 -2.30 -0.79
CA ALA A 10 8.56 -3.48 0.09
C ALA A 10 7.43 -4.45 -0.29
N ALA A 11 6.25 -3.91 -0.57
CA ALA A 11 5.14 -4.78 -0.94
C ALA A 11 5.45 -5.63 -2.17
N GLY A 12 5.91 -4.98 -3.24
CA GLY A 12 6.23 -5.69 -4.47
C GLY A 12 7.35 -6.70 -4.23
N PHE A 13 8.44 -6.24 -3.62
CA PHE A 13 9.57 -7.10 -3.29
C PHE A 13 9.05 -8.36 -2.59
N LEU A 14 8.29 -8.18 -1.52
CA LEU A 14 7.76 -9.31 -0.80
C LEU A 14 6.76 -10.13 -1.63
N GLN A 15 6.23 -9.52 -2.69
CA GLN A 15 5.30 -10.24 -3.55
C GLN A 15 6.09 -11.11 -4.52
N ILE A 16 7.36 -10.77 -4.73
CA ILE A 16 8.22 -11.53 -5.63
C ILE A 16 9.04 -12.54 -4.83
N TRP A 17 9.66 -12.07 -3.76
CA TRP A 17 10.49 -12.93 -2.92
C TRP A 17 9.81 -14.27 -2.55
N GLN A 18 8.62 -14.16 -1.97
CA GLN A 18 7.83 -15.31 -1.54
C GLN A 18 7.63 -16.40 -2.57
N HIS A 19 7.64 -16.01 -3.85
CA HIS A 19 7.48 -16.95 -4.95
C HIS A 19 8.68 -17.87 -4.90
N PHE A 20 9.72 -17.40 -4.22
CA PHE A 20 10.97 -18.15 -4.09
C PHE A 20 11.27 -18.64 -2.66
N ASP A 21 10.54 -18.17 -1.66
CA ASP A 21 10.80 -18.60 -0.28
C ASP A 21 9.48 -18.86 0.43
N ALA A 22 8.70 -19.78 -0.15
CA ALA A 22 7.40 -20.19 0.35
C ALA A 22 7.56 -21.17 1.51
N ASP A 23 8.66 -21.01 2.23
CA ASP A 23 8.93 -21.85 3.41
C ASP A 23 9.30 -20.89 4.53
N ASP A 24 9.39 -19.60 4.18
CA ASP A 24 9.73 -18.55 5.13
C ASP A 24 11.03 -18.90 5.84
N ASN A 25 12.03 -19.28 5.05
CA ASN A 25 13.35 -19.57 5.58
C ASN A 25 14.04 -18.19 5.60
N GLY A 26 13.59 -17.31 4.72
CA GLY A 26 14.18 -15.99 4.63
C GLY A 26 15.39 -15.95 3.69
N TYR A 27 15.50 -16.92 2.77
CA TYR A 27 16.61 -16.91 1.82
C TYR A 27 16.31 -17.53 0.47
N ILE A 28 17.10 -17.14 -0.54
CA ILE A 28 17.02 -17.72 -1.88
C ILE A 28 18.45 -17.96 -2.35
N GLU A 29 18.63 -18.76 -3.41
CA GLU A 29 19.97 -19.06 -3.90
C GLU A 29 20.73 -17.84 -4.39
N GLY A 30 21.93 -17.68 -3.83
CA GLY A 30 22.75 -16.56 -4.22
C GLY A 30 22.89 -16.58 -5.72
N LYS A 31 22.67 -17.76 -6.30
CA LYS A 31 22.78 -17.99 -7.73
C LYS A 31 21.48 -17.75 -8.52
N GLU A 32 20.40 -17.41 -7.84
CA GLU A 32 19.15 -17.18 -8.54
C GLU A 32 18.72 -15.73 -8.56
N LEU A 33 19.67 -14.80 -8.67
CA LEU A 33 19.31 -13.39 -8.69
C LEU A 33 18.75 -13.01 -10.07
N ASP A 34 19.11 -13.77 -11.11
CA ASP A 34 18.60 -13.49 -12.45
C ASP A 34 17.07 -13.54 -12.52
N ASP A 35 16.51 -14.66 -12.09
CA ASP A 35 15.08 -14.92 -12.08
C ASP A 35 14.36 -13.87 -11.21
N PHE A 36 14.93 -13.54 -10.06
CA PHE A 36 14.30 -12.56 -9.19
C PHE A 36 14.17 -11.19 -9.88
N PHE A 37 15.18 -10.83 -10.68
CA PHE A 37 15.16 -9.55 -11.39
C PHE A 37 14.25 -9.59 -12.61
N ARG A 38 13.96 -10.80 -13.09
CA ARG A 38 13.06 -10.93 -14.23
C ARG A 38 11.70 -10.54 -13.70
N HIS A 39 11.31 -11.15 -12.59
CA HIS A 39 10.02 -10.84 -11.96
C HIS A 39 9.92 -9.34 -11.74
N LEU A 41 11.46 -6.72 -13.20
CA LEU A 41 11.30 -6.00 -14.47
C LEU A 41 9.92 -6.29 -15.09
N LYS A 42 9.41 -7.50 -14.84
CA LYS A 42 8.09 -7.84 -15.38
C LYS A 42 7.05 -7.01 -14.59
N LYS A 43 7.30 -6.78 -13.31
CA LYS A 43 6.39 -5.99 -12.48
C LYS A 43 6.54 -4.46 -12.65
N LEU A 44 7.78 -3.97 -12.68
CA LEU A 44 8.05 -2.53 -12.81
C LEU A 44 7.81 -1.92 -14.20
N GLN A 45 8.03 -2.73 -15.24
CA GLN A 45 7.87 -2.26 -16.62
C GLN A 45 7.04 -3.34 -17.35
N PRO A 46 5.74 -3.41 -17.03
CA PRO A 46 4.75 -4.36 -17.56
C PRO A 46 4.69 -4.54 -19.07
N LYS A 47 4.99 -3.48 -19.82
CA LYS A 47 4.94 -3.54 -21.27
C LYS A 47 6.27 -3.94 -21.88
N ASP A 48 7.35 -3.77 -21.12
CA ASP A 48 8.66 -4.11 -21.63
C ASP A 48 8.77 -5.58 -22.02
N LYS A 49 9.38 -5.84 -23.16
CA LYS A 49 9.60 -7.19 -23.63
C LYS A 49 10.91 -7.51 -22.92
N ILE A 50 10.79 -7.87 -21.66
CA ILE A 50 11.94 -8.19 -20.82
C ILE A 50 12.91 -9.16 -21.51
N THR A 51 14.19 -8.78 -21.61
CA THR A 51 15.23 -9.62 -22.27
C THR A 51 16.32 -10.03 -21.31
N ASP A 52 16.79 -11.28 -21.41
CA ASP A 52 17.84 -11.76 -20.52
C ASP A 52 19.02 -10.77 -20.49
N GLU A 53 19.17 -10.03 -21.57
CA GLU A 53 20.21 -9.02 -21.69
C GLU A 53 19.82 -7.88 -20.74
N ARG A 54 18.58 -7.44 -20.88
CA ARG A 54 18.05 -6.39 -20.04
C ARG A 54 17.94 -6.85 -18.57
N VAL A 55 18.00 -8.16 -18.34
CA VAL A 55 17.90 -8.68 -16.97
C VAL A 55 19.26 -8.56 -16.32
N GLN A 56 20.30 -8.91 -17.06
CA GLN A 56 21.66 -8.82 -16.58
C GLN A 56 22.07 -7.37 -16.38
N GLN A 57 21.57 -6.48 -17.21
CA GLN A 57 21.91 -5.08 -17.00
C GLN A 57 21.26 -4.58 -15.70
N ILE A 58 19.99 -4.91 -15.50
CA ILE A 58 19.32 -4.40 -14.33
C ILE A 58 19.86 -4.98 -13.03
N LYS A 59 20.08 -6.30 -12.97
CA LYS A 59 20.62 -6.88 -11.75
C LYS A 59 21.94 -6.17 -11.41
N LYS A 60 22.76 -5.94 -12.43
CA LYS A 60 24.06 -5.28 -12.22
C LYS A 60 23.99 -3.82 -11.84
N SER A 61 22.82 -3.20 -11.91
CA SER A 61 22.75 -1.79 -11.55
C SER A 61 22.33 -1.58 -10.08
N PHE A 62 22.14 -2.69 -9.35
CA PHE A 62 21.71 -2.61 -7.96
C PHE A 62 22.69 -3.02 -6.86
N SER A 64 27.28 -3.94 -5.76
CA SER A 64 28.68 -4.02 -6.10
C SER A 64 28.95 -5.07 -7.18
N ALA A 65 30.08 -4.90 -7.87
CA ALA A 65 30.51 -5.86 -8.88
C ALA A 65 30.59 -7.21 -8.16
N TYR A 66 31.16 -7.15 -6.95
CA TYR A 66 31.34 -8.34 -6.12
C TYR A 66 30.02 -9.08 -5.89
N ASP A 67 28.94 -8.34 -5.70
CA ASP A 67 27.62 -8.95 -5.47
C ASP A 67 27.06 -9.66 -6.71
N ALA A 68 27.22 -9.03 -7.87
CA ALA A 68 26.73 -9.56 -9.14
C ALA A 68 27.04 -11.04 -9.34
N THR A 69 28.30 -11.39 -9.04
CA THR A 69 28.78 -12.76 -9.18
C THR A 69 29.08 -13.39 -7.82
N PHE A 70 28.06 -13.52 -6.99
CA PHE A 70 28.21 -14.12 -5.67
C PHE A 70 27.63 -15.54 -5.65
N ASP A 71 28.46 -16.50 -5.25
CA ASP A 71 28.04 -17.90 -5.21
C ASP A 71 27.77 -18.34 -3.75
N GLY A 72 26.50 -18.38 -3.36
CA GLY A 72 26.17 -18.77 -2.00
C GLY A 72 24.71 -18.58 -1.70
N ARG A 73 24.41 -17.99 -0.54
CA ARG A 73 23.03 -17.73 -0.16
C ARG A 73 22.77 -16.22 -0.02
N LEU A 74 21.51 -15.83 -0.21
CA LEU A 74 21.05 -14.45 -0.08
C LEU A 74 19.80 -14.41 0.83
N GLN A 75 19.98 -13.85 2.03
CA GLN A 75 18.93 -13.71 3.03
C GLN A 75 17.98 -12.61 2.57
N ILE A 76 16.78 -12.57 3.14
CA ILE A 76 15.84 -11.55 2.72
C ILE A 76 16.37 -10.16 3.04
N GLU A 77 16.89 -9.96 4.26
CA GLU A 77 17.42 -8.64 4.66
C GLU A 77 18.56 -8.17 3.75
N GLU A 78 19.40 -9.11 3.30
CA GLU A 78 20.54 -8.77 2.44
C GLU A 78 20.07 -8.28 1.08
N LEU A 79 19.14 -8.98 0.45
CA LEU A 79 18.67 -8.53 -0.86
C LEU A 79 17.92 -7.20 -0.67
N ALA A 80 17.14 -7.10 0.39
CA ALA A 80 16.40 -5.87 0.66
C ALA A 80 17.37 -4.68 0.82
N ASN A 81 18.49 -4.91 1.50
CA ASN A 81 19.47 -3.84 1.69
C ASN A 81 19.99 -3.34 0.33
N ILE A 83 18.14 -3.64 -2.89
CA ILE A 83 17.07 -3.09 -3.72
C ILE A 83 16.24 -1.94 -3.14
N LEU A 84 15.51 -2.24 -2.08
CA LEU A 84 14.61 -1.30 -1.44
C LEU A 84 15.29 -0.16 -0.71
N PRO A 85 14.81 1.07 -0.93
CA PRO A 85 15.38 2.24 -0.26
C PRO A 85 15.11 2.07 1.26
N GLN A 86 16.04 2.53 2.07
CA GLN A 86 15.99 2.42 3.54
C GLN A 86 14.62 2.46 4.23
N GLU A 87 13.72 3.34 3.80
CA GLU A 87 12.43 3.42 4.49
C GLU A 87 11.61 2.14 4.29
N GLU A 88 11.62 1.62 3.07
CA GLU A 88 10.84 0.42 2.80
C GLU A 88 11.52 -0.82 3.37
N ASN A 89 12.84 -0.76 3.56
CA ASN A 89 13.58 -1.88 4.11
C ASN A 89 12.97 -2.03 5.51
N PHE A 90 12.53 -0.91 6.07
CA PHE A 90 11.92 -0.95 7.37
C PHE A 90 10.51 -1.55 7.33
N LEU A 91 9.75 -1.21 6.28
CA LEU A 91 8.38 -1.73 6.15
C LEU A 91 8.34 -3.22 5.77
N LEU A 92 9.20 -3.66 4.86
CA LEU A 92 9.21 -5.08 4.48
C LEU A 92 9.42 -5.93 5.72
N ILE A 93 10.36 -5.48 6.54
CA ILE A 93 10.73 -6.18 7.76
C ILE A 93 9.63 -6.09 8.83
N PHE A 94 9.09 -4.90 9.03
CA PHE A 94 8.04 -4.71 10.02
C PHE A 94 6.83 -5.60 9.70
N ARG A 95 6.47 -5.65 8.42
CA ARG A 95 5.31 -6.43 8.00
C ARG A 95 5.60 -7.94 8.10
N ARG A 96 6.88 -8.32 8.11
CA ARG A 96 7.27 -9.72 8.24
C ARG A 96 7.27 -10.08 9.73
N GLU A 97 7.89 -9.22 10.54
CA GLU A 97 7.98 -9.46 11.97
C GLU A 97 6.73 -9.12 12.80
N ALA A 98 5.89 -8.20 12.32
CA ALA A 98 4.70 -7.84 13.09
C ALA A 98 3.53 -7.72 12.12
N PRO A 99 3.10 -8.86 11.57
CA PRO A 99 1.99 -8.86 10.61
C PRO A 99 0.66 -8.39 11.15
N LEU A 100 0.19 -7.29 10.55
CA LEU A 100 -1.10 -6.67 10.86
C LEU A 100 -1.84 -6.85 9.53
N ASP A 101 -2.72 -7.85 9.50
CA ASP A 101 -3.40 -8.18 8.27
C ASP A 101 -4.87 -7.88 8.13
N ASN A 102 -5.44 -7.12 9.06
CA ASN A 102 -6.88 -6.82 8.99
C ASN A 102 -7.14 -5.35 8.58
N SER A 103 -7.38 -5.10 7.29
CA SER A 103 -7.62 -3.72 6.85
C SER A 103 -8.92 -3.12 7.43
N VAL A 104 -10.00 -3.90 7.44
CA VAL A 104 -11.27 -3.42 7.98
C VAL A 104 -11.08 -2.99 9.42
N GLU A 105 -10.39 -3.81 10.21
CA GLU A 105 -10.15 -3.46 11.61
C GLU A 105 -9.27 -2.19 11.66
N PHE A 106 -8.25 -2.12 10.81
CA PHE A 106 -7.37 -0.95 10.74
C PHE A 106 -8.20 0.31 10.53
N LYS A 108 -11.20 0.82 11.28
CA LYS A 108 -12.08 1.02 12.42
C LYS A 108 -11.29 1.78 13.49
N ILE A 109 -9.99 1.55 13.53
CA ILE A 109 -9.12 2.24 14.49
C ILE A 109 -8.77 3.61 13.92
N TRP A 110 -8.77 3.72 12.60
CA TRP A 110 -8.45 5.02 12.01
C TRP A 110 -9.56 6.03 12.27
N ARG A 111 -10.81 5.60 12.13
CA ARG A 111 -11.95 6.49 12.34
C ARG A 111 -12.03 6.99 13.76
N LYS A 112 -11.56 6.17 14.70
CA LYS A 112 -11.54 6.54 16.11
C LYS A 112 -10.67 7.79 16.28
N TYR A 113 -9.49 7.80 15.65
CA TYR A 113 -8.59 8.95 15.77
C TYR A 113 -8.80 10.01 14.67
N ASP A 114 -9.64 9.71 13.67
CA ASP A 114 -9.94 10.63 12.58
C ASP A 114 -11.41 10.49 12.21
N ALA A 115 -12.27 10.74 13.21
CA ALA A 115 -13.73 10.65 13.07
C ALA A 115 -14.36 11.48 11.95
N ASP A 116 -13.70 12.57 11.55
CA ASP A 116 -14.23 13.41 10.46
C ASP A 116 -13.59 13.05 9.12
N SER A 117 -12.97 11.88 9.05
CA SER A 117 -12.34 11.39 7.83
C SER A 117 -11.51 12.41 7.03
N SER A 118 -10.71 13.20 7.74
CA SER A 118 -9.88 14.19 7.08
C SER A 118 -8.75 13.52 6.31
N GLY A 119 -8.41 12.29 6.68
CA GLY A 119 -7.32 11.60 6.02
C GLY A 119 -6.03 11.68 6.84
N TYR A 120 -6.10 12.29 8.03
CA TYR A 120 -4.93 12.39 8.93
C TYR A 120 -5.39 12.11 10.35
N ILE A 121 -4.44 11.74 11.21
CA ILE A 121 -4.68 11.59 12.65
C ILE A 121 -3.62 12.47 13.28
N SER A 122 -3.73 12.74 14.57
CA SER A 122 -2.73 13.58 15.23
C SER A 122 -1.50 12.73 15.54
N ALA A 123 -0.33 13.29 15.26
CA ALA A 123 0.95 12.61 15.45
C ALA A 123 1.25 12.13 16.87
N ALA A 124 0.79 12.87 17.88
CA ALA A 124 1.03 12.48 19.28
C ALA A 124 0.18 11.25 19.66
N GLU A 125 -0.76 10.90 18.78
CA GLU A 125 -1.63 9.75 18.98
C GLU A 125 -1.05 8.44 18.40
N LEU A 126 0.11 8.53 17.74
CA LEU A 126 0.70 7.35 17.11
C LEU A 126 0.87 6.13 18.02
N LYS A 127 1.45 6.33 19.20
CA LYS A 127 1.66 5.23 20.14
C LYS A 127 0.32 4.57 20.55
N ASN A 128 -0.69 5.37 20.87
CA ASN A 128 -2.00 4.82 21.25
C ASN A 128 -2.65 4.15 20.05
N PHE A 129 -2.49 4.77 18.89
CA PHE A 129 -3.04 4.21 17.68
C PHE A 129 -2.44 2.82 17.47
N LEU A 130 -1.11 2.71 17.57
CA LEU A 130 -0.43 1.41 17.39
C LEU A 130 -0.85 0.44 18.48
N LYS A 131 -1.08 0.96 19.69
CA LYS A 131 -1.51 0.12 20.80
C LYS A 131 -2.84 -0.53 20.47
N ASP A 132 -3.77 0.30 19.99
CA ASP A 132 -5.11 -0.18 19.63
C ASP A 132 -5.09 -1.09 18.42
N LEU A 133 -4.24 -0.80 17.45
CA LEU A 133 -4.14 -1.63 16.25
C LEU A 133 -3.67 -3.05 16.63
N PHE A 134 -2.67 -3.14 17.50
CA PHE A 134 -2.20 -4.47 17.90
C PHE A 134 -3.30 -5.23 18.67
N LEU A 135 -4.07 -4.53 19.49
CA LEU A 135 -5.15 -5.15 20.24
C LEU A 135 -6.22 -5.71 19.29
N GLN A 136 -6.59 -4.96 18.26
CA GLN A 136 -7.61 -5.45 17.33
C GLN A 136 -7.10 -6.66 16.56
N HIS A 137 -5.79 -6.81 16.44
CA HIS A 137 -5.20 -7.97 15.76
C HIS A 137 -4.90 -9.11 16.76
N LYS A 138 -5.19 -8.85 18.04
CA LYS A 138 -4.94 -9.83 19.10
C LYS A 138 -3.47 -10.22 19.13
N LYS A 139 -2.60 -9.27 18.78
CA LYS A 139 -1.14 -9.50 18.78
C LYS A 139 -0.58 -8.85 20.01
N LYS A 140 0.14 -9.63 20.81
CA LYS A 140 0.78 -9.11 22.03
C LYS A 140 2.23 -8.78 21.75
N ILE A 141 2.60 -7.51 21.89
CA ILE A 141 4.00 -7.16 21.69
C ILE A 141 4.61 -6.62 22.96
N PRO A 142 5.90 -6.86 23.15
CA PRO A 142 6.59 -6.37 24.35
C PRO A 142 6.54 -4.85 24.40
N PRO A 143 6.34 -4.29 25.61
CA PRO A 143 6.31 -2.82 25.67
C PRO A 143 7.61 -2.22 25.12
N ASN A 144 8.53 -3.09 24.66
CA ASN A 144 9.79 -2.64 24.09
C ASN A 144 9.76 -2.52 22.55
N LYS A 145 9.04 -3.42 21.88
CA LYS A 145 8.94 -3.33 20.41
C LYS A 145 8.04 -2.17 20.01
N LEU A 146 7.03 -1.90 20.85
CA LEU A 146 6.09 -0.82 20.58
C LEU A 146 6.85 0.51 20.45
N ASP A 147 7.83 0.69 21.34
CA ASP A 147 8.65 1.89 21.35
C ASP A 147 9.62 1.90 20.19
N GLU A 148 9.97 0.72 19.69
CA GLU A 148 10.88 0.64 18.54
C GLU A 148 10.07 1.01 17.29
N TYR A 149 8.87 0.48 17.23
CA TYR A 149 7.98 0.73 16.13
C TYR A 149 7.50 2.18 16.14
N THR A 150 6.97 2.65 17.27
CA THR A 150 6.50 4.03 17.36
C THR A 150 7.62 5.01 16.98
N ASP A 151 8.76 4.83 17.62
CA ASP A 151 9.93 5.67 17.42
C ASP A 151 10.43 5.72 15.99
N ALA A 152 10.48 4.56 15.32
CA ALA A 152 10.94 4.53 13.95
C ALA A 152 9.91 5.13 13.00
N LYS A 155 10.22 8.69 12.55
CA LYS A 155 11.40 9.02 11.74
C LYS A 155 11.12 8.94 10.25
N ILE A 156 10.14 8.15 9.85
CA ILE A 156 9.86 8.04 8.42
C ILE A 156 8.62 8.76 7.95
N PHE A 157 7.55 8.72 8.75
CA PHE A 157 6.30 9.35 8.36
C PHE A 157 6.12 10.75 8.90
N ASP A 158 6.90 11.12 9.92
CA ASP A 158 6.78 12.44 10.52
C ASP A 158 7.85 13.39 9.99
N LYS A 159 8.59 12.93 8.98
CA LYS A 159 9.64 13.75 8.40
C LYS A 159 9.09 15.11 7.99
N ASN A 160 7.84 15.12 7.54
CA ASN A 160 7.19 16.36 7.12
C ASN A 160 7.21 17.38 8.26
N LYS A 161 7.50 16.89 9.46
CA LYS A 161 7.58 17.72 10.67
C LYS A 161 6.48 18.77 10.82
N ASP A 162 5.43 18.38 11.53
CA ASP A 162 4.29 19.27 11.81
C ASP A 162 3.23 18.58 12.65
N GLY A 163 3.50 17.34 13.06
CA GLY A 163 2.56 16.63 13.91
C GLY A 163 1.34 15.96 13.31
N ARG A 164 1.42 15.64 12.02
CA ARG A 164 0.33 14.97 11.31
C ARG A 164 0.83 13.72 10.57
N LEU A 165 0.03 12.65 10.60
CA LEU A 165 0.38 11.41 9.89
C LEU A 165 -0.71 11.16 8.86
N ASP A 166 -0.29 11.05 7.62
CA ASP A 166 -1.17 10.84 6.47
C ASP A 166 -1.63 9.40 6.49
N LEU A 167 -2.91 9.18 6.25
CA LEU A 167 -3.46 7.83 6.18
C LEU A 167 -2.76 7.08 5.04
N ASN A 168 -2.23 7.82 4.06
CA ASN A 168 -1.52 7.18 2.94
C ASN A 168 -0.19 6.58 3.38
N ASP A 169 0.36 7.07 4.50
CA ASP A 169 1.60 6.51 5.01
C ASP A 169 1.32 5.38 6.01
N LEU A 170 0.52 5.62 7.02
CA LEU A 170 0.25 4.61 8.05
C LEU A 170 -0.35 3.32 7.48
N ALA A 171 -1.19 3.45 6.45
CA ALA A 171 -1.77 2.29 5.81
C ALA A 171 -0.62 1.43 5.25
N ARG A 172 0.59 1.96 5.19
CA ARG A 172 1.70 1.17 4.67
C ARG A 172 2.22 0.11 5.64
N ILE A 173 1.89 0.20 6.93
CA ILE A 173 2.40 -0.81 7.88
C ILE A 173 1.67 -2.16 7.81
N LEU A 174 0.49 -2.18 7.19
CA LEU A 174 -0.27 -3.41 7.08
C LEU A 174 0.46 -4.48 6.26
N ALA A 175 0.36 -5.73 6.70
CA ALA A 175 1.00 -6.87 6.03
C ALA A 175 0.05 -7.51 5.00
N LEU A 176 -0.62 -6.67 4.22
CA LEU A 176 -1.52 -7.12 3.18
C LEU A 176 -0.74 -7.06 1.86
N GLN A 177 -0.44 -8.23 1.31
CA GLN A 177 0.31 -8.35 0.06
C GLN A 177 -0.20 -7.42 -1.05
N GLU A 178 -1.51 -7.23 -1.09
CA GLU A 178 -2.16 -6.34 -2.05
C GLU A 178 -3.00 -5.41 -1.16
N ASN A 179 -2.38 -4.31 -0.75
CA ASN A 179 -2.99 -3.36 0.15
C ASN A 179 -4.28 -2.71 -0.37
N PHE A 180 -5.28 -2.76 0.51
CA PHE A 180 -6.62 -2.24 0.30
C PHE A 180 -6.72 -0.76 -0.06
N LEU A 181 -5.89 0.05 0.57
CA LEU A 181 -5.90 1.50 0.36
C LEU A 181 -4.81 2.01 -0.55
N LEU A 182 -3.60 1.50 -0.33
CA LEU A 182 -2.46 1.90 -1.13
C LEU A 182 -2.68 1.40 -2.56
N GLN A 183 -3.94 1.11 -2.84
CA GLN A 183 -4.35 0.61 -4.14
C GLN A 183 -4.29 1.69 -5.21
N PHE A 184 -3.44 2.71 -5.02
CA PHE A 184 -3.33 3.80 -6.00
C PHE A 184 -1.99 4.55 -6.08
N LYS A 185 -1.87 5.39 -7.10
CA LYS A 185 -0.68 6.20 -7.34
C LYS A 185 -0.54 7.28 -6.27
N ASP A 187 2.11 9.63 -6.45
CA ASP A 187 2.83 10.77 -7.02
C ASP A 187 1.98 12.05 -7.05
N ALA A 188 2.61 13.16 -6.67
CA ALA A 188 1.97 14.47 -6.63
C ALA A 188 1.07 14.77 -7.82
N SER A 189 1.64 14.65 -9.02
CA SER A 189 0.94 14.92 -10.26
C SER A 189 -0.34 14.10 -10.43
N SER A 190 -0.25 12.81 -10.09
CA SER A 190 -1.38 11.90 -10.19
C SER A 190 -2.38 12.19 -9.07
N GLN A 191 -1.89 12.70 -7.95
CA GLN A 191 -2.71 13.04 -6.79
C GLN A 191 -3.68 14.16 -7.13
N VAL A 192 -3.16 15.36 -7.41
CA VAL A 192 -4.03 16.46 -7.77
C VAL A 192 -4.99 15.95 -8.85
N GLU A 193 -4.44 15.50 -9.98
CA GLU A 193 -5.31 14.99 -11.04
C GLU A 193 -6.36 14.04 -10.51
N ARG A 194 -5.94 13.06 -9.71
CA ARG A 194 -6.87 12.10 -9.14
C ARG A 194 -7.98 12.80 -8.36
N LYS A 195 -7.66 13.92 -7.71
CA LYS A 195 -8.67 14.63 -6.94
C LYS A 195 -9.69 15.33 -7.83
N ARG A 196 -9.21 16.18 -8.74
CA ARG A 196 -10.09 16.91 -9.67
C ARG A 196 -11.01 15.89 -10.32
N ASP A 197 -10.41 14.84 -10.87
CA ASP A 197 -11.16 13.77 -11.52
C ASP A 197 -12.10 13.09 -10.53
N PHE A 198 -11.75 13.15 -9.25
CA PHE A 198 -12.58 12.57 -8.21
C PHE A 198 -13.72 13.56 -7.95
N GLU A 199 -13.41 14.84 -7.90
CA GLU A 199 -14.46 15.84 -7.66
C GLU A 199 -15.45 15.83 -8.83
N LYS A 200 -14.94 15.46 -10.01
CA LYS A 200 -15.75 15.42 -11.21
C LYS A 200 -16.70 14.24 -11.30
N ILE A 201 -16.21 13.04 -11.00
CA ILE A 201 -17.06 11.86 -11.12
C ILE A 201 -18.06 11.70 -9.98
N PHE A 202 -17.69 12.16 -8.78
CA PHE A 202 -18.60 12.07 -7.67
C PHE A 202 -19.82 12.99 -7.91
N ALA A 203 -19.60 14.12 -8.56
CA ALA A 203 -20.65 15.11 -8.85
C ALA A 203 -21.68 14.55 -9.81
N HIS A 204 -21.18 13.95 -10.89
CA HIS A 204 -22.00 13.32 -11.90
C HIS A 204 -22.98 12.32 -11.30
N TYR A 205 -22.53 11.51 -10.33
CA TYR A 205 -23.40 10.52 -9.71
C TYR A 205 -24.16 11.00 -8.45
N ASP A 206 -23.79 12.14 -7.88
CA ASP A 206 -24.50 12.66 -6.71
C ASP A 206 -25.64 13.59 -7.18
N VAL A 207 -26.54 13.01 -7.98
CA VAL A 207 -27.68 13.73 -8.57
C VAL A 207 -28.60 14.41 -7.57
N SER A 208 -28.91 13.73 -6.47
CA SER A 208 -29.78 14.29 -5.46
C SER A 208 -29.00 15.32 -4.63
N ARG A 209 -27.69 15.40 -4.89
CA ARG A 209 -26.81 16.33 -4.17
C ARG A 209 -26.89 16.10 -2.66
N THR A 210 -26.75 14.84 -2.26
CA THR A 210 -26.80 14.49 -0.86
C THR A 210 -25.41 14.31 -0.26
N GLY A 211 -24.39 14.27 -1.12
CA GLY A 211 -23.02 14.09 -0.64
C GLY A 211 -22.66 12.68 -0.21
N ALA A 212 -23.24 11.67 -0.87
CA ALA A 212 -23.01 10.24 -0.59
C ALA A 212 -23.56 9.48 -1.79
N LEU A 213 -23.04 8.27 -2.01
CA LEU A 213 -23.49 7.43 -3.11
C LEU A 213 -23.99 6.13 -2.48
N GLU A 214 -25.03 5.55 -3.07
CA GLU A 214 -25.61 4.27 -2.61
C GLU A 214 -26.13 3.50 -3.83
N GLY A 215 -26.50 2.24 -3.64
CA GLY A 215 -27.03 1.44 -4.75
C GLY A 215 -26.27 1.67 -6.04
N PRO A 216 -26.95 1.79 -7.20
CA PRO A 216 -26.30 2.01 -8.48
C PRO A 216 -25.37 3.24 -8.56
N GLU A 217 -25.40 4.12 -7.55
CA GLU A 217 -24.53 5.30 -7.55
C GLU A 217 -23.08 4.84 -7.32
N VAL A 218 -22.86 4.13 -6.22
CA VAL A 218 -21.53 3.63 -5.90
C VAL A 218 -21.08 2.74 -7.05
N ASP A 219 -22.03 1.97 -7.58
CA ASP A 219 -21.74 1.07 -8.68
C ASP A 219 -21.33 1.79 -9.96
N GLY A 220 -22.20 2.67 -10.45
CA GLY A 220 -21.89 3.40 -11.68
C GLY A 220 -20.65 4.25 -11.57
N PHE A 221 -20.31 4.59 -10.33
CA PHE A 221 -19.16 5.43 -10.05
C PHE A 221 -17.87 4.61 -9.99
N VAL A 222 -17.94 3.43 -9.37
CA VAL A 222 -16.76 2.61 -9.26
C VAL A 222 -16.20 2.39 -10.66
N LYS A 223 -17.06 1.97 -11.57
CA LYS A 223 -16.64 1.73 -12.94
C LYS A 223 -15.92 2.94 -13.55
N ASP A 224 -16.55 4.10 -13.53
CA ASP A 224 -15.93 5.30 -14.13
C ASP A 224 -14.64 5.78 -13.45
N GLU A 227 -11.69 3.05 -14.40
CA GLU A 227 -11.29 3.09 -15.80
C GLU A 227 -10.88 4.49 -16.26
N LEU A 228 -10.75 5.40 -15.30
CA LEU A 228 -10.34 6.76 -15.60
C LEU A 228 -9.18 7.17 -14.70
N VAL A 229 -8.67 6.21 -13.95
CA VAL A 229 -7.52 6.40 -13.06
C VAL A 229 -6.41 5.45 -13.50
N ARG A 230 -6.81 4.22 -13.79
CA ARG A 230 -5.90 3.18 -14.25
C ARG A 230 -6.62 2.44 -15.38
N PRO A 231 -6.48 2.93 -16.63
CA PRO A 231 -7.13 2.28 -17.78
C PRO A 231 -6.96 0.78 -17.90
N SER A 232 -7.81 0.17 -18.70
CA SER A 232 -7.77 -1.26 -18.93
C SER A 232 -7.75 -2.04 -17.62
N ILE A 233 -8.85 -1.97 -16.85
CA ILE A 233 -8.94 -2.69 -15.58
C ILE A 233 -9.95 -3.82 -15.75
N SER A 234 -9.88 -4.83 -14.89
CA SER A 234 -10.77 -5.99 -14.99
C SER A 234 -12.04 -5.94 -14.14
N GLY A 235 -13.11 -6.55 -14.68
CA GLY A 235 -14.39 -6.58 -13.99
C GLY A 235 -14.31 -7.26 -12.64
N GLY A 236 -13.73 -8.46 -12.61
CA GLY A 236 -13.61 -9.17 -11.35
C GLY A 236 -13.13 -8.16 -10.33
N ASP A 237 -12.19 -7.31 -10.74
CA ASP A 237 -11.64 -6.27 -9.89
C ASP A 237 -12.73 -5.26 -9.52
N LEU A 238 -13.34 -4.63 -10.52
CA LEU A 238 -14.40 -3.67 -10.29
C LEU A 238 -15.34 -4.16 -9.17
N ASP A 239 -15.81 -5.39 -9.29
CA ASP A 239 -16.70 -5.94 -8.26
C ASP A 239 -16.00 -6.05 -6.92
N LYS A 240 -14.74 -6.52 -6.93
CA LYS A 240 -13.99 -6.64 -5.69
C LYS A 240 -13.78 -5.25 -5.07
N PHE A 241 -13.26 -4.32 -5.86
CA PHE A 241 -13.01 -2.97 -5.38
C PHE A 241 -14.31 -2.43 -4.80
N ARG A 242 -15.41 -2.74 -5.49
CA ARG A 242 -16.73 -2.30 -5.03
C ARG A 242 -17.05 -2.97 -3.69
N GLU A 243 -16.78 -4.28 -3.61
CA GLU A 243 -17.04 -5.01 -2.37
C GLU A 243 -16.00 -4.53 -1.34
N CYS A 244 -14.85 -4.07 -1.84
CA CYS A 244 -13.77 -3.56 -1.00
C CYS A 244 -14.16 -2.25 -0.27
N LEU A 245 -14.32 -1.17 -1.00
CA LEU A 245 -14.65 0.12 -0.40
C LEU A 245 -15.75 0.03 0.66
N LEU A 246 -16.73 -0.87 0.45
CA LEU A 246 -17.83 -1.02 1.40
C LEU A 246 -17.37 -1.09 2.85
N THR A 247 -17.00 -2.28 3.35
CA THR A 247 -16.53 -2.45 4.73
C THR A 247 -15.25 -1.63 4.96
N HIS A 248 -14.81 -0.90 3.94
CA HIS A 248 -13.64 -0.07 4.07
C HIS A 248 -14.08 1.39 4.14
N CYS A 249 -15.38 1.61 3.92
CA CYS A 249 -15.95 2.96 3.95
C CYS A 249 -17.31 3.04 4.65
N ASP A 250 -18.22 2.14 4.32
CA ASP A 250 -19.57 2.12 4.89
C ASP A 250 -19.66 2.31 6.42
N ASN A 252 -23.22 1.56 7.88
CA ASN A 252 -24.50 0.97 8.23
C ASN A 252 -24.84 -0.17 7.26
N LYS A 253 -26.11 -0.55 7.19
CA LYS A 253 -26.55 -1.63 6.31
C LYS A 253 -27.16 -1.12 5.01
N ASP A 254 -27.47 0.19 4.99
CA ASP A 254 -28.09 0.86 3.85
C ASP A 254 -27.37 0.71 2.50
N GLY A 255 -26.04 0.68 2.53
CA GLY A 255 -25.29 0.56 1.28
C GLY A 255 -24.74 1.90 0.83
N LYS A 256 -24.86 2.92 1.68
CA LYS A 256 -24.35 4.24 1.34
C LYS A 256 -22.86 4.34 1.56
N ILE A 257 -22.23 5.19 0.76
CA ILE A 257 -20.82 5.45 0.85
C ILE A 257 -20.62 6.95 0.83
N GLN A 258 -20.00 7.47 1.88
CA GLN A 258 -19.73 8.91 1.98
C GLN A 258 -18.63 9.32 0.99
N LYS A 259 -18.61 10.59 0.63
CA LYS A 259 -17.59 11.11 -0.31
C LYS A 259 -16.14 10.98 0.20
N SER A 260 -15.84 11.70 1.28
CA SER A 260 -14.48 11.67 1.85
C SER A 260 -13.96 10.25 2.13
N GLU A 261 -14.78 9.40 2.73
CA GLU A 261 -14.32 8.05 3.00
C GLU A 261 -14.09 7.34 1.66
N LEU A 262 -14.70 7.88 0.62
CA LEU A 262 -14.53 7.32 -0.71
C LEU A 262 -13.19 7.90 -1.19
N ALA A 263 -12.98 9.20 -1.02
CA ALA A 263 -11.72 9.81 -1.45
C ALA A 263 -10.58 9.22 -0.60
N LEU A 264 -10.81 9.16 0.70
CA LEU A 264 -9.83 8.63 1.65
C LEU A 264 -8.93 7.51 1.14
N CYS A 265 -9.39 6.28 1.30
CA CYS A 265 -8.64 5.11 0.89
C CYS A 265 -8.29 5.17 -0.61
N LEU A 266 -9.03 6.00 -1.35
CA LEU A 266 -8.79 6.15 -2.79
C LEU A 266 -7.45 6.82 -3.05
N GLY A 267 -6.76 7.18 -1.97
CA GLY A 267 -5.48 7.83 -2.12
C GLY A 267 -5.52 9.34 -1.92
N LEU A 268 -6.71 9.89 -1.70
CA LEU A 268 -6.86 11.33 -1.49
C LEU A 268 -7.80 11.62 -0.34
N LYS A 269 -7.94 12.91 -0.03
CA LYS A 269 -8.80 13.38 1.08
C LYS A 269 -9.88 14.34 0.60
N HIS A 270 -10.92 14.52 1.40
CA HIS A 270 -12.01 15.43 1.04
C HIS A 270 -12.12 16.60 2.01
N LYS A 271 -12.15 17.81 1.48
CA LYS A 271 -12.27 19.00 2.30
C LYS A 271 -13.58 19.73 1.97
N PRO A 272 -14.58 19.61 2.88
CA PRO A 272 -15.89 20.24 2.71
C PRO A 272 -15.85 21.77 2.82
N SER A 3 7.96 3.45 -19.48
CA SER A 3 9.14 4.30 -19.84
C SER A 3 9.81 4.91 -18.60
N ALA A 4 9.01 5.49 -17.71
CA ALA A 4 9.57 6.09 -16.51
C ALA A 4 10.21 5.03 -15.61
N PHE A 5 11.31 5.41 -14.95
CA PHE A 5 11.96 4.47 -14.07
C PHE A 5 11.00 4.22 -12.91
N ALA A 6 10.93 2.97 -12.46
CA ALA A 6 10.06 2.63 -11.35
C ALA A 6 10.85 1.77 -10.34
N ASN A 7 10.72 2.11 -9.06
CA ASN A 7 11.40 1.37 -8.01
C ASN A 7 10.44 0.40 -7.31
N LEU A 8 10.90 -0.83 -7.16
CA LEU A 8 10.16 -1.88 -6.50
C LEU A 8 9.88 -1.49 -5.03
N ASP A 9 8.63 -1.59 -4.59
CA ASP A 9 8.29 -1.31 -3.19
C ASP A 9 8.33 -2.64 -2.39
N ALA A 10 8.18 -2.57 -1.07
CA ALA A 10 8.21 -3.76 -0.20
C ALA A 10 7.10 -4.73 -0.59
N ALA A 11 5.92 -4.20 -0.92
CA ALA A 11 4.83 -5.10 -1.32
C ALA A 11 5.28 -5.91 -2.54
N GLY A 12 5.66 -5.21 -3.61
CA GLY A 12 6.11 -5.86 -4.83
C GLY A 12 7.31 -6.78 -4.54
N PHE A 13 8.25 -6.28 -3.74
CA PHE A 13 9.40 -7.07 -3.34
C PHE A 13 8.86 -8.36 -2.72
N LEU A 14 8.36 -8.28 -1.48
CA LEU A 14 7.83 -9.48 -0.86
C LEU A 14 7.04 -10.27 -1.90
N GLN A 15 6.21 -9.56 -2.67
CA GLN A 15 5.42 -10.20 -3.72
C GLN A 15 6.29 -11.01 -4.68
N ILE A 16 7.57 -10.64 -4.82
CA ILE A 16 8.46 -11.38 -5.69
C ILE A 16 9.05 -12.53 -4.90
N TRP A 17 9.67 -12.18 -3.78
CA TRP A 17 10.32 -13.13 -2.87
C TRP A 17 9.65 -14.50 -2.68
N GLN A 18 8.33 -14.50 -2.54
CA GLN A 18 7.52 -15.70 -2.33
C GLN A 18 7.57 -16.71 -3.47
N HIS A 19 8.05 -16.27 -4.63
CA HIS A 19 8.15 -17.12 -5.81
C HIS A 19 9.48 -17.88 -5.70
N PHE A 20 10.22 -17.60 -4.63
CA PHE A 20 11.50 -18.23 -4.41
C PHE A 20 11.72 -18.73 -2.98
N ASP A 21 10.74 -18.49 -2.11
CA ASP A 21 10.83 -18.92 -0.70
C ASP A 21 9.42 -19.05 -0.10
N ALA A 22 8.70 -20.07 -0.57
CA ALA A 22 7.34 -20.40 -0.17
C ALA A 22 7.19 -20.73 1.33
N ASP A 23 8.02 -21.65 1.82
CA ASP A 23 7.98 -22.05 3.22
C ASP A 23 8.48 -20.90 4.06
N ASP A 24 8.94 -19.85 3.39
CA ASP A 24 9.45 -18.65 4.03
C ASP A 24 10.57 -18.93 5.03
N ASN A 25 11.69 -19.43 4.50
CA ASN A 25 12.88 -19.70 5.30
C ASN A 25 13.67 -18.38 5.48
N GLY A 26 13.25 -17.32 4.78
CA GLY A 26 13.96 -16.05 4.92
C GLY A 26 15.27 -15.97 4.12
N TYR A 27 15.49 -16.94 3.22
CA TYR A 27 16.69 -16.90 2.39
C TYR A 27 16.46 -17.50 1.02
N ILE A 28 17.29 -17.06 0.06
CA ILE A 28 17.29 -17.58 -1.30
C ILE A 28 18.76 -17.83 -1.70
N GLU A 29 18.96 -18.12 -2.98
CA GLU A 29 20.29 -18.41 -3.53
C GLU A 29 20.71 -17.39 -4.59
N GLY A 30 21.99 -17.04 -4.60
CA GLY A 30 22.51 -16.11 -5.57
C GLY A 30 22.24 -16.63 -6.97
N LYS A 31 22.09 -17.94 -7.07
CA LYS A 31 21.81 -18.58 -8.35
C LYS A 31 20.49 -18.12 -9.00
N GLU A 32 19.44 -17.94 -8.20
CA GLU A 32 18.15 -17.52 -8.75
C GLU A 32 18.03 -16.00 -8.86
N LEU A 33 19.07 -15.29 -8.46
CA LEU A 33 19.06 -13.83 -8.50
C LEU A 33 18.61 -13.33 -9.89
N ASP A 34 19.15 -13.91 -10.96
CA ASP A 34 18.75 -13.51 -12.30
C ASP A 34 17.22 -13.55 -12.43
N ASP A 35 16.62 -14.66 -11.98
CA ASP A 35 15.18 -14.84 -12.04
C ASP A 35 14.44 -13.78 -11.20
N PHE A 36 14.95 -13.51 -10.00
CA PHE A 36 14.30 -12.49 -9.16
C PHE A 36 14.23 -11.16 -9.93
N PHE A 37 15.34 -10.80 -10.57
CA PHE A 37 15.40 -9.54 -11.32
C PHE A 37 14.54 -9.57 -12.58
N ARG A 38 14.34 -10.77 -13.13
CA ARG A 38 13.53 -10.93 -14.32
C ARG A 38 12.09 -10.65 -13.93
N HIS A 39 11.70 -11.13 -12.76
CA HIS A 39 10.34 -10.90 -12.26
C HIS A 39 10.16 -9.44 -11.93
N LEU A 41 11.57 -6.77 -13.28
CA LEU A 41 11.41 -6.00 -14.52
C LEU A 41 10.02 -6.19 -15.16
N LYS A 42 9.44 -7.38 -15.06
CA LYS A 42 8.12 -7.58 -15.62
C LYS A 42 7.06 -6.84 -14.76
N LYS A 43 7.29 -6.77 -13.46
CA LYS A 43 6.38 -6.06 -12.57
C LYS A 43 6.50 -4.52 -12.67
N LEU A 44 7.73 -4.02 -12.77
CA LEU A 44 7.98 -2.57 -12.84
C LEU A 44 7.76 -1.93 -14.22
N GLN A 45 8.06 -2.69 -15.28
CA GLN A 45 7.91 -2.20 -16.65
C GLN A 45 7.25 -3.32 -17.46
N PRO A 46 5.98 -3.61 -17.14
CA PRO A 46 5.13 -4.65 -17.74
C PRO A 46 5.09 -4.68 -19.25
N LYS A 47 5.53 -3.60 -19.90
CA LYS A 47 5.52 -3.54 -21.34
C LYS A 47 6.86 -3.94 -21.99
N ASP A 48 7.94 -3.94 -21.21
CA ASP A 48 9.23 -4.31 -21.79
C ASP A 48 9.32 -5.79 -22.12
N LYS A 49 10.06 -6.09 -23.18
CA LYS A 49 10.28 -7.47 -23.60
C LYS A 49 11.59 -7.82 -22.90
N ILE A 50 11.47 -8.29 -21.67
CA ILE A 50 12.65 -8.60 -20.86
C ILE A 50 13.64 -9.63 -21.41
N THR A 51 14.74 -9.15 -22.00
CA THR A 51 15.77 -10.02 -22.56
C THR A 51 16.75 -10.44 -21.47
N ASP A 52 17.54 -11.47 -21.75
CA ASP A 52 18.50 -11.93 -20.76
C ASP A 52 19.56 -10.85 -20.52
N GLU A 53 19.96 -10.16 -21.58
CA GLU A 53 20.96 -9.09 -21.48
C GLU A 53 20.47 -8.00 -20.53
N ARG A 54 19.22 -7.58 -20.70
CA ARG A 54 18.63 -6.54 -19.86
C ARG A 54 18.68 -6.94 -18.37
N VAL A 55 18.31 -8.18 -18.07
CA VAL A 55 18.31 -8.68 -16.70
C VAL A 55 19.70 -8.51 -16.09
N GLN A 56 20.74 -8.91 -16.82
CA GLN A 56 22.11 -8.76 -16.33
C GLN A 56 22.46 -7.29 -16.09
N GLN A 57 22.11 -6.44 -17.04
CA GLN A 57 22.40 -5.02 -16.89
C GLN A 57 21.69 -4.44 -15.63
N ILE A 58 20.43 -4.83 -15.41
CA ILE A 58 19.71 -4.27 -14.28
C ILE A 58 20.24 -4.81 -12.95
N LYS A 59 20.58 -6.09 -12.89
CA LYS A 59 21.11 -6.67 -11.67
C LYS A 59 22.44 -5.99 -11.26
N LYS A 60 23.31 -5.76 -12.22
CA LYS A 60 24.58 -5.12 -11.91
C LYS A 60 24.40 -3.69 -11.47
N SER A 61 23.34 -3.05 -11.92
CA SER A 61 23.10 -1.66 -11.53
C SER A 61 22.63 -1.54 -10.06
N PHE A 62 22.08 -2.62 -9.51
CA PHE A 62 21.57 -2.61 -8.12
C PHE A 62 22.60 -3.08 -7.09
N SER A 64 26.99 -4.68 -6.35
CA SER A 64 28.41 -4.58 -6.58
C SER A 64 28.83 -5.71 -7.51
N ALA A 65 29.84 -5.46 -8.37
CA ALA A 65 30.32 -6.50 -9.27
C ALA A 65 30.67 -7.73 -8.42
N TYR A 66 31.30 -7.47 -7.28
CA TYR A 66 31.69 -8.52 -6.35
C TYR A 66 30.48 -9.23 -5.73
N ASP A 67 29.79 -8.58 -4.78
CA ASP A 67 28.66 -9.22 -4.10
C ASP A 67 27.75 -9.97 -5.08
N ALA A 68 27.69 -9.45 -6.31
CA ALA A 68 26.89 -10.04 -7.37
C ALA A 68 27.32 -11.48 -7.60
N THR A 69 28.59 -11.66 -8.01
CA THR A 69 29.14 -12.98 -8.29
C THR A 69 29.03 -13.96 -7.13
N PHE A 70 28.72 -13.44 -5.94
CA PHE A 70 28.59 -14.29 -4.77
C PHE A 70 27.76 -15.52 -5.13
N ASP A 71 28.29 -16.71 -4.87
CA ASP A 71 27.59 -17.94 -5.21
C ASP A 71 27.18 -18.76 -3.98
N GLY A 72 26.18 -18.24 -3.25
CA GLY A 72 25.70 -18.92 -2.06
C GLY A 72 24.32 -18.46 -1.62
N ARG A 73 24.19 -18.07 -0.35
CA ARG A 73 22.92 -17.60 0.15
C ARG A 73 22.73 -16.08 0.03
N LEU A 74 21.46 -15.70 -0.06
CA LEU A 74 21.00 -14.31 -0.12
C LEU A 74 19.75 -14.30 0.77
N GLN A 75 19.92 -13.86 2.01
CA GLN A 75 18.86 -13.78 2.99
C GLN A 75 17.94 -12.63 2.57
N ILE A 76 16.74 -12.58 3.12
CA ILE A 76 15.83 -11.52 2.72
C ILE A 76 16.38 -10.13 3.03
N GLU A 77 16.91 -9.94 4.24
CA GLU A 77 17.45 -8.63 4.64
C GLU A 77 18.58 -8.15 3.71
N GLU A 78 19.41 -9.07 3.24
CA GLU A 78 20.53 -8.71 2.35
C GLU A 78 20.05 -8.21 1.00
N LEU A 79 19.12 -8.93 0.38
CA LEU A 79 18.63 -8.49 -0.92
C LEU A 79 17.85 -7.17 -0.76
N ALA A 80 17.00 -7.10 0.26
CA ALA A 80 16.23 -5.87 0.49
C ALA A 80 17.16 -4.66 0.60
N ASN A 81 18.27 -4.83 1.31
CA ASN A 81 19.24 -3.77 1.49
C ASN A 81 19.83 -3.31 0.16
N ILE A 83 18.31 -3.62 -2.80
CA ILE A 83 17.26 -3.13 -3.68
C ILE A 83 16.29 -2.05 -3.19
N LEU A 84 15.80 -2.18 -1.97
CA LEU A 84 14.80 -1.24 -1.46
C LEU A 84 15.34 -0.04 -0.71
N PRO A 85 14.71 1.13 -0.93
CA PRO A 85 15.15 2.33 -0.22
C PRO A 85 14.74 2.07 1.25
N GLN A 86 15.43 2.70 2.20
CA GLN A 86 15.16 2.48 3.62
C GLN A 86 13.72 2.59 4.10
N GLU A 87 12.89 3.38 3.43
CA GLU A 87 11.51 3.50 3.85
C GLU A 87 10.77 2.18 3.58
N GLU A 88 10.88 1.71 2.34
CA GLU A 88 10.24 0.46 1.95
C GLU A 88 10.92 -0.70 2.67
N ASN A 89 12.22 -0.50 2.90
CA ASN A 89 13.05 -1.49 3.58
C ASN A 89 12.51 -1.69 5.00
N PHE A 90 12.37 -0.60 5.73
CA PHE A 90 11.85 -0.71 7.07
C PHE A 90 10.45 -1.32 7.09
N LEU A 91 9.66 -1.05 6.05
CA LEU A 91 8.30 -1.59 5.99
C LEU A 91 8.29 -3.11 5.78
N LEU A 92 9.09 -3.60 4.83
CA LEU A 92 9.16 -5.05 4.56
C LEU A 92 9.46 -5.81 5.84
N ILE A 93 10.46 -5.31 6.57
CA ILE A 93 10.89 -5.93 7.81
C ILE A 93 9.82 -5.89 8.89
N PHE A 94 9.28 -4.70 9.16
CA PHE A 94 8.24 -4.55 10.18
C PHE A 94 7.12 -5.54 9.88
N ARG A 95 6.80 -5.68 8.59
CA ARG A 95 5.73 -6.59 8.19
C ARG A 95 5.92 -8.01 8.71
N ARG A 96 7.08 -8.58 8.40
CA ARG A 96 7.43 -9.94 8.79
C ARG A 96 7.65 -10.12 10.29
N GLU A 97 8.01 -9.04 10.97
CA GLU A 97 8.21 -9.14 12.40
C GLU A 97 6.87 -9.01 13.16
N ALA A 98 6.18 -7.89 12.95
CA ALA A 98 4.91 -7.63 13.62
C ALA A 98 3.84 -7.53 12.54
N PRO A 99 3.43 -8.67 11.98
CA PRO A 99 2.41 -8.66 10.93
C PRO A 99 1.02 -8.23 11.39
N LEU A 100 0.47 -7.23 10.68
CA LEU A 100 -0.86 -6.68 10.92
C LEU A 100 -1.59 -6.92 9.61
N ASP A 101 -2.45 -7.93 9.59
CA ASP A 101 -3.11 -8.29 8.35
C ASP A 101 -4.58 -8.01 8.16
N ASN A 102 -5.21 -7.19 9.01
CA ASN A 102 -6.65 -6.92 8.84
C ASN A 102 -6.92 -5.43 8.52
N SER A 103 -7.07 -5.08 7.24
CA SER A 103 -7.33 -3.68 6.92
C SER A 103 -8.75 -3.25 7.27
N VAL A 104 -9.62 -4.22 7.50
CA VAL A 104 -10.99 -3.91 7.88
C VAL A 104 -10.91 -3.33 9.27
N GLU A 105 -10.28 -4.05 10.19
CA GLU A 105 -10.16 -3.57 11.56
C GLU A 105 -9.34 -2.25 11.57
N PHE A 106 -8.21 -2.23 10.84
CA PHE A 106 -7.37 -1.03 10.76
C PHE A 106 -8.20 0.24 10.55
N LYS A 108 -11.35 0.81 11.33
CA LYS A 108 -12.16 1.10 12.51
C LYS A 108 -11.37 2.01 13.45
N ILE A 109 -10.13 1.62 13.73
CA ILE A 109 -9.24 2.40 14.61
C ILE A 109 -8.93 3.76 13.97
N TRP A 110 -8.72 3.77 12.67
CA TRP A 110 -8.42 5.05 12.02
C TRP A 110 -9.52 6.08 12.26
N ARG A 111 -10.77 5.67 12.08
CA ARG A 111 -11.90 6.58 12.25
C ARG A 111 -12.06 7.05 13.67
N LYS A 112 -11.65 6.21 14.62
CA LYS A 112 -11.70 6.56 16.03
C LYS A 112 -10.84 7.82 16.20
N TYR A 113 -9.61 7.75 15.67
CA TYR A 113 -8.67 8.87 15.78
C TYR A 113 -8.91 9.99 14.76
N ASP A 114 -9.09 9.63 13.49
CA ASP A 114 -9.33 10.63 12.44
C ASP A 114 -10.85 10.72 12.33
N ALA A 115 -11.47 11.18 13.43
CA ALA A 115 -12.92 11.30 13.50
C ALA A 115 -13.46 12.22 12.41
N ASP A 116 -12.70 13.25 12.07
CA ASP A 116 -13.10 14.18 11.01
C ASP A 116 -13.43 13.48 9.71
N SER A 117 -12.99 12.23 9.57
CA SER A 117 -13.26 11.47 8.35
C SER A 117 -12.46 12.20 7.24
N SER A 118 -11.32 12.78 7.62
CA SER A 118 -10.48 13.55 6.72
C SER A 118 -9.19 12.98 6.15
N GLY A 119 -8.63 11.95 6.77
CA GLY A 119 -7.39 11.41 6.25
C GLY A 119 -6.11 11.69 7.04
N TYR A 120 -6.22 12.30 8.22
CA TYR A 120 -5.02 12.58 9.04
C TYR A 120 -5.17 12.13 10.48
N ILE A 121 -4.03 11.97 11.16
CA ILE A 121 -3.97 11.69 12.59
C ILE A 121 -2.74 12.43 13.17
N SER A 122 -2.82 12.77 14.45
CA SER A 122 -1.74 13.47 15.12
C SER A 122 -0.56 12.53 15.37
N ALA A 123 0.63 12.97 14.97
CA ALA A 123 1.82 12.15 15.17
C ALA A 123 2.04 11.94 16.68
N ALA A 124 1.54 12.86 17.50
CA ALA A 124 1.70 12.76 18.96
C ALA A 124 0.90 11.58 19.52
N GLU A 125 -0.05 11.08 18.72
CA GLU A 125 -0.90 9.97 19.13
C GLU A 125 -0.52 8.60 18.57
N LEU A 126 0.46 8.56 17.67
CA LEU A 126 0.85 7.30 17.03
C LEU A 126 1.09 6.12 17.96
N LYS A 127 1.75 6.34 19.09
CA LYS A 127 2.02 5.26 20.02
C LYS A 127 0.73 4.51 20.40
N ASN A 128 -0.29 5.25 20.83
CA ASN A 128 -1.56 4.63 21.23
C ASN A 128 -2.35 4.06 20.05
N PHE A 129 -2.25 4.71 18.89
CA PHE A 129 -2.95 4.20 17.72
C PHE A 129 -2.42 2.77 17.45
N LEU A 130 -1.10 2.58 17.54
CA LEU A 130 -0.49 1.26 17.29
C LEU A 130 -0.94 0.23 18.31
N LYS A 131 -0.79 0.58 19.59
CA LYS A 131 -1.22 -0.30 20.70
C LYS A 131 -2.64 -0.76 20.41
N ASP A 132 -3.46 0.19 19.98
CA ASP A 132 -4.86 -0.08 19.66
C ASP A 132 -4.94 -1.04 18.49
N LEU A 133 -4.13 -0.78 17.48
CA LEU A 133 -4.09 -1.65 16.29
C LEU A 133 -3.58 -3.05 16.69
N PHE A 134 -2.59 -3.11 17.57
CA PHE A 134 -2.09 -4.43 17.97
C PHE A 134 -3.17 -5.23 18.73
N LEU A 135 -3.96 -4.53 19.55
CA LEU A 135 -5.03 -5.19 20.31
C LEU A 135 -6.08 -5.79 19.39
N GLN A 136 -6.48 -5.06 18.34
CA GLN A 136 -7.51 -5.57 17.42
C GLN A 136 -7.08 -6.81 16.64
N HIS A 137 -5.82 -6.90 16.22
CA HIS A 137 -5.34 -8.09 15.52
C HIS A 137 -5.09 -9.22 16.53
N LYS A 138 -5.34 -8.94 17.80
CA LYS A 138 -5.16 -9.93 18.86
C LYS A 138 -3.71 -10.42 18.90
N LYS A 139 -2.80 -9.48 19.15
CA LYS A 139 -1.36 -9.78 19.20
C LYS A 139 -0.79 -9.11 20.43
N LYS A 140 -0.02 -9.86 21.21
CA LYS A 140 0.63 -9.33 22.41
C LYS A 140 2.06 -8.99 22.04
N ILE A 141 2.37 -7.69 21.91
CA ILE A 141 3.75 -7.31 21.58
C ILE A 141 4.47 -6.86 22.84
N PRO A 142 5.80 -7.09 22.90
CA PRO A 142 6.59 -6.70 24.07
C PRO A 142 6.17 -5.34 24.60
N PRO A 143 6.49 -5.03 25.86
CA PRO A 143 6.07 -3.72 26.35
C PRO A 143 7.05 -2.63 25.91
N ASN A 144 8.08 -2.99 25.13
CA ASN A 144 9.07 -2.02 24.66
C ASN A 144 8.99 -1.75 23.18
N LYS A 145 8.69 -2.77 22.38
CA LYS A 145 8.58 -2.55 20.93
C LYS A 145 7.62 -1.41 20.62
N LEU A 146 6.49 -1.34 21.31
CA LEU A 146 5.54 -0.25 21.07
C LEU A 146 6.26 1.09 20.94
N ASP A 147 7.31 1.24 21.72
CA ASP A 147 8.13 2.45 21.73
C ASP A 147 9.09 2.44 20.53
N GLU A 148 9.60 1.26 20.20
CA GLU A 148 10.54 1.08 19.10
C GLU A 148 9.87 1.29 17.74
N TYR A 149 8.71 0.67 17.58
CA TYR A 149 7.99 0.79 16.34
C TYR A 149 7.53 2.24 16.23
N THR A 150 6.96 2.77 17.30
CA THR A 150 6.50 4.16 17.31
C THR A 150 7.64 5.11 16.89
N ASP A 151 8.79 4.90 17.53
CA ASP A 151 9.98 5.70 17.28
C ASP A 151 10.51 5.53 15.86
N ALA A 152 10.43 4.32 15.32
CA ALA A 152 10.90 4.04 13.98
C ALA A 152 9.97 4.68 12.95
N LYS A 155 9.98 8.56 12.02
CA LYS A 155 10.99 8.92 11.03
C LYS A 155 10.42 9.22 9.65
N ILE A 156 10.08 8.16 8.91
CA ILE A 156 9.54 8.33 7.56
C ILE A 156 8.29 9.20 7.53
N PHE A 157 7.24 8.72 8.18
CA PHE A 157 5.96 9.43 8.17
C PHE A 157 6.03 10.83 8.75
N ASP A 158 7.19 11.20 9.31
CA ASP A 158 7.33 12.56 9.83
C ASP A 158 8.73 13.15 9.71
N LYS A 159 9.35 12.92 8.56
CA LYS A 159 10.69 13.45 8.30
C LYS A 159 10.60 14.98 8.27
N ASN A 160 9.39 15.49 8.49
CA ASN A 160 9.10 16.92 8.47
C ASN A 160 8.67 17.45 9.84
N LYS A 161 8.37 16.52 10.73
CA LYS A 161 7.96 16.83 12.10
C LYS A 161 6.93 17.94 12.28
N ASP A 162 5.89 17.97 11.45
CA ASP A 162 4.86 18.97 11.61
C ASP A 162 3.79 18.33 12.48
N GLY A 163 4.22 17.28 13.18
CA GLY A 163 3.34 16.57 14.09
C GLY A 163 2.16 15.80 13.54
N ARG A 164 2.31 15.27 12.33
CA ARG A 164 1.22 14.50 11.72
C ARG A 164 1.59 13.41 10.69
N LEU A 165 0.76 12.37 10.66
CA LEU A 165 0.94 11.24 9.75
C LEU A 165 -0.41 11.11 9.01
N ASP A 166 -0.41 10.56 7.81
CA ASP A 166 -1.67 10.41 7.05
C ASP A 166 -1.93 8.99 6.55
N LEU A 167 -3.20 8.68 6.33
CA LEU A 167 -3.59 7.35 5.85
C LEU A 167 -2.67 6.74 4.78
N ASN A 168 -2.33 7.49 3.74
CA ASN A 168 -1.45 6.94 2.70
C ASN A 168 -0.09 6.54 3.28
N ASP A 169 0.24 7.09 4.45
CA ASP A 169 1.49 6.73 5.12
C ASP A 169 1.32 5.62 6.14
N LEU A 170 0.26 5.66 6.96
CA LEU A 170 0.10 4.63 7.98
C LEU A 170 -0.40 3.32 7.42
N ALA A 171 -1.24 3.40 6.38
CA ALA A 171 -1.74 2.20 5.73
C ALA A 171 -0.54 1.38 5.24
N ARG A 172 0.65 1.98 5.20
CA ARG A 172 1.81 1.23 4.73
C ARG A 172 2.35 0.19 5.74
N ILE A 173 1.94 0.25 7.00
CA ILE A 173 2.48 -0.73 7.96
C ILE A 173 1.77 -2.08 7.90
N LEU A 174 0.60 -2.13 7.29
CA LEU A 174 -0.14 -3.38 7.19
C LEU A 174 0.64 -4.44 6.41
N ALA A 175 0.41 -5.72 6.76
CA ALA A 175 1.05 -6.87 6.12
C ALA A 175 0.02 -7.57 5.22
N LEU A 176 -0.08 -7.09 4.00
CA LEU A 176 -1.01 -7.62 3.00
C LEU A 176 -0.26 -7.88 1.68
N GLN A 177 -0.12 -9.14 1.31
CA GLN A 177 0.57 -9.46 0.05
C GLN A 177 0.03 -8.49 -0.99
N GLU A 178 -1.28 -8.29 -0.92
CA GLU A 178 -2.03 -7.38 -1.78
C GLU A 178 -2.89 -6.53 -0.84
N ASN A 179 -2.55 -5.24 -0.79
CA ASN A 179 -3.18 -4.23 0.05
C ASN A 179 -4.71 -4.10 0.09
N PHE A 180 -5.18 -2.88 0.33
CA PHE A 180 -6.59 -2.59 0.42
C PHE A 180 -6.92 -1.16 -0.02
N LEU A 181 -6.15 -0.20 0.47
CA LEU A 181 -6.38 1.20 0.15
C LEU A 181 -5.29 1.78 -0.73
N LEU A 182 -4.05 1.51 -0.34
CA LEU A 182 -2.90 1.98 -1.09
C LEU A 182 -2.92 1.36 -2.47
N GLN A 183 -4.09 0.91 -2.89
CA GLN A 183 -4.26 0.29 -4.19
C GLN A 183 -4.27 1.33 -5.30
N PHE A 184 -3.44 2.37 -5.16
CA PHE A 184 -3.39 3.43 -6.16
C PHE A 184 -2.04 4.13 -6.33
N LYS A 185 -1.75 4.50 -7.57
CA LYS A 185 -0.51 5.19 -7.91
C LYS A 185 -0.41 6.43 -7.01
N ASP A 187 2.31 8.86 -7.28
CA ASP A 187 3.19 9.91 -7.78
C ASP A 187 2.58 11.31 -7.87
N ALA A 188 3.39 12.26 -8.31
CA ALA A 188 2.96 13.65 -8.43
C ALA A 188 1.65 13.75 -9.23
N SER A 189 1.73 13.57 -10.54
CA SER A 189 0.53 13.66 -11.38
C SER A 189 -0.42 12.47 -11.21
N SER A 190 -0.03 11.54 -10.33
CA SER A 190 -0.84 10.37 -10.05
C SER A 190 -2.18 10.84 -9.50
N GLN A 191 -2.22 11.15 -8.20
CA GLN A 191 -3.44 11.63 -7.58
C GLN A 191 -3.83 13.00 -8.17
N VAL A 192 -2.96 13.55 -9.02
CA VAL A 192 -3.22 14.82 -9.66
C VAL A 192 -4.50 14.67 -10.46
N GLU A 193 -4.45 13.84 -11.50
CA GLU A 193 -5.63 13.64 -12.32
C GLU A 193 -6.72 12.77 -11.65
N ARG A 194 -6.35 11.96 -10.66
CA ARG A 194 -7.35 11.12 -10.00
C ARG A 194 -8.36 11.95 -9.20
N LYS A 195 -7.89 13.04 -8.59
CA LYS A 195 -8.76 13.89 -7.80
C LYS A 195 -9.79 14.67 -8.62
N ARG A 196 -9.33 15.35 -9.68
CA ARG A 196 -10.23 16.13 -10.53
C ARG A 196 -11.38 15.23 -10.98
N ASP A 197 -11.03 14.04 -11.48
CA ASP A 197 -12.01 13.04 -11.92
C ASP A 197 -12.90 12.76 -10.69
N PHE A 198 -12.25 12.42 -9.58
CA PHE A 198 -12.95 12.15 -8.34
C PHE A 198 -14.01 13.22 -8.03
N GLU A 199 -13.81 14.45 -8.51
CA GLU A 199 -14.81 15.50 -8.24
C GLU A 199 -15.92 15.53 -9.31
N LYS A 200 -15.55 15.19 -10.55
CA LYS A 200 -16.52 15.17 -11.66
C LYS A 200 -17.45 13.97 -11.58
N ILE A 201 -16.84 12.79 -11.51
CA ILE A 201 -17.56 11.53 -11.49
C ILE A 201 -18.51 11.42 -10.31
N PHE A 202 -18.05 11.83 -9.14
CA PHE A 202 -18.89 11.81 -7.96
C PHE A 202 -20.05 12.83 -8.13
N ALA A 203 -19.70 14.05 -8.56
CA ALA A 203 -20.71 15.12 -8.77
C ALA A 203 -21.72 14.60 -9.76
N HIS A 204 -21.19 13.98 -10.82
CA HIS A 204 -21.98 13.37 -11.85
C HIS A 204 -22.96 12.35 -11.25
N TYR A 205 -22.51 11.59 -10.25
CA TYR A 205 -23.38 10.59 -9.61
C TYR A 205 -24.21 11.07 -8.40
N ASP A 206 -23.70 11.98 -7.58
CA ASP A 206 -24.50 12.44 -6.43
C ASP A 206 -25.47 13.56 -6.81
N VAL A 207 -26.44 13.25 -7.66
CA VAL A 207 -27.40 14.25 -8.14
C VAL A 207 -28.32 14.77 -7.02
N SER A 208 -28.29 14.09 -5.88
CA SER A 208 -29.07 14.46 -4.71
C SER A 208 -28.29 15.34 -3.74
N ARG A 209 -27.02 15.57 -4.08
CA ARG A 209 -26.16 16.44 -3.26
C ARG A 209 -26.26 16.14 -1.75
N THR A 210 -26.34 14.86 -1.42
CA THR A 210 -26.41 14.38 -0.05
C THR A 210 -25.01 14.02 0.41
N GLY A 211 -24.13 13.72 -0.55
CA GLY A 211 -22.76 13.35 -0.23
C GLY A 211 -22.51 11.84 -0.15
N ALA A 212 -23.39 11.04 -0.74
CA ALA A 212 -23.25 9.59 -0.72
C ALA A 212 -23.87 8.98 -2.00
N LEU A 213 -23.56 7.72 -2.26
CA LEU A 213 -24.07 6.99 -3.43
C LEU A 213 -24.57 5.60 -2.98
N GLU A 214 -25.24 4.89 -3.89
CA GLU A 214 -25.73 3.54 -3.55
C GLU A 214 -26.10 2.82 -4.85
N GLY A 215 -26.54 1.57 -4.73
CA GLY A 215 -26.92 0.79 -5.89
C GLY A 215 -26.29 1.31 -7.18
N PRO A 216 -27.10 1.90 -8.06
CA PRO A 216 -26.61 2.44 -9.34
C PRO A 216 -25.46 3.41 -9.17
N GLU A 217 -25.63 4.41 -8.30
CA GLU A 217 -24.60 5.43 -8.06
C GLU A 217 -23.22 4.82 -7.77
N VAL A 218 -23.15 3.94 -6.77
CA VAL A 218 -21.91 3.28 -6.37
C VAL A 218 -21.27 2.46 -7.50
N ASP A 219 -22.04 1.55 -8.08
CA ASP A 219 -21.51 0.71 -9.15
C ASP A 219 -21.21 1.62 -10.34
N GLY A 220 -22.05 2.63 -10.54
CA GLY A 220 -21.85 3.55 -11.65
C GLY A 220 -20.56 4.33 -11.45
N PHE A 221 -20.33 4.80 -10.23
CA PHE A 221 -19.14 5.57 -9.92
C PHE A 221 -17.92 4.73 -10.28
N VAL A 222 -17.93 3.47 -9.84
CA VAL A 222 -16.79 2.61 -10.11
C VAL A 222 -16.67 2.20 -11.56
N LYS A 223 -17.79 1.85 -12.21
CA LYS A 223 -17.70 1.44 -13.59
C LYS A 223 -17.08 2.49 -14.54
N ASP A 224 -16.65 3.63 -13.99
CA ASP A 224 -16.03 4.66 -14.83
C ASP A 224 -14.85 5.37 -14.19
N GLU A 227 -11.54 2.44 -14.47
CA GLU A 227 -11.00 2.29 -15.82
C GLU A 227 -10.58 3.66 -16.38
N LEU A 228 -10.72 4.70 -15.57
CA LEU A 228 -10.32 6.05 -15.97
C LEU A 228 -9.04 6.42 -15.25
N VAL A 229 -9.00 6.15 -13.94
CA VAL A 229 -7.82 6.44 -13.10
C VAL A 229 -6.72 5.46 -13.51
N ARG A 230 -7.14 4.21 -13.66
CA ARG A 230 -6.25 3.14 -14.05
C ARG A 230 -6.82 2.47 -15.31
N PRO A 231 -6.61 3.07 -16.48
CA PRO A 231 -7.12 2.51 -17.73
C PRO A 231 -6.81 1.03 -17.91
N SER A 232 -7.60 0.37 -18.75
CA SER A 232 -7.43 -1.05 -19.02
C SER A 232 -7.32 -1.84 -17.71
N ILE A 233 -8.32 -1.71 -16.85
CA ILE A 233 -8.34 -2.41 -15.56
C ILE A 233 -9.25 -3.64 -15.69
N SER A 234 -8.81 -4.76 -15.14
CA SER A 234 -9.57 -6.00 -15.27
C SER A 234 -10.88 -6.12 -14.51
N GLY A 235 -11.56 -7.24 -14.76
CA GLY A 235 -12.84 -7.52 -14.13
C GLY A 235 -12.69 -7.74 -12.65
N GLY A 236 -11.64 -8.47 -12.27
CA GLY A 236 -11.40 -8.76 -10.86
C GLY A 236 -10.78 -7.57 -10.15
N ASP A 237 -10.28 -6.62 -10.92
CA ASP A 237 -9.66 -5.44 -10.35
C ASP A 237 -10.78 -4.48 -9.97
N LEU A 238 -11.76 -4.34 -10.86
CA LEU A 238 -12.90 -3.48 -10.59
C LEU A 238 -13.69 -4.01 -9.40
N ASP A 239 -14.10 -5.27 -9.45
CA ASP A 239 -14.87 -5.85 -8.35
C ASP A 239 -14.09 -5.84 -7.03
N LYS A 240 -12.83 -6.26 -7.09
CA LYS A 240 -11.96 -6.27 -5.92
C LYS A 240 -12.13 -4.92 -5.26
N PHE A 241 -11.52 -3.88 -5.84
CA PHE A 241 -11.63 -2.54 -5.30
C PHE A 241 -13.06 -2.31 -4.81
N ARG A 242 -14.04 -2.62 -5.66
CA ARG A 242 -15.43 -2.43 -5.29
C ARG A 242 -15.74 -3.12 -3.97
N GLU A 243 -15.13 -4.29 -3.77
CA GLU A 243 -15.30 -5.08 -2.55
C GLU A 243 -14.54 -4.45 -1.38
N CYS A 244 -13.47 -3.75 -1.72
CA CYS A 244 -12.69 -3.08 -0.70
C CYS A 244 -13.58 -1.98 -0.13
N LEU A 245 -14.46 -1.43 -0.98
CA LEU A 245 -15.35 -0.36 -0.56
C LEU A 245 -16.60 -0.83 0.18
N LEU A 246 -17.09 -2.02 -0.16
CA LEU A 246 -18.26 -2.54 0.49
C LEU A 246 -17.81 -2.98 1.88
N THR A 247 -16.83 -3.87 1.91
CA THR A 247 -16.28 -4.38 3.16
C THR A 247 -15.94 -3.27 4.15
N HIS A 248 -15.70 -2.06 3.66
CA HIS A 248 -15.35 -0.98 4.56
C HIS A 248 -16.30 0.22 4.55
N CYS A 249 -16.29 1.00 3.47
CA CYS A 249 -17.12 2.21 3.38
C CYS A 249 -18.63 2.00 3.56
N ASP A 250 -19.00 0.98 4.33
CA ASP A 250 -20.40 0.66 4.60
C ASP A 250 -20.48 -0.12 5.92
N ASN A 252 -22.19 0.04 8.46
CA ASN A 252 -23.55 -0.38 8.78
C ASN A 252 -24.18 -0.99 7.54
N LYS A 253 -25.15 -1.89 7.74
CA LYS A 253 -25.81 -2.55 6.61
C LYS A 253 -26.62 -1.52 5.81
N ASP A 254 -26.13 -0.28 5.76
CA ASP A 254 -26.81 0.80 5.05
C ASP A 254 -26.54 0.85 3.54
N GLY A 255 -25.32 0.52 3.13
CA GLY A 255 -24.98 0.55 1.72
C GLY A 255 -24.66 1.97 1.27
N LYS A 256 -24.44 2.86 2.22
CA LYS A 256 -24.10 4.23 1.88
C LYS A 256 -22.60 4.41 1.72
N ILE A 257 -22.23 5.13 0.67
CA ILE A 257 -20.84 5.42 0.39
C ILE A 257 -20.71 6.93 0.46
N GLN A 258 -20.46 7.45 1.64
CA GLN A 258 -20.31 8.89 1.83
C GLN A 258 -19.12 9.43 1.02
N LYS A 259 -19.20 10.68 0.56
CA LYS A 259 -18.12 11.26 -0.24
C LYS A 259 -16.77 11.13 0.47
N SER A 260 -16.74 11.55 1.74
CA SER A 260 -15.50 11.48 2.52
C SER A 260 -14.94 10.05 2.56
N GLU A 261 -15.72 9.11 3.08
CA GLU A 261 -15.29 7.72 3.19
C GLU A 261 -14.68 7.27 1.85
N LEU A 262 -15.28 7.70 0.74
CA LEU A 262 -14.79 7.35 -0.58
C LEU A 262 -13.41 8.00 -0.84
N ALA A 263 -13.31 9.31 -0.65
CA ALA A 263 -12.02 9.98 -0.86
C ALA A 263 -11.05 9.39 0.15
N LEU A 264 -11.58 9.17 1.35
CA LEU A 264 -10.87 8.58 2.48
C LEU A 264 -10.20 7.22 2.23
N CYS A 265 -10.80 6.39 1.39
CA CYS A 265 -10.25 5.07 1.06
C CYS A 265 -9.58 5.07 -0.30
N LEU A 266 -9.36 6.26 -0.86
CA LEU A 266 -8.75 6.43 -2.17
C LEU A 266 -7.41 7.16 -2.13
N GLY A 267 -6.97 7.48 -0.93
CA GLY A 267 -5.73 8.20 -0.78
C GLY A 267 -5.94 9.70 -0.98
N LEU A 268 -7.19 10.06 -1.26
CA LEU A 268 -7.54 11.46 -1.47
C LEU A 268 -8.06 12.01 -0.16
N LYS A 269 -8.59 13.23 -0.19
CA LYS A 269 -9.11 13.87 1.02
C LYS A 269 -10.30 14.73 0.62
N HIS A 270 -11.41 14.55 1.30
CA HIS A 270 -12.61 15.32 1.00
C HIS A 270 -12.75 16.52 1.93
N LYS A 271 -13.04 17.68 1.36
CA LYS A 271 -13.20 18.90 2.14
C LYS A 271 -14.50 19.64 1.75
N PRO A 272 -15.61 19.33 2.45
CA PRO A 272 -16.93 19.93 2.22
C PRO A 272 -17.04 21.36 2.76
N SER A 3 9.40 3.02 -19.26
CA SER A 3 9.89 4.37 -19.60
C SER A 3 10.34 5.06 -18.31
N ALA A 4 9.38 5.57 -17.55
CA ALA A 4 9.71 6.22 -16.29
C ALA A 4 10.35 5.17 -15.35
N PHE A 5 11.43 5.55 -14.69
CA PHE A 5 12.09 4.65 -13.77
C PHE A 5 11.14 4.38 -12.60
N ALA A 6 11.51 3.45 -11.72
CA ALA A 6 10.73 3.09 -10.54
C ALA A 6 11.46 2.00 -9.74
N ASN A 7 11.41 2.12 -8.42
CA ASN A 7 12.04 1.12 -7.59
C ASN A 7 10.94 0.20 -7.11
N LEU A 8 11.34 -0.95 -6.57
CA LEU A 8 10.38 -1.92 -6.07
C LEU A 8 9.92 -1.42 -4.69
N ASP A 9 8.63 -1.55 -4.39
CA ASP A 9 8.13 -1.19 -3.07
C ASP A 9 8.20 -2.49 -2.23
N ALA A 10 8.31 -2.35 -0.91
CA ALA A 10 8.42 -3.47 0.02
C ALA A 10 7.37 -4.55 -0.28
N ALA A 11 6.14 -4.15 -0.54
CA ALA A 11 5.13 -5.16 -0.82
C ALA A 11 5.37 -5.90 -2.13
N GLY A 12 5.90 -5.21 -3.13
CA GLY A 12 6.18 -5.83 -4.41
C GLY A 12 7.34 -6.80 -4.24
N PHE A 13 8.37 -6.35 -3.52
CA PHE A 13 9.54 -7.17 -3.23
C PHE A 13 9.12 -8.46 -2.54
N LEU A 14 8.12 -8.39 -1.67
CA LEU A 14 7.67 -9.60 -0.99
C LEU A 14 6.95 -10.57 -1.92
N GLN A 15 6.09 -10.06 -2.80
CA GLN A 15 5.35 -10.93 -3.72
C GLN A 15 6.29 -11.81 -4.54
N ILE A 16 7.33 -11.21 -5.10
CA ILE A 16 8.31 -11.93 -5.90
C ILE A 16 9.15 -12.84 -5.00
N TRP A 17 9.53 -12.34 -3.83
CA TRP A 17 10.34 -13.12 -2.92
C TRP A 17 9.67 -14.44 -2.52
N GLN A 18 8.37 -14.39 -2.26
CA GLN A 18 7.60 -15.55 -1.86
C GLN A 18 7.58 -16.68 -2.89
N HIS A 19 7.74 -16.33 -4.16
CA HIS A 19 7.78 -17.32 -5.24
C HIS A 19 9.06 -18.14 -5.11
N PHE A 20 10.11 -17.50 -4.60
CA PHE A 20 11.39 -18.15 -4.41
C PHE A 20 11.61 -18.71 -3.01
N ASP A 21 10.75 -18.32 -2.07
CA ASP A 21 10.88 -18.78 -0.68
C ASP A 21 9.48 -19.00 -0.11
N ALA A 22 8.75 -19.92 -0.74
CA ALA A 22 7.40 -20.30 -0.38
C ALA A 22 7.24 -20.71 1.08
N ASP A 23 8.17 -21.52 1.57
CA ASP A 23 8.13 -21.97 2.97
C ASP A 23 8.57 -20.86 3.89
N ASP A 24 8.97 -19.74 3.28
CA ASP A 24 9.43 -18.57 4.01
C ASP A 24 10.55 -18.91 5.00
N ASN A 25 11.64 -19.45 4.46
CA ASN A 25 12.82 -19.78 5.25
C ASN A 25 13.68 -18.51 5.49
N GLY A 26 13.31 -17.39 4.87
CA GLY A 26 14.10 -16.19 5.07
C GLY A 26 15.38 -16.07 4.24
N TYR A 27 15.52 -16.93 3.23
CA TYR A 27 16.69 -16.86 2.36
C TYR A 27 16.43 -17.49 1.01
N ILE A 28 17.28 -17.13 0.04
CA ILE A 28 17.25 -17.70 -1.30
C ILE A 28 18.70 -17.92 -1.75
N GLU A 29 18.87 -18.64 -2.86
CA GLU A 29 20.18 -18.94 -3.39
C GLU A 29 20.57 -17.90 -4.43
N GLY A 30 21.85 -17.52 -4.43
CA GLY A 30 22.34 -16.53 -5.39
C GLY A 30 22.10 -16.97 -6.82
N LYS A 31 21.92 -18.27 -7.04
CA LYS A 31 21.67 -18.76 -8.39
C LYS A 31 20.33 -18.26 -8.97
N GLU A 32 19.33 -18.06 -8.11
CA GLU A 32 18.02 -17.59 -8.57
C GLU A 32 17.96 -16.07 -8.72
N LEU A 33 19.03 -15.39 -8.31
CA LEU A 33 19.08 -13.93 -8.37
C LEU A 33 18.75 -13.39 -9.76
N ASP A 34 19.42 -13.91 -10.79
CA ASP A 34 19.14 -13.48 -12.16
C ASP A 34 17.62 -13.55 -12.42
N ASP A 35 17.00 -14.66 -12.05
CA ASP A 35 15.57 -14.81 -12.27
C ASP A 35 14.79 -13.87 -11.35
N PHE A 36 15.33 -13.55 -10.18
CA PHE A 36 14.62 -12.61 -9.32
C PHE A 36 14.56 -11.27 -10.06
N PHE A 37 15.68 -10.87 -10.64
CA PHE A 37 15.75 -9.60 -11.36
C PHE A 37 14.91 -9.57 -12.64
N ARG A 38 14.93 -10.66 -13.41
CA ARG A 38 14.14 -10.73 -14.64
C ARG A 38 12.68 -10.57 -14.21
N HIS A 39 12.34 -11.17 -13.08
CA HIS A 39 10.99 -11.07 -12.53
C HIS A 39 10.64 -9.63 -12.18
N LEU A 41 11.65 -6.84 -13.28
CA LEU A 41 11.44 -6.05 -14.49
C LEU A 41 10.04 -6.30 -15.08
N LYS A 42 9.49 -7.48 -14.79
CA LYS A 42 8.15 -7.81 -15.29
C LYS A 42 7.11 -7.00 -14.50
N LYS A 43 7.30 -6.84 -13.19
CA LYS A 43 6.36 -6.07 -12.39
C LYS A 43 6.46 -4.54 -12.57
N LEU A 44 7.68 -4.01 -12.59
CA LEU A 44 7.89 -2.58 -12.73
C LEU A 44 7.49 -2.00 -14.10
N GLN A 45 7.89 -2.68 -15.18
CA GLN A 45 7.61 -2.23 -16.54
C GLN A 45 6.85 -3.34 -17.27
N PRO A 46 5.57 -3.53 -16.92
CA PRO A 46 4.63 -4.53 -17.44
C PRO A 46 4.60 -4.75 -18.95
N LYS A 47 4.92 -3.71 -19.72
CA LYS A 47 4.89 -3.78 -21.16
C LYS A 47 6.24 -4.05 -21.81
N ASP A 48 7.31 -3.91 -21.04
CA ASP A 48 8.63 -4.14 -21.59
C ASP A 48 8.82 -5.60 -21.99
N LYS A 49 9.62 -5.80 -23.02
CA LYS A 49 9.95 -7.13 -23.51
C LYS A 49 11.32 -7.40 -22.92
N ILE A 50 11.34 -8.02 -21.74
CA ILE A 50 12.58 -8.32 -21.01
C ILE A 50 13.50 -9.31 -21.71
N THR A 51 14.78 -8.97 -21.84
CA THR A 51 15.77 -9.86 -22.48
C THR A 51 16.80 -10.36 -21.47
N ASP A 52 17.52 -11.41 -21.85
CA ASP A 52 18.53 -11.99 -20.98
C ASP A 52 19.55 -10.92 -20.51
N GLU A 53 20.14 -10.20 -21.46
CA GLU A 53 21.12 -9.17 -21.13
C GLU A 53 20.54 -8.09 -20.23
N ARG A 54 19.41 -7.53 -20.64
CA ARG A 54 18.73 -6.50 -19.86
C ARG A 54 18.72 -6.89 -18.37
N VAL A 55 18.36 -8.14 -18.10
CA VAL A 55 18.30 -8.65 -16.72
C VAL A 55 19.69 -8.50 -16.10
N GLN A 56 20.72 -8.93 -16.81
CA GLN A 56 22.09 -8.81 -16.30
C GLN A 56 22.44 -7.34 -16.06
N GLN A 57 22.09 -6.49 -17.01
CA GLN A 57 22.37 -5.08 -16.85
C GLN A 57 21.62 -4.52 -15.60
N ILE A 58 20.38 -4.94 -15.40
CA ILE A 58 19.64 -4.41 -14.28
C ILE A 58 20.11 -4.95 -12.93
N LYS A 59 20.54 -6.21 -12.89
CA LYS A 59 21.03 -6.76 -11.63
C LYS A 59 22.35 -6.05 -11.24
N LYS A 60 23.20 -5.82 -12.23
CA LYS A 60 24.46 -5.15 -11.95
C LYS A 60 24.22 -3.69 -11.67
N SER A 61 23.01 -3.22 -11.91
CA SER A 61 22.71 -1.81 -11.62
C SER A 61 22.16 -1.60 -10.21
N PHE A 62 22.10 -2.68 -9.41
CA PHE A 62 21.58 -2.59 -8.03
C PHE A 62 22.55 -2.96 -6.91
N SER A 64 26.98 -3.58 -5.59
CA SER A 64 28.36 -3.19 -5.79
C SER A 64 29.02 -4.15 -6.79
N ALA A 65 30.14 -3.73 -7.36
CA ALA A 65 30.86 -4.55 -8.32
C ALA A 65 31.27 -5.88 -7.68
N TYR A 66 31.04 -5.99 -6.37
CA TYR A 66 31.35 -7.17 -5.58
C TYR A 66 30.19 -8.15 -5.59
N ASP A 67 29.00 -7.69 -5.23
CA ASP A 67 27.82 -8.56 -5.20
C ASP A 67 27.53 -9.26 -6.53
N ALA A 68 28.04 -8.71 -7.62
CA ALA A 68 27.88 -9.32 -8.94
C ALA A 68 28.95 -10.39 -9.11
N THR A 69 28.98 -11.32 -8.15
CA THR A 69 29.94 -12.41 -8.18
C THR A 69 29.56 -13.49 -7.15
N PHE A 70 29.01 -13.06 -6.01
CA PHE A 70 28.62 -13.96 -4.93
C PHE A 70 27.61 -15.02 -5.39
N ASP A 71 27.54 -16.13 -4.66
CA ASP A 71 26.63 -17.22 -5.01
C ASP A 71 26.03 -17.92 -3.78
N GLY A 72 26.65 -17.73 -2.61
CA GLY A 72 26.14 -18.34 -1.40
C GLY A 72 24.75 -17.80 -1.06
N ARG A 73 24.09 -18.37 -0.05
CA ARG A 73 22.75 -17.92 0.29
C ARG A 73 22.69 -16.40 0.45
N LEU A 74 21.47 -15.87 0.49
CA LEU A 74 21.23 -14.46 0.66
C LEU A 74 19.99 -14.29 1.55
N GLN A 75 20.19 -13.74 2.74
CA GLN A 75 19.12 -13.50 3.68
C GLN A 75 18.21 -12.45 3.05
N ILE A 76 16.92 -12.53 3.34
CA ILE A 76 15.98 -11.59 2.79
C ILE A 76 16.44 -10.16 3.08
N GLU A 77 16.93 -9.92 4.30
CA GLU A 77 17.41 -8.59 4.68
C GLU A 77 18.57 -8.14 3.78
N GLU A 78 19.40 -9.08 3.35
CA GLU A 78 20.54 -8.77 2.49
C GLU A 78 20.11 -8.31 1.12
N LEU A 79 19.14 -8.99 0.51
CA LEU A 79 18.69 -8.55 -0.81
C LEU A 79 17.93 -7.22 -0.68
N ALA A 80 17.04 -7.14 0.30
CA ALA A 80 16.29 -5.90 0.50
C ALA A 80 17.25 -4.71 0.68
N ASN A 81 18.36 -4.94 1.38
CA ASN A 81 19.34 -3.89 1.60
C ASN A 81 19.96 -3.42 0.29
N ILE A 83 18.33 -3.63 -2.70
CA ILE A 83 17.29 -3.16 -3.59
C ILE A 83 16.32 -2.07 -3.11
N LEU A 84 15.89 -2.16 -1.87
CA LEU A 84 14.91 -1.20 -1.36
C LEU A 84 15.49 -0.02 -0.59
N PRO A 85 14.89 1.16 -0.75
CA PRO A 85 15.36 2.34 -0.03
C PRO A 85 14.94 2.14 1.44
N GLN A 86 15.31 3.07 2.32
CA GLN A 86 15.00 2.98 3.75
C GLN A 86 13.53 2.67 4.08
N GLU A 87 12.65 3.60 3.79
CA GLU A 87 11.23 3.46 4.08
C GLU A 87 10.69 2.10 3.63
N GLU A 88 11.10 1.68 2.44
CA GLU A 88 10.63 0.41 1.92
C GLU A 88 11.26 -0.75 2.68
N ASN A 89 12.55 -0.62 2.99
CA ASN A 89 13.27 -1.65 3.73
C ASN A 89 12.67 -1.77 5.13
N PHE A 90 12.29 -0.64 5.72
CA PHE A 90 11.69 -0.69 7.03
C PHE A 90 10.32 -1.38 7.01
N LEU A 91 9.50 -1.05 6.01
CA LEU A 91 8.17 -1.67 5.92
C LEU A 91 8.31 -3.17 5.65
N LEU A 92 9.42 -3.57 5.02
CA LEU A 92 9.60 -5.00 4.77
C LEU A 92 9.88 -5.72 6.08
N ILE A 93 10.83 -5.17 6.84
CA ILE A 93 11.22 -5.80 8.10
C ILE A 93 10.11 -5.76 9.15
N PHE A 94 9.46 -4.62 9.27
CA PHE A 94 8.37 -4.47 10.24
C PHE A 94 7.22 -5.43 9.96
N ARG A 95 6.80 -5.49 8.69
CA ARG A 95 5.67 -6.35 8.35
C ARG A 95 6.03 -7.83 8.55
N ARG A 96 7.31 -8.17 8.40
CA ARG A 96 7.76 -9.53 8.59
C ARG A 96 7.69 -9.90 10.07
N GLU A 97 8.22 -9.04 10.93
CA GLU A 97 8.16 -9.36 12.35
C GLU A 97 6.84 -9.02 13.05
N ALA A 98 5.99 -8.21 12.44
CA ALA A 98 4.73 -7.86 13.11
C ALA A 98 3.61 -7.86 12.09
N PRO A 99 3.30 -9.04 11.52
CA PRO A 99 2.23 -9.05 10.52
C PRO A 99 0.93 -8.54 11.11
N LEU A 100 0.41 -7.48 10.50
CA LEU A 100 -0.83 -6.84 10.89
C LEU A 100 -1.59 -6.72 9.57
N ASP A 101 -2.57 -7.58 9.37
CA ASP A 101 -3.28 -7.59 8.10
C ASP A 101 -4.76 -7.84 8.18
N ASN A 102 -5.49 -6.84 8.68
CA ASN A 102 -6.93 -6.89 8.77
C ASN A 102 -7.35 -5.44 8.47
N SER A 103 -7.65 -5.15 7.20
CA SER A 103 -8.02 -3.77 6.83
C SER A 103 -9.16 -3.20 7.68
N VAL A 104 -10.26 -3.95 7.77
CA VAL A 104 -11.42 -3.53 8.52
C VAL A 104 -11.03 -3.03 9.91
N GLU A 105 -10.26 -3.84 10.64
CA GLU A 105 -9.82 -3.44 11.99
C GLU A 105 -8.96 -2.16 11.94
N PHE A 106 -8.12 -2.03 10.91
CA PHE A 106 -7.32 -0.83 10.78
C PHE A 106 -8.21 0.39 10.54
N LYS A 108 -11.16 0.83 11.35
CA LYS A 108 -12.06 1.01 12.48
C LYS A 108 -11.27 1.75 13.55
N ILE A 109 -9.95 1.55 13.56
CA ILE A 109 -9.06 2.23 14.50
C ILE A 109 -8.71 3.59 13.90
N TRP A 110 -8.68 3.66 12.57
CA TRP A 110 -8.35 4.95 11.95
C TRP A 110 -9.39 6.00 12.36
N ARG A 111 -10.65 5.63 12.24
CA ARG A 111 -11.74 6.54 12.58
C ARG A 111 -11.60 7.04 14.02
N LYS A 112 -11.41 6.13 14.97
CA LYS A 112 -11.22 6.54 16.35
C LYS A 112 -10.15 7.65 16.38
N TYR A 113 -9.35 7.71 15.33
CA TYR A 113 -8.30 8.73 15.23
C TYR A 113 -8.41 9.65 14.00
N ASP A 114 -9.64 9.83 13.51
CA ASP A 114 -9.89 10.68 12.34
C ASP A 114 -11.39 10.61 12.01
N ALA A 115 -12.21 10.57 13.07
CA ALA A 115 -13.67 10.50 12.97
C ALA A 115 -14.31 11.45 11.95
N ASP A 116 -13.67 12.57 11.66
CA ASP A 116 -14.20 13.52 10.68
C ASP A 116 -13.45 13.34 9.37
N SER A 117 -12.69 12.25 9.28
CA SER A 117 -11.93 11.91 8.09
C SER A 117 -10.91 12.94 7.58
N SER A 118 -10.06 13.42 8.46
CA SER A 118 -9.06 14.40 8.03
C SER A 118 -7.87 13.84 7.28
N GLY A 119 -7.83 12.50 7.17
CA GLY A 119 -6.77 11.83 6.43
C GLY A 119 -5.44 11.85 7.16
N TYR A 120 -5.51 12.33 8.40
CA TYR A 120 -4.34 12.41 9.26
C TYR A 120 -4.88 12.08 10.64
N ILE A 121 -4.11 11.35 11.45
CA ILE A 121 -4.55 11.14 12.82
C ILE A 121 -3.73 12.15 13.59
N SER A 122 -3.56 11.94 14.88
CA SER A 122 -2.75 12.91 15.62
C SER A 122 -1.39 12.34 15.91
N ALA A 123 -0.37 13.08 15.49
CA ALA A 123 1.03 12.72 15.68
C ALA A 123 1.35 12.15 17.06
N ALA A 124 0.89 12.84 18.10
CA ALA A 124 1.11 12.42 19.49
C ALA A 124 0.28 11.16 19.82
N GLU A 125 -0.65 10.83 18.93
CA GLU A 125 -1.52 9.67 19.06
C GLU A 125 -0.98 8.38 18.43
N LEU A 126 0.21 8.45 17.81
CA LEU A 126 0.75 7.27 17.13
C LEU A 126 0.91 6.04 18.04
N LYS A 127 1.43 6.24 19.25
CA LYS A 127 1.61 5.15 20.19
C LYS A 127 0.27 4.48 20.56
N ASN A 128 -0.76 5.28 20.85
CA ASN A 128 -2.08 4.74 21.21
C ASN A 128 -2.73 4.10 19.99
N PHE A 129 -2.55 4.72 18.84
CA PHE A 129 -3.12 4.19 17.61
C PHE A 129 -2.54 2.77 17.41
N LEU A 130 -1.21 2.63 17.50
CA LEU A 130 -0.58 1.32 17.30
C LEU A 130 -1.09 0.34 18.35
N LYS A 131 -1.42 0.88 19.53
CA LYS A 131 -1.93 0.07 20.62
C LYS A 131 -3.25 -0.58 20.23
N ASP A 132 -4.17 0.21 19.73
CA ASP A 132 -5.48 -0.29 19.30
C ASP A 132 -5.28 -1.30 18.18
N LEU A 133 -4.43 -0.94 17.21
CA LEU A 133 -4.15 -1.83 16.09
C LEU A 133 -3.60 -3.20 16.55
N PHE A 134 -2.67 -3.20 17.51
CA PHE A 134 -2.16 -4.48 17.97
C PHE A 134 -3.25 -5.25 18.74
N LEU A 135 -4.02 -4.55 19.57
CA LEU A 135 -5.09 -5.19 20.33
C LEU A 135 -6.10 -5.81 19.37
N GLN A 136 -6.52 -5.06 18.34
CA GLN A 136 -7.49 -5.60 17.38
C GLN A 136 -6.87 -6.74 16.59
N HIS A 137 -5.55 -6.80 16.54
CA HIS A 137 -4.88 -7.92 15.86
C HIS A 137 -4.47 -9.04 16.84
N LYS A 138 -4.88 -8.89 18.10
CA LYS A 138 -4.57 -9.88 19.14
C LYS A 138 -3.08 -10.26 19.09
N LYS A 139 -2.23 -9.26 18.86
CA LYS A 139 -0.77 -9.45 18.79
C LYS A 139 -0.19 -8.59 19.89
N LYS A 140 0.46 -9.22 20.88
CA LYS A 140 1.08 -8.45 21.96
C LYS A 140 2.58 -8.33 21.78
N ILE A 141 3.13 -7.18 22.12
CA ILE A 141 4.55 -6.98 22.02
C ILE A 141 5.07 -6.31 23.29
N PRO A 142 6.37 -6.44 23.57
CA PRO A 142 6.96 -5.82 24.75
C PRO A 142 6.79 -4.28 24.63
N PRO A 143 7.00 -3.55 25.72
CA PRO A 143 6.87 -2.09 25.69
C PRO A 143 7.96 -1.44 24.84
N ASN A 144 9.16 -2.03 24.88
CA ASN A 144 10.28 -1.53 24.12
C ASN A 144 9.96 -1.49 22.62
N LYS A 145 9.28 -2.52 22.13
CA LYS A 145 8.91 -2.55 20.72
C LYS A 145 7.94 -1.40 20.44
N LEU A 146 6.83 -1.34 21.19
CA LEU A 146 5.87 -0.27 20.97
C LEU A 146 6.58 1.05 20.63
N ASP A 147 7.44 1.48 21.54
CA ASP A 147 8.22 2.69 21.34
C ASP A 147 9.11 2.53 20.11
N GLU A 148 9.81 1.40 20.02
CA GLU A 148 10.71 1.13 18.89
C GLU A 148 10.00 1.32 17.54
N TYR A 149 8.87 0.64 17.38
CA TYR A 149 8.11 0.72 16.16
C TYR A 149 7.61 2.16 16.03
N THR A 150 7.34 2.80 17.16
CA THR A 150 6.86 4.19 17.15
C THR A 150 7.97 5.14 16.67
N ASP A 151 9.19 4.90 17.13
CA ASP A 151 10.35 5.70 16.77
C ASP A 151 10.69 5.58 15.30
N ALA A 152 10.93 4.34 14.88
CA ALA A 152 11.24 4.04 13.49
C ALA A 152 10.14 4.71 12.69
N LYS A 155 9.68 8.92 12.65
CA LYS A 155 10.73 9.57 11.88
C LYS A 155 10.54 9.44 10.38
N ILE A 156 9.70 8.50 9.96
CA ILE A 156 9.51 8.30 8.54
C ILE A 156 8.29 8.97 7.97
N PHE A 157 7.23 9.06 8.77
CA PHE A 157 5.98 9.67 8.29
C PHE A 157 5.66 11.03 8.92
N ASP A 158 6.54 11.51 9.78
CA ASP A 158 6.35 12.82 10.42
C ASP A 158 7.58 13.66 10.11
N LYS A 159 7.82 13.90 8.82
CA LYS A 159 8.97 14.70 8.39
C LYS A 159 8.52 16.15 8.17
N ASN A 160 7.42 16.32 7.45
CA ASN A 160 6.92 17.66 7.18
C ASN A 160 6.43 18.25 8.49
N LYS A 161 6.50 17.42 9.54
CA LYS A 161 6.11 17.79 10.90
C LYS A 161 4.98 18.82 11.04
N ASP A 162 4.00 18.78 10.14
CA ASP A 162 2.89 19.70 10.23
C ASP A 162 1.89 19.23 11.29
N GLY A 163 2.34 18.31 12.15
CA GLY A 163 1.50 17.79 13.23
C GLY A 163 0.54 16.67 12.87
N ARG A 164 0.68 16.13 11.67
CA ARG A 164 -0.20 15.07 11.21
C ARG A 164 0.55 13.92 10.54
N LEU A 165 -0.07 12.74 10.55
CA LEU A 165 0.48 11.55 9.89
C LEU A 165 -0.59 11.17 8.88
N ASP A 166 -0.17 11.05 7.63
CA ASP A 166 -1.03 10.74 6.50
C ASP A 166 -1.51 9.30 6.55
N LEU A 167 -2.79 9.11 6.26
CA LEU A 167 -3.41 7.79 6.21
C LEU A 167 -2.77 6.98 5.04
N ASN A 168 -2.71 7.58 3.85
CA ASN A 168 -2.09 6.90 2.70
C ASN A 168 -0.80 6.22 3.08
N ASP A 169 -0.07 6.83 4.01
CA ASP A 169 1.19 6.26 4.49
C ASP A 169 1.04 5.36 5.72
N LEU A 170 0.04 5.60 6.56
CA LEU A 170 -0.08 4.75 7.74
C LEU A 170 -0.66 3.38 7.38
N ALA A 171 -1.47 3.33 6.33
CA ALA A 171 -2.05 2.08 5.83
C ALA A 171 -0.92 1.11 5.42
N ARG A 172 0.18 1.69 4.91
CA ARG A 172 1.30 0.89 4.46
C ARG A 172 1.92 -0.07 5.47
N ILE A 173 1.65 0.09 6.76
CA ILE A 173 2.24 -0.82 7.77
C ILE A 173 1.61 -2.22 7.70
N LEU A 174 0.37 -2.29 7.22
CA LEU A 174 -0.32 -3.56 7.14
C LEU A 174 0.46 -4.58 6.29
N ALA A 175 0.41 -5.83 6.72
CA ALA A 175 1.07 -6.94 6.03
C ALA A 175 0.03 -7.56 5.09
N LEU A 176 -0.27 -6.84 4.02
CA LEU A 176 -1.21 -7.24 2.99
C LEU A 176 -0.50 -7.21 1.64
N GLN A 177 -0.40 -8.38 1.00
CA GLN A 177 0.24 -8.51 -0.31
C GLN A 177 -0.27 -7.47 -1.30
N GLU A 178 -1.60 -7.28 -1.33
CA GLU A 178 -2.26 -6.30 -2.19
C GLU A 178 -3.05 -5.40 -1.23
N ASN A 179 -2.41 -4.33 -0.78
CA ASN A 179 -3.00 -3.40 0.18
C ASN A 179 -4.32 -2.79 -0.25
N PHE A 180 -5.27 -2.85 0.68
CA PHE A 180 -6.63 -2.37 0.56
C PHE A 180 -6.79 -0.91 0.12
N LEU A 181 -5.97 -0.04 0.69
CA LEU A 181 -6.05 1.40 0.40
C LEU A 181 -4.99 1.85 -0.58
N LEU A 182 -3.81 1.27 -0.44
CA LEU A 182 -2.70 1.59 -1.31
C LEU A 182 -3.03 1.09 -2.71
N GLN A 183 -4.31 0.91 -2.97
CA GLN A 183 -4.77 0.43 -4.26
C GLN A 183 -4.64 1.45 -5.38
N PHE A 184 -3.78 2.44 -5.21
CA PHE A 184 -3.61 3.47 -6.24
C PHE A 184 -2.23 4.13 -6.33
N LYS A 185 -1.92 4.66 -7.51
CA LYS A 185 -0.65 5.33 -7.74
C LYS A 185 -0.56 6.51 -6.78
N ASP A 187 1.57 9.75 -5.10
CA ASP A 187 2.61 10.75 -5.35
C ASP A 187 2.08 12.19 -5.28
N ALA A 188 2.79 13.08 -5.97
CA ALA A 188 2.47 14.49 -6.00
C ALA A 188 1.31 14.83 -6.93
N SER A 189 1.60 14.78 -8.23
CA SER A 189 0.63 15.08 -9.27
C SER A 189 -0.51 14.08 -9.35
N SER A 190 -0.16 12.81 -9.54
CA SER A 190 -1.16 11.74 -9.64
C SER A 190 -2.30 11.93 -8.65
N GLN A 191 -2.00 12.55 -7.50
CA GLN A 191 -3.00 12.82 -6.47
C GLN A 191 -3.78 14.10 -6.80
N VAL A 192 -3.09 15.16 -7.19
CA VAL A 192 -3.81 16.37 -7.54
C VAL A 192 -4.81 15.98 -8.65
N GLU A 193 -4.32 15.72 -9.85
CA GLU A 193 -5.22 15.34 -10.94
C GLU A 193 -6.33 14.44 -10.40
N ARG A 194 -5.92 13.37 -9.73
CA ARG A 194 -6.85 12.41 -9.14
C ARG A 194 -7.81 13.10 -8.18
N LYS A 195 -7.32 14.08 -7.43
CA LYS A 195 -8.18 14.81 -6.51
C LYS A 195 -9.19 15.57 -7.34
N ARG A 196 -8.78 16.03 -8.52
CA ARG A 196 -9.68 16.76 -9.43
C ARG A 196 -10.63 15.77 -10.10
N ASP A 197 -10.10 14.59 -10.44
CA ASP A 197 -10.92 13.56 -11.09
C ASP A 197 -12.01 13.03 -10.15
N PHE A 198 -11.69 12.94 -8.87
CA PHE A 198 -12.62 12.46 -7.84
C PHE A 198 -13.81 13.41 -7.78
N GLU A 199 -13.54 14.70 -7.59
CA GLU A 199 -14.64 15.68 -7.52
C GLU A 199 -15.54 15.53 -8.74
N LYS A 200 -14.91 15.41 -9.92
CA LYS A 200 -15.62 15.26 -11.18
C LYS A 200 -16.57 14.08 -11.18
N ILE A 201 -16.07 12.92 -10.75
CA ILE A 201 -16.87 11.71 -10.74
C ILE A 201 -17.90 11.70 -9.62
N PHE A 202 -17.52 12.14 -8.42
CA PHE A 202 -18.48 12.14 -7.35
C PHE A 202 -19.68 13.03 -7.69
N ALA A 203 -19.43 14.19 -8.31
CA ALA A 203 -20.49 15.14 -8.66
C ALA A 203 -21.51 14.62 -9.65
N HIS A 204 -21.02 13.98 -10.71
CA HIS A 204 -21.85 13.37 -11.74
C HIS A 204 -22.81 12.34 -11.15
N TYR A 205 -22.33 11.53 -10.20
CA TYR A 205 -23.16 10.50 -9.60
C TYR A 205 -24.06 10.97 -8.46
N ASP A 206 -23.79 12.14 -7.89
CA ASP A 206 -24.61 12.65 -6.79
C ASP A 206 -25.75 13.54 -7.35
N VAL A 207 -26.66 12.90 -8.08
CA VAL A 207 -27.78 13.56 -8.73
C VAL A 207 -28.71 14.29 -7.77
N SER A 208 -29.07 13.65 -6.67
CA SER A 208 -29.96 14.28 -5.71
C SER A 208 -29.18 15.22 -4.80
N ARG A 209 -27.85 15.22 -4.99
CA ARG A 209 -26.96 16.08 -4.20
C ARG A 209 -27.05 15.80 -2.69
N THR A 210 -26.77 14.57 -2.29
CA THR A 210 -26.83 14.25 -0.87
C THR A 210 -25.48 14.06 -0.20
N GLY A 211 -24.40 14.07 -1.00
CA GLY A 211 -23.06 13.89 -0.43
C GLY A 211 -22.66 12.45 -0.14
N ALA A 212 -23.42 11.48 -0.65
CA ALA A 212 -23.13 10.06 -0.47
C ALA A 212 -23.65 9.34 -1.72
N LEU A 213 -23.01 8.22 -2.07
CA LEU A 213 -23.41 7.44 -3.22
C LEU A 213 -24.02 6.13 -2.73
N GLU A 214 -25.03 5.65 -3.43
CA GLU A 214 -25.68 4.39 -3.05
C GLU A 214 -26.11 3.59 -4.29
N GLY A 215 -25.80 2.30 -4.29
CA GLY A 215 -26.21 1.44 -5.39
C GLY A 215 -25.47 1.54 -6.72
N PRO A 216 -26.19 1.48 -7.86
CA PRO A 216 -25.47 1.58 -9.12
C PRO A 216 -24.70 2.88 -9.22
N GLU A 217 -25.03 3.86 -8.36
CA GLU A 217 -24.34 5.14 -8.33
C GLU A 217 -22.93 4.92 -7.76
N VAL A 218 -22.77 3.91 -6.90
CA VAL A 218 -21.47 3.60 -6.31
C VAL A 218 -20.58 2.75 -7.22
N ASP A 219 -21.17 2.05 -8.17
CA ASP A 219 -20.40 1.19 -9.07
C ASP A 219 -19.89 2.00 -10.24
N GLY A 220 -20.75 2.87 -10.75
CA GLY A 220 -20.37 3.71 -11.87
C GLY A 220 -19.19 4.59 -11.46
N PHE A 221 -19.22 5.11 -10.24
CA PHE A 221 -18.13 5.96 -9.72
C PHE A 221 -16.85 5.16 -9.77
N VAL A 222 -16.92 3.97 -9.18
CA VAL A 222 -15.81 3.05 -9.13
C VAL A 222 -15.24 2.81 -10.52
N LYS A 223 -16.04 2.24 -11.41
CA LYS A 223 -15.56 1.96 -12.74
C LYS A 223 -15.03 3.19 -13.46
N ASP A 224 -15.66 4.34 -13.24
CA ASP A 224 -15.17 5.54 -13.91
C ASP A 224 -13.91 6.10 -13.28
N GLU A 227 -10.73 3.90 -14.28
CA GLU A 227 -10.15 4.16 -15.59
C GLU A 227 -9.47 5.52 -15.72
N LEU A 228 -9.49 6.29 -14.63
CA LEU A 228 -8.82 7.60 -14.61
C LEU A 228 -7.42 7.45 -13.98
N VAL A 229 -7.24 6.39 -13.20
CA VAL A 229 -5.95 6.12 -12.56
C VAL A 229 -5.20 5.05 -13.37
N ARG A 230 -5.97 4.25 -14.10
CA ARG A 230 -5.43 3.19 -14.93
C ARG A 230 -6.49 2.84 -15.97
N PRO A 231 -6.37 3.39 -17.19
CA PRO A 231 -7.30 3.19 -18.30
C PRO A 231 -7.83 1.77 -18.43
N SER A 232 -9.15 1.66 -18.44
CA SER A 232 -9.85 0.37 -18.52
C SER A 232 -9.59 -0.47 -17.26
N ILE A 233 -10.16 -1.67 -17.24
CA ILE A 233 -10.05 -2.61 -16.11
C ILE A 233 -11.10 -3.69 -16.28
N SER A 234 -10.76 -4.92 -15.87
CA SER A 234 -11.67 -6.06 -15.99
C SER A 234 -12.89 -6.01 -15.03
N GLY A 235 -14.04 -6.44 -15.56
CA GLY A 235 -15.27 -6.45 -14.78
C GLY A 235 -15.09 -7.14 -13.44
N GLY A 236 -14.36 -8.26 -13.45
CA GLY A 236 -14.10 -8.98 -12.21
C GLY A 236 -13.49 -8.04 -11.19
N ASP A 237 -12.54 -7.23 -11.63
CA ASP A 237 -11.87 -6.26 -10.74
C ASP A 237 -12.79 -5.05 -10.50
N LEU A 238 -14.09 -5.33 -10.41
CA LEU A 238 -15.11 -4.30 -10.19
C LEU A 238 -16.18 -4.81 -9.25
N ASP A 239 -16.77 -5.96 -9.56
CA ASP A 239 -17.80 -6.57 -8.72
C ASP A 239 -17.10 -6.87 -7.38
N LYS A 240 -15.80 -6.59 -7.33
CA LYS A 240 -15.04 -6.80 -6.11
C LYS A 240 -14.88 -5.48 -5.35
N PHE A 241 -14.10 -4.57 -5.93
CA PHE A 241 -13.84 -3.28 -5.34
C PHE A 241 -15.11 -2.61 -4.80
N ARG A 242 -16.22 -2.74 -5.51
CA ARG A 242 -17.46 -2.16 -5.01
C ARG A 242 -17.69 -2.73 -3.62
N GLU A 243 -17.39 -4.00 -3.45
CA GLU A 243 -17.55 -4.66 -2.14
C GLU A 243 -16.58 -4.02 -1.12
N CYS A 244 -15.29 -4.06 -1.43
CA CYS A 244 -14.26 -3.47 -0.56
C CYS A 244 -14.70 -2.13 0.03
N LEU A 245 -15.41 -1.32 -0.74
CA LEU A 245 -15.86 -0.01 -0.24
C LEU A 245 -16.78 -0.10 0.97
N LEU A 246 -17.91 -0.78 0.79
CA LEU A 246 -18.90 -0.94 1.86
C LEU A 246 -18.26 -1.75 2.99
N THR A 247 -17.05 -2.26 2.72
CA THR A 247 -16.27 -3.03 3.68
C THR A 247 -15.63 -2.07 4.71
N HIS A 248 -15.26 -0.88 4.27
CA HIS A 248 -14.69 0.15 5.14
C HIS A 248 -15.34 1.52 4.98
N CYS A 249 -16.34 1.64 4.11
CA CYS A 249 -17.01 2.92 3.87
C CYS A 249 -18.50 2.99 4.24
N ASP A 250 -19.11 1.90 4.70
CA ASP A 250 -20.53 1.98 5.06
C ASP A 250 -20.73 2.11 6.58
N ASN A 252 -23.97 2.59 8.67
CA ASN A 252 -25.00 1.73 9.25
C ASN A 252 -25.13 0.46 8.41
N LYS A 253 -26.23 0.36 7.67
CA LYS A 253 -26.53 -0.77 6.80
C LYS A 253 -27.30 -0.26 5.59
N ASP A 254 -27.46 1.06 5.52
CA ASP A 254 -28.20 1.72 4.45
C ASP A 254 -27.57 1.56 3.05
N GLY A 255 -26.32 1.10 3.02
CA GLY A 255 -25.64 0.92 1.75
C GLY A 255 -25.16 2.24 1.14
N LYS A 256 -25.27 3.32 1.91
CA LYS A 256 -24.84 4.64 1.45
C LYS A 256 -23.34 4.75 1.69
N ILE A 257 -22.63 5.34 0.73
CA ILE A 257 -21.18 5.55 0.81
C ILE A 257 -20.89 7.04 0.80
N GLN A 258 -20.48 7.59 1.93
CA GLN A 258 -20.19 9.03 2.04
C GLN A 258 -19.03 9.51 1.16
N LYS A 259 -19.02 10.80 0.81
CA LYS A 259 -17.95 11.36 -0.03
C LYS A 259 -16.60 11.35 0.69
N SER A 260 -16.60 11.73 1.96
CA SER A 260 -15.35 11.77 2.73
C SER A 260 -14.77 10.37 2.93
N GLU A 261 -15.62 9.41 3.27
CA GLU A 261 -15.17 8.04 3.47
C GLU A 261 -14.66 7.57 2.11
N LEU A 262 -15.54 7.60 1.11
CA LEU A 262 -15.21 7.18 -0.24
C LEU A 262 -13.89 7.80 -0.69
N ALA A 263 -13.69 9.07 -0.34
CA ALA A 263 -12.46 9.78 -0.70
C ALA A 263 -11.19 9.03 -0.33
N LEU A 264 -10.93 8.89 0.96
CA LEU A 264 -9.72 8.21 1.43
C LEU A 264 -9.40 6.92 0.66
N CYS A 265 -10.42 6.15 0.28
CA CYS A 265 -10.20 4.92 -0.47
C CYS A 265 -9.44 5.20 -1.78
N LEU A 266 -9.60 6.41 -2.32
CA LEU A 266 -8.93 6.78 -3.56
C LEU A 266 -7.61 7.51 -3.30
N GLY A 267 -7.02 7.26 -2.13
CA GLY A 267 -5.79 7.90 -1.76
C GLY A 267 -5.97 9.41 -1.69
N LEU A 268 -7.23 9.83 -1.78
CA LEU A 268 -7.56 11.26 -1.76
C LEU A 268 -8.13 11.66 -0.41
N LYS A 269 -8.13 12.96 -0.13
CA LYS A 269 -8.65 13.50 1.14
C LYS A 269 -9.77 14.50 0.91
N HIS A 270 -10.71 14.57 1.84
CA HIS A 270 -11.81 15.52 1.71
C HIS A 270 -11.78 16.52 2.85
N LYS A 271 -11.95 17.79 2.51
CA LYS A 271 -11.95 18.86 3.49
C LYS A 271 -13.39 19.25 3.78
N PRO A 272 -13.79 19.24 5.07
CA PRO A 272 -15.13 19.60 5.49
C PRO A 272 -15.30 21.11 5.68
N SER A 3 9.91 2.98 -19.62
CA SER A 3 9.31 4.34 -19.48
C SER A 3 9.99 5.06 -18.32
N ALA A 4 9.21 5.61 -17.39
CA ALA A 4 9.81 6.29 -16.24
C ALA A 4 10.43 5.23 -15.31
N PHE A 5 11.52 5.60 -14.64
CA PHE A 5 12.16 4.70 -13.70
C PHE A 5 11.19 4.44 -12.53
N ALA A 6 11.58 3.52 -11.65
CA ALA A 6 10.80 3.14 -10.47
C ALA A 6 11.48 2.01 -9.71
N ASN A 7 11.36 2.03 -8.40
CA ASN A 7 11.95 0.97 -7.60
C ASN A 7 10.81 0.08 -7.14
N LEU A 8 11.17 -1.06 -6.57
CA LEU A 8 10.19 -2.00 -6.06
C LEU A 8 9.65 -1.41 -4.75
N ASP A 9 8.41 -1.69 -4.39
CA ASP A 9 7.88 -1.24 -3.10
C ASP A 9 8.16 -2.43 -2.15
N ALA A 10 7.30 -2.65 -1.16
CA ALA A 10 7.52 -3.77 -0.22
C ALA A 10 6.68 -4.94 -0.65
N ALA A 11 5.38 -4.67 -0.83
CA ALA A 11 4.48 -5.72 -1.24
C ALA A 11 5.02 -6.34 -2.53
N GLY A 12 5.44 -5.48 -3.47
CA GLY A 12 5.99 -5.96 -4.73
C GLY A 12 7.21 -6.86 -4.51
N PHE A 13 8.21 -6.35 -3.79
CA PHE A 13 9.39 -7.14 -3.46
C PHE A 13 8.87 -8.41 -2.78
N LEU A 14 8.27 -8.25 -1.61
CA LEU A 14 7.74 -9.38 -0.87
C LEU A 14 6.78 -10.24 -1.71
N GLN A 15 6.31 -9.69 -2.82
CA GLN A 15 5.41 -10.40 -3.71
C GLN A 15 6.23 -11.21 -4.70
N ILE A 16 7.49 -10.84 -4.86
CA ILE A 16 8.39 -11.56 -5.74
C ILE A 16 9.05 -12.65 -4.91
N TRP A 17 9.54 -12.24 -3.75
CA TRP A 17 10.22 -13.13 -2.82
C TRP A 17 9.54 -14.47 -2.46
N GLN A 18 8.23 -14.53 -2.63
CA GLN A 18 7.46 -15.74 -2.31
C GLN A 18 7.49 -16.77 -3.44
N HIS A 19 7.86 -16.31 -4.63
CA HIS A 19 7.92 -17.13 -5.82
C HIS A 19 9.21 -17.97 -5.79
N PHE A 20 10.21 -17.47 -5.06
CA PHE A 20 11.50 -18.12 -4.94
C PHE A 20 11.83 -18.73 -3.59
N ASP A 21 10.96 -18.50 -2.62
CA ASP A 21 11.14 -19.01 -1.27
C ASP A 21 9.75 -19.29 -0.72
N ALA A 22 9.13 -20.36 -1.21
CA ALA A 22 7.79 -20.71 -0.76
C ALA A 22 7.78 -21.28 0.65
N ASP A 23 8.92 -21.79 1.11
CA ASP A 23 8.98 -22.36 2.45
C ASP A 23 9.28 -21.29 3.51
N ASP A 24 9.49 -20.06 3.05
CA ASP A 24 9.83 -18.93 3.91
C ASP A 24 11.08 -19.22 4.73
N ASN A 25 12.11 -19.72 4.05
CA ASN A 25 13.39 -20.00 4.70
C ASN A 25 14.04 -18.67 5.10
N GLY A 26 13.65 -17.58 4.45
CA GLY A 26 14.24 -16.29 4.78
C GLY A 26 15.45 -15.98 3.90
N TYR A 27 15.60 -16.75 2.82
CA TYR A 27 16.70 -16.54 1.88
C TYR A 27 16.37 -17.22 0.57
N ILE A 28 17.14 -16.91 -0.46
CA ILE A 28 17.02 -17.56 -1.77
C ILE A 28 18.43 -17.92 -2.24
N GLU A 29 18.52 -18.84 -3.21
CA GLU A 29 19.80 -19.27 -3.74
C GLU A 29 20.40 -18.23 -4.68
N GLY A 30 21.72 -18.25 -4.81
CA GLY A 30 22.42 -17.32 -5.68
C GLY A 30 21.98 -17.46 -7.13
N LYS A 31 21.83 -18.69 -7.61
CA LYS A 31 21.41 -18.86 -9.00
C LYS A 31 19.97 -18.37 -9.25
N GLU A 32 19.26 -18.08 -8.17
CA GLU A 32 17.87 -17.62 -8.24
C GLU A 32 17.76 -16.09 -8.42
N LEU A 33 18.85 -15.38 -8.18
CA LEU A 33 18.85 -13.92 -8.28
C LEU A 33 18.48 -13.41 -9.67
N ASP A 34 19.20 -13.86 -10.69
CA ASP A 34 18.90 -13.46 -12.05
C ASP A 34 17.39 -13.57 -12.31
N ASP A 35 16.78 -14.66 -11.84
CA ASP A 35 15.34 -14.86 -12.00
C ASP A 35 14.59 -13.81 -11.18
N PHE A 36 15.07 -13.52 -9.99
CA PHE A 36 14.40 -12.52 -9.16
C PHE A 36 14.32 -11.18 -9.90
N PHE A 37 15.41 -10.84 -10.60
CA PHE A 37 15.46 -9.58 -11.34
C PHE A 37 14.59 -9.52 -12.60
N ARG A 38 14.53 -10.63 -13.34
CA ARG A 38 13.72 -10.69 -14.55
C ARG A 38 12.27 -10.54 -14.12
N HIS A 39 11.93 -11.13 -12.98
CA HIS A 39 10.55 -11.02 -12.47
C HIS A 39 10.27 -9.58 -12.08
N LEU A 41 11.56 -6.79 -13.63
CA LEU A 41 11.37 -6.04 -14.88
C LEU A 41 9.96 -6.19 -15.48
N LYS A 42 9.41 -7.41 -15.45
CA LYS A 42 8.07 -7.61 -15.99
C LYS A 42 7.02 -6.94 -15.10
N LYS A 43 7.33 -6.83 -13.81
CA LYS A 43 6.45 -6.21 -12.84
C LYS A 43 6.46 -4.67 -12.96
N LEU A 44 7.64 -4.07 -12.81
CA LEU A 44 7.82 -2.61 -12.84
C LEU A 44 7.79 -1.92 -14.22
N GLN A 45 8.03 -2.67 -15.28
CA GLN A 45 8.02 -2.14 -16.65
C GLN A 45 7.25 -3.23 -17.43
N PRO A 46 5.95 -3.39 -17.13
CA PRO A 46 4.97 -4.33 -17.68
C PRO A 46 4.91 -4.54 -19.18
N LYS A 47 4.88 -3.44 -19.94
CA LYS A 47 4.78 -3.52 -21.38
C LYS A 47 6.13 -3.22 -22.00
N ASP A 48 7.00 -4.23 -21.93
CA ASP A 48 8.35 -4.17 -22.44
C ASP A 48 8.93 -5.58 -22.52
N LYS A 49 9.81 -5.79 -23.48
CA LYS A 49 10.45 -7.09 -23.66
C LYS A 49 11.73 -7.03 -22.84
N ILE A 50 12.29 -8.19 -22.53
CA ILE A 50 13.53 -8.28 -21.73
C ILE A 50 14.43 -9.43 -22.21
N THR A 51 15.72 -9.16 -22.31
CA THR A 51 16.69 -10.16 -22.75
C THR A 51 17.64 -10.35 -21.60
N ASP A 52 18.41 -11.44 -21.64
CA ASP A 52 19.38 -11.71 -20.58
C ASP A 52 20.36 -10.55 -20.48
N GLU A 53 20.72 -10.01 -21.64
CA GLU A 53 21.65 -8.90 -21.69
C GLU A 53 21.20 -7.84 -20.69
N ARG A 54 19.91 -7.57 -20.70
CA ARG A 54 19.30 -6.57 -19.85
C ARG A 54 19.22 -6.97 -18.37
N VAL A 55 19.24 -8.27 -18.10
CA VAL A 55 19.16 -8.74 -16.72
C VAL A 55 20.46 -8.45 -15.97
N GLN A 56 21.58 -8.80 -16.58
CA GLN A 56 22.89 -8.52 -15.98
C GLN A 56 23.08 -7.03 -15.65
N GLN A 57 22.98 -6.20 -16.69
CA GLN A 57 23.11 -4.76 -16.61
C GLN A 57 22.32 -4.21 -15.38
N ILE A 58 21.02 -4.51 -15.30
CA ILE A 58 20.20 -4.01 -14.19
C ILE A 58 20.66 -4.58 -12.86
N LYS A 59 20.87 -5.89 -12.79
CA LYS A 59 21.32 -6.52 -11.56
C LYS A 59 22.66 -5.91 -11.14
N LYS A 60 23.50 -5.62 -12.13
CA LYS A 60 24.78 -4.99 -11.83
C LYS A 60 24.52 -3.56 -11.45
N SER A 61 23.38 -3.02 -11.86
CA SER A 61 23.07 -1.63 -11.51
C SER A 61 22.50 -1.49 -10.07
N PHE A 62 22.15 -2.62 -9.44
CA PHE A 62 21.60 -2.58 -8.06
C PHE A 62 22.57 -3.00 -6.96
N SER A 64 27.09 -3.64 -5.84
CA SER A 64 28.49 -3.45 -6.17
C SER A 64 28.97 -4.60 -7.06
N ALA A 65 30.11 -4.38 -7.72
CA ALA A 65 30.70 -5.40 -8.60
C ALA A 65 30.87 -6.70 -7.81
N TYR A 66 31.01 -6.58 -6.50
CA TYR A 66 31.18 -7.74 -5.66
C TYR A 66 29.92 -8.60 -5.61
N ASP A 67 28.84 -8.02 -5.08
CA ASP A 67 27.58 -8.76 -4.98
C ASP A 67 27.20 -9.51 -6.27
N ALA A 68 27.62 -8.98 -7.41
CA ALA A 68 27.36 -9.61 -8.70
C ALA A 68 28.10 -10.94 -8.80
N THR A 69 29.18 -11.08 -8.03
CA THR A 69 29.99 -12.30 -8.03
C THR A 69 29.44 -13.38 -7.09
N PHE A 70 28.59 -12.99 -6.14
CA PHE A 70 27.99 -13.90 -5.17
C PHE A 70 27.39 -15.16 -5.81
N ASP A 71 26.79 -16.02 -4.99
CA ASP A 71 26.19 -17.25 -5.49
C ASP A 71 25.56 -18.04 -4.35
N GLY A 72 26.04 -17.79 -3.13
CA GLY A 72 25.51 -18.48 -1.97
C GLY A 72 24.13 -18.00 -1.59
N ARG A 73 23.69 -18.36 -0.39
CA ARG A 73 22.36 -17.95 0.07
C ARG A 73 22.33 -16.43 0.23
N LEU A 74 21.35 -15.79 -0.41
CA LEU A 74 21.18 -14.36 -0.26
C LEU A 74 19.96 -14.24 0.67
N GLN A 75 20.21 -13.79 1.89
CA GLN A 75 19.19 -13.60 2.92
C GLN A 75 18.32 -12.42 2.48
N ILE A 76 17.03 -12.48 2.79
CA ILE A 76 16.10 -11.42 2.38
C ILE A 76 16.62 -10.03 2.76
N GLU A 77 17.19 -9.91 3.96
CA GLU A 77 17.71 -8.63 4.45
C GLU A 77 18.74 -8.03 3.46
N GLU A 78 19.59 -8.89 2.92
CA GLU A 78 20.62 -8.48 1.97
C GLU A 78 20.02 -8.00 0.66
N LEU A 79 19.12 -8.79 0.08
CA LEU A 79 18.51 -8.37 -1.17
C LEU A 79 17.65 -7.11 -0.90
N ALA A 80 17.16 -6.99 0.33
CA ALA A 80 16.36 -5.81 0.69
C ALA A 80 17.27 -4.58 0.73
N ASN A 81 18.40 -4.71 1.43
CA ASN A 81 19.35 -3.61 1.52
C ASN A 81 19.79 -3.17 0.12
N ILE A 83 18.14 -3.63 -2.97
CA ILE A 83 17.06 -3.09 -3.79
C ILE A 83 16.14 -2.01 -3.23
N LEU A 84 15.76 -2.13 -1.98
CA LEU A 84 14.81 -1.18 -1.41
C LEU A 84 15.35 0.06 -0.73
N PRO A 85 14.63 1.17 -0.89
CA PRO A 85 15.09 2.41 -0.24
C PRO A 85 14.71 2.23 1.26
N GLN A 86 15.23 3.09 2.12
CA GLN A 86 15.00 3.03 3.57
C GLN A 86 13.56 2.75 4.01
N GLU A 87 12.63 3.59 3.59
CA GLU A 87 11.23 3.44 3.97
C GLU A 87 10.72 2.03 3.62
N GLU A 88 11.27 1.49 2.54
CA GLU A 88 10.84 0.18 2.10
C GLU A 88 11.48 -0.95 2.93
N ASN A 89 12.76 -0.81 3.26
CA ASN A 89 13.46 -1.82 4.07
C ASN A 89 12.80 -1.89 5.45
N PHE A 90 12.25 -0.78 5.92
CA PHE A 90 11.58 -0.78 7.20
C PHE A 90 10.23 -1.51 7.13
N LEU A 91 9.41 -1.16 6.15
CA LEU A 91 8.09 -1.78 6.00
C LEU A 91 8.17 -3.28 5.70
N LEU A 92 9.07 -3.69 4.80
CA LEU A 92 9.20 -5.11 4.49
C LEU A 92 9.45 -5.90 5.76
N ILE A 93 10.43 -5.42 6.53
CA ILE A 93 10.82 -6.08 7.77
C ILE A 93 9.74 -6.02 8.85
N PHE A 94 9.14 -4.84 9.01
CA PHE A 94 8.08 -4.68 10.00
C PHE A 94 6.88 -5.58 9.70
N ARG A 95 6.50 -5.62 8.42
CA ARG A 95 5.34 -6.41 8.02
C ARG A 95 5.67 -7.92 8.12
N ARG A 96 6.97 -8.25 8.13
CA ARG A 96 7.38 -9.65 8.26
C ARG A 96 7.27 -10.09 9.72
N GLU A 97 7.88 -9.34 10.63
CA GLU A 97 7.85 -9.66 12.06
C GLU A 97 6.52 -9.40 12.80
N ALA A 98 6.08 -8.15 12.82
CA ALA A 98 4.85 -7.75 13.50
C ALA A 98 3.78 -7.59 12.44
N PRO A 99 3.32 -8.72 11.85
CA PRO A 99 2.30 -8.64 10.81
C PRO A 99 0.94 -8.21 11.32
N LEU A 100 0.36 -7.24 10.61
CA LEU A 100 -0.96 -6.68 10.91
C LEU A 100 -1.71 -6.88 9.59
N ASP A 101 -2.62 -7.85 9.59
CA ASP A 101 -3.31 -8.19 8.36
C ASP A 101 -4.80 -7.88 8.24
N ASN A 102 -5.36 -7.12 9.18
CA ASN A 102 -6.80 -6.82 9.12
C ASN A 102 -7.07 -5.35 8.74
N SER A 103 -7.33 -5.10 7.46
CA SER A 103 -7.60 -3.73 7.00
C SER A 103 -8.91 -3.14 7.55
N VAL A 104 -9.96 -3.95 7.60
CA VAL A 104 -11.25 -3.47 8.12
C VAL A 104 -11.03 -3.02 9.55
N GLU A 105 -10.31 -3.82 10.34
CA GLU A 105 -10.04 -3.44 11.73
C GLU A 105 -9.14 -2.18 11.76
N PHE A 106 -8.13 -2.13 10.89
CA PHE A 106 -7.25 -0.96 10.83
C PHE A 106 -8.11 0.27 10.58
N LYS A 108 -11.37 0.80 11.19
CA LYS A 108 -12.18 1.07 12.38
C LYS A 108 -11.41 2.00 13.33
N ILE A 109 -10.17 1.62 13.64
CA ILE A 109 -9.30 2.39 14.53
C ILE A 109 -8.98 3.76 13.92
N TRP A 110 -8.67 3.77 12.63
CA TRP A 110 -8.36 5.06 12.00
C TRP A 110 -9.46 6.06 12.29
N ARG A 111 -10.71 5.64 12.11
CA ARG A 111 -11.86 6.50 12.33
C ARG A 111 -11.94 6.98 13.75
N LYS A 112 -11.58 6.09 14.69
CA LYS A 112 -11.57 6.44 16.10
C LYS A 112 -10.71 7.70 16.29
N TYR A 113 -9.54 7.71 15.66
CA TYR A 113 -8.64 8.87 15.78
C TYR A 113 -8.87 9.96 14.73
N ASP A 114 -9.58 9.65 13.65
CA ASP A 114 -9.87 10.62 12.59
C ASP A 114 -11.36 10.52 12.26
N ALA A 115 -12.18 10.76 13.29
CA ALA A 115 -13.64 10.71 13.23
C ALA A 115 -14.29 11.46 12.07
N ASP A 116 -13.70 12.57 11.63
CA ASP A 116 -14.27 13.33 10.51
C ASP A 116 -13.63 12.97 9.15
N SER A 117 -13.04 11.78 9.08
CA SER A 117 -12.41 11.30 7.85
C SER A 117 -11.60 12.36 7.09
N SER A 118 -10.88 13.19 7.82
CA SER A 118 -10.09 14.23 7.19
C SER A 118 -9.02 13.56 6.36
N GLY A 119 -8.79 12.26 6.62
CA GLY A 119 -7.76 11.55 5.90
C GLY A 119 -6.38 11.53 6.56
N TYR A 120 -6.26 12.06 7.78
CA TYR A 120 -4.95 12.08 8.47
C TYR A 120 -5.10 12.03 10.00
N ILE A 121 -4.09 11.52 10.73
CA ILE A 121 -4.16 11.57 12.21
C ILE A 121 -3.06 12.45 12.86
N SER A 122 -3.44 13.09 13.97
CA SER A 122 -2.50 13.91 14.71
C SER A 122 -1.37 12.98 15.13
N ALA A 123 -0.14 13.32 14.73
CA ALA A 123 1.03 12.50 15.05
C ALA A 123 1.17 12.27 16.55
N ALA A 124 0.47 13.10 17.33
CA ALA A 124 0.48 13.00 18.77
C ALA A 124 -0.18 11.71 19.28
N GLU A 125 -1.03 11.10 18.45
CA GLU A 125 -1.71 9.86 18.81
C GLU A 125 -1.07 8.58 18.25
N LEU A 126 0.15 8.67 17.72
CA LEU A 126 0.78 7.49 17.13
C LEU A 126 0.91 6.28 18.06
N LYS A 127 1.67 6.44 19.14
CA LYS A 127 1.87 5.37 20.11
C LYS A 127 0.52 4.85 20.60
N ASN A 128 -0.40 5.77 20.89
CA ASN A 128 -1.74 5.38 21.34
C ASN A 128 -2.39 4.57 20.22
N PHE A 129 -2.20 5.03 19.00
CA PHE A 129 -2.77 4.38 17.83
C PHE A 129 -2.20 2.96 17.65
N LEU A 130 -0.87 2.83 17.67
CA LEU A 130 -0.25 1.52 17.47
C LEU A 130 -0.62 0.53 18.57
N LYS A 131 -0.76 1.02 19.79
CA LYS A 131 -1.15 0.15 20.90
C LYS A 131 -2.49 -0.49 20.59
N ASP A 132 -3.45 0.36 20.21
CA ASP A 132 -4.81 -0.09 19.89
C ASP A 132 -4.92 -0.93 18.63
N LEU A 133 -4.01 -0.73 17.68
CA LEU A 133 -4.03 -1.55 16.47
C LEU A 133 -3.50 -2.96 16.81
N PHE A 134 -2.44 -3.04 17.62
CA PHE A 134 -1.95 -4.38 17.97
C PHE A 134 -3.01 -5.15 18.77
N LEU A 135 -3.69 -4.45 19.67
CA LEU A 135 -4.72 -5.08 20.49
C LEU A 135 -5.85 -5.62 19.61
N GLN A 136 -6.20 -4.88 18.56
CA GLN A 136 -7.31 -5.30 17.67
C GLN A 136 -7.05 -6.50 16.78
N HIS A 137 -5.79 -6.77 16.43
CA HIS A 137 -5.44 -7.94 15.63
C HIS A 137 -5.24 -9.12 16.59
N LYS A 138 -5.56 -8.86 17.87
CA LYS A 138 -5.42 -9.87 18.91
C LYS A 138 -3.98 -10.39 18.90
N LYS A 139 -3.04 -9.47 19.08
CA LYS A 139 -1.62 -9.80 19.07
C LYS A 139 -0.93 -9.25 20.29
N LYS A 140 0.17 -9.88 20.67
CA LYS A 140 0.97 -9.42 21.80
C LYS A 140 2.30 -8.98 21.19
N ILE A 141 2.90 -7.99 21.83
CA ILE A 141 4.19 -7.45 21.44
C ILE A 141 4.81 -6.84 22.68
N PRO A 142 6.15 -6.88 22.77
CA PRO A 142 6.88 -6.31 23.91
C PRO A 142 6.74 -4.79 23.99
N PRO A 143 6.46 -4.25 25.20
CA PRO A 143 6.35 -2.79 25.32
C PRO A 143 7.57 -2.06 24.74
N ASN A 144 8.75 -2.68 24.80
CA ASN A 144 9.95 -2.06 24.26
C ASN A 144 9.82 -1.98 22.72
N LYS A 145 8.73 -2.51 22.21
CA LYS A 145 8.46 -2.45 20.78
C LYS A 145 7.51 -1.30 20.52
N LEU A 146 6.44 -1.20 21.32
CA LEU A 146 5.48 -0.10 21.13
C LEU A 146 6.21 1.24 21.02
N ASP A 147 7.38 1.28 21.65
CA ASP A 147 8.23 2.45 21.65
C ASP A 147 9.21 2.39 20.46
N GLU A 148 9.59 1.17 20.08
CA GLU A 148 10.53 0.97 18.98
C GLU A 148 9.86 1.17 17.61
N TYR A 149 8.68 0.58 17.47
CA TYR A 149 7.95 0.69 16.23
C TYR A 149 7.53 2.14 16.03
N THR A 150 7.25 2.84 17.13
CA THR A 150 6.86 4.26 17.03
C THR A 150 8.05 5.14 16.62
N ASP A 151 9.22 4.80 17.13
CA ASP A 151 10.45 5.53 16.81
C ASP A 151 10.67 5.55 15.30
N ALA A 152 10.70 4.36 14.72
CA ALA A 152 10.90 4.22 13.28
C ALA A 152 9.78 4.97 12.56
N LYS A 155 9.95 8.84 12.73
CA LYS A 155 11.00 9.42 11.90
C LYS A 155 10.83 9.18 10.41
N ILE A 156 9.73 8.56 10.00
CA ILE A 156 9.56 8.33 8.57
C ILE A 156 8.32 8.96 7.98
N PHE A 157 7.22 8.96 8.74
CA PHE A 157 5.97 9.51 8.25
C PHE A 157 5.71 10.93 8.76
N ASP A 158 6.56 11.42 9.64
CA ASP A 158 6.39 12.78 10.17
C ASP A 158 7.51 13.66 9.62
N LYS A 159 7.70 13.61 8.31
CA LYS A 159 8.74 14.39 7.64
C LYS A 159 8.16 15.77 7.36
N ASN A 160 6.85 15.81 7.16
CA ASN A 160 6.17 17.07 6.92
C ASN A 160 6.26 17.78 8.26
N LYS A 161 6.55 16.99 9.29
CA LYS A 161 6.70 17.45 10.67
C LYS A 161 5.62 18.38 11.20
N ASP A 162 4.54 18.55 10.43
CA ASP A 162 3.45 19.40 10.87
C ASP A 162 2.79 18.74 12.08
N GLY A 163 3.28 17.56 12.46
CA GLY A 163 2.72 16.85 13.60
C GLY A 163 1.50 16.04 13.24
N ARG A 164 1.38 15.70 11.96
CA ARG A 164 0.28 14.90 11.44
C ARG A 164 0.82 13.66 10.70
N LEU A 165 -0.01 12.61 10.65
CA LEU A 165 0.36 11.38 9.94
C LEU A 165 -0.71 11.13 8.89
N ASP A 166 -0.25 10.92 7.68
CA ASP A 166 -1.11 10.70 6.50
C ASP A 166 -1.57 9.25 6.48
N LEU A 167 -2.87 9.04 6.27
CA LEU A 167 -3.42 7.71 6.17
C LEU A 167 -2.67 6.95 5.06
N ASN A 168 -2.45 7.61 3.91
CA ASN A 168 -1.72 6.97 2.81
C ASN A 168 -0.36 6.47 3.28
N ASP A 169 0.13 7.03 4.40
CA ASP A 169 1.41 6.56 4.93
C ASP A 169 1.28 5.55 6.08
N LEU A 170 0.16 5.53 6.79
CA LEU A 170 0.06 4.57 7.90
C LEU A 170 -0.52 3.23 7.44
N ALA A 171 -1.29 3.25 6.35
CA ALA A 171 -1.85 2.03 5.79
C ALA A 171 -0.67 1.13 5.39
N ARG A 172 0.43 1.76 4.97
CA ARG A 172 1.60 1.02 4.54
C ARG A 172 2.05 -0.08 5.52
N ILE A 173 1.89 0.12 6.84
CA ILE A 173 2.35 -0.89 7.80
C ILE A 173 1.61 -2.23 7.76
N LEU A 174 0.44 -2.27 7.14
CA LEU A 174 -0.33 -3.51 7.06
C LEU A 174 0.35 -4.59 6.20
N ALA A 175 0.40 -5.82 6.75
CA ALA A 175 0.98 -6.97 6.08
C ALA A 175 -0.09 -7.65 5.23
N LEU A 176 -0.14 -7.26 3.96
CA LEU A 176 -1.10 -7.78 2.99
C LEU A 176 -0.34 -8.10 1.70
N GLN A 177 -0.78 -9.09 0.94
CA GLN A 177 -0.09 -9.38 -0.31
C GLN A 177 -0.34 -8.17 -1.23
N GLU A 178 -1.60 -7.73 -1.24
CA GLU A 178 -2.06 -6.59 -2.03
C GLU A 178 -2.90 -5.73 -1.07
N ASN A 179 -2.43 -4.50 -0.83
CA ASN A 179 -3.09 -3.58 0.09
C ASN A 179 -4.33 -2.88 -0.47
N PHE A 180 -5.39 -2.95 0.32
CA PHE A 180 -6.70 -2.37 0.03
C PHE A 180 -6.68 -0.89 -0.37
N LEU A 181 -5.90 -0.10 0.36
CA LEU A 181 -5.83 1.34 0.12
C LEU A 181 -4.72 1.73 -0.82
N LEU A 182 -3.51 1.30 -0.50
CA LEU A 182 -2.32 1.59 -1.30
C LEU A 182 -2.60 1.11 -2.73
N GLN A 183 -3.84 0.72 -2.94
CA GLN A 183 -4.32 0.21 -4.22
C GLN A 183 -4.36 1.28 -5.31
N PHE A 184 -3.48 2.27 -5.22
CA PHE A 184 -3.46 3.34 -6.23
C PHE A 184 -2.13 4.04 -6.49
N LYS A 185 -1.83 4.26 -7.77
CA LYS A 185 -0.61 4.94 -8.17
C LYS A 185 -0.54 6.25 -7.38
N ASP A 187 1.87 8.53 -7.54
CA ASP A 187 2.79 9.50 -8.14
C ASP A 187 2.19 10.90 -8.24
N ALA A 188 3.06 11.89 -8.48
CA ALA A 188 2.64 13.29 -8.59
C ALA A 188 1.45 13.50 -9.53
N SER A 189 1.60 13.10 -10.79
CA SER A 189 0.53 13.25 -11.78
C SER A 189 -0.76 12.51 -11.43
N SER A 190 -0.64 11.32 -10.87
CA SER A 190 -1.83 10.55 -10.50
C SER A 190 -2.67 11.23 -9.42
N GLN A 191 -2.04 11.61 -8.32
CA GLN A 191 -2.76 12.26 -7.22
C GLN A 191 -3.51 13.52 -7.68
N VAL A 192 -2.98 14.24 -8.67
CA VAL A 192 -3.66 15.43 -9.16
C VAL A 192 -4.74 15.02 -10.16
N GLU A 193 -4.37 14.19 -11.12
CA GLU A 193 -5.35 13.75 -12.11
C GLU A 193 -6.51 13.02 -11.41
N ARG A 194 -6.24 11.90 -10.75
CA ARG A 194 -7.29 11.15 -10.08
C ARG A 194 -8.20 12.03 -9.21
N LYS A 195 -7.62 13.02 -8.55
CA LYS A 195 -8.40 13.90 -7.68
C LYS A 195 -9.39 14.75 -8.49
N ARG A 196 -9.07 14.99 -9.76
CA ARG A 196 -9.95 15.78 -10.63
C ARG A 196 -11.03 14.84 -11.17
N ASP A 197 -10.65 13.60 -11.43
CA ASP A 197 -11.61 12.60 -11.94
C ASP A 197 -12.63 12.33 -10.84
N PHE A 198 -12.13 12.23 -9.60
CA PHE A 198 -12.96 12.00 -8.42
C PHE A 198 -14.07 13.06 -8.28
N GLU A 199 -13.70 14.33 -8.15
CA GLU A 199 -14.71 15.39 -7.98
C GLU A 199 -15.74 15.43 -9.12
N LYS A 200 -15.26 15.22 -10.34
CA LYS A 200 -16.12 15.26 -11.53
C LYS A 200 -17.07 14.07 -11.61
N ILE A 201 -16.57 12.88 -11.31
CA ILE A 201 -17.40 11.70 -11.42
C ILE A 201 -18.36 11.51 -10.24
N PHE A 202 -17.91 11.91 -9.06
CA PHE A 202 -18.75 11.82 -7.88
C PHE A 202 -19.94 12.78 -8.02
N ALA A 203 -19.67 14.04 -8.35
CA ALA A 203 -20.75 15.03 -8.50
C ALA A 203 -21.64 14.62 -9.65
N HIS A 204 -21.03 13.94 -10.62
CA HIS A 204 -21.75 13.40 -11.77
C HIS A 204 -22.81 12.40 -11.30
N TYR A 205 -22.48 11.61 -10.28
CA TYR A 205 -23.42 10.61 -9.76
C TYR A 205 -24.28 11.04 -8.54
N ASP A 206 -23.85 12.04 -7.77
CA ASP A 206 -24.67 12.50 -6.63
C ASP A 206 -25.65 13.58 -7.08
N VAL A 207 -26.60 13.16 -7.93
CA VAL A 207 -27.59 14.05 -8.53
C VAL A 207 -28.59 14.63 -7.53
N SER A 208 -28.85 13.92 -6.43
CA SER A 208 -29.77 14.40 -5.40
C SER A 208 -29.03 15.27 -4.38
N ARG A 209 -27.70 15.16 -4.40
CA ARG A 209 -26.84 15.96 -3.53
C ARG A 209 -27.00 15.76 -2.00
N THR A 210 -27.13 14.51 -1.57
CA THR A 210 -27.30 14.23 -0.14
C THR A 210 -26.02 14.59 0.60
N GLY A 211 -25.01 13.76 0.35
CA GLY A 211 -23.69 13.92 0.93
C GLY A 211 -22.81 12.74 0.58
N ALA A 212 -23.43 11.69 0.02
CA ALA A 212 -22.73 10.46 -0.38
C ALA A 212 -23.29 9.86 -1.68
N LEU A 213 -23.06 8.55 -1.84
CA LEU A 213 -23.52 7.78 -2.98
C LEU A 213 -24.02 6.46 -2.40
N GLU A 214 -25.00 5.85 -3.07
CA GLU A 214 -25.57 4.57 -2.62
C GLU A 214 -26.09 3.73 -3.83
N GLY A 215 -26.41 2.46 -3.57
CA GLY A 215 -26.92 1.59 -4.62
C GLY A 215 -26.17 1.74 -5.94
N PRO A 216 -26.86 1.85 -7.08
CA PRO A 216 -26.20 2.00 -8.38
C PRO A 216 -25.32 3.25 -8.49
N GLU A 217 -25.35 4.13 -7.49
CA GLU A 217 -24.51 5.34 -7.52
C GLU A 217 -23.06 4.92 -7.26
N VAL A 218 -22.86 4.15 -6.20
CA VAL A 218 -21.53 3.66 -5.86
C VAL A 218 -21.05 2.76 -7.01
N ASP A 219 -22.01 2.02 -7.57
CA ASP A 219 -21.71 1.11 -8.66
C ASP A 219 -21.31 1.85 -9.93
N GLY A 220 -22.21 2.72 -10.41
CA GLY A 220 -21.93 3.46 -11.62
C GLY A 220 -20.69 4.33 -11.50
N PHE A 221 -20.38 4.73 -10.27
CA PHE A 221 -19.24 5.57 -10.00
C PHE A 221 -17.96 4.76 -10.10
N VAL A 222 -17.96 3.56 -9.52
CA VAL A 222 -16.77 2.74 -9.55
C VAL A 222 -16.40 2.50 -10.99
N LYS A 223 -17.34 1.96 -11.75
CA LYS A 223 -17.04 1.68 -13.14
C LYS A 223 -16.28 2.81 -13.83
N ASP A 224 -16.78 4.05 -13.72
CA ASP A 224 -16.16 5.20 -14.40
C ASP A 224 -14.82 5.68 -13.81
N GLU A 227 -12.28 2.75 -14.86
CA GLU A 227 -11.85 2.68 -16.25
C GLU A 227 -10.83 3.72 -16.68
N LEU A 228 -10.75 4.85 -15.98
CA LEU A 228 -9.75 5.83 -16.35
C LEU A 228 -8.46 5.53 -15.59
N VAL A 229 -8.59 4.90 -14.41
CA VAL A 229 -7.43 4.54 -13.59
C VAL A 229 -6.78 3.24 -14.08
N ARG A 230 -7.60 2.38 -14.68
CA ARG A 230 -7.16 1.10 -15.22
C ARG A 230 -8.04 0.80 -16.44
N PRO A 231 -7.77 1.49 -17.57
CA PRO A 231 -8.54 1.28 -18.80
C PRO A 231 -8.72 -0.20 -19.10
N SER A 232 -9.94 -0.58 -19.47
CA SER A 232 -10.26 -1.96 -19.80
C SER A 232 -10.22 -2.93 -18.63
N ILE A 233 -10.74 -2.50 -17.48
CA ILE A 233 -10.78 -3.33 -16.28
C ILE A 233 -11.95 -4.33 -16.30
N SER A 234 -11.65 -5.59 -16.01
CA SER A 234 -12.65 -6.65 -16.01
C SER A 234 -13.89 -6.37 -15.14
N GLY A 235 -15.06 -6.75 -15.66
CA GLY A 235 -16.28 -6.56 -14.91
C GLY A 235 -16.07 -7.16 -13.54
N GLY A 236 -15.33 -8.27 -13.51
CA GLY A 236 -15.04 -8.94 -12.25
C GLY A 236 -14.24 -8.08 -11.28
N ASP A 237 -13.20 -7.40 -11.76
CA ASP A 237 -12.39 -6.56 -10.88
C ASP A 237 -13.15 -5.35 -10.35
N LEU A 238 -14.15 -4.89 -11.10
CA LEU A 238 -14.96 -3.76 -10.67
C LEU A 238 -15.88 -4.23 -9.53
N ASP A 239 -16.34 -5.48 -9.59
CA ASP A 239 -17.21 -6.00 -8.53
C ASP A 239 -16.42 -6.10 -7.23
N LYS A 240 -15.17 -6.50 -7.35
CA LYS A 240 -14.27 -6.65 -6.21
C LYS A 240 -14.06 -5.31 -5.48
N PHE A 241 -13.47 -4.33 -6.16
CA PHE A 241 -13.24 -3.05 -5.51
C PHE A 241 -14.56 -2.52 -4.97
N ARG A 242 -15.64 -2.80 -5.67
CA ARG A 242 -16.95 -2.36 -5.21
C ARG A 242 -17.22 -3.05 -3.88
N GLU A 243 -16.99 -4.37 -3.85
CA GLU A 243 -17.20 -5.15 -2.63
C GLU A 243 -16.18 -4.68 -1.58
N CYS A 244 -14.97 -4.33 -2.04
CA CYS A 244 -13.93 -3.84 -1.13
C CYS A 244 -14.47 -2.58 -0.43
N LEU A 245 -15.30 -1.83 -1.15
CA LEU A 245 -15.88 -0.62 -0.59
C LEU A 245 -16.91 -0.92 0.49
N LEU A 246 -17.97 -1.63 0.12
CA LEU A 246 -19.03 -1.97 1.05
C LEU A 246 -18.48 -2.69 2.28
N THR A 247 -17.30 -3.28 2.14
CA THR A 247 -16.64 -4.01 3.22
C THR A 247 -15.99 -3.06 4.24
N HIS A 248 -15.57 -1.89 3.79
CA HIS A 248 -14.90 -0.95 4.68
C HIS A 248 -15.61 0.40 4.92
N CYS A 249 -16.31 0.91 3.91
CA CYS A 249 -16.97 2.21 4.02
C CYS A 249 -18.49 2.19 4.24
N ASP A 250 -19.10 1.00 4.27
CA ASP A 250 -20.55 0.93 4.50
C ASP A 250 -20.77 0.90 6.02
N ASN A 252 -23.25 2.07 8.11
CA ASN A 252 -24.51 1.54 8.59
C ASN A 252 -25.08 0.69 7.47
N LYS A 253 -25.81 -0.35 7.84
CA LYS A 253 -26.41 -1.27 6.87
C LYS A 253 -27.26 -0.62 5.77
N ASP A 254 -27.11 0.70 5.57
CA ASP A 254 -27.89 1.41 4.56
C ASP A 254 -27.30 1.32 3.14
N GLY A 255 -26.08 0.81 3.02
CA GLY A 255 -25.46 0.67 1.71
C GLY A 255 -24.95 1.99 1.13
N LYS A 256 -24.75 2.99 1.97
CA LYS A 256 -24.25 4.27 1.50
C LYS A 256 -22.76 4.38 1.64
N ILE A 257 -22.17 5.19 0.76
CA ILE A 257 -20.75 5.44 0.76
C ILE A 257 -20.58 6.95 0.76
N GLN A 258 -20.16 7.50 1.90
CA GLN A 258 -19.96 8.93 2.04
C GLN A 258 -18.81 9.45 1.18
N LYS A 259 -18.90 10.70 0.76
CA LYS A 259 -17.83 11.30 -0.07
C LYS A 259 -16.48 11.29 0.66
N SER A 260 -16.49 11.66 1.94
CA SER A 260 -15.26 11.70 2.72
C SER A 260 -14.70 10.27 2.89
N GLU A 261 -15.59 9.33 3.18
CA GLU A 261 -15.18 7.94 3.36
C GLU A 261 -14.65 7.48 1.99
N LEU A 262 -15.51 7.50 0.98
CA LEU A 262 -15.15 7.09 -0.36
C LEU A 262 -13.85 7.77 -0.80
N ALA A 263 -13.69 9.03 -0.43
CA ALA A 263 -12.48 9.76 -0.79
C ALA A 263 -11.20 9.00 -0.43
N LEU A 264 -10.98 8.82 0.88
CA LEU A 264 -9.79 8.12 1.34
C LEU A 264 -9.51 6.82 0.58
N CYS A 265 -10.55 6.11 0.17
CA CYS A 265 -10.39 4.87 -0.57
C CYS A 265 -9.55 5.12 -1.83
N LEU A 266 -9.76 6.27 -2.48
CA LEU A 266 -8.99 6.61 -3.68
C LEU A 266 -7.66 7.29 -3.28
N GLY A 267 -7.30 7.13 -2.01
CA GLY A 267 -6.08 7.73 -1.51
C GLY A 267 -6.06 9.24 -1.65
N LEU A 268 -7.21 9.86 -1.47
CA LEU A 268 -7.32 11.32 -1.59
C LEU A 268 -7.92 11.85 -0.31
N LYS A 269 -8.18 13.16 -0.28
CA LYS A 269 -8.78 13.80 0.89
C LYS A 269 -9.98 14.64 0.50
N HIS A 270 -11.05 14.55 1.29
CA HIS A 270 -12.25 15.31 1.00
C HIS A 270 -12.42 16.47 1.96
N LYS A 271 -12.42 17.69 1.42
CA LYS A 271 -12.59 18.89 2.24
C LYS A 271 -13.91 19.60 1.89
N PRO A 272 -14.93 19.44 2.74
CA PRO A 272 -16.27 20.04 2.57
C PRO A 272 -16.25 21.56 2.73
N SER A 3 7.44 5.55 -18.13
CA SER A 3 8.78 5.58 -18.77
C SER A 3 9.86 6.01 -17.78
N ALA A 4 9.43 6.52 -16.62
CA ALA A 4 10.36 6.98 -15.59
C ALA A 4 10.92 5.83 -14.73
N PHE A 5 12.03 6.10 -14.06
CA PHE A 5 12.64 5.12 -13.19
C PHE A 5 11.84 5.00 -11.88
N ALA A 6 11.87 3.81 -11.29
CA ALA A 6 11.20 3.51 -10.03
C ALA A 6 11.69 2.18 -9.42
N ASN A 7 11.66 2.08 -8.10
CA ASN A 7 12.09 0.85 -7.46
C ASN A 7 10.88 0.03 -7.06
N LEU A 8 11.14 -1.14 -6.47
CA LEU A 8 10.10 -2.04 -5.99
C LEU A 8 9.51 -1.40 -4.72
N ASP A 9 8.29 -1.78 -4.35
CA ASP A 9 7.72 -1.31 -3.08
C ASP A 9 8.01 -2.48 -2.12
N ALA A 10 7.11 -2.75 -1.17
CA ALA A 10 7.36 -3.86 -0.24
C ALA A 10 6.63 -5.09 -0.74
N ALA A 11 5.32 -4.95 -0.82
CA ALA A 11 4.47 -6.02 -1.30
C ALA A 11 5.09 -6.57 -2.59
N GLY A 12 5.40 -5.68 -3.54
CA GLY A 12 6.01 -6.08 -4.79
C GLY A 12 7.24 -6.98 -4.58
N PHE A 13 8.17 -6.49 -3.76
CA PHE A 13 9.38 -7.25 -3.43
C PHE A 13 8.95 -8.57 -2.77
N LEU A 14 8.00 -8.50 -1.85
CA LEU A 14 7.52 -9.69 -1.17
C LEU A 14 6.83 -10.69 -2.10
N GLN A 15 6.03 -10.21 -3.04
CA GLN A 15 5.32 -11.10 -3.97
C GLN A 15 6.31 -11.92 -4.78
N ILE A 16 7.41 -11.28 -5.19
CA ILE A 16 8.47 -11.95 -5.95
C ILE A 16 9.18 -12.91 -4.99
N TRP A 17 9.42 -12.44 -3.77
CA TRP A 17 10.10 -13.25 -2.78
C TRP A 17 9.33 -14.52 -2.39
N GLN A 18 8.09 -14.62 -2.85
CA GLN A 18 7.24 -15.77 -2.56
C GLN A 18 7.28 -16.79 -3.70
N HIS A 19 7.61 -16.31 -4.88
CA HIS A 19 7.67 -17.12 -6.07
C HIS A 19 8.90 -18.01 -5.98
N PHE A 20 9.91 -17.54 -5.25
CA PHE A 20 11.17 -18.24 -5.10
C PHE A 20 11.54 -18.76 -3.73
N ASP A 21 10.71 -18.50 -2.74
CA ASP A 21 10.97 -18.94 -1.38
C ASP A 21 9.60 -19.17 -0.75
N ALA A 22 8.91 -20.19 -1.27
CA ALA A 22 7.57 -20.54 -0.83
C ALA A 22 7.40 -20.87 0.65
N ASP A 23 8.32 -21.62 1.23
CA ASP A 23 8.23 -21.99 2.64
C ASP A 23 8.67 -20.88 3.56
N ASP A 24 8.94 -19.72 2.96
CA ASP A 24 9.38 -18.55 3.70
C ASP A 24 10.57 -18.86 4.59
N ASN A 25 11.56 -19.57 4.05
CA ASN A 25 12.78 -19.87 4.82
C ASN A 25 13.53 -18.54 5.12
N GLY A 26 13.21 -17.48 4.37
CA GLY A 26 13.89 -16.22 4.60
C GLY A 26 15.15 -16.02 3.74
N TYR A 27 15.46 -16.99 2.88
CA TYR A 27 16.62 -16.86 2.00
C TYR A 27 16.35 -17.50 0.66
N ILE A 28 17.18 -17.13 -0.31
CA ILE A 28 17.14 -17.73 -1.64
C ILE A 28 18.60 -17.93 -2.05
N GLU A 29 18.90 -19.05 -2.70
CA GLU A 29 20.26 -19.31 -3.13
C GLU A 29 20.55 -18.21 -4.16
N GLY A 30 21.76 -17.65 -4.10
CA GLY A 30 22.14 -16.57 -5.01
C GLY A 30 22.07 -16.99 -6.46
N LYS A 31 21.70 -18.24 -6.68
CA LYS A 31 21.58 -18.78 -8.03
C LYS A 31 20.32 -18.29 -8.79
N GLU A 32 19.17 -18.22 -8.11
CA GLU A 32 17.93 -17.80 -8.77
C GLU A 32 17.81 -16.26 -8.79
N LEU A 33 18.93 -15.58 -8.56
CA LEU A 33 18.94 -14.12 -8.54
C LEU A 33 18.53 -13.53 -9.89
N ASP A 34 19.15 -13.99 -10.97
CA ASP A 34 18.78 -13.49 -12.30
C ASP A 34 17.25 -13.53 -12.45
N ASP A 35 16.66 -14.65 -12.03
CA ASP A 35 15.22 -14.83 -12.11
C ASP A 35 14.48 -13.81 -11.21
N PHE A 36 15.04 -13.51 -10.04
CA PHE A 36 14.38 -12.52 -9.19
C PHE A 36 14.31 -11.18 -9.94
N PHE A 37 15.40 -10.84 -10.62
CA PHE A 37 15.45 -9.59 -11.38
C PHE A 37 14.59 -9.57 -12.63
N ARG A 38 14.49 -10.72 -13.30
CA ARG A 38 13.67 -10.81 -14.50
C ARG A 38 12.24 -10.62 -14.07
N HIS A 39 11.88 -11.22 -12.92
CA HIS A 39 10.53 -11.07 -12.38
C HIS A 39 10.35 -9.59 -12.07
N LEU A 41 12.16 -6.87 -13.95
CA LEU A 41 12.07 -6.16 -15.20
C LEU A 41 10.72 -6.45 -15.85
N LYS A 42 10.15 -7.64 -15.61
CA LYS A 42 8.84 -7.97 -16.20
C LYS A 42 7.67 -7.36 -15.42
N LYS A 43 7.78 -7.29 -14.10
CA LYS A 43 6.69 -6.73 -13.30
C LYS A 43 6.55 -5.25 -13.69
N LEU A 44 7.59 -4.46 -13.36
CA LEU A 44 7.60 -3.03 -13.61
C LEU A 44 7.53 -2.63 -15.10
N GLN A 45 8.40 -3.20 -15.91
CA GLN A 45 8.44 -2.83 -17.32
C GLN A 45 7.85 -3.91 -18.23
N PRO A 46 6.54 -4.19 -18.08
CA PRO A 46 5.86 -5.21 -18.87
C PRO A 46 6.12 -5.13 -20.38
N LYS A 47 6.25 -3.91 -20.87
CA LYS A 47 6.46 -3.67 -22.28
C LYS A 47 7.85 -3.94 -22.84
N ASP A 48 8.75 -4.49 -22.04
CA ASP A 48 10.10 -4.78 -22.53
C ASP A 48 10.52 -6.23 -22.54
N LYS A 49 10.92 -6.69 -23.73
CA LYS A 49 11.36 -8.06 -23.94
C LYS A 49 12.68 -8.17 -23.18
N ILE A 50 12.59 -8.59 -21.93
CA ILE A 50 13.75 -8.71 -21.06
C ILE A 50 14.73 -9.79 -21.51
N THR A 51 15.77 -9.35 -22.22
CA THR A 51 16.80 -10.27 -22.69
C THR A 51 17.76 -10.38 -21.52
N ASP A 52 18.85 -11.10 -21.74
CA ASP A 52 19.85 -11.30 -20.70
C ASP A 52 20.74 -10.08 -20.64
N GLU A 53 20.90 -9.39 -21.77
CA GLU A 53 21.70 -8.19 -21.80
C GLU A 53 21.22 -7.35 -20.62
N ARG A 54 19.99 -6.89 -20.76
CA ARG A 54 19.34 -6.03 -19.79
C ARG A 54 19.17 -6.64 -18.38
N VAL A 55 19.27 -7.95 -18.24
CA VAL A 55 19.10 -8.57 -16.91
C VAL A 55 20.38 -8.41 -16.09
N GLN A 56 21.51 -8.83 -16.63
CA GLN A 56 22.78 -8.68 -15.93
C GLN A 56 23.02 -7.18 -15.65
N GLN A 57 22.81 -6.37 -16.67
CA GLN A 57 22.97 -4.93 -16.61
C GLN A 57 22.13 -4.36 -15.42
N ILE A 58 20.87 -4.77 -15.31
CA ILE A 58 20.04 -4.25 -14.23
C ILE A 58 20.47 -4.81 -12.88
N LYS A 59 21.02 -6.04 -12.87
CA LYS A 59 21.48 -6.63 -11.62
C LYS A 59 22.76 -5.93 -11.17
N LYS A 60 23.62 -5.62 -12.14
CA LYS A 60 24.83 -4.89 -11.82
C LYS A 60 24.42 -3.46 -11.59
N SER A 61 23.20 -3.11 -11.98
CA SER A 61 22.76 -1.73 -11.75
C SER A 61 22.17 -1.54 -10.34
N PHE A 62 22.09 -2.64 -9.57
CA PHE A 62 21.55 -2.57 -8.19
C PHE A 62 22.54 -2.99 -7.12
N SER A 64 26.93 -4.68 -6.33
CA SER A 64 28.36 -4.67 -6.48
C SER A 64 28.72 -5.74 -7.52
N ALA A 65 29.83 -5.53 -8.24
CA ALA A 65 30.32 -6.47 -9.24
C ALA A 65 30.44 -7.86 -8.59
N TYR A 66 31.40 -7.96 -7.67
CA TYR A 66 31.70 -9.16 -6.90
C TYR A 66 30.41 -9.94 -6.55
N ASP A 67 29.46 -9.29 -5.87
CA ASP A 67 28.20 -9.95 -5.50
C ASP A 67 27.25 -10.26 -6.66
N ALA A 68 27.39 -9.53 -7.77
CA ALA A 68 26.56 -9.75 -8.94
C ALA A 68 26.65 -11.24 -9.29
N THR A 69 27.86 -11.77 -9.16
CA THR A 69 28.12 -13.17 -9.43
C THR A 69 28.50 -13.85 -8.11
N PHE A 70 27.78 -13.51 -7.04
CA PHE A 70 28.05 -14.09 -5.72
C PHE A 70 27.50 -15.51 -5.65
N ASP A 71 28.38 -16.46 -5.34
CA ASP A 71 27.97 -17.85 -5.25
C ASP A 71 27.49 -18.16 -3.83
N GLY A 72 26.18 -18.00 -3.60
CA GLY A 72 25.65 -18.27 -2.28
C GLY A 72 24.24 -17.75 -2.07
N ARG A 73 23.56 -18.34 -1.08
CA ARG A 73 22.20 -17.94 -0.74
C ARG A 73 22.21 -16.44 -0.44
N LEU A 74 21.04 -15.85 -0.51
CA LEU A 74 20.85 -14.45 -0.18
C LEU A 74 19.71 -14.37 0.83
N GLN A 75 20.05 -13.89 2.04
CA GLN A 75 19.10 -13.71 3.12
C GLN A 75 18.23 -12.53 2.69
N ILE A 76 16.94 -12.56 3.05
CA ILE A 76 16.03 -11.51 2.64
C ILE A 76 16.56 -10.11 2.96
N GLU A 77 17.15 -9.93 4.14
CA GLU A 77 17.69 -8.62 4.54
C GLU A 77 18.70 -8.04 3.53
N GLU A 78 19.55 -8.91 2.99
CA GLU A 78 20.59 -8.50 2.02
C GLU A 78 19.99 -8.02 0.70
N LEU A 79 19.09 -8.80 0.11
CA LEU A 79 18.50 -8.39 -1.15
C LEU A 79 17.65 -7.12 -0.93
N ALA A 80 17.07 -7.00 0.27
CA ALA A 80 16.26 -5.82 0.59
C ALA A 80 17.14 -4.57 0.60
N ASN A 81 18.26 -4.66 1.33
CA ASN A 81 19.19 -3.55 1.41
C ASN A 81 19.63 -3.14 0.01
N ILE A 83 18.19 -3.59 -2.99
CA ILE A 83 17.11 -3.01 -3.76
C ILE A 83 16.29 -1.89 -3.13
N LEU A 84 15.52 -2.25 -2.11
CA LEU A 84 14.62 -1.33 -1.43
C LEU A 84 15.23 -0.10 -0.79
N PRO A 85 14.60 1.06 -1.04
CA PRO A 85 15.11 2.29 -0.44
C PRO A 85 14.82 2.20 1.07
N GLN A 86 15.64 2.87 1.88
CA GLN A 86 15.55 2.89 3.36
C GLN A 86 14.21 2.64 4.01
N GLU A 87 13.22 3.44 3.64
CA GLU A 87 11.91 3.35 4.23
C GLU A 87 11.12 2.09 3.84
N GLU A 88 11.06 1.79 2.54
CA GLU A 88 10.34 0.62 2.07
C GLU A 88 10.98 -0.61 2.69
N ASN A 89 12.28 -0.48 2.93
CA ASN A 89 13.05 -1.54 3.54
C ASN A 89 12.47 -1.77 4.94
N PHE A 90 11.97 -0.69 5.53
CA PHE A 90 11.38 -0.80 6.83
C PHE A 90 10.01 -1.47 6.74
N LEU A 91 9.22 -1.10 5.73
CA LEU A 91 7.88 -1.68 5.56
C LEU A 91 7.97 -3.21 5.29
N LEU A 92 8.92 -3.64 4.46
CA LEU A 92 9.06 -5.08 4.19
C LEU A 92 9.30 -5.82 5.49
N ILE A 93 10.28 -5.32 6.24
CA ILE A 93 10.67 -5.94 7.50
C ILE A 93 9.57 -5.95 8.57
N PHE A 94 8.96 -4.79 8.81
CA PHE A 94 7.91 -4.68 9.84
C PHE A 94 6.78 -5.67 9.60
N ARG A 95 6.38 -5.78 8.34
CA ARG A 95 5.29 -6.66 7.96
C ARG A 95 5.59 -8.13 8.33
N ARG A 96 6.86 -8.53 8.26
CA ARG A 96 7.23 -9.91 8.59
C ARG A 96 7.46 -10.09 10.09
N GLU A 97 8.02 -9.07 10.74
CA GLU A 97 8.24 -9.18 12.17
C GLU A 97 6.98 -9.00 13.00
N ALA A 98 6.16 -8.02 12.65
CA ALA A 98 4.94 -7.75 13.40
C ALA A 98 3.83 -7.69 12.37
N PRO A 99 3.49 -8.85 11.77
CA PRO A 99 2.44 -8.86 10.76
C PRO A 99 1.11 -8.37 11.32
N LEU A 100 0.47 -7.49 10.57
CA LEU A 100 -0.82 -6.90 10.93
C LEU A 100 -1.61 -6.90 9.63
N ASP A 101 -2.50 -7.88 9.48
CA ASP A 101 -3.24 -8.01 8.23
C ASP A 101 -4.74 -7.81 8.24
N ASN A 102 -5.27 -7.00 9.14
CA ASN A 102 -6.72 -6.77 9.16
C ASN A 102 -7.06 -5.29 8.82
N SER A 103 -7.29 -5.02 7.54
CA SER A 103 -7.60 -3.65 7.10
C SER A 103 -8.92 -3.10 7.67
N VAL A 104 -9.98 -3.91 7.63
CA VAL A 104 -11.27 -3.48 8.15
C VAL A 104 -11.08 -3.01 9.59
N GLU A 105 -10.36 -3.80 10.39
CA GLU A 105 -10.10 -3.42 11.78
C GLU A 105 -9.20 -2.17 11.80
N PHE A 106 -8.26 -2.08 10.85
CA PHE A 106 -7.39 -0.90 10.76
C PHE A 106 -8.23 0.35 10.53
N LYS A 108 -11.19 0.84 11.28
CA LYS A 108 -12.09 1.01 12.41
C LYS A 108 -11.30 1.78 13.49
N ILE A 109 -10.00 1.54 13.53
CA ILE A 109 -9.13 2.24 14.49
C ILE A 109 -8.79 3.61 13.90
N TRP A 110 -8.88 3.72 12.58
CA TRP A 110 -8.59 5.02 11.97
C TRP A 110 -9.69 6.04 12.24
N ARG A 111 -10.94 5.60 12.13
CA ARG A 111 -12.08 6.50 12.35
C ARG A 111 -12.09 7.06 13.75
N LYS A 112 -11.65 6.25 14.71
CA LYS A 112 -11.58 6.64 16.11
C LYS A 112 -10.64 7.84 16.30
N TYR A 113 -9.48 7.81 15.63
CA TYR A 113 -8.52 8.90 15.76
C TYR A 113 -8.66 10.01 14.70
N ASP A 114 -9.46 9.75 13.67
CA ASP A 114 -9.68 10.72 12.59
C ASP A 114 -11.19 10.72 12.32
N ALA A 115 -11.94 10.99 13.39
CA ALA A 115 -13.42 11.02 13.40
C ALA A 115 -14.11 11.65 12.20
N ASP A 116 -13.61 12.78 11.70
CA ASP A 116 -14.24 13.43 10.55
C ASP A 116 -13.66 12.96 9.21
N SER A 117 -13.03 11.79 9.21
CA SER A 117 -12.44 11.23 8.00
C SER A 117 -11.71 12.26 7.12
N SER A 118 -10.89 13.07 7.77
CA SER A 118 -10.14 14.07 7.08
C SER A 118 -8.99 13.45 6.29
N GLY A 119 -8.61 12.24 6.68
CA GLY A 119 -7.49 11.59 6.02
C GLY A 119 -6.21 11.71 6.83
N TYR A 120 -6.27 12.36 8.00
CA TYR A 120 -5.09 12.52 8.88
C TYR A 120 -5.46 12.22 10.32
N ILE A 121 -4.46 11.82 11.12
CA ILE A 121 -4.63 11.63 12.57
C ILE A 121 -3.49 12.45 13.18
N SER A 122 -3.73 13.05 14.33
CA SER A 122 -2.67 13.82 14.97
C SER A 122 -1.53 12.86 15.31
N ALA A 123 -0.31 13.26 14.95
CA ALA A 123 0.88 12.48 15.17
C ALA A 123 1.14 12.21 16.66
N ALA A 124 0.49 13.02 17.50
CA ALA A 124 0.61 12.87 18.95
C ALA A 124 -0.08 11.58 19.43
N GLU A 125 -0.98 11.06 18.60
CA GLU A 125 -1.73 9.83 18.88
C GLU A 125 -1.13 8.55 18.30
N LEU A 126 0.03 8.65 17.65
CA LEU A 126 0.63 7.51 17.00
C LEU A 126 0.94 6.29 17.87
N LYS A 127 1.79 6.45 18.88
CA LYS A 127 2.17 5.31 19.70
C LYS A 127 0.98 4.63 20.35
N ASN A 128 -0.08 5.37 20.65
CA ASN A 128 -1.27 4.74 21.23
C ASN A 128 -1.97 4.00 20.10
N PHE A 129 -2.30 4.74 19.04
CA PHE A 129 -2.94 4.18 17.84
C PHE A 129 -2.37 2.77 17.54
N LEU A 130 -1.05 2.61 17.59
CA LEU A 130 -0.44 1.30 17.32
C LEU A 130 -0.92 0.29 18.37
N LYS A 131 -0.87 0.71 19.63
CA LYS A 131 -1.32 -0.10 20.74
C LYS A 131 -2.73 -0.62 20.45
N ASP A 132 -3.62 0.30 20.08
CA ASP A 132 -4.99 -0.05 19.75
C ASP A 132 -4.99 -0.99 18.58
N LEU A 133 -4.10 -0.72 17.62
CA LEU A 133 -3.99 -1.59 16.45
C LEU A 133 -3.40 -2.93 16.92
N PHE A 134 -2.39 -2.91 17.78
CA PHE A 134 -1.88 -4.20 18.22
C PHE A 134 -2.91 -4.94 19.07
N LEU A 135 -3.64 -4.21 19.90
CA LEU A 135 -4.66 -4.86 20.73
C LEU A 135 -5.72 -5.48 19.82
N GLN A 136 -6.24 -4.66 18.90
CA GLN A 136 -7.28 -5.10 17.97
C GLN A 136 -6.77 -6.21 17.11
N HIS A 137 -5.47 -6.45 17.22
CA HIS A 137 -4.84 -7.54 16.50
C HIS A 137 -4.46 -8.66 17.50
N LYS A 138 -5.01 -8.57 18.71
CA LYS A 138 -4.73 -9.55 19.77
C LYS A 138 -3.22 -9.82 19.86
N LYS A 139 -2.43 -9.05 19.11
CA LYS A 139 -0.97 -9.22 19.07
C LYS A 139 -0.30 -8.36 20.12
N LYS A 140 0.44 -8.99 21.02
CA LYS A 140 1.14 -8.20 22.04
C LYS A 140 2.64 -8.21 21.83
N ILE A 141 3.28 -7.09 22.14
CA ILE A 141 4.71 -7.00 22.01
C ILE A 141 5.28 -6.30 23.22
N PRO A 142 6.58 -6.51 23.49
CA PRO A 142 7.20 -5.86 24.65
C PRO A 142 7.05 -4.34 24.48
N PRO A 143 7.05 -3.59 25.60
CA PRO A 143 6.92 -2.13 25.56
C PRO A 143 8.02 -1.47 24.73
N ASN A 144 9.19 -2.09 24.70
CA ASN A 144 10.30 -1.56 23.94
C ASN A 144 10.10 -1.67 22.43
N LYS A 145 9.74 -2.85 21.95
CA LYS A 145 9.49 -3.03 20.51
C LYS A 145 8.42 -2.06 20.02
N LEU A 146 7.41 -1.84 20.87
CA LEU A 146 6.33 -0.94 20.54
C LEU A 146 6.92 0.48 20.42
N ASP A 147 7.80 0.80 21.37
CA ASP A 147 8.47 2.10 21.40
C ASP A 147 9.35 2.24 20.16
N GLU A 148 10.03 1.16 19.78
CA GLU A 148 10.92 1.17 18.61
C GLU A 148 10.12 1.36 17.30
N TYR A 149 8.99 0.69 17.23
CA TYR A 149 8.11 0.77 16.08
C TYR A 149 7.60 2.20 15.94
N THR A 150 7.33 2.85 17.08
CA THR A 150 6.84 4.23 17.06
C THR A 150 7.94 5.19 16.61
N ASP A 151 9.14 4.95 17.13
CA ASP A 151 10.31 5.75 16.80
C ASP A 151 10.58 5.75 15.30
N ALA A 152 10.69 4.55 14.75
CA ALA A 152 10.94 4.38 13.34
C ALA A 152 9.83 5.06 12.53
N LYS A 155 10.02 8.95 12.51
CA LYS A 155 11.08 9.43 11.63
C LYS A 155 10.80 9.29 10.15
N ILE A 156 9.74 8.58 9.79
CA ILE A 156 9.50 8.41 8.38
C ILE A 156 8.22 8.99 7.83
N PHE A 157 7.24 9.26 8.69
CA PHE A 157 5.97 9.81 8.22
C PHE A 157 5.52 11.10 8.90
N ASP A 158 6.38 11.66 9.73
CA ASP A 158 6.09 12.93 10.41
C ASP A 158 7.41 13.63 10.64
N LYS A 159 8.03 14.09 9.56
CA LYS A 159 9.29 14.79 9.66
C LYS A 159 9.03 16.30 9.82
N ASN A 160 8.25 16.85 8.91
CA ASN A 160 7.92 18.27 8.95
C ASN A 160 7.58 18.74 10.36
N LYS A 161 7.05 17.82 11.16
CA LYS A 161 6.66 18.05 12.54
C LYS A 161 5.40 18.90 12.71
N ASP A 162 4.36 18.54 11.98
CA ASP A 162 3.07 19.23 12.05
C ASP A 162 2.27 18.50 13.12
N GLY A 163 2.44 17.18 13.16
CA GLY A 163 1.70 16.41 14.14
C GLY A 163 0.49 15.78 13.49
N ARG A 164 0.59 15.55 12.17
CA ARG A 164 -0.47 14.90 11.41
C ARG A 164 0.12 13.70 10.65
N LEU A 165 -0.60 12.58 10.67
CA LEU A 165 -0.18 11.37 9.94
C LEU A 165 -1.17 11.12 8.82
N ASP A 166 -0.62 11.04 7.61
CA ASP A 166 -1.38 10.82 6.39
C ASP A 166 -1.80 9.35 6.39
N LEU A 167 -3.09 9.09 6.20
CA LEU A 167 -3.58 7.73 6.12
C LEU A 167 -2.79 6.99 5.03
N ASN A 168 -2.49 7.66 3.91
CA ASN A 168 -1.71 7.05 2.83
C ASN A 168 -0.38 6.47 3.30
N ASP A 169 0.19 7.03 4.37
CA ASP A 169 1.43 6.49 4.89
C ASP A 169 1.22 5.37 5.92
N LEU A 170 0.41 5.63 6.94
CA LEU A 170 0.21 4.62 7.99
C LEU A 170 -0.41 3.33 7.47
N ALA A 171 -1.24 3.44 6.44
CA ALA A 171 -1.85 2.27 5.84
C ALA A 171 -0.72 1.37 5.29
N ARG A 172 0.49 1.91 5.19
CA ARG A 172 1.60 1.12 4.68
C ARG A 172 2.17 0.10 5.67
N ILE A 173 1.91 0.25 6.97
CA ILE A 173 2.47 -0.71 7.94
C ILE A 173 1.76 -2.04 7.91
N LEU A 174 0.60 -2.09 7.24
CA LEU A 174 -0.15 -3.32 7.15
C LEU A 174 0.57 -4.40 6.33
N ALA A 175 0.19 -5.66 6.54
CA ALA A 175 0.76 -6.81 5.85
C ALA A 175 -0.36 -7.59 5.14
N LEU A 176 -0.67 -7.18 3.91
CA LEU A 176 -1.70 -7.80 3.10
C LEU A 176 -1.06 -8.40 1.84
N GLN A 177 -1.65 -9.44 1.27
CA GLN A 177 -1.06 -9.99 0.05
C GLN A 177 -1.05 -8.84 -0.97
N GLU A 178 -2.13 -8.06 -0.96
CA GLU A 178 -2.33 -6.89 -1.82
C GLU A 178 -3.05 -5.85 -0.94
N ASN A 179 -2.40 -4.71 -0.73
CA ASN A 179 -2.92 -3.65 0.11
C ASN A 179 -4.18 -2.94 -0.38
N PHE A 180 -5.18 -2.97 0.49
CA PHE A 180 -6.50 -2.39 0.28
C PHE A 180 -6.55 -0.93 -0.16
N LEU A 181 -5.74 -0.08 0.46
CA LEU A 181 -5.74 1.35 0.17
C LEU A 181 -4.70 1.79 -0.84
N LEU A 182 -3.45 1.48 -0.54
CA LEU A 182 -2.33 1.85 -1.42
C LEU A 182 -2.57 1.23 -2.78
N GLN A 183 -3.81 0.79 -2.98
CA GLN A 183 -4.27 0.16 -4.20
C GLN A 183 -4.29 1.17 -5.34
N PHE A 184 -3.42 2.17 -5.29
CA PHE A 184 -3.39 3.21 -6.33
C PHE A 184 -2.06 3.91 -6.60
N LYS A 185 -1.79 4.18 -7.87
CA LYS A 185 -0.57 4.87 -8.27
C LYS A 185 -0.51 6.15 -7.45
N ASP A 187 1.95 8.53 -7.53
CA ASP A 187 2.87 9.54 -8.06
C ASP A 187 2.29 10.97 -8.11
N ALA A 188 3.17 11.93 -8.40
CA ALA A 188 2.80 13.34 -8.46
C ALA A 188 1.55 13.63 -9.30
N SER A 189 1.68 13.60 -10.62
CA SER A 189 0.55 13.88 -11.50
C SER A 189 -0.63 12.91 -11.43
N SER A 190 -0.40 11.69 -10.95
CA SER A 190 -1.50 10.73 -10.83
C SER A 190 -2.44 11.19 -9.70
N GLN A 191 -1.90 11.90 -8.72
CA GLN A 191 -2.70 12.39 -7.61
C GLN A 191 -3.07 13.88 -7.73
N VAL A 192 -2.15 14.68 -8.25
CA VAL A 192 -2.39 16.10 -8.42
C VAL A 192 -3.61 16.25 -9.33
N GLU A 193 -3.95 15.15 -10.01
CA GLU A 193 -5.10 15.11 -10.89
C GLU A 193 -6.25 14.33 -10.28
N ARG A 194 -5.93 13.21 -9.63
CA ARG A 194 -6.93 12.35 -9.00
C ARG A 194 -7.83 13.11 -8.03
N LYS A 195 -7.29 14.12 -7.36
CA LYS A 195 -8.09 14.89 -6.44
C LYS A 195 -9.14 15.57 -7.31
N ARG A 196 -8.76 15.92 -8.54
CA ARG A 196 -9.66 16.58 -9.51
C ARG A 196 -10.62 15.58 -10.16
N ASP A 197 -10.11 14.37 -10.47
CA ASP A 197 -10.95 13.34 -11.11
C ASP A 197 -12.10 12.86 -10.23
N PHE A 198 -11.81 12.61 -8.95
CA PHE A 198 -12.81 12.16 -7.99
C PHE A 198 -13.98 13.15 -7.96
N GLU A 199 -13.69 14.44 -7.81
CA GLU A 199 -14.76 15.45 -7.76
C GLU A 199 -15.74 15.36 -8.94
N LYS A 200 -15.20 15.17 -10.15
CA LYS A 200 -16.05 15.10 -11.34
C LYS A 200 -17.03 13.94 -11.27
N ILE A 201 -16.49 12.73 -11.25
CA ILE A 201 -17.31 11.53 -11.24
C ILE A 201 -18.29 11.48 -10.08
N PHE A 202 -17.85 11.87 -8.89
CA PHE A 202 -18.72 11.87 -7.74
C PHE A 202 -19.91 12.82 -7.94
N ALA A 203 -19.66 14.06 -8.36
CA ALA A 203 -20.75 15.02 -8.56
C ALA A 203 -21.63 14.59 -9.72
N HIS A 204 -21.02 13.92 -10.69
CA HIS A 204 -21.73 13.37 -11.83
C HIS A 204 -22.80 12.38 -11.35
N TYR A 205 -22.45 11.57 -10.34
CA TYR A 205 -23.38 10.58 -9.79
C TYR A 205 -24.08 11.05 -8.49
N ASP A 206 -23.70 12.20 -7.94
CA ASP A 206 -24.36 12.70 -6.72
C ASP A 206 -25.57 13.53 -7.13
N VAL A 207 -26.46 12.92 -7.92
CA VAL A 207 -27.67 13.57 -8.45
C VAL A 207 -28.60 14.08 -7.37
N SER A 208 -28.96 13.20 -6.44
CA SER A 208 -29.85 13.58 -5.36
C SER A 208 -29.23 14.79 -4.68
N ARG A 209 -27.91 14.92 -4.82
CA ARG A 209 -27.17 16.00 -4.22
C ARG A 209 -27.16 15.82 -2.69
N THR A 210 -27.00 14.59 -2.25
CA THR A 210 -26.99 14.32 -0.82
C THR A 210 -25.60 14.23 -0.25
N GLY A 211 -24.58 14.31 -1.12
CA GLY A 211 -23.22 14.22 -0.64
C GLY A 211 -22.82 12.81 -0.21
N ALA A 212 -23.58 11.81 -0.69
CA ALA A 212 -23.33 10.39 -0.40
C ALA A 212 -23.88 9.57 -1.56
N LEU A 213 -23.17 8.49 -1.93
CA LEU A 213 -23.60 7.62 -3.01
C LEU A 213 -24.02 6.28 -2.40
N GLU A 214 -25.01 5.65 -3.03
CA GLU A 214 -25.53 4.34 -2.61
C GLU A 214 -26.14 3.60 -3.83
N GLY A 215 -26.30 2.28 -3.73
CA GLY A 215 -26.89 1.50 -4.82
C GLY A 215 -26.39 1.79 -6.23
N PRO A 216 -27.29 2.13 -7.17
CA PRO A 216 -26.93 2.42 -8.57
C PRO A 216 -25.81 3.45 -8.74
N GLU A 217 -25.90 4.55 -8.00
CA GLU A 217 -24.88 5.60 -8.07
C GLU A 217 -23.51 5.00 -7.81
N VAL A 218 -23.50 3.80 -7.21
CA VAL A 218 -22.28 3.06 -6.88
C VAL A 218 -21.66 2.28 -8.05
N ASP A 219 -22.45 1.39 -8.64
CA ASP A 219 -21.96 0.60 -9.75
C ASP A 219 -21.31 1.61 -10.69
N GLY A 220 -21.96 2.75 -10.85
CA GLY A 220 -21.44 3.81 -11.70
C GLY A 220 -20.07 4.33 -11.27
N PHE A 221 -19.94 4.82 -10.04
CA PHE A 221 -18.68 5.34 -9.52
C PHE A 221 -17.64 4.21 -9.43
N VAL A 222 -18.03 3.04 -9.87
CA VAL A 222 -17.12 1.93 -9.85
C VAL A 222 -16.66 1.68 -11.27
N LYS A 223 -17.56 1.86 -12.23
CA LYS A 223 -17.16 1.64 -13.62
C LYS A 223 -16.68 2.89 -14.37
N ASP A 224 -16.60 4.04 -13.69
CA ASP A 224 -16.12 5.26 -14.36
C ASP A 224 -14.76 5.73 -13.80
N GLU A 227 -11.75 2.47 -13.88
CA GLU A 227 -11.37 2.23 -15.26
C GLU A 227 -10.52 3.38 -15.81
N LEU A 228 -10.44 4.47 -15.05
CA LEU A 228 -9.61 5.59 -15.50
C LEU A 228 -8.40 5.72 -14.57
N VAL A 229 -8.61 5.46 -13.28
CA VAL A 229 -7.52 5.54 -12.31
C VAL A 229 -6.63 4.33 -12.52
N ARG A 230 -7.17 3.33 -13.21
CA ARG A 230 -6.42 2.13 -13.52
C ARG A 230 -6.73 1.67 -14.95
N PRO A 231 -5.96 2.16 -15.93
CA PRO A 231 -6.15 1.80 -17.33
C PRO A 231 -6.42 0.31 -17.53
N SER A 232 -7.42 0.00 -18.33
CA SER A 232 -7.78 -1.39 -18.61
C SER A 232 -7.82 -2.29 -17.38
N ILE A 233 -8.61 -1.91 -16.36
CA ILE A 233 -8.72 -2.73 -15.15
C ILE A 233 -9.59 -3.92 -15.48
N SER A 234 -9.36 -5.07 -14.83
CA SER A 234 -10.16 -6.26 -15.13
C SER A 234 -11.60 -6.25 -14.65
N GLY A 235 -12.44 -7.05 -15.30
CA GLY A 235 -13.85 -7.14 -14.98
C GLY A 235 -14.19 -8.05 -13.81
N GLY A 236 -13.23 -8.18 -12.90
CA GLY A 236 -13.42 -8.99 -11.72
C GLY A 236 -12.87 -8.17 -10.56
N ASP A 237 -11.80 -7.42 -10.85
CA ASP A 237 -11.16 -6.57 -9.86
C ASP A 237 -12.11 -5.44 -9.48
N LEU A 238 -12.93 -5.00 -10.43
CA LEU A 238 -13.91 -3.96 -10.19
C LEU A 238 -14.95 -4.56 -9.26
N ASP A 239 -15.21 -5.86 -9.44
CA ASP A 239 -16.17 -6.59 -8.61
C ASP A 239 -15.74 -6.51 -7.14
N LYS A 240 -14.49 -6.88 -6.88
CA LYS A 240 -13.97 -6.85 -5.52
C LYS A 240 -13.89 -5.41 -4.98
N PHE A 241 -14.04 -4.45 -5.88
CA PHE A 241 -13.96 -3.07 -5.47
C PHE A 241 -15.25 -2.57 -4.85
N ARG A 242 -16.39 -2.78 -5.50
CA ARG A 242 -17.63 -2.35 -4.89
C ARG A 242 -17.72 -3.10 -3.57
N GLU A 243 -17.43 -4.40 -3.61
CA GLU A 243 -17.48 -5.24 -2.42
C GLU A 243 -16.52 -4.71 -1.34
N CYS A 244 -15.35 -4.23 -1.76
CA CYS A 244 -14.38 -3.67 -0.82
C CYS A 244 -14.84 -2.34 -0.22
N LEU A 245 -15.59 -1.54 -0.99
CA LEU A 245 -16.06 -0.26 -0.47
C LEU A 245 -17.00 -0.41 0.73
N LEU A 246 -18.06 -1.18 0.55
CA LEU A 246 -19.03 -1.38 1.63
C LEU A 246 -18.37 -2.08 2.79
N THR A 247 -17.28 -2.79 2.50
CA THR A 247 -16.49 -3.53 3.49
C THR A 247 -15.60 -2.65 4.39
N HIS A 248 -14.81 -1.77 3.77
CA HIS A 248 -13.91 -0.90 4.48
C HIS A 248 -14.55 0.41 4.89
N CYS A 249 -15.85 0.51 4.65
CA CYS A 249 -16.57 1.74 4.97
C CYS A 249 -17.93 1.51 5.61
N ASP A 250 -18.97 1.48 4.77
CA ASP A 250 -20.34 1.32 5.22
C ASP A 250 -20.51 0.38 6.42
N ASN A 252 -23.15 0.22 8.74
CA ASN A 252 -24.48 -0.39 8.77
C ASN A 252 -24.81 -1.01 7.41
N LYS A 253 -25.72 -1.98 7.40
CA LYS A 253 -26.10 -2.66 6.16
C LYS A 253 -27.05 -1.77 5.34
N ASP A 254 -26.51 -0.73 4.71
CA ASP A 254 -27.36 0.17 3.93
C ASP A 254 -26.85 0.45 2.52
N GLY A 255 -25.53 0.38 2.36
CA GLY A 255 -24.95 0.63 1.06
C GLY A 255 -24.66 2.11 0.85
N LYS A 256 -24.78 2.90 1.91
CA LYS A 256 -24.53 4.34 1.85
C LYS A 256 -23.06 4.70 1.97
N ILE A 257 -22.43 4.95 0.81
CA ILE A 257 -21.03 5.32 0.75
C ILE A 257 -20.93 6.83 0.70
N GLN A 258 -20.31 7.41 1.73
CA GLN A 258 -20.17 8.85 1.84
C GLN A 258 -18.99 9.39 1.02
N LYS A 259 -19.01 10.67 0.68
CA LYS A 259 -17.92 11.28 -0.11
C LYS A 259 -16.56 11.19 0.60
N SER A 260 -16.57 11.48 1.90
CA SER A 260 -15.33 11.45 2.69
C SER A 260 -14.65 10.07 2.71
N GLU A 261 -15.41 9.00 2.85
CA GLU A 261 -14.83 7.66 2.87
C GLU A 261 -14.35 7.22 1.49
N LEU A 262 -15.09 7.60 0.46
CA LEU A 262 -14.70 7.25 -0.90
C LEU A 262 -13.35 7.89 -1.21
N ALA A 263 -13.14 9.12 -0.75
CA ALA A 263 -11.87 9.80 -1.02
C ALA A 263 -10.67 8.96 -0.55
N LEU A 264 -10.65 8.62 0.74
CA LEU A 264 -9.55 7.81 1.28
C LEU A 264 -9.44 6.46 0.55
N CYS A 265 -10.56 5.77 0.35
CA CYS A 265 -10.53 4.48 -0.32
C CYS A 265 -9.77 4.66 -1.63
N LEU A 266 -10.13 5.66 -2.42
CA LEU A 266 -9.40 5.89 -3.67
C LEU A 266 -7.98 6.36 -3.35
N GLY A 267 -7.82 6.97 -2.17
CA GLY A 267 -6.52 7.47 -1.77
C GLY A 267 -6.41 8.99 -1.91
N LEU A 268 -7.49 9.69 -1.57
CA LEU A 268 -7.54 11.14 -1.66
C LEU A 268 -7.95 11.73 -0.32
N LYS A 269 -8.19 13.04 -0.28
CA LYS A 269 -8.59 13.71 0.97
C LYS A 269 -9.76 14.64 0.69
N HIS A 270 -10.87 14.45 1.39
CA HIS A 270 -12.05 15.28 1.18
C HIS A 270 -12.20 16.40 2.20
N LYS A 271 -12.42 17.61 1.69
CA LYS A 271 -12.59 18.79 2.54
C LYS A 271 -13.93 19.47 2.20
N PRO A 272 -14.96 19.24 3.03
CA PRO A 272 -16.32 19.80 2.87
C PRO A 272 -16.39 21.30 3.16
N SER A 3 7.63 4.07 -18.42
CA SER A 3 8.55 5.08 -19.03
C SER A 3 9.56 5.61 -17.99
N ALA A 4 9.06 6.22 -16.92
CA ALA A 4 9.95 6.72 -15.88
C ALA A 4 10.52 5.57 -15.07
N PHE A 5 11.68 5.78 -14.47
CA PHE A 5 12.28 4.77 -13.64
C PHE A 5 11.30 4.49 -12.50
N ALA A 6 10.94 3.22 -12.32
CA ALA A 6 10.02 2.83 -11.26
C ALA A 6 10.72 1.84 -10.32
N ASN A 7 10.74 2.14 -9.03
CA ASN A 7 11.35 1.24 -8.06
C ASN A 7 10.33 0.36 -7.37
N LEU A 8 10.69 -0.90 -7.25
CA LEU A 8 9.93 -1.93 -6.57
C LEU A 8 9.56 -1.46 -5.13
N ASP A 9 8.31 -1.64 -4.69
CA ASP A 9 8.01 -1.32 -3.29
C ASP A 9 8.01 -2.66 -2.49
N ALA A 10 7.93 -2.59 -1.17
CA ALA A 10 7.97 -3.80 -0.33
C ALA A 10 6.91 -4.82 -0.75
N ALA A 11 5.73 -4.34 -1.09
CA ALA A 11 4.67 -5.26 -1.51
C ALA A 11 5.13 -6.07 -2.72
N GLY A 12 5.56 -5.38 -3.77
CA GLY A 12 6.07 -6.03 -4.98
C GLY A 12 7.29 -6.91 -4.75
N PHE A 13 8.19 -6.46 -3.86
CA PHE A 13 9.37 -7.23 -3.50
C PHE A 13 8.96 -8.54 -2.81
N LEU A 14 8.04 -8.44 -1.85
CA LEU A 14 7.58 -9.61 -1.13
C LEU A 14 6.83 -10.65 -1.99
N GLN A 15 6.06 -10.20 -2.99
CA GLN A 15 5.34 -11.14 -3.85
C GLN A 15 6.36 -11.99 -4.58
N ILE A 16 7.38 -11.32 -5.11
CA ILE A 16 8.48 -12.00 -5.82
C ILE A 16 9.23 -12.88 -4.83
N TRP A 17 9.54 -12.31 -3.67
CA TRP A 17 10.27 -13.10 -2.68
C TRP A 17 9.47 -14.29 -2.15
N GLN A 18 8.18 -14.10 -1.94
CA GLN A 18 7.32 -15.18 -1.44
C GLN A 18 7.29 -16.32 -2.42
N HIS A 19 7.12 -15.96 -3.70
CA HIS A 19 7.05 -16.86 -4.84
C HIS A 19 8.28 -17.75 -4.88
N PHE A 20 9.44 -17.14 -4.66
CA PHE A 20 10.70 -17.89 -4.69
C PHE A 20 11.11 -18.62 -3.44
N ASP A 21 10.66 -18.14 -2.29
CA ASP A 21 11.02 -18.76 -1.02
C ASP A 21 9.73 -19.36 -0.50
N ALA A 22 9.42 -20.56 -1.01
CA ALA A 22 8.20 -21.27 -0.63
C ALA A 22 7.90 -21.36 0.86
N ASP A 23 8.82 -21.92 1.63
CA ASP A 23 8.60 -22.12 3.06
C ASP A 23 9.15 -21.02 3.95
N ASP A 24 9.25 -19.82 3.39
CA ASP A 24 9.79 -18.68 4.10
C ASP A 24 11.10 -19.05 4.78
N ASN A 25 12.04 -19.49 3.94
CA ASN A 25 13.39 -19.88 4.35
C ASN A 25 14.21 -18.71 4.90
N GLY A 26 13.72 -17.48 4.74
CA GLY A 26 14.47 -16.34 5.24
C GLY A 26 15.68 -16.04 4.34
N TYR A 27 15.76 -16.73 3.21
CA TYR A 27 16.85 -16.54 2.25
C TYR A 27 16.51 -17.20 0.93
N ILE A 28 17.35 -16.91 -0.08
CA ILE A 28 17.30 -17.54 -1.40
C ILE A 28 18.78 -17.78 -1.79
N GLU A 29 19.01 -18.51 -2.88
CA GLU A 29 20.36 -18.82 -3.35
C GLU A 29 20.83 -17.78 -4.35
N GLY A 30 22.11 -17.42 -4.28
CA GLY A 30 22.66 -16.45 -5.19
C GLY A 30 22.42 -16.81 -6.63
N LYS A 31 22.34 -18.11 -6.92
CA LYS A 31 22.09 -18.53 -8.29
C LYS A 31 20.68 -18.12 -8.76
N GLU A 32 19.78 -17.85 -7.82
CA GLU A 32 18.41 -17.49 -8.19
C GLU A 32 18.24 -15.98 -8.41
N LEU A 33 19.34 -15.26 -8.49
CA LEU A 33 19.30 -13.82 -8.68
C LEU A 33 18.68 -13.41 -10.03
N ASP A 34 19.24 -13.88 -11.14
CA ASP A 34 18.71 -13.54 -12.47
C ASP A 34 17.18 -13.57 -12.52
N ASP A 35 16.61 -14.70 -12.12
CA ASP A 35 15.16 -14.89 -12.12
C ASP A 35 14.50 -13.84 -11.23
N PHE A 36 15.10 -13.52 -10.09
CA PHE A 36 14.48 -12.49 -9.25
C PHE A 36 14.46 -11.20 -10.09
N PHE A 37 15.63 -10.81 -10.60
CA PHE A 37 15.71 -9.59 -11.39
C PHE A 37 14.88 -9.58 -12.67
N ARG A 38 14.85 -10.72 -13.37
CA ARG A 38 14.06 -10.83 -14.59
C ARG A 38 12.61 -10.62 -14.14
N HIS A 39 12.27 -11.20 -12.98
CA HIS A 39 10.92 -11.01 -12.43
C HIS A 39 10.75 -9.53 -12.14
N LEU A 41 12.13 -6.91 -12.84
CA LEU A 41 12.11 -6.07 -14.03
C LEU A 41 10.69 -6.02 -14.59
N LYS A 42 10.18 -7.16 -15.08
CA LYS A 42 8.83 -7.27 -15.67
C LYS A 42 7.66 -6.83 -14.80
N LYS A 43 7.84 -6.88 -13.49
CA LYS A 43 6.79 -6.43 -12.59
C LYS A 43 6.65 -4.91 -12.76
N LEU A 44 7.76 -4.24 -13.06
CA LEU A 44 7.77 -2.79 -13.18
C LEU A 44 7.77 -2.23 -14.62
N GLN A 45 8.11 -3.05 -15.61
CA GLN A 45 8.16 -2.61 -17.01
C GLN A 45 7.61 -3.73 -17.93
N PRO A 46 6.34 -4.12 -17.71
CA PRO A 46 5.54 -5.15 -18.38
C PRO A 46 5.32 -5.15 -19.89
N LYS A 47 4.79 -4.03 -20.40
CA LYS A 47 4.50 -3.94 -21.81
C LYS A 47 5.78 -3.87 -22.61
N ASP A 48 6.84 -4.41 -22.02
CA ASP A 48 8.16 -4.44 -22.62
C ASP A 48 8.81 -5.81 -22.56
N LYS A 49 9.56 -6.10 -23.62
CA LYS A 49 10.29 -7.35 -23.75
C LYS A 49 11.54 -7.22 -22.90
N ILE A 50 11.94 -8.31 -22.25
CA ILE A 50 13.13 -8.30 -21.38
C ILE A 50 14.12 -9.40 -21.80
N THR A 51 15.27 -8.98 -22.30
CA THR A 51 16.32 -9.88 -22.76
C THR A 51 17.22 -10.27 -21.60
N ASP A 52 17.81 -11.46 -21.69
CA ASP A 52 18.72 -11.95 -20.66
C ASP A 52 19.70 -10.87 -20.20
N GLU A 53 20.39 -10.27 -21.15
CA GLU A 53 21.37 -9.24 -20.85
C GLU A 53 20.78 -8.11 -20.01
N ARG A 54 19.76 -7.46 -20.53
CA ARG A 54 19.10 -6.38 -19.83
C ARG A 54 18.93 -6.80 -18.34
N VAL A 55 18.56 -8.06 -18.12
CA VAL A 55 18.40 -8.55 -16.75
C VAL A 55 19.77 -8.39 -16.10
N GLN A 56 20.82 -8.79 -16.80
CA GLN A 56 22.19 -8.63 -16.28
C GLN A 56 22.59 -7.15 -16.12
N GLN A 57 22.23 -6.30 -17.08
CA GLN A 57 22.57 -4.89 -16.98
C GLN A 57 21.79 -4.18 -15.82
N ILE A 58 20.56 -4.61 -15.55
CA ILE A 58 19.78 -3.97 -14.48
C ILE A 58 20.18 -4.68 -13.19
N LYS A 59 20.11 -6.01 -13.21
CA LYS A 59 20.48 -6.85 -12.07
C LYS A 59 21.76 -6.29 -11.46
N LYS A 60 22.78 -6.11 -12.30
CA LYS A 60 24.08 -5.64 -11.82
C LYS A 60 24.13 -4.22 -11.32
N SER A 61 23.46 -3.31 -12.00
CA SER A 61 23.48 -1.92 -11.55
C SER A 61 23.08 -1.78 -10.07
N PHE A 62 22.30 -2.74 -9.55
CA PHE A 62 21.82 -2.69 -8.15
C PHE A 62 22.81 -3.14 -7.09
N SER A 64 27.30 -3.86 -5.83
CA SER A 64 28.73 -3.75 -6.02
C SER A 64 29.14 -4.75 -7.10
N ALA A 65 30.22 -4.42 -7.81
CA ALA A 65 30.75 -5.31 -8.83
C ALA A 65 30.87 -6.66 -8.13
N TYR A 66 31.50 -6.64 -6.96
CA TYR A 66 31.70 -7.83 -6.15
C TYR A 66 30.38 -8.60 -5.87
N ASP A 67 29.37 -7.91 -5.36
CA ASP A 67 28.10 -8.59 -5.06
C ASP A 67 27.48 -9.37 -6.22
N ALA A 68 27.77 -8.91 -7.44
CA ALA A 68 27.28 -9.55 -8.65
C ALA A 68 27.87 -10.96 -8.75
N THR A 69 28.93 -11.22 -7.98
CA THR A 69 29.58 -12.53 -8.00
C THR A 69 29.01 -13.53 -6.96
N PHE A 70 28.31 -13.03 -5.95
CA PHE A 70 27.72 -13.89 -4.92
C PHE A 70 26.88 -15.01 -5.54
N ASP A 71 26.91 -16.18 -4.92
CA ASP A 71 26.18 -17.34 -5.44
C ASP A 71 25.53 -18.15 -4.31
N GLY A 72 25.95 -17.85 -3.08
CA GLY A 72 25.40 -18.56 -1.93
C GLY A 72 24.06 -18.03 -1.45
N ARG A 73 23.57 -18.58 -0.33
CA ARG A 73 22.29 -18.16 0.24
C ARG A 73 22.37 -16.71 0.67
N LEU A 74 21.34 -15.94 0.31
CA LEU A 74 21.23 -14.53 0.65
C LEU A 74 19.96 -14.36 1.50
N GLN A 75 20.12 -13.80 2.70
CA GLN A 75 19.02 -13.54 3.62
C GLN A 75 18.07 -12.55 2.96
N ILE A 76 16.77 -12.67 3.23
CA ILE A 76 15.81 -11.78 2.61
C ILE A 76 16.16 -10.33 2.92
N GLU A 77 16.69 -10.09 4.11
CA GLU A 77 17.06 -8.72 4.51
C GLU A 77 18.35 -8.29 3.85
N GLU A 78 19.24 -9.27 3.62
CA GLU A 78 20.49 -8.94 2.97
C GLU A 78 20.22 -8.50 1.55
N LEU A 79 19.17 -9.04 0.90
CA LEU A 79 18.86 -8.62 -0.46
C LEU A 79 18.09 -7.30 -0.47
N ALA A 80 16.97 -7.25 0.25
CA ALA A 80 16.18 -6.01 0.29
C ALA A 80 17.08 -4.77 0.46
N ASN A 81 18.20 -4.95 1.17
CA ASN A 81 19.14 -3.87 1.40
C ASN A 81 19.79 -3.36 0.11
N ILE A 83 17.99 -3.57 -3.00
CA ILE A 83 16.90 -3.09 -3.85
C ILE A 83 15.94 -2.06 -3.30
N LEU A 84 15.84 -1.95 -1.98
CA LEU A 84 14.84 -1.03 -1.44
C LEU A 84 15.22 0.34 -0.95
N PRO A 85 14.33 1.30 -1.21
CA PRO A 85 14.71 2.61 -0.67
C PRO A 85 14.39 2.40 0.83
N GLN A 86 15.08 3.13 1.71
CA GLN A 86 14.92 3.04 3.17
C GLN A 86 13.52 2.84 3.75
N GLU A 87 12.53 3.47 3.14
CA GLU A 87 11.15 3.39 3.62
C GLU A 87 10.42 2.05 3.34
N GLU A 88 10.56 1.55 2.11
CA GLU A 88 9.90 0.30 1.76
C GLU A 88 10.53 -0.85 2.52
N ASN A 89 11.82 -0.68 2.83
CA ASN A 89 12.56 -1.69 3.55
C ASN A 89 12.00 -1.85 4.96
N PHE A 90 11.76 -0.72 5.63
CA PHE A 90 11.22 -0.77 6.96
C PHE A 90 9.89 -1.54 6.97
N LEU A 91 8.98 -1.16 6.07
CA LEU A 91 7.66 -1.81 6.00
C LEU A 91 7.76 -3.33 5.94
N LEU A 92 8.43 -3.84 4.90
CA LEU A 92 8.62 -5.29 4.71
C LEU A 92 9.18 -6.02 5.91
N ILE A 93 10.18 -5.42 6.54
CA ILE A 93 10.77 -6.05 7.72
C ILE A 93 9.73 -6.03 8.83
N PHE A 94 9.07 -4.88 8.98
CA PHE A 94 8.02 -4.72 10.00
C PHE A 94 6.85 -5.67 9.68
N ARG A 95 6.55 -5.77 8.39
CA ARG A 95 5.44 -6.61 7.91
C ARG A 95 5.63 -8.04 8.46
N ARG A 96 6.82 -8.59 8.27
CA ARG A 96 7.15 -9.95 8.68
C ARG A 96 7.46 -10.10 10.17
N GLU A 97 7.95 -9.05 10.80
CA GLU A 97 8.23 -9.18 12.22
C GLU A 97 6.96 -9.00 13.06
N ALA A 98 6.12 -8.05 12.68
CA ALA A 98 4.89 -7.78 13.42
C ALA A 98 3.80 -7.68 12.39
N PRO A 99 3.44 -8.82 11.77
CA PRO A 99 2.39 -8.81 10.76
C PRO A 99 1.07 -8.34 11.32
N LEU A 100 0.41 -7.46 10.55
CA LEU A 100 -0.89 -6.89 10.89
C LEU A 100 -1.67 -6.97 9.58
N ASP A 101 -2.44 -8.04 9.45
CA ASP A 101 -3.16 -8.32 8.21
C ASP A 101 -4.61 -7.92 7.99
N ASN A 102 -5.25 -7.19 8.91
CA ASN A 102 -6.67 -6.86 8.67
C ASN A 102 -6.96 -5.37 8.44
N SER A 103 -7.20 -4.96 7.19
CA SER A 103 -7.46 -3.54 6.97
C SER A 103 -8.91 -3.14 7.29
N VAL A 104 -9.67 -4.08 7.86
CA VAL A 104 -11.05 -3.79 8.24
C VAL A 104 -10.93 -3.16 9.60
N GLU A 105 -10.09 -3.74 10.46
CA GLU A 105 -9.88 -3.19 11.81
C GLU A 105 -9.04 -1.90 11.83
N PHE A 106 -8.15 -1.79 10.85
CA PHE A 106 -7.33 -0.59 10.75
C PHE A 106 -8.29 0.59 10.53
N LYS A 108 -11.34 1.01 11.46
CA LYS A 108 -12.18 1.30 12.62
C LYS A 108 -11.34 2.14 13.59
N ILE A 109 -10.10 1.73 13.79
CA ILE A 109 -9.17 2.46 14.67
C ILE A 109 -8.85 3.81 14.02
N TRP A 110 -8.65 3.80 12.71
CA TRP A 110 -8.33 5.06 12.03
C TRP A 110 -9.34 6.16 12.38
N ARG A 111 -10.62 5.85 12.18
CA ARG A 111 -11.68 6.81 12.45
C ARG A 111 -11.79 7.14 13.92
N LYS A 112 -11.34 6.22 14.78
CA LYS A 112 -11.35 6.45 16.21
C LYS A 112 -10.39 7.61 16.49
N TYR A 113 -9.40 7.79 15.62
CA TYR A 113 -8.46 8.90 15.82
C TYR A 113 -8.59 10.01 14.77
N ASP A 114 -9.30 9.72 13.69
CA ASP A 114 -9.53 10.66 12.61
C ASP A 114 -11.04 10.73 12.51
N ALA A 115 -11.65 11.29 13.56
CA ALA A 115 -13.11 11.38 13.67
C ALA A 115 -13.85 11.93 12.46
N ASP A 116 -13.42 13.08 11.94
CA ASP A 116 -14.11 13.63 10.77
C ASP A 116 -13.41 13.33 9.45
N SER A 117 -12.72 12.20 9.40
CA SER A 117 -12.03 11.73 8.21
C SER A 117 -11.02 12.65 7.47
N SER A 118 -10.49 13.64 8.16
CA SER A 118 -9.54 14.54 7.54
C SER A 118 -8.47 13.81 6.71
N GLY A 119 -8.24 12.54 7.04
CA GLY A 119 -7.23 11.79 6.32
C GLY A 119 -5.91 11.81 7.08
N TYR A 120 -5.93 12.36 8.29
CA TYR A 120 -4.74 12.43 9.15
C TYR A 120 -5.21 12.11 10.56
N ILE A 121 -4.30 11.58 11.38
CA ILE A 121 -4.58 11.43 12.81
C ILE A 121 -3.57 12.39 13.40
N SER A 122 -3.47 12.46 14.73
CA SER A 122 -2.50 13.36 15.29
C SER A 122 -1.23 12.61 15.63
N ALA A 123 -0.10 13.23 15.27
CA ALA A 123 1.23 12.70 15.47
C ALA A 123 1.47 12.10 16.86
N ALA A 124 1.09 12.83 17.91
CA ALA A 124 1.27 12.36 19.30
C ALA A 124 0.37 11.17 19.67
N GLU A 125 -0.58 10.86 18.80
CA GLU A 125 -1.50 9.74 18.99
C GLU A 125 -0.98 8.42 18.40
N LEU A 126 0.21 8.44 17.81
CA LEU A 126 0.74 7.25 17.16
C LEU A 126 0.89 5.99 18.04
N LYS A 127 1.49 6.13 19.22
CA LYS A 127 1.65 5.00 20.14
C LYS A 127 0.30 4.33 20.49
N ASN A 128 -0.70 5.12 20.87
CA ASN A 128 -2.02 4.58 21.23
C ASN A 128 -2.73 4.01 20.01
N PHE A 129 -2.49 4.63 18.86
CA PHE A 129 -3.11 4.12 17.65
C PHE A 129 -2.54 2.69 17.38
N LEU A 130 -1.22 2.53 17.48
CA LEU A 130 -0.58 1.21 17.23
C LEU A 130 -1.06 0.16 18.25
N LYS A 131 -1.00 0.55 19.52
CA LYS A 131 -1.44 -0.30 20.63
C LYS A 131 -2.86 -0.75 20.32
N ASP A 132 -3.68 0.18 19.84
CA ASP A 132 -5.08 -0.09 19.49
C ASP A 132 -5.15 -1.05 18.31
N LEU A 133 -4.39 -0.77 17.26
CA LEU A 133 -4.35 -1.60 16.05
C LEU A 133 -4.04 -3.08 16.30
N PHE A 134 -3.03 -3.33 17.10
CA PHE A 134 -2.59 -4.68 17.46
C PHE A 134 -3.69 -5.44 18.25
N LEU A 135 -4.44 -4.73 19.11
CA LEU A 135 -5.52 -5.34 19.89
C LEU A 135 -6.52 -5.90 18.90
N GLN A 136 -6.84 -5.14 17.87
CA GLN A 136 -7.77 -5.63 16.89
C GLN A 136 -7.28 -6.91 16.24
N HIS A 137 -5.98 -7.01 15.92
CA HIS A 137 -5.44 -8.24 15.33
C HIS A 137 -5.22 -9.29 16.44
N LYS A 138 -5.56 -8.90 17.67
CA LYS A 138 -5.43 -9.78 18.83
C LYS A 138 -3.98 -10.26 18.98
N LYS A 139 -3.04 -9.35 18.75
CA LYS A 139 -1.61 -9.66 18.82
C LYS A 139 -1.01 -9.15 20.12
N LYS A 140 0.00 -9.87 20.61
CA LYS A 140 0.71 -9.48 21.81
C LYS A 140 2.08 -8.96 21.39
N ILE A 141 2.45 -7.79 21.91
CA ILE A 141 3.74 -7.21 21.64
C ILE A 141 4.16 -6.52 22.93
N PRO A 142 5.41 -6.71 23.34
CA PRO A 142 5.90 -6.09 24.57
C PRO A 142 5.90 -4.58 24.54
N PRO A 143 5.65 -3.95 25.69
CA PRO A 143 5.63 -2.48 25.81
C PRO A 143 6.68 -1.78 24.95
N ASN A 144 7.93 -1.79 25.41
CA ASN A 144 9.01 -1.12 24.67
C ASN A 144 9.08 -1.42 23.19
N LYS A 145 8.79 -2.65 22.82
CA LYS A 145 8.79 -2.97 21.40
C LYS A 145 7.82 -1.97 20.74
N LEU A 146 6.72 -1.65 21.42
CA LEU A 146 5.78 -0.66 20.88
C LEU A 146 6.54 0.64 20.58
N ASP A 147 7.47 0.95 21.49
CA ASP A 147 8.30 2.14 21.38
C ASP A 147 9.38 1.98 20.30
N GLU A 148 9.56 0.76 19.79
CA GLU A 148 10.54 0.54 18.73
C GLU A 148 9.82 0.83 17.42
N TYR A 149 8.56 0.44 17.37
CA TYR A 149 7.77 0.64 16.19
C TYR A 149 7.36 2.10 16.05
N THR A 150 7.11 2.78 17.16
CA THR A 150 6.72 4.20 17.09
C THR A 150 7.88 5.09 16.61
N ASP A 151 9.08 4.74 17.05
CA ASP A 151 10.31 5.44 16.71
C ASP A 151 10.51 5.50 15.20
N ALA A 152 10.45 4.32 14.59
CA ALA A 152 10.64 4.19 13.16
C ALA A 152 9.56 4.95 12.38
N LYS A 155 9.93 8.62 12.48
CA LYS A 155 11.15 8.94 11.74
C LYS A 155 10.90 9.08 10.25
N ILE A 156 10.46 7.98 9.64
CA ILE A 156 10.22 8.00 8.21
C ILE A 156 8.86 8.53 7.79
N PHE A 157 7.95 8.68 8.73
CA PHE A 157 6.59 9.15 8.43
C PHE A 157 6.32 10.59 8.78
N ASP A 158 6.88 11.08 9.87
CA ASP A 158 6.66 12.47 10.28
C ASP A 158 7.79 13.31 9.71
N LYS A 159 8.38 12.84 8.62
CA LYS A 159 9.48 13.55 7.98
C LYS A 159 8.95 14.92 7.56
N ASN A 160 7.65 15.14 7.75
CA ASN A 160 7.02 16.40 7.40
C ASN A 160 6.89 17.24 8.66
N LYS A 161 6.90 16.57 9.81
CA LYS A 161 6.82 17.21 11.13
C LYS A 161 5.78 18.29 11.38
N ASP A 162 4.75 18.36 10.55
CA ASP A 162 3.70 19.34 10.71
C ASP A 162 2.67 18.87 11.73
N GLY A 163 3.04 17.86 12.53
CA GLY A 163 2.15 17.34 13.56
C GLY A 163 1.06 16.33 13.20
N ARG A 164 0.94 16.04 11.91
CA ARG A 164 -0.06 15.09 11.42
C ARG A 164 0.62 13.91 10.72
N LEU A 165 -0.01 12.73 10.79
CA LEU A 165 0.50 11.55 10.09
C LEU A 165 -0.55 11.22 9.04
N ASP A 166 -0.07 11.01 7.83
CA ASP A 166 -0.90 10.73 6.66
C ASP A 166 -1.33 9.28 6.64
N LEU A 167 -2.60 9.07 6.37
CA LEU A 167 -3.18 7.73 6.25
C LEU A 167 -2.47 7.04 5.06
N ASN A 168 -1.79 7.84 4.22
CA ASN A 168 -1.08 7.27 3.09
C ASN A 168 0.26 6.64 3.51
N ASP A 169 0.77 7.06 4.66
CA ASP A 169 1.99 6.46 5.20
C ASP A 169 1.56 5.27 6.10
N LEU A 170 0.76 5.52 7.12
CA LEU A 170 0.34 4.49 8.07
C LEU A 170 -0.36 3.24 7.51
N ALA A 171 -1.31 3.41 6.59
CA ALA A 171 -2.00 2.28 5.99
C ALA A 171 -0.99 1.26 5.45
N ARG A 172 0.18 1.74 5.05
CA ARG A 172 1.20 0.86 4.50
C ARG A 172 1.87 -0.06 5.50
N ILE A 173 1.64 0.11 6.81
CA ILE A 173 2.31 -0.79 7.78
C ILE A 173 1.59 -2.13 7.90
N LEU A 174 0.52 -2.29 7.12
CA LEU A 174 -0.24 -3.52 7.13
C LEU A 174 0.46 -4.59 6.28
N ALA A 175 0.44 -5.84 6.77
CA ALA A 175 1.03 -6.99 6.08
C ALA A 175 -0.09 -7.68 5.30
N LEU A 176 -0.32 -7.20 4.09
CA LEU A 176 -1.36 -7.73 3.22
C LEU A 176 -0.71 -8.20 1.92
N GLN A 177 -1.51 -8.86 1.08
CA GLN A 177 -0.99 -9.29 -0.21
C GLN A 177 -1.79 -8.60 -1.31
N GLU A 178 -2.69 -7.72 -0.87
CA GLU A 178 -3.53 -6.92 -1.75
C GLU A 178 -4.03 -5.78 -0.88
N ASN A 179 -3.15 -4.79 -0.68
CA ASN A 179 -3.46 -3.64 0.13
C ASN A 179 -4.31 -2.64 -0.64
N PHE A 180 -5.48 -2.35 -0.08
CA PHE A 180 -6.42 -1.41 -0.68
C PHE A 180 -5.74 -0.10 -1.07
N LEU A 181 -5.12 0.55 -0.09
CA LEU A 181 -4.49 1.82 -0.33
C LEU A 181 -3.01 1.68 -0.64
N LEU A 182 -2.74 1.14 -1.82
CA LEU A 182 -1.39 0.92 -2.33
C LEU A 182 -1.54 0.46 -3.78
N GLN A 183 -2.79 0.20 -4.19
CA GLN A 183 -3.13 -0.25 -5.53
C GLN A 183 -3.20 0.85 -6.59
N PHE A 184 -3.05 2.10 -6.16
CA PHE A 184 -3.10 3.23 -7.10
C PHE A 184 -1.80 4.02 -7.13
N LYS A 185 -1.36 4.39 -8.34
CA LYS A 185 -0.12 5.17 -8.47
C LYS A 185 -0.22 6.33 -7.49
N ASP A 187 1.89 9.03 -7.25
CA ASP A 187 2.64 10.22 -7.62
C ASP A 187 1.83 11.51 -7.47
N ALA A 188 2.48 12.55 -6.96
CA ALA A 188 1.86 13.85 -6.75
C ALA A 188 0.93 14.28 -7.88
N SER A 189 1.17 13.74 -9.07
CA SER A 189 0.38 14.07 -10.26
C SER A 189 -0.72 13.08 -10.63
N SER A 190 -0.62 11.86 -10.14
CA SER A 190 -1.66 10.86 -10.39
C SER A 190 -2.86 11.29 -9.56
N GLN A 191 -2.64 11.46 -8.27
CA GLN A 191 -3.70 11.88 -7.35
C GLN A 191 -4.31 13.20 -7.86
N VAL A 192 -3.54 14.03 -8.55
CA VAL A 192 -4.09 15.29 -9.05
C VAL A 192 -5.14 14.97 -10.11
N GLU A 193 -4.77 14.14 -11.09
CA GLU A 193 -5.76 13.79 -12.09
C GLU A 193 -6.76 12.75 -11.56
N ARG A 194 -6.37 11.99 -10.53
CA ARG A 194 -7.28 11.00 -9.97
C ARG A 194 -8.45 11.76 -9.34
N LYS A 195 -8.13 12.81 -8.57
CA LYS A 195 -9.12 13.61 -7.88
C LYS A 195 -10.07 14.37 -8.84
N ARG A 196 -9.53 14.90 -9.93
CA ARG A 196 -10.36 15.65 -10.90
C ARG A 196 -11.59 14.85 -11.30
N ASP A 197 -11.36 13.59 -11.68
CA ASP A 197 -12.45 12.69 -12.08
C ASP A 197 -13.31 12.44 -10.83
N PHE A 198 -12.67 11.99 -9.76
CA PHE A 198 -13.31 11.75 -8.47
C PHE A 198 -14.50 12.73 -8.41
N GLU A 199 -14.24 14.02 -8.26
CA GLU A 199 -15.33 15.00 -8.24
C GLU A 199 -16.25 14.80 -9.46
N LYS A 200 -15.73 15.10 -10.65
CA LYS A 200 -16.53 14.96 -11.89
C LYS A 200 -17.56 13.83 -11.90
N ILE A 201 -17.13 12.62 -11.62
CA ILE A 201 -18.04 11.46 -11.67
C ILE A 201 -18.87 11.37 -10.39
N PHE A 202 -18.24 11.73 -9.29
CA PHE A 202 -18.98 11.75 -8.06
C PHE A 202 -20.14 12.76 -8.23
N ALA A 203 -19.80 13.99 -8.63
CA ALA A 203 -20.80 15.06 -8.85
C ALA A 203 -21.79 14.56 -9.87
N HIS A 204 -21.25 13.91 -10.91
CA HIS A 204 -22.02 13.29 -11.95
C HIS A 204 -23.03 12.30 -11.36
N TYR A 205 -22.61 11.51 -10.37
CA TYR A 205 -23.50 10.50 -9.76
C TYR A 205 -24.42 10.88 -8.59
N ASP A 206 -24.00 11.72 -7.65
CA ASP A 206 -24.90 12.10 -6.53
C ASP A 206 -25.71 13.33 -6.96
N VAL A 207 -26.62 13.07 -7.90
CA VAL A 207 -27.49 14.07 -8.52
C VAL A 207 -28.50 14.71 -7.56
N SER A 208 -28.61 14.14 -6.36
CA SER A 208 -29.52 14.65 -5.33
C SER A 208 -28.77 15.44 -4.25
N ARG A 209 -27.45 15.53 -4.43
CA ARG A 209 -26.58 16.28 -3.53
C ARG A 209 -26.71 15.95 -2.02
N THR A 210 -26.69 14.65 -1.70
CA THR A 210 -26.80 14.21 -0.32
C THR A 210 -25.44 14.02 0.34
N GLY A 211 -24.37 14.15 -0.43
CA GLY A 211 -23.04 13.96 0.13
C GLY A 211 -22.58 12.51 0.22
N ALA A 212 -23.43 11.58 -0.22
CA ALA A 212 -23.14 10.13 -0.22
C ALA A 212 -23.59 9.51 -1.54
N LEU A 213 -23.04 8.32 -1.88
CA LEU A 213 -23.41 7.61 -3.09
C LEU A 213 -24.13 6.33 -2.67
N GLU A 214 -25.21 5.98 -3.38
CA GLU A 214 -26.00 4.78 -3.05
C GLU A 214 -26.49 3.95 -4.25
N GLY A 215 -26.67 2.65 -3.99
CA GLY A 215 -27.16 1.71 -5.00
C GLY A 215 -26.60 1.91 -6.40
N PRO A 216 -27.46 2.12 -7.41
CA PRO A 216 -26.99 2.33 -8.79
C PRO A 216 -25.95 3.43 -8.98
N GLU A 217 -26.00 4.47 -8.14
CA GLU A 217 -25.03 5.55 -8.25
C GLU A 217 -23.63 4.95 -8.01
N VAL A 218 -23.62 3.77 -7.38
CA VAL A 218 -22.40 3.04 -7.03
C VAL A 218 -21.73 2.25 -8.16
N ASP A 219 -22.46 1.30 -8.72
CA ASP A 219 -21.93 0.48 -9.79
C ASP A 219 -21.37 1.50 -10.77
N GLY A 220 -22.17 2.53 -11.04
CA GLY A 220 -21.76 3.58 -11.95
C GLY A 220 -20.41 4.19 -11.57
N PHE A 221 -20.39 4.92 -10.46
CA PHE A 221 -19.18 5.58 -9.99
C PHE A 221 -18.00 4.63 -10.05
N VAL A 222 -18.19 3.40 -9.60
CA VAL A 222 -17.09 2.48 -9.64
C VAL A 222 -16.76 2.19 -11.09
N LYS A 223 -17.77 1.89 -11.89
CA LYS A 223 -17.47 1.61 -13.28
C LYS A 223 -16.66 2.71 -13.99
N ASP A 224 -17.13 3.96 -13.90
CA ASP A 224 -16.48 5.06 -14.61
C ASP A 224 -15.09 5.49 -14.11
N GLU A 227 -11.72 2.31 -14.05
CA GLU A 227 -11.15 2.09 -15.37
C GLU A 227 -10.11 3.12 -15.77
N LEU A 228 -10.38 4.39 -15.51
CA LEU A 228 -9.38 5.37 -15.89
C LEU A 228 -8.21 5.17 -14.93
N VAL A 229 -8.53 4.67 -13.73
CA VAL A 229 -7.52 4.40 -12.72
C VAL A 229 -6.60 3.31 -13.26
N ARG A 230 -7.20 2.21 -13.66
CA ARG A 230 -6.47 1.08 -14.22
C ARG A 230 -7.21 0.59 -15.44
N PRO A 231 -6.82 1.09 -16.64
CA PRO A 231 -7.44 0.70 -17.91
C PRO A 231 -7.46 -0.80 -18.18
N SER A 232 -8.55 -1.26 -18.81
CA SER A 232 -8.72 -2.66 -19.14
C SER A 232 -8.99 -3.46 -17.87
N ILE A 233 -9.58 -2.80 -16.87
CA ILE A 233 -9.88 -3.46 -15.60
C ILE A 233 -11.00 -4.47 -15.77
N SER A 234 -10.80 -5.66 -15.21
CA SER A 234 -11.79 -6.73 -15.31
C SER A 234 -13.17 -6.40 -14.72
N GLY A 235 -14.21 -6.73 -15.47
CA GLY A 235 -15.57 -6.48 -15.02
C GLY A 235 -15.76 -7.04 -13.64
N GLY A 236 -15.06 -8.15 -13.37
CA GLY A 236 -15.12 -8.77 -12.06
C GLY A 236 -14.25 -8.04 -11.04
N ASP A 237 -13.23 -7.33 -11.53
CA ASP A 237 -12.34 -6.58 -10.63
C ASP A 237 -12.97 -5.27 -10.11
N LEU A 238 -13.78 -4.63 -10.94
CA LEU A 238 -14.45 -3.41 -10.52
C LEU A 238 -15.18 -3.74 -9.22
N ASP A 239 -16.05 -4.75 -9.31
CA ASP A 239 -16.85 -5.23 -8.18
C ASP A 239 -15.98 -5.54 -6.97
N LYS A 240 -14.71 -5.83 -7.24
CA LYS A 240 -13.74 -6.11 -6.20
C LYS A 240 -13.55 -4.88 -5.31
N PHE A 241 -13.51 -3.70 -5.93
CA PHE A 241 -13.32 -2.48 -5.17
C PHE A 241 -14.60 -2.15 -4.41
N ARG A 242 -15.73 -2.60 -4.96
CA ARG A 242 -17.03 -2.38 -4.34
C ARG A 242 -17.16 -3.18 -3.06
N GLU A 243 -16.54 -4.36 -3.03
CA GLU A 243 -16.56 -5.22 -1.84
C GLU A 243 -15.74 -4.48 -0.77
N CYS A 244 -14.52 -4.10 -1.15
CA CYS A 244 -13.63 -3.36 -0.28
C CYS A 244 -14.38 -2.15 0.31
N LEU A 245 -15.28 -1.54 -0.46
CA LEU A 245 -16.04 -0.38 0.05
C LEU A 245 -17.13 -0.85 1.01
N LEU A 246 -17.77 -1.96 0.66
CA LEU A 246 -18.83 -2.50 1.49
C LEU A 246 -18.29 -3.16 2.77
N THR A 247 -17.09 -2.78 3.15
CA THR A 247 -16.46 -3.33 4.34
C THR A 247 -15.69 -2.28 5.13
N HIS A 248 -15.34 -1.20 4.44
CA HIS A 248 -14.61 -0.08 5.01
C HIS A 248 -15.53 1.08 5.37
N CYS A 249 -15.99 1.77 4.33
CA CYS A 249 -16.86 2.94 4.44
C CYS A 249 -18.36 2.66 4.53
N ASP A 250 -18.74 1.42 4.83
CA ASP A 250 -20.16 1.11 4.98
C ASP A 250 -20.37 0.41 6.33
N ASN A 252 -22.32 1.32 8.83
CA ASN A 252 -23.74 1.21 9.12
C ASN A 252 -24.31 0.07 8.28
N LYS A 253 -25.22 0.43 7.36
CA LYS A 253 -25.87 -0.53 6.46
C LYS A 253 -26.71 0.15 5.39
N ASP A 254 -27.21 1.36 5.69
CA ASP A 254 -28.02 2.09 4.72
C ASP A 254 -27.34 1.98 3.36
N GLY A 255 -26.02 1.83 3.39
CA GLY A 255 -25.24 1.71 2.19
C GLY A 255 -25.04 3.06 1.54
N LYS A 256 -25.05 4.11 2.35
CA LYS A 256 -24.85 5.48 1.89
C LYS A 256 -23.39 5.78 2.22
N ILE A 257 -22.53 5.89 1.20
CA ILE A 257 -21.10 6.15 1.45
C ILE A 257 -20.77 7.64 1.60
N GLN A 258 -19.86 7.99 2.51
CA GLN A 258 -19.48 9.38 2.71
C GLN A 258 -18.31 9.76 1.77
N LYS A 259 -18.51 10.84 1.00
CA LYS A 259 -17.48 11.33 0.06
C LYS A 259 -16.11 11.36 0.73
N SER A 260 -16.13 11.64 2.03
CA SER A 260 -14.90 11.69 2.80
C SER A 260 -14.28 10.28 2.86
N GLU A 261 -15.10 9.27 3.07
CA GLU A 261 -14.60 7.90 3.13
C GLU A 261 -14.31 7.39 1.71
N LEU A 262 -15.21 7.71 0.78
CA LEU A 262 -15.03 7.29 -0.59
C LEU A 262 -13.68 7.87 -1.03
N ALA A 263 -13.38 9.10 -0.59
CA ALA A 263 -12.11 9.73 -0.95
C ALA A 263 -10.93 8.91 -0.39
N LEU A 264 -11.04 8.52 0.89
CA LEU A 264 -9.99 7.73 1.53
C LEU A 264 -9.70 6.40 0.83
N CYS A 265 -10.73 5.69 0.37
CA CYS A 265 -10.48 4.43 -0.30
C CYS A 265 -9.72 4.73 -1.57
N LEU A 266 -9.94 5.91 -2.14
CA LEU A 266 -9.21 6.31 -3.34
C LEU A 266 -7.89 6.99 -2.93
N GLY A 267 -7.69 7.11 -1.62
CA GLY A 267 -6.50 7.74 -1.07
C GLY A 267 -6.59 9.26 -0.96
N LEU A 268 -7.79 9.80 -0.77
CA LEU A 268 -7.95 11.25 -0.66
C LEU A 268 -8.47 11.69 0.71
N LYS A 269 -7.84 12.76 1.21
CA LYS A 269 -8.15 13.37 2.50
C LYS A 269 -9.18 14.48 2.41
N HIS A 270 -10.03 14.40 1.41
CA HIS A 270 -11.07 15.39 1.14
C HIS A 270 -11.46 16.23 2.36
N LYS A 271 -11.39 17.55 2.19
CA LYS A 271 -11.72 18.48 3.25
C LYS A 271 -12.83 19.41 2.77
N PRO A 272 -13.95 19.48 3.52
CA PRO A 272 -15.08 20.35 3.17
C PRO A 272 -14.85 21.82 3.54
N SER A 3 7.22 5.54 -18.66
CA SER A 3 8.61 5.61 -19.19
C SER A 3 9.60 5.96 -18.08
N ALA A 4 9.10 6.64 -17.04
CA ALA A 4 9.97 7.01 -15.92
C ALA A 4 10.48 5.78 -15.18
N PHE A 5 11.67 5.90 -14.62
CA PHE A 5 12.24 4.82 -13.84
C PHE A 5 11.22 4.44 -12.76
N ALA A 6 11.44 3.30 -12.11
CA ALA A 6 10.56 2.84 -11.05
C ALA A 6 11.29 1.81 -10.17
N ASN A 7 11.05 1.90 -8.87
CA ASN A 7 11.66 0.96 -7.96
C ASN A 7 10.56 0.11 -7.35
N LEU A 8 10.95 -1.08 -6.90
CA LEU A 8 10.05 -2.02 -6.25
C LEU A 8 9.60 -1.43 -4.91
N ASP A 9 8.33 -1.64 -4.53
CA ASP A 9 7.89 -1.23 -3.20
C ASP A 9 7.83 -2.58 -2.42
N ALA A 10 7.76 -2.53 -1.09
CA ALA A 10 7.73 -3.74 -0.25
C ALA A 10 6.72 -4.78 -0.72
N ALA A 11 5.56 -4.32 -1.15
CA ALA A 11 4.54 -5.27 -1.61
C ALA A 11 5.06 -6.10 -2.80
N GLY A 12 5.49 -5.40 -3.86
CA GLY A 12 6.03 -6.07 -5.05
C GLY A 12 7.28 -6.95 -4.81
N PHE A 13 8.13 -6.52 -3.88
CA PHE A 13 9.32 -7.28 -3.51
C PHE A 13 8.93 -8.61 -2.86
N LEU A 14 7.93 -8.58 -1.98
CA LEU A 14 7.48 -9.78 -1.30
C LEU A 14 6.78 -10.85 -2.16
N GLN A 15 6.00 -10.45 -3.17
CA GLN A 15 5.30 -11.44 -4.01
C GLN A 15 6.33 -12.31 -4.72
N ILE A 16 7.27 -11.63 -5.39
CA ILE A 16 8.37 -12.27 -6.12
C ILE A 16 9.26 -13.04 -5.15
N TRP A 17 9.49 -12.47 -3.97
CA TRP A 17 10.32 -13.16 -3.01
C TRP A 17 9.66 -14.47 -2.57
N GLN A 18 8.43 -14.36 -2.09
CA GLN A 18 7.64 -15.51 -1.63
C GLN A 18 7.54 -16.58 -2.69
N HIS A 19 7.52 -16.16 -3.96
CA HIS A 19 7.45 -17.11 -5.07
C HIS A 19 8.67 -17.99 -4.92
N PHE A 20 9.83 -17.34 -4.82
CA PHE A 20 11.11 -18.02 -4.68
C PHE A 20 11.31 -18.73 -3.34
N ASP A 21 10.90 -18.09 -2.25
CA ASP A 21 11.05 -18.63 -0.91
C ASP A 21 9.64 -18.95 -0.40
N ALA A 22 8.94 -19.79 -1.17
CA ALA A 22 7.58 -20.20 -0.87
C ALA A 22 7.45 -20.79 0.52
N ASP A 23 8.58 -21.13 1.14
CA ASP A 23 8.56 -21.74 2.47
C ASP A 23 9.18 -20.91 3.58
N ASP A 24 9.49 -19.65 3.29
CA ASP A 24 10.13 -18.75 4.23
C ASP A 24 11.39 -19.43 4.79
N ASN A 25 12.17 -19.98 3.87
CA ASN A 25 13.41 -20.65 4.19
C ASN A 25 14.31 -19.67 4.92
N GLY A 26 14.68 -18.62 4.20
CA GLY A 26 15.51 -17.62 4.83
C GLY A 26 16.11 -16.78 3.75
N TYR A 27 16.07 -17.32 2.53
CA TYR A 27 16.66 -16.67 1.39
C TYR A 27 16.06 -17.23 0.12
N ILE A 28 16.83 -17.18 -0.96
CA ILE A 28 16.47 -17.75 -2.24
C ILE A 28 17.77 -18.33 -2.79
N GLU A 29 17.73 -19.55 -3.33
CA GLU A 29 18.93 -20.16 -3.88
C GLU A 29 19.69 -19.15 -4.72
N GLY A 30 21.02 -19.30 -4.75
CA GLY A 30 21.89 -18.39 -5.49
C GLY A 30 21.61 -18.23 -6.98
N LYS A 31 21.11 -19.28 -7.61
CA LYS A 31 20.82 -19.22 -9.04
C LYS A 31 19.45 -18.60 -9.37
N GLU A 32 18.63 -18.35 -8.35
CA GLU A 32 17.31 -17.76 -8.51
C GLU A 32 17.34 -16.24 -8.68
N LEU A 33 18.54 -15.67 -8.57
CA LEU A 33 18.67 -14.22 -8.66
C LEU A 33 18.38 -13.62 -10.03
N ASP A 34 18.38 -14.45 -11.07
CA ASP A 34 18.08 -13.96 -12.41
C ASP A 34 16.59 -13.76 -12.65
N ASP A 35 15.81 -14.78 -12.33
CA ASP A 35 14.38 -14.75 -12.50
C ASP A 35 13.71 -13.73 -11.56
N PHE A 36 14.35 -13.43 -10.44
CA PHE A 36 13.81 -12.44 -9.51
C PHE A 36 13.99 -11.12 -10.28
N PHE A 37 15.26 -10.76 -10.57
CA PHE A 37 15.54 -9.52 -11.31
C PHE A 37 14.77 -9.53 -12.64
N ARG A 38 14.70 -10.71 -13.26
CA ARG A 38 13.99 -10.85 -14.53
C ARG A 38 12.51 -10.61 -14.24
N HIS A 39 11.98 -11.21 -13.18
CA HIS A 39 10.57 -10.98 -12.83
C HIS A 39 10.47 -9.56 -12.25
N LEU A 41 11.83 -6.87 -13.47
CA LEU A 41 11.57 -6.04 -14.63
C LEU A 41 10.16 -6.27 -15.22
N LYS A 42 9.58 -7.45 -15.00
CA LYS A 42 8.24 -7.72 -15.54
C LYS A 42 7.15 -7.03 -14.69
N LYS A 43 7.35 -6.96 -13.38
CA LYS A 43 6.37 -6.32 -12.52
C LYS A 43 6.40 -4.79 -12.70
N LEU A 44 7.54 -4.24 -13.13
CA LEU A 44 7.65 -2.81 -13.29
C LEU A 44 7.64 -2.31 -14.75
N GLN A 45 8.22 -3.08 -15.66
CA GLN A 45 8.28 -2.66 -17.06
C GLN A 45 7.73 -3.70 -18.02
N PRO A 46 6.43 -4.01 -17.90
CA PRO A 46 5.79 -5.01 -18.77
C PRO A 46 6.05 -4.84 -20.25
N LYS A 47 5.75 -3.64 -20.76
CA LYS A 47 5.95 -3.36 -22.17
C LYS A 47 7.35 -3.73 -22.71
N ASP A 48 8.30 -3.99 -21.82
CA ASP A 48 9.66 -4.36 -22.24
C ASP A 48 9.81 -5.85 -22.41
N LYS A 49 10.53 -6.24 -23.46
CA LYS A 49 10.76 -7.64 -23.73
C LYS A 49 11.85 -8.06 -22.77
N ILE A 50 11.47 -8.17 -21.50
CA ILE A 50 12.40 -8.53 -20.42
C ILE A 50 13.49 -9.55 -20.87
N THR A 51 14.52 -9.00 -21.53
CA THR A 51 15.63 -9.78 -22.10
C THR A 51 16.72 -10.31 -21.19
N ASP A 52 17.66 -11.02 -21.82
CA ASP A 52 18.75 -11.58 -21.07
C ASP A 52 19.79 -10.52 -20.74
N GLU A 53 20.31 -9.86 -21.78
CA GLU A 53 21.31 -8.83 -21.60
C GLU A 53 20.82 -7.74 -20.64
N ARG A 54 19.55 -7.37 -20.75
CA ARG A 54 18.97 -6.36 -19.89
C ARG A 54 18.98 -6.82 -18.42
N VAL A 55 19.00 -8.12 -18.20
CA VAL A 55 19.02 -8.63 -16.83
C VAL A 55 20.40 -8.45 -16.17
N GLN A 56 21.47 -8.48 -16.96
CA GLN A 56 22.81 -8.28 -16.41
C GLN A 56 23.18 -6.81 -16.10
N GLN A 57 22.82 -5.92 -17.02
CA GLN A 57 23.08 -4.51 -16.86
C GLN A 57 22.44 -3.97 -15.54
N ILE A 58 21.10 -4.02 -15.44
CA ILE A 58 20.38 -3.52 -14.26
C ILE A 58 20.87 -4.19 -12.99
N LYS A 59 20.98 -5.52 -13.03
CA LYS A 59 21.44 -6.31 -11.89
C LYS A 59 22.80 -5.82 -11.36
N LYS A 60 23.74 -5.56 -12.26
CA LYS A 60 25.03 -5.05 -11.85
C LYS A 60 24.72 -3.75 -11.18
N SER A 61 23.96 -2.92 -11.88
CA SER A 61 23.56 -1.61 -11.38
C SER A 61 22.95 -1.62 -9.97
N PHE A 62 22.28 -2.72 -9.60
CA PHE A 62 21.61 -2.80 -8.29
C PHE A 62 22.43 -3.34 -7.13
N SER A 64 26.80 -3.73 -5.28
CA SER A 64 28.21 -3.40 -5.28
C SER A 64 28.87 -4.00 -6.52
N ALA A 65 30.01 -3.45 -6.91
CA ALA A 65 30.75 -3.94 -8.07
C ALA A 65 31.44 -5.25 -7.71
N TYR A 66 31.01 -5.81 -6.57
CA TYR A 66 31.50 -7.07 -6.02
C TYR A 66 30.37 -8.11 -5.89
N ASP A 67 29.16 -7.63 -5.62
CA ASP A 67 28.00 -8.52 -5.47
C ASP A 67 27.61 -9.23 -6.77
N ALA A 68 28.06 -8.70 -7.90
CA ALA A 68 27.77 -9.30 -9.21
C ALA A 68 28.63 -10.55 -9.40
N THR A 69 28.82 -11.30 -8.31
CA THR A 69 29.58 -12.55 -8.31
C THR A 69 29.08 -13.56 -7.24
N PHE A 70 27.94 -13.27 -6.59
CA PHE A 70 27.41 -14.16 -5.54
C PHE A 70 26.38 -15.18 -6.04
N ASP A 71 26.41 -16.38 -5.46
CA ASP A 71 25.49 -17.44 -5.85
C ASP A 71 25.07 -18.34 -4.68
N GLY A 72 25.43 -17.95 -3.46
CA GLY A 72 25.07 -18.75 -2.29
C GLY A 72 23.77 -18.36 -1.61
N ARG A 73 23.76 -18.31 -0.28
CA ARG A 73 22.55 -17.93 0.44
C ARG A 73 22.44 -16.39 0.53
N LEU A 74 21.43 -15.83 -0.12
CA LEU A 74 21.15 -14.40 -0.06
C LEU A 74 19.79 -14.33 0.68
N GLN A 75 19.85 -14.00 1.95
CA GLN A 75 18.69 -13.88 2.84
C GLN A 75 17.77 -12.75 2.36
N ILE A 76 16.56 -12.68 2.91
CA ILE A 76 15.64 -11.63 2.45
C ILE A 76 16.12 -10.23 2.84
N GLU A 77 16.60 -10.06 4.07
CA GLU A 77 17.04 -8.74 4.52
C GLU A 77 18.34 -8.33 3.83
N GLU A 78 19.22 -9.31 3.61
CA GLU A 78 20.47 -9.00 2.97
C GLU A 78 20.20 -8.51 1.54
N LEU A 79 19.18 -9.06 0.88
CA LEU A 79 18.86 -8.61 -0.47
C LEU A 79 18.09 -7.28 -0.46
N ALA A 80 16.99 -7.22 0.27
CA ALA A 80 16.21 -5.97 0.33
C ALA A 80 17.11 -4.74 0.49
N ASN A 81 18.23 -4.91 1.19
CA ASN A 81 19.18 -3.83 1.40
C ASN A 81 19.77 -3.27 0.09
N ILE A 83 17.90 -3.58 -3.12
CA ILE A 83 16.76 -3.13 -3.90
C ILE A 83 15.85 -2.05 -3.32
N LEU A 84 15.77 -1.97 -2.00
CA LEU A 84 14.86 -1.01 -1.40
C LEU A 84 15.50 0.11 -0.61
N PRO A 85 14.93 1.31 -0.69
CA PRO A 85 15.48 2.43 0.07
C PRO A 85 14.99 2.15 1.51
N GLN A 86 15.44 2.93 2.48
CA GLN A 86 15.09 2.73 3.87
C GLN A 86 13.60 2.56 4.16
N GLU A 87 12.80 3.57 3.87
CA GLU A 87 11.38 3.51 4.15
C GLU A 87 10.79 2.12 3.91
N GLU A 88 10.86 1.64 2.67
CA GLU A 88 10.30 0.35 2.35
C GLU A 88 11.04 -0.80 3.03
N ASN A 89 12.33 -0.59 3.29
CA ASN A 89 13.13 -1.62 3.93
C ASN A 89 12.88 -1.66 5.43
N PHE A 90 12.91 -0.51 6.10
CA PHE A 90 12.64 -0.56 7.52
C PHE A 90 11.27 -1.14 7.57
N LEU A 91 10.53 -0.86 6.50
CA LEU A 91 9.18 -1.33 6.39
C LEU A 91 8.98 -2.83 6.19
N LEU A 92 9.50 -3.42 5.11
CA LEU A 92 9.28 -4.87 4.92
C LEU A 92 9.60 -5.69 6.15
N ILE A 93 10.57 -5.25 6.94
CA ILE A 93 10.96 -5.99 8.13
C ILE A 93 9.87 -5.94 9.19
N PHE A 94 9.12 -4.84 9.22
CA PHE A 94 8.02 -4.69 10.18
C PHE A 94 6.84 -5.61 9.84
N ARG A 95 6.54 -5.71 8.54
CA ARG A 95 5.40 -6.51 8.08
C ARG A 95 5.55 -8.02 8.42
N ARG A 96 6.74 -8.57 8.21
CA ARG A 96 6.96 -9.99 8.48
C ARG A 96 7.13 -10.29 9.97
N GLU A 97 7.76 -9.37 10.69
CA GLU A 97 7.98 -9.54 12.12
C GLU A 97 6.69 -9.38 12.95
N ALA A 98 6.31 -8.14 13.20
CA ALA A 98 5.11 -7.81 13.95
C ALA A 98 4.05 -7.49 12.91
N PRO A 99 3.57 -8.53 12.19
CA PRO A 99 2.57 -8.44 11.13
C PRO A 99 1.16 -8.07 11.56
N LEU A 100 0.55 -7.16 10.80
CA LEU A 100 -0.81 -6.67 11.03
C LEU A 100 -1.54 -6.95 9.72
N ASP A 101 -2.46 -7.91 9.74
CA ASP A 101 -3.12 -8.32 8.52
C ASP A 101 -4.58 -7.97 8.27
N ASN A 102 -5.25 -7.26 9.18
CA ASN A 102 -6.68 -6.95 8.98
C ASN A 102 -6.94 -5.47 8.65
N SER A 103 -7.31 -5.16 7.41
CA SER A 103 -7.55 -3.75 7.07
C SER A 103 -8.94 -3.17 7.44
N VAL A 104 -9.77 -3.96 8.11
CA VAL A 104 -11.10 -3.47 8.51
C VAL A 104 -10.97 -2.86 9.90
N GLU A 105 -10.22 -3.53 10.77
CA GLU A 105 -9.99 -2.99 12.13
C GLU A 105 -9.03 -1.79 12.08
N PHE A 106 -8.11 -1.81 11.12
CA PHE A 106 -7.20 -0.68 10.96
C PHE A 106 -8.05 0.56 10.75
N LYS A 108 -11.36 1.09 11.41
CA LYS A 108 -12.17 1.38 12.60
C LYS A 108 -11.30 2.03 13.66
N ILE A 109 -10.01 1.70 13.67
CA ILE A 109 -9.08 2.34 14.61
C ILE A 109 -8.77 3.69 13.97
N TRP A 110 -8.82 3.73 12.64
CA TRP A 110 -8.58 5.01 11.97
C TRP A 110 -9.72 5.96 12.24
N ARG A 111 -10.96 5.44 12.21
CA ARG A 111 -12.13 6.26 12.43
C ARG A 111 -12.11 6.95 13.78
N LYS A 112 -11.57 6.27 14.78
CA LYS A 112 -11.45 6.78 16.16
C LYS A 112 -10.51 7.99 16.34
N TYR A 113 -9.33 7.94 15.72
CA TYR A 113 -8.37 9.05 15.86
C TYR A 113 -8.46 10.12 14.75
N ASP A 114 -9.31 9.86 13.75
CA ASP A 114 -9.52 10.76 12.62
C ASP A 114 -11.02 10.86 12.48
N ALA A 115 -11.67 11.36 13.54
CA ALA A 115 -13.12 11.47 13.64
C ALA A 115 -13.86 11.99 12.41
N ASP A 116 -13.46 13.13 11.88
CA ASP A 116 -14.13 13.67 10.70
C ASP A 116 -13.45 13.32 9.40
N SER A 117 -12.76 12.18 9.41
CA SER A 117 -12.07 11.65 8.24
C SER A 117 -11.21 12.62 7.41
N SER A 118 -10.45 13.46 8.08
CA SER A 118 -9.57 14.39 7.38
C SER A 118 -8.50 13.62 6.62
N GLY A 119 -8.01 12.54 7.25
CA GLY A 119 -6.98 11.74 6.62
C GLY A 119 -5.65 11.90 7.34
N TYR A 120 -5.71 12.27 8.62
CA TYR A 120 -4.50 12.44 9.42
C TYR A 120 -4.75 12.14 10.89
N ILE A 121 -3.76 11.56 11.58
CA ILE A 121 -3.88 11.48 13.04
C ILE A 121 -2.74 12.41 13.49
N SER A 122 -2.65 12.62 14.80
CA SER A 122 -1.61 13.47 15.34
C SER A 122 -0.42 12.56 15.51
N ALA A 123 0.75 13.02 15.10
CA ALA A 123 1.97 12.23 15.23
C ALA A 123 2.29 12.04 16.71
N ALA A 124 1.56 12.76 17.58
CA ALA A 124 1.75 12.67 19.03
C ALA A 124 0.95 11.50 19.58
N GLU A 125 0.00 11.00 18.80
CA GLU A 125 -0.86 9.89 19.20
C GLU A 125 -0.50 8.51 18.64
N LEU A 126 0.57 8.41 17.84
CA LEU A 126 0.89 7.14 17.20
C LEU A 126 0.95 5.84 18.03
N LYS A 127 1.55 5.87 19.22
CA LYS A 127 1.62 4.66 20.05
C LYS A 127 0.21 4.12 20.44
N ASN A 128 -0.67 5.03 20.86
CA ASN A 128 -2.05 4.68 21.25
C ASN A 128 -2.75 4.09 20.03
N PHE A 129 -2.52 4.70 18.88
CA PHE A 129 -3.12 4.18 17.66
C PHE A 129 -2.53 2.77 17.43
N LEU A 130 -1.21 2.63 17.53
CA LEU A 130 -0.57 1.31 17.32
C LEU A 130 -1.07 0.32 18.36
N LYS A 131 -1.24 0.81 19.58
CA LYS A 131 -1.72 0.00 20.69
C LYS A 131 -3.08 -0.60 20.32
N ASP A 132 -3.97 0.26 19.83
CA ASP A 132 -5.31 -0.16 19.40
C ASP A 132 -5.19 -1.14 18.26
N LEU A 133 -4.44 -0.76 17.22
CA LEU A 133 -4.27 -1.63 16.07
C LEU A 133 -3.88 -3.06 16.49
N PHE A 134 -2.85 -3.19 17.30
CA PHE A 134 -2.43 -4.51 17.75
C PHE A 134 -3.56 -5.25 18.53
N LEU A 135 -4.41 -4.51 19.23
CA LEU A 135 -5.54 -5.10 19.98
C LEU A 135 -6.52 -5.72 18.97
N GLN A 136 -6.90 -4.95 17.96
CA GLN A 136 -7.80 -5.50 16.95
C GLN A 136 -6.96 -6.48 16.14
N HIS A 137 -5.83 -6.85 16.73
CA HIS A 137 -4.91 -7.82 16.15
C HIS A 137 -4.47 -8.92 17.15
N LYS A 138 -4.98 -8.83 18.38
CA LYS A 138 -4.65 -9.81 19.45
C LYS A 138 -3.18 -10.26 19.35
N LYS A 139 -2.31 -9.34 18.92
CA LYS A 139 -0.88 -9.64 18.80
C LYS A 139 -0.25 -8.81 19.88
N LYS A 140 0.12 -9.44 20.99
CA LYS A 140 0.78 -8.74 22.10
C LYS A 140 2.27 -8.75 21.81
N ILE A 141 2.87 -7.57 21.72
CA ILE A 141 4.29 -7.51 21.45
C ILE A 141 5.05 -6.93 22.64
N PRO A 142 6.40 -7.05 22.63
CA PRO A 142 7.18 -6.50 23.74
C PRO A 142 7.20 -4.97 23.68
N PRO A 143 6.68 -4.30 24.74
CA PRO A 143 6.63 -2.83 24.82
C PRO A 143 7.84 -2.05 24.26
N ASN A 144 9.06 -2.46 24.62
CA ASN A 144 10.24 -1.76 24.12
C ASN A 144 10.34 -1.89 22.59
N LYS A 145 10.26 -3.12 22.09
CA LYS A 145 10.36 -3.37 20.66
C LYS A 145 9.35 -2.40 20.07
N LEU A 146 8.14 -2.50 20.63
CA LEU A 146 7.01 -1.66 20.31
C LEU A 146 7.50 -0.21 20.26
N ASP A 147 8.27 0.18 21.26
CA ASP A 147 8.77 1.56 21.30
C ASP A 147 9.60 1.91 20.09
N GLU A 148 10.35 0.93 19.60
CA GLU A 148 11.20 1.12 18.44
C GLU A 148 10.31 1.43 17.22
N TYR A 149 9.08 0.96 17.29
CA TYR A 149 8.12 1.19 16.23
C TYR A 149 7.68 2.63 16.25
N THR A 150 6.94 3.04 17.27
CA THR A 150 6.46 4.41 17.38
C THR A 150 7.45 5.40 16.71
N ASP A 151 8.70 5.39 17.18
CA ASP A 151 9.71 6.30 16.65
C ASP A 151 10.12 6.01 15.21
N ALA A 152 10.15 4.74 14.84
CA ALA A 152 10.50 4.38 13.48
C ALA A 152 9.52 5.02 12.50
N LYS A 155 10.23 8.79 11.39
CA LYS A 155 11.28 8.93 10.37
C LYS A 155 10.81 8.91 8.92
N ILE A 156 9.57 8.48 8.64
CA ILE A 156 9.09 8.46 7.26
C ILE A 156 7.64 8.86 7.10
N PHE A 157 7.02 9.30 8.19
CA PHE A 157 5.59 9.67 8.18
C PHE A 157 5.31 11.08 8.76
N ASP A 158 6.31 11.67 9.40
CA ASP A 158 6.15 13.00 9.96
C ASP A 158 7.43 13.79 9.74
N LYS A 159 7.65 14.23 8.50
CA LYS A 159 8.83 15.00 8.15
C LYS A 159 8.42 16.37 7.60
N ASN A 160 7.11 16.59 7.54
CA ASN A 160 6.62 17.87 7.06
C ASN A 160 6.21 18.68 8.29
N LYS A 161 6.58 18.12 9.45
CA LYS A 161 6.31 18.68 10.78
C LYS A 161 5.02 19.46 10.96
N ASP A 162 4.06 19.30 10.06
CA ASP A 162 2.80 20.04 10.19
C ASP A 162 1.83 19.43 11.20
N GLY A 163 2.34 18.56 12.07
CA GLY A 163 1.51 17.94 13.12
C GLY A 163 0.50 16.87 12.72
N ARG A 164 0.79 16.15 11.64
CA ARG A 164 -0.14 15.11 11.19
C ARG A 164 0.62 13.95 10.58
N LEU A 165 0.13 12.74 10.80
CA LEU A 165 0.75 11.57 10.17
C LEU A 165 -0.26 11.20 9.08
N ASP A 166 0.27 10.88 7.92
CA ASP A 166 -0.55 10.56 6.76
C ASP A 166 -0.98 9.10 6.72
N LEU A 167 -2.24 8.88 6.32
CA LEU A 167 -2.87 7.57 6.16
C LEU A 167 -2.19 6.78 5.00
N ASN A 168 -1.92 7.44 3.86
CA ASN A 168 -1.25 6.74 2.73
C ASN A 168 0.07 6.17 3.23
N ASP A 169 0.59 6.76 4.30
CA ASP A 169 1.79 6.27 4.93
C ASP A 169 1.39 5.13 5.90
N LEU A 170 0.66 5.45 6.96
CA LEU A 170 0.29 4.44 7.96
C LEU A 170 -0.46 3.18 7.51
N ALA A 171 -1.33 3.29 6.50
CA ALA A 171 -2.05 2.12 5.99
C ALA A 171 -1.03 1.05 5.58
N ARG A 172 -0.05 1.47 4.78
CA ARG A 172 0.99 0.59 4.29
C ARG A 172 1.76 -0.16 5.34
N ILE A 173 1.54 0.13 6.64
CA ILE A 173 2.29 -0.62 7.67
C ILE A 173 1.59 -1.94 7.91
N LEU A 174 0.57 -2.20 7.10
CA LEU A 174 -0.20 -3.42 7.18
C LEU A 174 0.44 -4.50 6.30
N ALA A 175 0.08 -5.76 6.57
CA ALA A 175 0.56 -6.92 5.84
C ALA A 175 -0.63 -7.62 5.16
N LEU A 176 -0.90 -7.25 3.91
CA LEU A 176 -2.00 -7.83 3.16
C LEU A 176 -1.38 -8.51 1.94
N GLN A 177 -1.98 -9.59 1.46
CA GLN A 177 -1.40 -10.22 0.27
C GLN A 177 -1.27 -9.12 -0.76
N GLU A 178 -2.22 -8.18 -0.70
CA GLU A 178 -2.31 -7.00 -1.56
C GLU A 178 -3.17 -5.98 -0.80
N ASN A 179 -2.66 -4.75 -0.68
CA ASN A 179 -3.34 -3.69 0.06
C ASN A 179 -4.24 -2.77 -0.78
N PHE A 180 -5.39 -2.43 -0.21
CA PHE A 180 -6.36 -1.57 -0.88
C PHE A 180 -5.96 -0.09 -0.99
N LEU A 181 -5.80 0.54 0.17
CA LEU A 181 -5.48 1.96 0.29
C LEU A 181 -4.08 2.29 -0.16
N LEU A 182 -3.50 1.39 -0.94
CA LEU A 182 -2.15 1.60 -1.46
C LEU A 182 -2.22 1.43 -2.96
N GLN A 183 -3.39 1.00 -3.42
CA GLN A 183 -3.63 0.78 -4.85
C GLN A 183 -3.32 2.02 -5.69
N PHE A 184 -2.78 3.07 -5.04
CA PHE A 184 -2.44 4.32 -5.73
C PHE A 184 -1.05 4.85 -5.39
N LYS A 185 -0.55 5.75 -6.24
CA LYS A 185 0.75 6.40 -6.07
C LYS A 185 0.50 7.75 -5.39
N ASP A 187 2.71 10.62 -6.19
CA ASP A 187 3.50 11.65 -6.88
C ASP A 187 2.85 13.03 -6.81
N ALA A 188 3.59 14.02 -7.31
CA ALA A 188 3.14 15.40 -7.36
C ALA A 188 1.84 15.46 -8.13
N SER A 189 1.96 15.46 -9.46
CA SER A 189 0.81 15.50 -10.35
C SER A 189 -0.18 14.40 -9.98
N SER A 190 0.34 13.26 -9.54
CA SER A 190 -0.48 12.12 -9.16
C SER A 190 -1.63 12.53 -8.25
N GLN A 191 -1.32 13.33 -7.23
CA GLN A 191 -2.30 13.83 -6.26
C GLN A 191 -2.93 15.12 -6.80
N VAL A 192 -3.22 15.15 -8.08
CA VAL A 192 -3.86 16.32 -8.69
C VAL A 192 -4.85 15.83 -9.73
N GLU A 193 -4.37 15.09 -10.71
CA GLU A 193 -5.25 14.57 -11.74
C GLU A 193 -6.32 13.75 -11.03
N ARG A 194 -5.88 12.83 -10.15
CA ARG A 194 -6.78 11.97 -9.41
C ARG A 194 -7.75 12.75 -8.51
N LYS A 195 -7.25 13.65 -7.69
CA LYS A 195 -8.13 14.42 -6.84
C LYS A 195 -9.12 15.24 -7.67
N ARG A 196 -8.81 15.45 -8.95
CA ARG A 196 -9.72 16.18 -9.84
C ARG A 196 -10.68 15.18 -10.47
N ASP A 197 -10.21 13.94 -10.62
CA ASP A 197 -11.04 12.89 -11.18
C ASP A 197 -12.19 12.57 -10.22
N PHE A 198 -11.86 12.36 -8.94
CA PHE A 198 -12.82 12.07 -7.87
C PHE A 198 -13.94 13.13 -7.79
N GLU A 199 -13.61 14.33 -7.28
CA GLU A 199 -14.60 15.41 -7.21
C GLU A 199 -15.47 15.32 -8.46
N LYS A 200 -14.80 15.33 -9.61
CA LYS A 200 -15.45 15.23 -10.90
C LYS A 200 -16.45 14.08 -10.85
N ILE A 201 -15.93 12.88 -10.72
CA ILE A 201 -16.77 11.70 -10.68
C ILE A 201 -17.80 11.74 -9.54
N PHE A 202 -17.43 12.30 -8.40
CA PHE A 202 -18.41 12.34 -7.34
C PHE A 202 -19.57 13.28 -7.71
N ALA A 203 -19.32 14.28 -8.54
CA ALA A 203 -20.34 15.28 -8.94
C ALA A 203 -21.44 14.66 -9.81
N HIS A 204 -21.01 14.00 -10.87
CA HIS A 204 -21.89 13.30 -11.80
C HIS A 204 -22.72 12.24 -11.09
N TYR A 205 -22.16 11.59 -10.08
CA TYR A 205 -22.92 10.55 -9.38
C TYR A 205 -23.68 11.00 -8.15
N ASP A 206 -24.02 12.28 -8.07
CA ASP A 206 -24.77 12.83 -6.92
C ASP A 206 -25.92 13.69 -7.48
N VAL A 207 -26.89 12.96 -8.05
CA VAL A 207 -28.06 13.49 -8.73
C VAL A 207 -29.10 14.14 -7.84
N SER A 208 -28.88 14.08 -6.52
CA SER A 208 -29.79 14.69 -5.56
C SER A 208 -28.96 15.50 -4.56
N ARG A 209 -27.64 15.51 -4.79
CA ARG A 209 -26.72 16.26 -3.93
C ARG A 209 -26.93 15.90 -2.44
N THR A 210 -26.87 14.61 -2.12
CA THR A 210 -27.09 14.21 -0.74
C THR A 210 -25.81 13.79 -0.05
N GLY A 211 -24.69 13.88 -0.78
CA GLY A 211 -23.40 13.54 -0.21
C GLY A 211 -23.01 12.07 -0.16
N ALA A 212 -23.95 11.16 -0.46
CA ALA A 212 -23.60 9.75 -0.42
C ALA A 212 -24.03 8.95 -1.65
N LEU A 213 -23.12 8.12 -2.14
CA LEU A 213 -23.44 7.25 -3.26
C LEU A 213 -23.77 5.96 -2.55
N GLU A 214 -24.69 5.20 -3.13
CA GLU A 214 -25.12 3.90 -2.62
C GLU A 214 -25.68 3.13 -3.83
N GLY A 215 -25.11 1.97 -4.16
CA GLY A 215 -25.64 1.20 -5.28
C GLY A 215 -25.22 1.49 -6.72
N PRO A 216 -26.19 1.79 -7.61
CA PRO A 216 -25.90 2.08 -9.01
C PRO A 216 -24.83 3.16 -9.03
N GLU A 217 -25.04 4.17 -8.18
CA GLU A 217 -24.12 5.31 -8.06
C GLU A 217 -22.69 4.83 -7.77
N VAL A 218 -22.54 3.93 -6.80
CA VAL A 218 -21.23 3.38 -6.44
C VAL A 218 -20.65 2.55 -7.58
N ASP A 219 -21.43 1.61 -8.10
CA ASP A 219 -20.93 0.81 -9.20
C ASP A 219 -20.46 1.76 -10.27
N GLY A 220 -21.22 2.85 -10.43
CA GLY A 220 -20.87 3.86 -11.41
C GLY A 220 -19.60 4.60 -11.05
N PHE A 221 -19.49 5.08 -9.81
CA PHE A 221 -18.28 5.81 -9.36
C PHE A 221 -17.05 4.93 -9.58
N VAL A 222 -17.06 3.77 -8.92
CA VAL A 222 -15.99 2.80 -9.02
C VAL A 222 -15.65 2.50 -10.47
N LYS A 223 -16.65 2.09 -11.24
CA LYS A 223 -16.45 1.78 -12.65
C LYS A 223 -15.67 2.93 -13.29
N ASP A 224 -15.97 4.15 -12.89
CA ASP A 224 -15.28 5.31 -13.43
C ASP A 224 -13.92 5.60 -12.83
N GLU A 227 -11.55 3.06 -13.86
CA GLU A 227 -11.35 2.83 -15.27
C GLU A 227 -10.22 3.67 -15.84
N LEU A 228 -10.06 4.89 -15.34
CA LEU A 228 -8.97 5.71 -15.83
C LEU A 228 -7.73 5.34 -15.00
N VAL A 229 -7.97 4.68 -13.87
CA VAL A 229 -6.91 4.25 -12.98
C VAL A 229 -6.27 2.96 -13.48
N ARG A 230 -7.08 2.08 -14.04
CA ARG A 230 -6.63 0.81 -14.60
C ARG A 230 -7.54 0.47 -15.78
N PRO A 231 -7.24 1.02 -16.97
CA PRO A 231 -8.03 0.79 -18.19
C PRO A 231 -8.39 -0.67 -18.51
N SER A 232 -9.58 -0.85 -19.06
CA SER A 232 -10.11 -2.16 -19.43
C SER A 232 -10.04 -3.17 -18.30
N ILE A 233 -10.64 -2.82 -17.17
CA ILE A 233 -10.67 -3.68 -16.00
C ILE A 233 -11.90 -4.60 -16.02
N SER A 234 -11.72 -5.83 -15.51
CA SER A 234 -12.78 -6.84 -15.47
C SER A 234 -13.99 -6.47 -14.62
N GLY A 235 -15.16 -6.94 -15.04
CA GLY A 235 -16.36 -6.68 -14.27
C GLY A 235 -16.14 -7.35 -12.94
N GLY A 236 -15.50 -8.52 -12.97
CA GLY A 236 -15.23 -9.26 -11.74
C GLY A 236 -14.44 -8.50 -10.68
N ASP A 237 -13.29 -7.95 -11.06
CA ASP A 237 -12.46 -7.23 -10.10
C ASP A 237 -12.94 -5.79 -9.83
N LEU A 238 -14.18 -5.50 -10.21
CA LEU A 238 -14.75 -4.17 -9.97
C LEU A 238 -15.57 -4.31 -8.69
N ASP A 239 -15.91 -5.54 -8.34
CA ASP A 239 -16.65 -5.81 -7.12
C ASP A 239 -15.63 -5.78 -5.98
N LYS A 240 -14.36 -6.03 -6.32
CA LYS A 240 -13.30 -6.03 -5.30
C LYS A 240 -13.40 -4.78 -4.45
N PHE A 241 -12.79 -3.70 -4.92
CA PHE A 241 -12.78 -2.41 -4.24
C PHE A 241 -14.16 -2.11 -3.67
N ARG A 242 -15.20 -2.52 -4.40
CA ARG A 242 -16.58 -2.32 -3.97
C ARG A 242 -16.87 -3.13 -2.72
N GLU A 243 -16.15 -4.23 -2.54
CA GLU A 243 -16.31 -5.09 -1.36
C GLU A 243 -15.55 -4.40 -0.22
N CYS A 244 -14.33 -3.96 -0.53
CA CYS A 244 -13.53 -3.25 0.44
C CYS A 244 -14.29 -2.01 0.97
N LEU A 245 -15.19 -1.44 0.17
CA LEU A 245 -15.97 -0.27 0.60
C LEU A 245 -17.09 -0.72 1.53
N LEU A 246 -17.75 -1.81 1.14
CA LEU A 246 -18.83 -2.38 1.91
C LEU A 246 -18.30 -3.09 3.15
N THR A 247 -17.10 -2.73 3.56
CA THR A 247 -16.49 -3.35 4.73
C THR A 247 -15.54 -2.43 5.48
N HIS A 248 -14.81 -1.62 4.72
CA HIS A 248 -13.82 -0.67 5.22
C HIS A 248 -14.36 0.75 5.25
N CYS A 249 -15.40 1.00 4.47
CA CYS A 249 -15.96 2.34 4.38
C CYS A 249 -17.42 2.54 4.77
N ASP A 250 -18.20 1.49 4.96
CA ASP A 250 -19.58 1.69 5.40
C ASP A 250 -19.86 1.04 6.76
N ASN A 252 -21.61 1.47 9.42
CA ASN A 252 -23.02 1.20 9.70
C ASN A 252 -23.51 -0.03 8.92
N LYS A 253 -24.33 0.20 7.90
CA LYS A 253 -24.85 -0.87 7.06
C LYS A 253 -26.05 -0.37 6.30
N ASP A 254 -26.02 0.91 5.92
CA ASP A 254 -27.10 1.47 5.14
C ASP A 254 -26.60 1.48 3.70
N GLY A 255 -25.30 1.20 3.55
CA GLY A 255 -24.70 1.17 2.25
C GLY A 255 -24.57 2.55 1.66
N LYS A 256 -24.40 3.54 2.55
CA LYS A 256 -24.23 4.92 2.14
C LYS A 256 -22.83 5.30 2.62
N ILE A 257 -21.96 5.61 1.64
CA ILE A 257 -20.57 5.97 1.90
C ILE A 257 -20.38 7.49 1.83
N GLN A 258 -19.52 8.02 2.69
CA GLN A 258 -19.24 9.45 2.74
C GLN A 258 -18.04 9.84 1.84
N LYS A 259 -18.16 11.00 1.18
CA LYS A 259 -17.15 11.52 0.27
C LYS A 259 -15.74 11.43 0.85
N SER A 260 -15.69 11.55 2.16
CA SER A 260 -14.45 11.46 2.92
C SER A 260 -13.97 10.00 2.85
N GLU A 261 -14.89 9.08 3.10
CA GLU A 261 -14.61 7.65 3.08
C GLU A 261 -14.16 7.27 1.66
N LEU A 262 -14.61 8.03 0.68
CA LEU A 262 -14.22 7.76 -0.69
C LEU A 262 -12.85 8.40 -0.90
N ALA A 263 -12.73 9.64 -0.45
CA ALA A 263 -11.49 10.40 -0.58
C ALA A 263 -10.35 9.60 0.07
N LEU A 264 -10.61 9.10 1.27
CA LEU A 264 -9.63 8.28 1.98
C LEU A 264 -9.12 7.18 1.07
N CYS A 265 -10.01 6.30 0.65
CA CYS A 265 -9.65 5.21 -0.25
C CYS A 265 -8.75 5.57 -1.44
N LEU A 266 -9.06 6.68 -2.13
CA LEU A 266 -8.25 7.07 -3.28
C LEU A 266 -7.00 7.78 -2.83
N GLY A 267 -6.81 7.75 -1.52
CA GLY A 267 -5.67 8.41 -0.92
C GLY A 267 -5.71 9.91 -1.15
N LEU A 268 -6.82 10.54 -0.79
CA LEU A 268 -6.96 11.97 -0.97
C LEU A 268 -7.26 12.58 0.38
N LYS A 269 -6.95 13.86 0.54
CA LYS A 269 -7.25 14.54 1.77
C LYS A 269 -8.52 15.35 1.52
N HIS A 270 -9.61 15.00 2.21
CA HIS A 270 -10.86 15.72 2.03
C HIS A 270 -11.28 16.65 3.17
N LYS A 271 -11.96 17.72 2.78
CA LYS A 271 -12.46 18.72 3.71
C LYS A 271 -13.72 19.37 3.12
N PRO A 272 -14.89 19.14 3.74
CA PRO A 272 -16.19 19.68 3.31
C PRO A 272 -16.41 21.14 3.76
N SER A 3 9.85 3.02 -19.39
CA SER A 3 9.79 4.49 -19.61
C SER A 3 10.12 5.20 -18.30
N ALA A 4 9.11 5.52 -17.51
CA ALA A 4 9.39 6.15 -16.23
C ALA A 4 10.11 5.10 -15.40
N PHE A 5 11.25 5.47 -14.82
CA PHE A 5 11.96 4.52 -13.98
C PHE A 5 11.04 4.23 -12.81
N ALA A 6 10.96 2.98 -12.40
CA ALA A 6 10.13 2.63 -11.26
C ALA A 6 10.93 1.78 -10.24
N ASN A 7 10.73 2.09 -8.97
CA ASN A 7 11.40 1.36 -7.91
C ASN A 7 10.40 0.41 -7.27
N LEU A 8 10.82 -0.83 -7.12
CA LEU A 8 10.04 -1.88 -6.49
C LEU A 8 9.66 -1.44 -5.05
N ASP A 9 8.41 -1.58 -4.64
CA ASP A 9 8.06 -1.27 -3.24
C ASP A 9 8.06 -2.61 -2.44
N ALA A 10 8.03 -2.54 -1.12
CA ALA A 10 8.07 -3.74 -0.25
C ALA A 10 6.96 -4.72 -0.60
N ALA A 11 5.78 -4.21 -0.95
CA ALA A 11 4.69 -5.14 -1.30
C ALA A 11 5.06 -5.96 -2.54
N GLY A 12 5.60 -5.29 -3.56
CA GLY A 12 6.01 -5.95 -4.80
C GLY A 12 7.23 -6.85 -4.56
N PHE A 13 8.19 -6.36 -3.77
CA PHE A 13 9.36 -7.16 -3.42
C PHE A 13 8.84 -8.41 -2.71
N LEU A 14 8.23 -8.25 -1.54
CA LEU A 14 7.72 -9.41 -0.80
C LEU A 14 6.86 -10.30 -1.68
N GLN A 15 6.28 -9.72 -2.73
CA GLN A 15 5.47 -10.48 -3.67
C GLN A 15 6.40 -11.41 -4.42
N ILE A 16 7.46 -10.84 -4.99
CA ILE A 16 8.45 -11.59 -5.74
C ILE A 16 9.04 -12.65 -4.81
N TRP A 17 9.39 -12.21 -3.60
CA TRP A 17 9.97 -13.11 -2.61
C TRP A 17 9.07 -14.26 -2.16
N GLN A 18 7.76 -14.08 -2.24
CA GLN A 18 6.80 -15.09 -1.84
C GLN A 18 7.01 -16.32 -2.70
N HIS A 19 6.87 -16.07 -4.01
CA HIS A 19 7.02 -17.03 -5.08
C HIS A 19 8.33 -17.78 -4.92
N PHE A 20 9.43 -17.04 -4.69
CA PHE A 20 10.74 -17.67 -4.52
C PHE A 20 10.93 -18.50 -3.25
N ASP A 21 10.72 -17.88 -2.10
CA ASP A 21 10.92 -18.52 -0.80
C ASP A 21 9.57 -18.97 -0.23
N ALA A 22 8.96 -19.95 -0.92
CA ALA A 22 7.67 -20.52 -0.54
C ALA A 22 7.76 -21.35 0.73
N ASP A 23 8.95 -21.40 1.33
CA ASP A 23 9.10 -22.14 2.57
C ASP A 23 9.29 -21.19 3.74
N ASP A 24 9.43 -19.90 3.44
CA ASP A 24 9.64 -18.89 4.49
C ASP A 24 11.01 -19.12 5.16
N ASN A 25 11.98 -19.47 4.32
CA ASN A 25 13.38 -19.72 4.67
C ASN A 25 14.09 -18.54 5.37
N GLY A 26 13.72 -17.31 5.04
CA GLY A 26 14.43 -16.19 5.62
C GLY A 26 15.64 -15.95 4.73
N TYR A 27 15.77 -16.77 3.69
CA TYR A 27 16.87 -16.66 2.73
C TYR A 27 16.47 -17.20 1.36
N ILE A 28 17.22 -16.77 0.33
CA ILE A 28 17.07 -17.26 -1.03
C ILE A 28 18.49 -17.73 -1.36
N GLU A 29 18.84 -17.75 -2.64
CA GLU A 29 20.16 -18.18 -3.14
C GLU A 29 20.55 -17.43 -4.43
N GLY A 30 21.83 -17.05 -4.51
CA GLY A 30 22.36 -16.32 -5.64
C GLY A 30 22.03 -16.85 -7.03
N LYS A 31 21.84 -18.16 -7.16
CA LYS A 31 21.51 -18.72 -8.47
C LYS A 31 20.21 -18.18 -9.11
N GLU A 32 19.15 -18.04 -8.31
CA GLU A 32 17.88 -17.56 -8.83
C GLU A 32 17.83 -16.04 -8.98
N LEU A 33 18.91 -15.39 -8.59
CA LEU A 33 18.96 -13.95 -8.65
C LEU A 33 18.74 -13.32 -10.03
N ASP A 34 18.62 -14.17 -11.05
CA ASP A 34 18.34 -13.70 -12.41
C ASP A 34 16.81 -13.61 -12.57
N ASP A 35 16.13 -14.68 -12.16
CA ASP A 35 14.68 -14.78 -12.23
C ASP A 35 14.00 -13.71 -11.39
N PHE A 36 14.53 -13.44 -10.21
CA PHE A 36 13.99 -12.41 -9.34
C PHE A 36 14.10 -11.10 -10.16
N PHE A 37 15.34 -10.73 -10.49
CA PHE A 37 15.55 -9.50 -11.25
C PHE A 37 14.71 -9.48 -12.52
N ARG A 38 14.58 -10.65 -13.17
CA ARG A 38 13.78 -10.74 -14.37
C ARG A 38 12.31 -10.60 -13.98
N HIS A 39 11.92 -11.20 -12.85
CA HIS A 39 10.55 -11.05 -12.37
C HIS A 39 10.45 -9.61 -11.85
N LEU A 41 11.88 -6.85 -13.82
CA LEU A 41 11.61 -6.11 -15.04
C LEU A 41 10.19 -6.36 -15.58
N LYS A 42 9.65 -7.57 -15.40
CA LYS A 42 8.31 -7.87 -15.91
C LYS A 42 7.17 -7.15 -15.16
N LYS A 43 7.33 -6.96 -13.84
CA LYS A 43 6.31 -6.29 -13.06
C LYS A 43 6.37 -4.76 -13.26
N LEU A 44 7.56 -4.18 -13.07
CA LEU A 44 7.76 -2.74 -13.19
C LEU A 44 7.75 -2.17 -14.62
N GLN A 45 8.08 -3.01 -15.61
CA GLN A 45 8.13 -2.56 -17.01
C GLN A 45 7.62 -3.69 -17.94
N PRO A 46 6.36 -4.10 -17.75
CA PRO A 46 5.62 -5.16 -18.46
C PRO A 46 5.59 -5.17 -19.99
N LYS A 47 5.29 -4.02 -20.58
CA LYS A 47 5.22 -3.94 -22.02
C LYS A 47 6.60 -3.75 -22.62
N ASP A 48 7.50 -4.67 -22.27
CA ASP A 48 8.89 -4.66 -22.72
C ASP A 48 9.59 -6.01 -22.63
N LYS A 49 9.86 -6.64 -23.78
CA LYS A 49 10.58 -7.90 -23.77
C LYS A 49 11.88 -7.59 -23.04
N ILE A 50 12.58 -8.63 -22.59
CA ILE A 50 13.85 -8.50 -21.87
C ILE A 50 14.83 -9.59 -22.35
N THR A 51 16.11 -9.28 -22.36
CA THR A 51 17.13 -10.23 -22.79
C THR A 51 18.03 -10.40 -21.58
N ASP A 52 18.99 -11.30 -21.69
CA ASP A 52 19.92 -11.56 -20.59
C ASP A 52 20.91 -10.40 -20.49
N GLU A 53 20.91 -9.55 -21.51
CA GLU A 53 21.78 -8.40 -21.55
C GLU A 53 21.24 -7.37 -20.56
N ARG A 54 19.95 -7.09 -20.66
CA ARG A 54 19.31 -6.11 -19.80
C ARG A 54 19.09 -6.65 -18.37
N VAL A 55 18.93 -7.96 -18.22
CA VAL A 55 18.74 -8.53 -16.87
C VAL A 55 20.07 -8.42 -16.13
N GLN A 56 21.17 -8.70 -16.82
CA GLN A 56 22.50 -8.57 -16.20
C GLN A 56 22.89 -7.09 -16.01
N GLN A 57 22.52 -6.24 -16.96
CA GLN A 57 22.85 -4.82 -16.88
C GLN A 57 22.07 -4.14 -15.70
N ILE A 58 20.79 -4.49 -15.50
CA ILE A 58 20.03 -3.88 -14.41
C ILE A 58 20.47 -4.57 -13.14
N LYS A 59 20.55 -5.91 -13.21
CA LYS A 59 21.00 -6.72 -12.08
C LYS A 59 22.27 -6.08 -11.50
N LYS A 60 23.25 -5.83 -12.36
CA LYS A 60 24.48 -5.21 -11.88
C LYS A 60 24.29 -3.76 -11.50
N SER A 61 23.23 -3.13 -11.98
CA SER A 61 23.01 -1.73 -11.61
C SER A 61 22.56 -1.60 -10.12
N PHE A 62 22.13 -2.72 -9.53
CA PHE A 62 21.68 -2.73 -8.12
C PHE A 62 22.71 -3.32 -7.16
N SER A 64 26.91 -5.07 -6.50
CA SER A 64 28.33 -4.78 -6.62
C SER A 64 29.01 -5.91 -7.42
N ALA A 65 30.04 -5.57 -8.20
CA ALA A 65 30.80 -6.55 -9.00
C ALA A 65 30.85 -7.98 -8.40
N TYR A 66 31.75 -8.16 -7.44
CA TYR A 66 31.93 -9.42 -6.75
C TYR A 66 30.64 -9.84 -6.00
N ASP A 67 29.73 -8.90 -5.77
CA ASP A 67 28.48 -9.23 -5.06
C ASP A 67 27.44 -9.87 -5.99
N ALA A 68 27.43 -9.47 -7.26
CA ALA A 68 26.50 -9.98 -8.26
C ALA A 68 26.84 -11.43 -8.65
N THR A 69 28.07 -11.83 -8.33
CA THR A 69 28.53 -13.19 -8.62
C THR A 69 28.48 -14.07 -7.37
N PHE A 70 27.77 -13.63 -6.33
CA PHE A 70 27.68 -14.39 -5.10
C PHE A 70 27.21 -15.82 -5.41
N ASP A 71 28.15 -16.76 -5.45
CA ASP A 71 27.79 -18.15 -5.74
C ASP A 71 27.12 -18.75 -4.49
N GLY A 72 26.26 -17.95 -3.85
CA GLY A 72 25.58 -18.43 -2.66
C GLY A 72 24.23 -17.77 -2.38
N ARG A 73 23.57 -18.29 -1.35
CA ARG A 73 22.26 -17.82 -0.91
C ARG A 73 22.36 -16.39 -0.39
N LEU A 74 21.20 -15.75 -0.23
CA LEU A 74 21.13 -14.40 0.30
C LEU A 74 19.94 -14.34 1.27
N GLN A 75 20.18 -13.84 2.48
CA GLN A 75 19.14 -13.68 3.48
C GLN A 75 18.31 -12.51 2.97
N ILE A 76 17.02 -12.50 3.29
CA ILE A 76 16.17 -11.42 2.83
C ILE A 76 16.73 -10.06 3.22
N GLU A 77 17.02 -9.83 4.50
CA GLU A 77 17.56 -8.52 4.90
C GLU A 77 18.69 -8.13 3.94
N GLU A 78 19.46 -9.11 3.47
CA GLU A 78 20.56 -8.84 2.55
C GLU A 78 20.08 -8.42 1.15
N LEU A 79 19.08 -9.09 0.59
CA LEU A 79 18.64 -8.63 -0.72
C LEU A 79 17.94 -7.29 -0.42
N ALA A 80 17.54 -7.13 0.84
CA ALA A 80 16.91 -5.87 1.28
C ALA A 80 18.02 -4.82 1.43
N ASN A 81 19.09 -5.15 2.12
CA ASN A 81 20.11 -4.13 2.26
C ASN A 81 20.62 -3.74 0.88
N ILE A 83 19.00 -3.72 -2.13
CA ILE A 83 17.92 -3.48 -3.10
C ILE A 83 16.89 -2.36 -2.83
N LEU A 84 16.37 -2.29 -1.60
CA LEU A 84 15.32 -1.29 -1.31
C LEU A 84 15.71 0.02 -0.65
N PRO A 85 14.91 1.07 -0.88
CA PRO A 85 15.24 2.36 -0.24
C PRO A 85 14.79 2.22 1.23
N GLN A 86 15.24 3.14 2.09
CA GLN A 86 14.93 3.13 3.53
C GLN A 86 13.50 2.78 3.95
N GLU A 87 12.55 3.62 3.58
CA GLU A 87 11.15 3.40 3.93
C GLU A 87 10.75 1.99 3.52
N GLU A 88 11.50 1.45 2.56
CA GLU A 88 11.24 0.13 2.07
C GLU A 88 11.82 -0.97 2.97
N ASN A 89 13.10 -0.87 3.33
CA ASN A 89 13.72 -1.87 4.19
C ASN A 89 12.97 -1.89 5.54
N PHE A 90 12.53 -0.73 6.02
CA PHE A 90 11.80 -0.71 7.28
C PHE A 90 10.45 -1.42 7.18
N LEU A 91 9.67 -1.04 6.16
CA LEU A 91 8.34 -1.63 6.00
C LEU A 91 8.40 -3.14 5.74
N LEU A 92 9.35 -3.59 4.92
CA LEU A 92 9.46 -5.03 4.66
C LEU A 92 9.58 -5.77 5.97
N ILE A 93 10.52 -5.31 6.80
CA ILE A 93 10.78 -5.96 8.07
C ILE A 93 9.54 -5.92 8.97
N PHE A 94 8.63 -4.98 8.70
CA PHE A 94 7.42 -4.87 9.50
C PHE A 94 6.35 -5.87 9.06
N ARG A 95 6.09 -5.92 7.76
CA ARG A 95 5.10 -6.84 7.24
C ARG A 95 5.27 -8.24 7.87
N ARG A 96 6.51 -8.62 8.24
CA ARG A 96 6.75 -9.94 8.81
C ARG A 96 7.27 -10.01 10.24
N GLU A 97 7.87 -8.95 10.78
CA GLU A 97 8.30 -9.07 12.16
C GLU A 97 7.09 -8.94 13.10
N ALA A 98 6.11 -8.14 12.68
CA ALA A 98 4.91 -7.90 13.49
C ALA A 98 3.80 -7.67 12.48
N PRO A 99 3.33 -8.77 11.84
CA PRO A 99 2.28 -8.72 10.83
C PRO A 99 0.90 -8.26 11.31
N LEU A 100 0.29 -7.37 10.52
CA LEU A 100 -1.03 -6.80 10.77
C LEU A 100 -1.87 -6.95 9.49
N ASP A 101 -2.81 -7.89 9.53
CA ASP A 101 -3.63 -8.21 8.35
C ASP A 101 -5.04 -7.70 8.29
N ASN A 102 -5.53 -7.06 9.36
CA ASN A 102 -6.91 -6.60 9.39
C ASN A 102 -7.14 -5.11 9.06
N SER A 103 -7.38 -4.85 7.80
CA SER A 103 -7.63 -3.49 7.31
C SER A 103 -8.99 -2.91 7.78
N VAL A 104 -9.87 -3.76 8.29
CA VAL A 104 -11.18 -3.31 8.76
C VAL A 104 -11.03 -2.63 10.12
N GLU A 105 -10.24 -3.26 11.01
CA GLU A 105 -9.99 -2.68 12.34
C GLU A 105 -8.98 -1.54 12.23
N PHE A 106 -8.13 -1.58 11.20
CA PHE A 106 -7.21 -0.49 11.00
C PHE A 106 -8.11 0.73 10.71
N LYS A 108 -10.87 1.13 11.53
CA LYS A 108 -11.78 1.23 12.66
C LYS A 108 -11.01 1.95 13.78
N ILE A 109 -9.71 1.71 13.85
CA ILE A 109 -8.85 2.40 14.82
C ILE A 109 -8.63 3.78 14.17
N TRP A 110 -8.75 3.83 12.85
CA TRP A 110 -8.55 5.09 12.13
C TRP A 110 -9.66 6.11 12.36
N ARG A 111 -10.91 5.67 12.31
CA ARG A 111 -12.04 6.56 12.47
C ARG A 111 -12.13 7.25 13.83
N LYS A 112 -11.46 6.69 14.84
CA LYS A 112 -11.44 7.23 16.21
C LYS A 112 -10.33 8.27 16.44
N TYR A 113 -9.26 8.19 15.64
CA TYR A 113 -8.16 9.15 15.76
C TYR A 113 -8.18 10.22 14.66
N ASP A 114 -9.07 10.02 13.69
CA ASP A 114 -9.26 10.92 12.56
C ASP A 114 -10.78 11.02 12.42
N ALA A 115 -11.42 11.68 13.40
CA ALA A 115 -12.88 11.80 13.43
C ALA A 115 -13.43 12.58 12.27
N ASP A 116 -12.75 13.68 11.93
CA ASP A 116 -13.17 14.53 10.82
C ASP A 116 -13.00 13.86 9.47
N SER A 117 -12.58 12.59 9.46
CA SER A 117 -12.35 11.86 8.22
C SER A 117 -11.45 12.66 7.26
N SER A 118 -10.49 13.37 7.84
CA SER A 118 -9.56 14.17 7.07
C SER A 118 -8.48 13.37 6.33
N GLY A 119 -8.03 12.29 6.94
CA GLY A 119 -6.98 11.49 6.33
C GLY A 119 -5.65 11.68 7.04
N TYR A 120 -5.69 12.15 8.29
CA TYR A 120 -4.50 12.37 9.10
C TYR A 120 -4.76 12.06 10.57
N ILE A 121 -3.76 11.55 11.30
CA ILE A 121 -3.89 11.46 12.76
C ILE A 121 -2.76 12.34 13.33
N SER A 122 -2.98 12.83 14.53
CA SER A 122 -1.98 13.65 15.20
C SER A 122 -0.82 12.73 15.50
N ALA A 123 0.38 13.14 15.12
CA ALA A 123 1.58 12.37 15.36
C ALA A 123 1.66 12.01 16.86
N ALA A 124 1.14 12.88 17.73
CA ALA A 124 1.16 12.64 19.17
C ALA A 124 0.32 11.40 19.58
N GLU A 125 -0.66 11.03 18.75
CA GLU A 125 -1.51 9.87 19.00
C GLU A 125 -0.91 8.52 18.52
N LEU A 126 0.11 8.57 17.66
CA LEU A 126 0.70 7.36 17.09
C LEU A 126 1.04 6.24 18.07
N LYS A 127 1.62 6.57 19.23
CA LYS A 127 1.98 5.54 20.19
C LYS A 127 0.78 4.67 20.50
N ASN A 128 -0.33 5.28 20.92
CA ASN A 128 -1.54 4.52 21.26
C ASN A 128 -2.13 3.82 20.06
N PHE A 129 -2.49 4.61 19.05
CA PHE A 129 -3.06 4.09 17.80
C PHE A 129 -2.48 2.68 17.49
N LEU A 130 -1.15 2.53 17.56
CA LEU A 130 -0.52 1.22 17.30
C LEU A 130 -1.02 0.20 18.33
N LYS A 131 -0.98 0.63 19.60
CA LYS A 131 -1.45 -0.16 20.73
C LYS A 131 -2.84 -0.70 20.42
N ASP A 132 -3.73 0.22 20.08
CA ASP A 132 -5.11 -0.09 19.75
C ASP A 132 -5.20 -0.95 18.51
N LEU A 133 -4.32 -0.70 17.55
CA LEU A 133 -4.29 -1.46 16.30
C LEU A 133 -3.95 -2.96 16.51
N PHE A 134 -2.90 -3.22 17.27
CA PHE A 134 -2.47 -4.58 17.58
C PHE A 134 -3.57 -5.39 18.36
N LEU A 135 -4.38 -4.68 19.16
CA LEU A 135 -5.46 -5.32 19.91
C LEU A 135 -6.51 -5.87 18.94
N GLN A 136 -6.86 -5.09 17.93
CA GLN A 136 -7.85 -5.54 16.98
C GLN A 136 -7.28 -6.62 16.04
N HIS A 137 -6.02 -6.99 16.28
CA HIS A 137 -5.32 -8.06 15.53
C HIS A 137 -4.96 -9.26 16.42
N LYS A 138 -5.01 -9.08 17.74
CA LYS A 138 -4.68 -10.18 18.65
C LYS A 138 -3.17 -10.49 18.63
N LYS A 139 -2.36 -9.46 18.41
CA LYS A 139 -0.91 -9.58 18.37
C LYS A 139 -0.31 -8.91 19.58
N LYS A 140 0.24 -9.69 20.50
CA LYS A 140 0.90 -9.12 21.68
C LYS A 140 2.31 -8.74 21.24
N ILE A 141 2.88 -7.76 21.94
CA ILE A 141 4.22 -7.27 21.70
C ILE A 141 4.79 -6.64 22.97
N PRO A 142 6.13 -6.67 23.12
CA PRO A 142 6.81 -6.10 24.28
C PRO A 142 6.77 -4.55 24.23
N PRO A 143 6.49 -3.91 25.37
CA PRO A 143 6.45 -2.44 25.43
C PRO A 143 7.64 -1.73 24.75
N ASN A 144 8.85 -2.33 24.82
CA ASN A 144 10.01 -1.70 24.18
C ASN A 144 9.84 -1.66 22.65
N LYS A 145 9.12 -2.63 22.10
CA LYS A 145 8.89 -2.60 20.65
C LYS A 145 7.92 -1.45 20.39
N LEU A 146 6.84 -1.35 21.17
CA LEU A 146 5.89 -0.26 20.97
C LEU A 146 6.64 1.08 20.89
N ASP A 147 7.86 1.04 21.39
CA ASP A 147 8.76 2.19 21.41
C ASP A 147 9.71 2.12 20.22
N GLU A 148 10.08 0.91 19.80
CA GLU A 148 10.98 0.75 18.65
C GLU A 148 10.20 1.19 17.40
N TYR A 149 9.01 0.65 17.29
CA TYR A 149 8.10 0.91 16.20
C TYR A 149 7.63 2.35 16.15
N THR A 150 7.12 2.88 17.26
CA THR A 150 6.65 4.27 17.27
C THR A 150 7.66 5.24 16.61
N ASP A 151 8.92 5.15 17.01
CA ASP A 151 9.95 6.01 16.45
C ASP A 151 10.51 5.45 15.15
N ALA A 152 10.50 4.12 15.03
CA ALA A 152 10.97 3.48 13.81
C ALA A 152 10.08 4.08 12.75
N LYS A 155 10.00 8.99 12.31
CA LYS A 155 11.10 9.39 11.43
C LYS A 155 10.79 9.20 9.96
N ILE A 156 10.20 8.06 9.63
CA ILE A 156 9.87 7.81 8.25
C ILE A 156 8.71 8.67 7.80
N PHE A 157 7.66 8.70 8.61
CA PHE A 157 6.46 9.45 8.27
C PHE A 157 6.46 10.91 8.71
N ASP A 158 7.64 11.52 8.80
CA ASP A 158 7.74 12.94 9.19
C ASP A 158 8.75 13.70 8.34
N LYS A 159 8.29 14.79 7.71
CA LYS A 159 9.14 15.62 6.84
C LYS A 159 8.58 17.04 6.64
N ASN A 160 7.27 17.10 6.44
CA ASN A 160 6.54 18.35 6.24
C ASN A 160 6.21 18.96 7.61
N LYS A 161 6.76 18.34 8.64
CA LYS A 161 6.55 18.76 10.03
C LYS A 161 5.34 19.65 10.22
N ASP A 162 4.16 19.14 9.86
CA ASP A 162 2.93 19.90 10.06
C ASP A 162 2.29 19.27 11.30
N GLY A 163 3.00 18.31 11.90
CA GLY A 163 2.54 17.63 13.11
C GLY A 163 1.51 16.52 13.02
N ARG A 164 1.04 16.22 11.81
CA ARG A 164 0.04 15.17 11.55
C ARG A 164 0.69 13.99 10.85
N LEU A 165 -0.02 12.87 10.80
CA LEU A 165 0.43 11.67 10.07
C LEU A 165 -0.76 11.32 9.19
N ASP A 166 -0.51 10.96 7.95
CA ASP A 166 -1.62 10.65 7.05
C ASP A 166 -1.76 9.19 6.67
N LEU A 167 -3.01 8.83 6.38
CA LEU A 167 -3.40 7.48 5.98
C LEU A 167 -2.53 6.88 4.85
N ASN A 168 -1.94 7.74 4.00
CA ASN A 168 -1.13 7.23 2.90
C ASN A 168 0.21 6.63 3.37
N ASP A 169 0.69 7.06 4.53
CA ASP A 169 1.89 6.48 5.10
C ASP A 169 1.45 5.27 5.96
N LEU A 170 0.90 5.54 7.14
CA LEU A 170 0.48 4.50 8.09
C LEU A 170 -0.31 3.29 7.54
N ALA A 171 -1.25 3.51 6.63
CA ALA A 171 -2.04 2.40 6.06
C ALA A 171 -1.13 1.29 5.50
N ARG A 172 0.00 1.68 4.92
CA ARG A 172 0.92 0.71 4.36
C ARG A 172 1.68 -0.08 5.39
N ILE A 173 1.49 0.19 6.68
CA ILE A 173 2.24 -0.59 7.68
C ILE A 173 1.55 -1.94 7.88
N LEU A 174 0.42 -2.12 7.19
CA LEU A 174 -0.30 -3.37 7.26
C LEU A 174 0.50 -4.38 6.44
N ALA A 175 0.15 -5.66 6.58
CA ALA A 175 0.84 -6.73 5.87
C ALA A 175 -0.16 -7.69 5.20
N LEU A 176 -0.53 -7.41 3.95
CA LEU A 176 -1.46 -8.26 3.20
C LEU A 176 -0.93 -8.58 1.81
N GLN A 177 -1.64 -9.43 1.08
CA GLN A 177 -1.19 -9.73 -0.28
C GLN A 177 -1.34 -8.47 -1.14
N GLU A 178 -2.57 -7.96 -1.26
CA GLU A 178 -2.88 -6.77 -2.06
C GLU A 178 -2.88 -5.49 -1.22
N ASN A 179 -3.61 -4.49 -1.71
CA ASN A 179 -3.74 -3.22 -1.00
C ASN A 179 -5.22 -2.93 -0.71
N PHE A 180 -5.48 -2.53 0.52
CA PHE A 180 -6.83 -2.23 0.94
C PHE A 180 -7.24 -0.81 0.58
N LEU A 181 -6.57 0.16 1.20
CA LEU A 181 -6.84 1.56 1.00
C LEU A 181 -5.60 2.16 0.35
N LEU A 182 -4.74 1.29 -0.13
CA LEU A 182 -3.53 1.73 -0.80
C LEU A 182 -3.51 1.17 -2.21
N GLN A 183 -4.65 1.25 -2.88
CA GLN A 183 -4.72 0.74 -4.24
C GLN A 183 -4.32 1.81 -5.24
N PHE A 184 -3.33 2.65 -4.91
CA PHE A 184 -2.89 3.72 -5.81
C PHE A 184 -1.43 4.20 -5.71
N LYS A 185 -0.90 4.63 -6.85
CA LYS A 185 0.47 5.14 -6.98
C LYS A 185 0.45 6.67 -6.96
N ASP A 187 2.46 10.18 -8.56
CA ASP A 187 3.43 10.81 -9.46
C ASP A 187 3.53 12.32 -9.23
N ALA A 188 3.88 13.06 -10.29
CA ALA A 188 4.00 14.51 -10.18
C ALA A 188 2.63 15.15 -10.00
N SER A 189 1.71 14.82 -10.91
CA SER A 189 0.35 15.34 -10.87
C SER A 189 -0.64 14.35 -10.27
N SER A 190 -0.15 13.38 -9.51
CA SER A 190 -1.01 12.35 -8.91
C SER A 190 -2.19 12.92 -8.10
N GLN A 191 -2.08 12.91 -6.77
CA GLN A 191 -3.15 13.42 -5.88
C GLN A 191 -3.95 14.52 -6.58
N VAL A 192 -3.24 15.47 -7.19
CA VAL A 192 -3.90 16.53 -7.94
C VAL A 192 -4.85 15.89 -8.97
N GLU A 193 -4.30 15.12 -9.91
CA GLU A 193 -5.16 14.49 -10.90
C GLU A 193 -6.07 13.43 -10.29
N ARG A 194 -5.66 12.86 -9.16
CA ARG A 194 -6.51 11.87 -8.53
C ARG A 194 -7.77 12.58 -8.03
N LYS A 195 -7.63 13.46 -7.03
CA LYS A 195 -8.82 14.13 -6.53
C LYS A 195 -9.46 15.09 -7.54
N ARG A 196 -8.99 15.10 -8.78
CA ARG A 196 -9.55 15.96 -9.83
C ARG A 196 -10.77 15.26 -10.45
N ASP A 197 -10.50 14.07 -10.99
CA ASP A 197 -11.53 13.25 -11.62
C ASP A 197 -12.51 12.83 -10.53
N PHE A 198 -11.98 12.62 -9.33
CA PHE A 198 -12.81 12.24 -8.19
C PHE A 198 -13.85 13.35 -7.93
N GLU A 199 -13.51 14.61 -8.18
CA GLU A 199 -14.51 15.67 -7.91
C GLU A 199 -15.62 15.73 -8.99
N LYS A 200 -15.26 15.49 -10.25
CA LYS A 200 -16.23 15.53 -11.33
C LYS A 200 -17.05 14.26 -11.35
N ILE A 201 -16.44 13.17 -10.89
CA ILE A 201 -17.11 11.90 -10.91
C ILE A 201 -17.98 11.74 -9.67
N PHE A 202 -17.47 12.10 -8.50
CA PHE A 202 -18.31 11.98 -7.34
C PHE A 202 -19.54 12.85 -7.53
N ALA A 203 -19.36 14.09 -7.98
CA ALA A 203 -20.52 14.98 -8.15
C ALA A 203 -21.35 14.67 -9.36
N HIS A 204 -20.74 13.94 -10.32
CA HIS A 204 -21.46 13.48 -11.52
C HIS A 204 -22.53 12.43 -11.17
N TYR A 205 -22.27 11.60 -10.16
CA TYR A 205 -23.24 10.57 -9.76
C TYR A 205 -24.16 10.94 -8.60
N ASP A 206 -23.84 12.00 -7.86
CA ASP A 206 -24.69 12.44 -6.74
C ASP A 206 -25.76 13.40 -7.26
N VAL A 207 -26.61 12.89 -8.14
CA VAL A 207 -27.68 13.65 -8.79
C VAL A 207 -28.57 14.39 -7.81
N SER A 208 -28.62 13.91 -6.58
CA SER A 208 -29.42 14.58 -5.58
C SER A 208 -28.57 15.15 -4.45
N ARG A 209 -27.34 15.53 -4.82
CA ARG A 209 -26.41 16.13 -3.86
C ARG A 209 -26.68 15.59 -2.44
N THR A 210 -26.82 14.26 -2.34
CA THR A 210 -27.08 13.66 -1.04
C THR A 210 -25.80 13.60 -0.23
N GLY A 211 -24.65 13.72 -0.90
CA GLY A 211 -23.37 13.68 -0.20
C GLY A 211 -22.86 12.25 -0.06
N ALA A 212 -23.65 11.29 -0.51
CA ALA A 212 -23.27 9.88 -0.48
C ALA A 212 -23.86 9.22 -1.72
N LEU A 213 -23.29 8.10 -2.13
CA LEU A 213 -23.77 7.32 -3.27
C LEU A 213 -24.18 5.97 -2.69
N GLU A 214 -25.28 5.41 -3.17
CA GLU A 214 -25.75 4.09 -2.72
C GLU A 214 -26.30 3.37 -3.96
N GLY A 215 -26.46 2.05 -3.88
CA GLY A 215 -27.00 1.30 -5.01
C GLY A 215 -26.29 1.59 -6.33
N PRO A 216 -27.02 1.65 -7.45
CA PRO A 216 -26.49 1.91 -8.80
C PRO A 216 -25.57 3.12 -8.95
N GLU A 217 -25.70 4.13 -8.08
CA GLU A 217 -24.83 5.31 -8.16
C GLU A 217 -23.40 4.88 -7.82
N VAL A 218 -23.28 3.73 -7.15
CA VAL A 218 -22.00 3.15 -6.72
C VAL A 218 -21.35 2.34 -7.84
N ASP A 219 -22.11 1.40 -8.40
CA ASP A 219 -21.58 0.57 -9.46
C ASP A 219 -21.07 1.53 -10.52
N GLY A 220 -21.86 2.57 -10.78
CA GLY A 220 -21.48 3.55 -11.78
C GLY A 220 -20.18 4.30 -11.48
N PHE A 221 -20.07 4.85 -10.27
CA PHE A 221 -18.90 5.61 -9.87
C PHE A 221 -17.62 4.78 -10.05
N VAL A 222 -17.65 3.53 -9.61
CA VAL A 222 -16.49 2.67 -9.73
C VAL A 222 -16.16 2.44 -11.18
N LYS A 223 -17.13 1.92 -11.92
CA LYS A 223 -16.89 1.65 -13.31
C LYS A 223 -16.19 2.81 -14.00
N ASP A 224 -16.66 4.05 -13.76
CA ASP A 224 -16.06 5.23 -14.41
C ASP A 224 -14.71 5.70 -13.84
N GLU A 227 -11.83 2.92 -14.41
CA GLU A 227 -11.43 2.76 -15.79
C GLU A 227 -10.42 3.78 -16.29
N LEU A 228 -10.52 5.02 -15.82
CA LEU A 228 -9.55 6.00 -16.26
C LEU A 228 -8.26 5.61 -15.54
N VAL A 229 -8.42 4.85 -14.45
CA VAL A 229 -7.29 4.37 -13.66
C VAL A 229 -6.71 3.09 -14.24
N ARG A 230 -7.56 2.33 -14.95
CA ARG A 230 -7.17 1.07 -15.58
C ARG A 230 -8.26 0.69 -16.60
N PRO A 231 -8.20 1.23 -17.82
CA PRO A 231 -9.19 0.94 -18.87
C PRO A 231 -9.52 -0.56 -19.02
N SER A 232 -10.49 -0.86 -19.86
CA SER A 232 -10.92 -2.24 -20.11
C SER A 232 -11.33 -3.01 -18.87
N ILE A 233 -11.19 -2.37 -17.70
CA ILE A 233 -11.52 -3.00 -16.43
C ILE A 233 -12.80 -3.85 -16.52
N SER A 234 -12.61 -5.16 -16.63
CA SER A 234 -13.70 -6.11 -16.74
C SER A 234 -14.65 -6.17 -15.55
N GLY A 235 -15.81 -6.79 -15.77
CA GLY A 235 -16.78 -6.92 -14.71
C GLY A 235 -16.06 -7.38 -13.47
N GLY A 236 -15.33 -8.49 -13.60
CA GLY A 236 -14.58 -9.03 -12.47
C GLY A 236 -13.88 -7.94 -11.69
N ASP A 237 -12.86 -7.31 -12.29
CA ASP A 237 -12.11 -6.24 -11.64
C ASP A 237 -13.06 -5.28 -10.89
N LEU A 238 -14.19 -4.96 -11.52
CA LEU A 238 -15.16 -4.08 -10.90
C LEU A 238 -15.87 -4.77 -9.72
N ASP A 239 -16.17 -6.07 -9.86
CA ASP A 239 -16.81 -6.83 -8.78
C ASP A 239 -15.81 -6.85 -7.62
N LYS A 240 -14.61 -7.34 -7.92
CA LYS A 240 -13.51 -7.44 -6.96
C LYS A 240 -12.94 -6.07 -6.60
N PHE A 241 -13.41 -5.00 -7.25
CA PHE A 241 -12.93 -3.63 -6.94
C PHE A 241 -13.81 -2.91 -5.94
N ARG A 242 -15.12 -2.95 -6.17
CA ARG A 242 -16.06 -2.30 -5.29
C ARG A 242 -16.09 -3.02 -3.96
N GLU A 243 -15.70 -4.29 -4.00
CA GLU A 243 -15.64 -5.19 -2.86
C GLU A 243 -15.10 -4.48 -1.63
N CYS A 244 -13.88 -3.96 -1.76
CA CYS A 244 -13.23 -3.22 -0.70
C CYS A 244 -14.26 -2.21 -0.15
N LEU A 245 -15.16 -1.72 -0.99
CA LEU A 245 -16.15 -0.76 -0.52
C LEU A 245 -17.36 -1.41 0.16
N LEU A 246 -17.73 -2.60 -0.28
CA LEU A 246 -18.86 -3.25 0.35
C LEU A 246 -18.50 -3.75 1.73
N THR A 247 -17.31 -3.38 2.21
CA THR A 247 -16.83 -3.84 3.53
C THR A 247 -16.05 -2.79 4.35
N HIS A 248 -15.25 -1.97 3.67
CA HIS A 248 -14.46 -0.95 4.35
C HIS A 248 -15.29 0.32 4.57
N CYS A 249 -16.30 0.52 3.73
CA CYS A 249 -17.15 1.69 3.86
C CYS A 249 -18.56 1.39 4.36
N ASP A 250 -19.45 0.85 3.50
CA ASP A 250 -20.85 0.57 3.86
C ASP A 250 -21.02 0.48 5.37
N ASN A 252 -23.33 0.44 7.40
CA ASN A 252 -24.23 -0.65 7.76
C ASN A 252 -24.55 -1.44 6.49
N LYS A 253 -25.84 -1.59 6.17
CA LYS A 253 -26.22 -2.33 4.97
C LYS A 253 -27.17 -1.55 4.08
N ASP A 254 -27.21 -0.24 4.27
CA ASP A 254 -28.08 0.64 3.52
C ASP A 254 -27.48 1.06 2.18
N GLY A 255 -26.24 0.62 1.94
CA GLY A 255 -25.56 0.92 0.69
C GLY A 255 -25.04 2.35 0.49
N LYS A 256 -25.51 3.32 1.29
CA LYS A 256 -25.10 4.74 1.18
C LYS A 256 -23.71 5.01 1.73
N ILE A 257 -22.78 5.43 0.85
CA ILE A 257 -21.39 5.74 1.22
C ILE A 257 -21.03 7.22 1.15
N GLN A 258 -20.56 7.79 2.27
CA GLN A 258 -20.18 9.20 2.32
C GLN A 258 -19.05 9.55 1.34
N LYS A 259 -19.17 10.70 0.66
CA LYS A 259 -18.13 11.13 -0.29
C LYS A 259 -16.72 11.00 0.31
N SER A 260 -16.56 11.55 1.52
CA SER A 260 -15.26 11.51 2.19
C SER A 260 -14.66 10.07 2.21
N GLU A 261 -15.43 9.08 2.67
CA GLU A 261 -14.92 7.71 2.73
C GLU A 261 -14.43 7.25 1.34
N LEU A 262 -14.99 7.83 0.28
CA LEU A 262 -14.56 7.48 -1.06
C LEU A 262 -13.16 8.06 -1.36
N ALA A 263 -13.00 9.37 -1.25
CA ALA A 263 -11.68 9.96 -1.52
C ALA A 263 -10.64 9.23 -0.64
N LEU A 264 -11.07 8.90 0.57
CA LEU A 264 -10.22 8.18 1.53
C LEU A 264 -9.88 6.80 0.99
N CYS A 265 -10.89 6.13 0.44
CA CYS A 265 -10.71 4.80 -0.12
C CYS A 265 -9.62 4.84 -1.18
N LEU A 266 -9.74 5.75 -2.13
CA LEU A 266 -8.76 5.89 -3.22
C LEU A 266 -7.56 6.78 -2.81
N GLY A 267 -7.45 7.04 -1.51
CA GLY A 267 -6.35 7.84 -0.97
C GLY A 267 -6.28 9.34 -1.26
N LEU A 268 -7.12 10.15 -0.62
CA LEU A 268 -7.11 11.61 -0.83
C LEU A 268 -7.51 12.31 0.45
N LYS A 269 -7.23 13.62 0.53
CA LYS A 269 -7.62 14.40 1.71
C LYS A 269 -8.89 15.21 1.44
N HIS A 270 -10.00 14.87 2.09
CA HIS A 270 -11.22 15.65 1.87
C HIS A 270 -11.57 16.56 3.04
N LYS A 271 -12.23 17.66 2.71
CA LYS A 271 -12.68 18.65 3.68
C LYS A 271 -13.98 19.27 3.18
N PRO A 272 -15.12 18.99 3.87
CA PRO A 272 -16.45 19.50 3.53
C PRO A 272 -16.71 20.93 4.01
N SER A 3 7.50 5.70 -18.07
CA SER A 3 8.84 5.73 -18.72
C SER A 3 9.94 6.12 -17.72
N ALA A 4 9.52 6.66 -16.57
CA ALA A 4 10.47 7.10 -15.54
C ALA A 4 11.05 5.96 -14.70
N PHE A 5 12.12 6.25 -13.98
CA PHE A 5 12.72 5.27 -13.11
C PHE A 5 11.88 5.10 -11.85
N ALA A 6 11.89 3.89 -11.29
CA ALA A 6 11.18 3.56 -10.05
C ALA A 6 11.66 2.24 -9.42
N ASN A 7 11.63 2.18 -8.10
CA ASN A 7 12.07 0.97 -7.44
C ASN A 7 10.88 0.12 -7.06
N LEU A 8 11.20 -1.04 -6.50
CA LEU A 8 10.20 -1.99 -6.04
C LEU A 8 9.67 -1.43 -4.71
N ASP A 9 8.38 -1.58 -4.45
CA ASP A 9 7.87 -1.20 -3.13
C ASP A 9 7.80 -2.56 -2.37
N ALA A 10 7.80 -2.53 -1.04
CA ALA A 10 7.77 -3.75 -0.22
C ALA A 10 6.74 -4.77 -0.68
N ALA A 11 5.58 -4.31 -1.10
CA ALA A 11 4.55 -5.26 -1.56
C ALA A 11 5.05 -6.08 -2.74
N GLY A 12 5.51 -5.40 -3.79
CA GLY A 12 6.03 -6.05 -4.98
C GLY A 12 7.27 -6.93 -4.75
N PHE A 13 8.15 -6.49 -3.85
CA PHE A 13 9.33 -7.25 -3.49
C PHE A 13 8.95 -8.58 -2.82
N LEU A 14 7.99 -8.51 -1.90
CA LEU A 14 7.54 -9.72 -1.20
C LEU A 14 6.83 -10.77 -2.07
N GLN A 15 6.03 -10.33 -3.06
CA GLN A 15 5.31 -11.29 -3.90
C GLN A 15 6.33 -12.16 -4.66
N ILE A 16 7.31 -11.51 -5.27
CA ILE A 16 8.38 -12.17 -6.03
C ILE A 16 9.26 -13.00 -5.09
N TRP A 17 9.53 -12.45 -3.91
CA TRP A 17 10.36 -13.16 -2.96
C TRP A 17 9.68 -14.48 -2.54
N GLN A 18 8.45 -14.36 -2.07
CA GLN A 18 7.66 -15.51 -1.63
C GLN A 18 7.58 -16.59 -2.68
N HIS A 19 7.61 -16.19 -3.95
CA HIS A 19 7.56 -17.13 -5.07
C HIS A 19 8.80 -17.99 -4.93
N PHE A 20 9.93 -17.35 -4.66
CA PHE A 20 11.20 -18.03 -4.49
C PHE A 20 11.34 -18.84 -3.20
N ASP A 21 11.17 -18.18 -2.06
CA ASP A 21 11.29 -18.79 -0.73
C ASP A 21 9.90 -19.25 -0.28
N ALA A 22 9.51 -20.44 -0.74
CA ALA A 22 8.21 -21.03 -0.40
C ALA A 22 7.95 -21.25 1.09
N ASP A 23 8.93 -21.78 1.81
CA ASP A 23 8.73 -22.07 3.23
C ASP A 23 9.25 -21.02 4.20
N ASP A 24 9.49 -19.82 3.68
CA ASP A 24 9.98 -18.72 4.47
C ASP A 24 11.16 -19.07 5.38
N ASN A 25 12.23 -19.58 4.76
CA ASN A 25 13.45 -19.85 5.46
C ASN A 25 14.13 -18.46 5.62
N GLY A 26 13.69 -17.48 4.83
CA GLY A 26 14.29 -16.15 4.95
C GLY A 26 15.46 -15.85 4.01
N TYR A 27 15.69 -16.70 3.02
CA TYR A 27 16.76 -16.49 2.04
C TYR A 27 16.34 -17.16 0.76
N ILE A 28 17.15 -16.94 -0.28
CA ILE A 28 17.01 -17.63 -1.58
C ILE A 28 18.46 -17.95 -2.00
N GLU A 29 18.64 -19.03 -2.76
CA GLU A 29 19.99 -19.38 -3.20
C GLU A 29 20.41 -18.31 -4.20
N GLY A 30 21.68 -17.91 -4.12
CA GLY A 30 22.22 -16.89 -5.01
C GLY A 30 22.11 -17.18 -6.49
N LYS A 31 21.91 -18.45 -6.84
CA LYS A 31 21.77 -18.80 -8.24
C LYS A 31 20.44 -18.27 -8.85
N GLU A 32 19.42 -18.08 -8.03
CA GLU A 32 18.13 -17.60 -8.53
C GLU A 32 18.07 -16.07 -8.70
N LEU A 33 19.13 -15.40 -8.27
CA LEU A 33 19.18 -13.94 -8.35
C LEU A 33 18.87 -13.40 -9.74
N ASP A 34 19.53 -13.93 -10.77
CA ASP A 34 19.26 -13.49 -12.13
C ASP A 34 17.74 -13.55 -12.38
N ASP A 35 17.09 -14.62 -11.95
CA ASP A 35 15.64 -14.72 -12.16
C ASP A 35 14.86 -13.84 -11.18
N PHE A 36 15.47 -13.49 -10.05
CA PHE A 36 14.72 -12.61 -9.15
C PHE A 36 14.50 -11.24 -9.80
N PHE A 37 15.41 -10.87 -10.70
CA PHE A 37 15.32 -9.59 -11.41
C PHE A 37 14.38 -9.54 -12.61
N ARG A 38 14.21 -10.68 -13.28
CA ARG A 38 13.34 -10.75 -14.44
C ARG A 38 11.91 -10.53 -13.95
N HIS A 39 11.60 -11.09 -12.78
CA HIS A 39 10.27 -10.91 -12.19
C HIS A 39 10.08 -9.43 -11.91
N LEU A 41 11.58 -6.72 -13.18
CA LEU A 41 11.47 -5.96 -14.42
C LEU A 41 10.08 -6.08 -15.04
N LYS A 42 9.49 -7.28 -14.97
CA LYS A 42 8.16 -7.48 -15.55
C LYS A 42 7.09 -6.82 -14.66
N LYS A 43 7.31 -6.81 -13.34
CA LYS A 43 6.37 -6.18 -12.44
C LYS A 43 6.38 -4.65 -12.59
N LEU A 44 7.57 -4.06 -12.64
CA LEU A 44 7.73 -2.62 -12.77
C LEU A 44 7.33 -2.03 -14.12
N GLN A 45 7.72 -2.70 -15.22
CA GLN A 45 7.43 -2.23 -16.57
C GLN A 45 6.71 -3.37 -17.30
N PRO A 46 5.46 -3.63 -16.90
CA PRO A 46 4.50 -4.66 -17.36
C PRO A 46 4.47 -5.03 -18.85
N LYS A 47 4.77 -4.05 -19.71
CA LYS A 47 4.71 -4.25 -21.15
C LYS A 47 6.08 -4.34 -21.82
N ASP A 48 7.14 -4.08 -21.06
CA ASP A 48 8.47 -4.18 -21.65
C ASP A 48 8.72 -5.62 -22.04
N LYS A 49 9.58 -5.81 -23.04
CA LYS A 49 9.96 -7.14 -23.52
C LYS A 49 11.39 -7.30 -23.01
N ILE A 50 11.54 -8.03 -21.91
CA ILE A 50 12.83 -8.26 -21.25
C ILE A 50 13.73 -9.34 -21.88
N THR A 51 15.03 -9.09 -21.88
CA THR A 51 16.02 -10.01 -22.44
C THR A 51 17.03 -10.41 -21.38
N ASP A 52 17.91 -11.35 -21.71
CA ASP A 52 18.93 -11.75 -20.75
C ASP A 52 19.92 -10.60 -20.60
N GLU A 53 20.22 -9.93 -21.70
CA GLU A 53 21.14 -8.81 -21.67
C GLU A 53 20.64 -7.74 -20.69
N ARG A 54 19.36 -7.43 -20.75
CA ARG A 54 18.76 -6.44 -19.87
C ARG A 54 18.66 -6.89 -18.40
N VAL A 55 18.22 -8.13 -18.16
CA VAL A 55 18.07 -8.65 -16.81
C VAL A 55 19.36 -8.61 -16.01
N GLN A 56 20.49 -8.86 -16.68
CA GLN A 56 21.82 -8.88 -16.07
C GLN A 56 22.40 -7.51 -15.66
N GLN A 57 22.46 -6.60 -16.62
CA GLN A 57 23.00 -5.28 -16.37
C GLN A 57 22.18 -4.50 -15.27
N ILE A 58 20.86 -4.66 -15.24
CA ILE A 58 20.09 -3.94 -14.23
C ILE A 58 20.57 -4.55 -12.91
N LYS A 59 20.82 -5.86 -12.95
CA LYS A 59 21.29 -6.58 -11.78
C LYS A 59 22.63 -5.98 -11.30
N LYS A 60 23.53 -5.70 -12.25
CA LYS A 60 24.79 -5.10 -11.85
C LYS A 60 24.57 -3.73 -11.26
N SER A 61 23.74 -2.93 -11.91
CA SER A 61 23.48 -1.57 -11.41
C SER A 61 22.99 -1.51 -9.94
N PHE A 62 22.37 -2.59 -9.44
CA PHE A 62 21.85 -2.62 -8.07
C PHE A 62 22.84 -3.11 -7.02
N SER A 64 27.32 -4.08 -6.06
CA SER A 64 28.73 -3.91 -6.37
C SER A 64 29.13 -5.01 -7.36
N ALA A 65 30.19 -4.75 -8.10
CA ALA A 65 30.71 -5.74 -9.04
C ALA A 65 30.94 -7.03 -8.26
N TYR A 66 31.77 -6.90 -7.23
CA TYR A 66 32.11 -8.02 -6.38
C TYR A 66 30.90 -8.81 -5.87
N ASP A 67 29.89 -8.11 -5.37
CA ASP A 67 28.69 -8.74 -4.79
C ASP A 67 27.76 -9.49 -5.77
N ALA A 68 27.68 -9.02 -7.02
CA ALA A 68 26.84 -9.64 -8.05
C ALA A 68 27.37 -11.01 -8.45
N THR A 69 28.59 -11.32 -8.02
CA THR A 69 29.20 -12.59 -8.35
C THR A 69 29.05 -13.61 -7.23
N PHE A 70 28.65 -13.14 -6.04
CA PHE A 70 28.45 -14.01 -4.89
C PHE A 70 27.40 -15.07 -5.28
N ASP A 71 27.55 -16.28 -4.78
CA ASP A 71 26.62 -17.35 -5.09
C ASP A 71 26.02 -17.99 -3.84
N GLY A 72 26.57 -17.65 -2.68
CA GLY A 72 26.04 -18.19 -1.44
C GLY A 72 24.61 -17.74 -1.21
N ARG A 73 23.87 -18.44 -0.34
CA ARG A 73 22.48 -18.09 -0.08
C ARG A 73 22.30 -16.57 0.09
N LEU A 74 21.25 -16.03 -0.52
CA LEU A 74 20.93 -14.61 -0.37
C LEU A 74 19.67 -14.51 0.50
N GLN A 75 19.89 -14.04 1.73
CA GLN A 75 18.87 -13.84 2.76
C GLN A 75 18.08 -12.58 2.40
N ILE A 76 16.84 -12.49 2.87
CA ILE A 76 16.01 -11.34 2.56
C ILE A 76 16.66 -10.00 2.93
N GLU A 77 17.18 -9.86 4.15
CA GLU A 77 17.81 -8.60 4.58
C GLU A 77 18.77 -8.02 3.50
N GLU A 78 19.61 -8.88 2.95
CA GLU A 78 20.60 -8.49 1.94
C GLU A 78 19.99 -8.04 0.63
N LEU A 79 19.07 -8.82 0.07
CA LEU A 79 18.47 -8.40 -1.19
C LEU A 79 17.62 -7.12 -0.93
N ALA A 80 17.10 -6.99 0.27
CA ALA A 80 16.31 -5.81 0.62
C ALA A 80 17.24 -4.59 0.68
N ASN A 81 18.37 -4.77 1.37
CA ASN A 81 19.35 -3.70 1.52
C ASN A 81 19.87 -3.24 0.15
N ILE A 83 18.15 -3.61 -3.02
CA ILE A 83 17.05 -3.06 -3.80
C ILE A 83 16.18 -1.97 -3.21
N LEU A 84 15.82 -2.08 -1.95
CA LEU A 84 14.88 -1.14 -1.38
C LEU A 84 15.24 0.27 -0.97
N PRO A 85 14.36 1.20 -1.29
CA PRO A 85 14.76 2.53 -0.83
C PRO A 85 14.37 2.48 0.67
N GLN A 86 15.12 3.21 1.51
CA GLN A 86 14.95 3.30 2.97
C GLN A 86 13.58 3.00 3.62
N GLU A 87 12.51 3.57 3.08
CA GLU A 87 11.17 3.40 3.66
C GLU A 87 10.47 2.09 3.27
N GLU A 88 10.55 1.76 1.99
CA GLU A 88 9.91 0.54 1.51
C GLU A 88 10.67 -0.58 2.22
N ASN A 89 11.91 -0.25 2.55
CA ASN A 89 12.79 -1.17 3.24
C ASN A 89 12.21 -1.40 4.65
N PHE A 90 11.86 -0.33 5.32
CA PHE A 90 11.28 -0.47 6.64
C PHE A 90 9.98 -1.24 6.53
N LEU A 91 9.17 -0.95 5.51
CA LEU A 91 7.89 -1.65 5.38
C LEU A 91 8.18 -3.16 5.18
N LEU A 92 9.47 -3.52 5.19
CA LEU A 92 9.87 -4.91 5.07
C LEU A 92 10.24 -5.52 6.44
N ILE A 93 11.02 -4.82 7.24
CA ILE A 93 11.41 -5.37 8.53
C ILE A 93 10.19 -5.51 9.44
N PHE A 94 9.37 -4.47 9.47
CA PHE A 94 8.17 -4.44 10.30
C PHE A 94 7.11 -5.45 9.89
N ARG A 95 6.80 -5.50 8.59
CA ARG A 95 5.76 -6.43 8.15
C ARG A 95 6.16 -7.85 8.56
N ARG A 96 7.37 -8.25 8.19
CA ARG A 96 7.84 -9.58 8.53
C ARG A 96 8.19 -9.72 9.99
N GLU A 97 8.10 -8.66 10.76
CA GLU A 97 8.36 -8.83 12.18
C GLU A 97 7.08 -8.61 13.00
N ALA A 98 6.00 -8.18 12.37
CA ALA A 98 4.76 -7.94 13.11
C ALA A 98 3.61 -7.79 12.13
N PRO A 99 3.20 -8.91 11.50
CA PRO A 99 2.10 -8.85 10.53
C PRO A 99 0.78 -8.38 11.09
N LEU A 100 0.18 -7.42 10.38
CA LEU A 100 -1.11 -6.82 10.70
C LEU A 100 -1.96 -6.94 9.43
N ASP A 101 -2.87 -7.90 9.45
CA ASP A 101 -3.70 -8.21 8.29
C ASP A 101 -5.11 -7.70 8.26
N ASN A 102 -5.56 -7.06 9.34
CA ASN A 102 -6.95 -6.59 9.39
C ASN A 102 -7.17 -5.09 9.06
N SER A 103 -7.39 -4.84 7.78
CA SER A 103 -7.62 -3.47 7.31
C SER A 103 -8.99 -2.91 7.75
N VAL A 104 -9.82 -3.75 8.35
CA VAL A 104 -11.14 -3.32 8.83
C VAL A 104 -10.94 -2.66 10.19
N GLU A 105 -10.16 -3.32 11.04
CA GLU A 105 -9.85 -2.77 12.38
C GLU A 105 -8.91 -1.57 12.24
N PHE A 106 -8.08 -1.59 11.19
CA PHE A 106 -7.22 -0.45 10.95
C PHE A 106 -8.17 0.71 10.69
N LYS A 108 -11.40 1.00 11.41
CA LYS A 108 -12.18 1.25 12.63
C LYS A 108 -11.33 2.08 13.61
N ILE A 109 -10.07 1.69 13.79
CA ILE A 109 -9.16 2.43 14.67
C ILE A 109 -8.87 3.78 14.01
N TRP A 110 -8.70 3.77 12.68
CA TRP A 110 -8.43 5.03 12.01
C TRP A 110 -9.54 6.05 12.24
N ARG A 111 -10.79 5.63 12.01
CA ARG A 111 -11.93 6.52 12.15
C ARG A 111 -12.14 6.97 13.57
N LYS A 112 -11.72 6.14 14.51
CA LYS A 112 -11.80 6.44 15.92
C LYS A 112 -10.87 7.64 16.14
N TYR A 113 -9.72 7.62 15.46
CA TYR A 113 -8.75 8.71 15.60
C TYR A 113 -8.96 9.90 14.63
N ASP A 114 -9.11 9.63 13.34
CA ASP A 114 -9.34 10.68 12.34
C ASP A 114 -10.85 10.84 12.29
N ALA A 115 -11.39 11.67 13.19
CA ALA A 115 -12.84 11.86 13.30
C ALA A 115 -13.56 12.45 12.11
N ASP A 116 -13.03 13.55 11.55
CA ASP A 116 -13.66 14.20 10.41
C ASP A 116 -12.95 13.94 9.08
N SER A 117 -12.37 12.74 8.97
CA SER A 117 -11.70 12.31 7.76
C SER A 117 -10.75 13.27 7.04
N SER A 118 -9.60 13.53 7.65
CA SER A 118 -8.60 14.42 7.07
C SER A 118 -7.45 13.64 6.41
N GLY A 119 -7.47 12.32 6.63
CA GLY A 119 -6.43 11.46 6.08
C GLY A 119 -5.15 11.54 6.92
N TYR A 120 -5.27 12.19 8.08
CA TYR A 120 -4.15 12.35 9.00
C TYR A 120 -4.60 12.05 10.41
N ILE A 121 -3.68 11.52 11.24
CA ILE A 121 -3.98 11.43 12.68
C ILE A 121 -2.91 12.32 13.30
N SER A 122 -3.30 13.10 14.30
CA SER A 122 -2.33 13.94 14.99
C SER A 122 -1.20 12.99 15.31
N ALA A 123 0.01 13.37 14.91
CA ALA A 123 1.18 12.56 15.12
C ALA A 123 1.37 12.17 16.59
N ALA A 124 0.86 13.01 17.50
CA ALA A 124 0.97 12.75 18.94
C ALA A 124 0.17 11.52 19.41
N GLU A 125 -0.77 11.05 18.60
CA GLU A 125 -1.58 9.87 18.91
C GLU A 125 -0.99 8.55 18.35
N LEU A 126 0.25 8.58 17.86
CA LEU A 126 0.81 7.39 17.23
C LEU A 126 0.92 6.11 18.10
N LYS A 127 1.55 6.21 19.27
CA LYS A 127 1.69 5.06 20.15
C LYS A 127 0.33 4.38 20.50
N ASN A 128 -0.69 5.18 20.83
CA ASN A 128 -2.00 4.63 21.18
C ASN A 128 -2.71 4.04 19.97
N PHE A 129 -2.48 4.63 18.81
CA PHE A 129 -3.09 4.11 17.61
C PHE A 129 -2.50 2.69 17.38
N LEU A 130 -1.17 2.55 17.47
CA LEU A 130 -0.50 1.24 17.27
C LEU A 130 -0.95 0.21 18.30
N LYS A 131 -0.79 0.58 19.58
CA LYS A 131 -1.20 -0.28 20.69
C LYS A 131 -2.63 -0.73 20.44
N ASP A 132 -3.46 0.22 20.01
CA ASP A 132 -4.88 -0.06 19.71
C ASP A 132 -5.00 -0.98 18.52
N LEU A 133 -4.23 -0.70 17.47
CA LEU A 133 -4.25 -1.52 16.26
C LEU A 133 -3.89 -3.00 16.51
N PHE A 134 -2.84 -3.23 17.30
CA PHE A 134 -2.42 -4.58 17.64
C PHE A 134 -3.51 -5.34 18.43
N LEU A 135 -4.25 -4.63 19.29
CA LEU A 135 -5.33 -5.25 20.07
C LEU A 135 -6.41 -5.75 19.10
N GLN A 136 -6.72 -4.96 18.08
CA GLN A 136 -7.74 -5.40 17.15
C GLN A 136 -7.24 -6.55 16.29
N HIS A 137 -5.94 -6.86 16.38
CA HIS A 137 -5.32 -7.99 15.67
C HIS A 137 -5.02 -9.15 16.65
N LYS A 138 -5.25 -8.89 17.94
CA LYS A 138 -5.00 -9.90 18.98
C LYS A 138 -3.52 -10.29 19.03
N LYS A 139 -2.66 -9.37 18.65
CA LYS A 139 -1.21 -9.61 18.66
C LYS A 139 -0.66 -9.05 19.96
N LYS A 140 0.21 -9.81 20.60
CA LYS A 140 0.88 -9.36 21.82
C LYS A 140 2.24 -8.88 21.36
N ILE A 141 2.67 -7.77 21.94
CA ILE A 141 3.97 -7.20 21.66
C ILE A 141 4.44 -6.52 22.94
N PRO A 142 5.74 -6.62 23.23
CA PRO A 142 6.33 -6.01 24.42
C PRO A 142 6.30 -4.48 24.41
N PRO A 143 6.07 -3.87 25.57
CA PRO A 143 6.03 -2.41 25.70
C PRO A 143 7.24 -1.71 25.03
N ASN A 144 8.46 -2.11 25.37
CA ASN A 144 9.63 -1.49 24.76
C ASN A 144 9.50 -1.50 23.25
N LYS A 145 9.29 -2.68 22.68
CA LYS A 145 9.12 -2.80 21.25
C LYS A 145 8.12 -1.76 20.73
N LEU A 146 6.98 -1.60 21.39
CA LEU A 146 6.01 -0.60 20.94
C LEU A 146 6.73 0.71 20.65
N ASP A 147 7.62 1.08 21.56
CA ASP A 147 8.44 2.28 21.42
C ASP A 147 9.30 2.20 20.17
N GLU A 148 9.95 1.05 19.96
CA GLU A 148 10.83 0.85 18.79
C GLU A 148 10.15 1.24 17.47
N TYR A 149 9.02 0.61 17.22
CA TYR A 149 8.24 0.82 16.03
C TYR A 149 7.65 2.23 15.92
N THR A 150 7.45 2.88 17.06
CA THR A 150 6.90 4.25 17.06
C THR A 150 7.96 5.24 16.57
N ASP A 151 9.18 5.05 17.06
CA ASP A 151 10.33 5.89 16.70
C ASP A 151 10.58 5.79 15.20
N ALA A 152 10.61 4.56 14.72
CA ALA A 152 10.83 4.30 13.31
C ALA A 152 9.71 4.99 12.51
N LYS A 155 9.92 8.68 12.34
CA LYS A 155 11.02 9.07 11.48
C LYS A 155 10.60 9.36 10.06
N ILE A 156 10.40 8.28 9.30
CA ILE A 156 10.03 8.36 7.89
C ILE A 156 8.65 8.86 7.58
N PHE A 157 7.76 8.80 8.57
CA PHE A 157 6.38 9.24 8.36
C PHE A 157 6.13 10.69 8.71
N ASP A 158 6.73 11.17 9.78
CA ASP A 158 6.53 12.57 10.21
C ASP A 158 7.68 13.44 9.73
N LYS A 159 8.30 13.07 8.61
CA LYS A 159 9.40 13.85 8.07
C LYS A 159 8.85 15.24 7.77
N ASN A 160 7.54 15.32 7.59
CA ASN A 160 6.92 16.60 7.31
C ASN A 160 6.81 17.39 8.61
N LYS A 161 6.87 16.67 9.72
CA LYS A 161 6.82 17.26 11.07
C LYS A 161 5.77 18.33 11.37
N ASP A 162 4.75 18.44 10.53
CA ASP A 162 3.71 19.43 10.75
C ASP A 162 2.69 18.89 11.76
N GLY A 163 3.09 17.88 12.53
CA GLY A 163 2.23 17.30 13.56
C GLY A 163 1.14 16.31 13.18
N ARG A 164 1.05 15.99 11.90
CA ARG A 164 0.05 15.04 11.39
C ARG A 164 0.73 13.86 10.69
N LEU A 165 0.07 12.70 10.73
CA LEU A 165 0.58 11.52 10.03
C LEU A 165 -0.48 11.17 8.99
N ASP A 166 -0.03 10.93 7.78
CA ASP A 166 -0.88 10.64 6.64
C ASP A 166 -1.28 9.17 6.61
N LEU A 167 -2.53 8.92 6.26
CA LEU A 167 -3.10 7.57 6.11
C LEU A 167 -2.33 6.81 4.99
N ASN A 168 -1.97 7.50 3.89
CA ASN A 168 -1.22 6.82 2.80
C ASN A 168 0.11 6.29 3.32
N ASP A 169 0.62 6.89 4.39
CA ASP A 169 1.83 6.39 5.00
C ASP A 169 1.45 5.24 5.97
N LEU A 170 0.71 5.55 7.03
CA LEU A 170 0.34 4.54 8.02
C LEU A 170 -0.42 3.30 7.50
N ALA A 171 -1.35 3.49 6.56
CA ALA A 171 -2.09 2.37 5.99
C ALA A 171 -1.16 1.32 5.39
N ARG A 172 0.06 1.74 5.03
CA ARG A 172 1.03 0.83 4.45
C ARG A 172 1.75 -0.04 5.46
N ILE A 173 1.57 0.18 6.76
CA ILE A 173 2.29 -0.65 7.74
C ILE A 173 1.63 -2.02 7.88
N LEU A 174 0.48 -2.21 7.23
CA LEU A 174 -0.20 -3.49 7.28
C LEU A 174 0.67 -4.50 6.52
N ALA A 175 0.47 -5.79 6.81
CA ALA A 175 1.18 -6.89 6.17
C ALA A 175 0.19 -7.61 5.26
N LEU A 176 0.12 -7.12 4.02
CA LEU A 176 -0.77 -7.65 2.99
C LEU A 176 0.04 -7.85 1.69
N GLN A 177 -0.24 -8.93 0.96
CA GLN A 177 0.47 -9.15 -0.30
C GLN A 177 0.13 -8.00 -1.23
N GLU A 178 -1.14 -7.60 -1.18
CA GLU A 178 -1.70 -6.51 -1.97
C GLU A 178 -2.75 -5.79 -1.09
N ASN A 179 -2.48 -4.51 -0.81
CA ASN A 179 -3.32 -3.68 0.05
C ASN A 179 -4.38 -2.88 -0.70
N PHE A 180 -5.58 -2.83 -0.12
CA PHE A 180 -6.70 -2.10 -0.71
C PHE A 180 -6.44 -0.59 -0.83
N LEU A 181 -6.27 0.05 0.32
CA LEU A 181 -6.07 1.50 0.41
C LEU A 181 -4.79 1.96 -0.23
N LEU A 182 -3.81 1.08 -0.28
CA LEU A 182 -2.52 1.40 -0.88
C LEU A 182 -2.67 1.27 -2.39
N GLN A 183 -3.93 1.16 -2.83
CA GLN A 183 -4.26 1.01 -4.23
C GLN A 183 -3.33 1.76 -5.18
N PHE A 184 -3.03 3.03 -4.87
CA PHE A 184 -2.18 3.88 -5.73
C PHE A 184 -0.93 4.44 -5.06
N LYS A 185 -0.29 5.37 -5.77
CA LYS A 185 0.92 6.07 -5.32
C LYS A 185 0.54 7.49 -4.85
N ASP A 187 2.54 10.35 -5.41
CA ASP A 187 3.17 11.37 -6.22
C ASP A 187 2.20 12.45 -6.70
N ALA A 188 2.73 13.65 -6.95
CA ALA A 188 1.93 14.78 -7.41
C ALA A 188 1.05 14.42 -8.60
N SER A 189 1.67 13.87 -9.65
CA SER A 189 0.95 13.48 -10.85
C SER A 189 -0.16 12.45 -10.56
N SER A 190 -0.13 11.90 -9.35
CA SER A 190 -1.15 10.94 -8.94
C SER A 190 -2.21 11.72 -8.19
N GLN A 191 -1.81 12.34 -7.06
CA GLN A 191 -2.71 13.15 -6.24
C GLN A 191 -3.56 14.08 -7.10
N VAL A 192 -2.97 14.59 -8.18
CA VAL A 192 -3.70 15.48 -9.07
C VAL A 192 -4.55 14.73 -10.09
N GLU A 193 -3.95 13.74 -10.76
CA GLU A 193 -4.69 12.96 -11.76
C GLU A 193 -5.60 11.90 -11.13
N ARG A 194 -6.01 12.17 -9.90
CA ARG A 194 -6.89 11.25 -9.21
C ARG A 194 -8.08 12.03 -8.61
N LYS A 195 -7.81 13.02 -7.75
CA LYS A 195 -8.91 13.76 -7.14
C LYS A 195 -9.70 14.58 -8.16
N ARG A 196 -9.11 14.86 -9.32
CA ARG A 196 -9.83 15.63 -10.33
C ARG A 196 -10.85 14.72 -11.01
N ASP A 197 -10.51 13.45 -11.19
CA ASP A 197 -11.47 12.52 -11.78
C ASP A 197 -12.53 12.32 -10.68
N PHE A 198 -12.04 12.25 -9.44
CA PHE A 198 -12.88 12.08 -8.24
C PHE A 198 -13.96 13.16 -8.11
N GLU A 199 -13.58 14.45 -8.14
CA GLU A 199 -14.62 15.49 -7.98
C GLU A 199 -15.70 15.51 -9.09
N LYS A 200 -15.29 15.26 -10.33
CA LYS A 200 -16.22 15.25 -11.46
C LYS A 200 -17.18 14.07 -11.41
N ILE A 201 -16.58 12.88 -11.30
CA ILE A 201 -17.35 11.65 -11.32
C ILE A 201 -18.34 11.54 -10.17
N PHE A 202 -17.93 12.01 -8.99
CA PHE A 202 -18.81 12.02 -7.85
C PHE A 202 -20.01 12.99 -8.10
N ALA A 203 -19.74 14.13 -8.75
CA ALA A 203 -20.76 15.17 -9.06
C ALA A 203 -21.87 14.54 -9.88
N HIS A 204 -21.46 13.96 -11.00
CA HIS A 204 -22.29 13.23 -11.93
C HIS A 204 -23.28 12.29 -11.20
N TYR A 205 -22.75 11.17 -10.67
CA TYR A 205 -23.55 10.15 -9.97
C TYR A 205 -24.46 10.62 -8.83
N ASP A 206 -24.01 11.63 -8.08
CA ASP A 206 -24.74 12.21 -6.92
C ASP A 206 -25.91 13.10 -7.38
N VAL A 207 -26.80 12.54 -8.19
CA VAL A 207 -27.96 13.23 -8.79
C VAL A 207 -28.88 14.01 -7.88
N SER A 208 -29.34 13.39 -6.80
CA SER A 208 -30.27 14.08 -5.91
C SER A 208 -29.45 14.88 -4.93
N ARG A 209 -28.14 14.67 -5.00
CA ARG A 209 -27.20 15.37 -4.14
C ARG A 209 -27.33 15.09 -2.63
N THR A 210 -27.38 13.83 -2.24
CA THR A 210 -27.54 13.54 -0.80
C THR A 210 -26.19 13.56 -0.08
N GLY A 211 -25.14 13.98 -0.78
CA GLY A 211 -23.83 14.03 -0.13
C GLY A 211 -23.23 12.64 -0.02
N ALA A 212 -24.06 11.61 -0.09
CA ALA A 212 -23.55 10.22 -0.03
C ALA A 212 -23.97 9.53 -1.33
N LEU A 213 -23.21 8.51 -1.75
CA LEU A 213 -23.54 7.77 -2.96
C LEU A 213 -24.15 6.45 -2.49
N GLU A 214 -25.17 6.00 -3.20
CA GLU A 214 -25.86 4.76 -2.84
C GLU A 214 -26.40 3.91 -4.02
N GLY A 215 -26.68 2.64 -3.73
CA GLY A 215 -27.21 1.71 -4.74
C GLY A 215 -26.27 1.72 -5.92
N PRO A 216 -26.77 1.68 -7.16
CA PRO A 216 -25.81 1.69 -8.25
C PRO A 216 -25.21 3.07 -8.55
N GLU A 217 -25.23 3.97 -7.57
CA GLU A 217 -24.62 5.29 -7.74
C GLU A 217 -23.16 5.08 -7.31
N VAL A 218 -22.93 4.02 -6.52
CA VAL A 218 -21.58 3.66 -6.07
C VAL A 218 -20.90 2.78 -7.11
N ASP A 219 -21.68 1.91 -7.74
CA ASP A 219 -21.11 1.01 -8.75
C ASP A 219 -20.62 1.82 -9.93
N GLY A 220 -21.45 2.76 -10.36
CA GLY A 220 -21.08 3.60 -11.48
C GLY A 220 -19.83 4.42 -11.17
N PHE A 221 -19.71 4.86 -9.92
CA PHE A 221 -18.56 5.66 -9.49
C PHE A 221 -17.25 4.86 -9.54
N VAL A 222 -17.37 3.54 -9.43
CA VAL A 222 -16.23 2.64 -9.48
C VAL A 222 -15.82 2.35 -10.91
N LYS A 223 -16.78 1.93 -11.71
CA LYS A 223 -16.48 1.62 -13.09
C LYS A 223 -15.64 2.76 -13.65
N ASP A 224 -15.79 3.96 -13.08
CA ASP A 224 -14.99 5.10 -13.56
C ASP A 224 -13.76 5.41 -12.74
N GLU A 227 -11.28 2.86 -14.01
CA GLU A 227 -10.99 2.60 -15.43
C GLU A 227 -9.70 3.26 -15.89
N LEU A 228 -9.82 4.37 -16.63
CA LEU A 228 -8.67 5.09 -17.14
C LEU A 228 -7.56 5.17 -16.10
N VAL A 229 -7.93 5.06 -14.83
CA VAL A 229 -6.99 5.09 -13.70
C VAL A 229 -6.09 3.88 -13.80
N ARG A 230 -6.74 2.73 -13.91
CA ARG A 230 -6.03 1.47 -14.05
C ARG A 230 -6.29 0.92 -15.45
N PRO A 231 -5.33 1.08 -16.36
CA PRO A 231 -5.39 0.62 -17.75
C PRO A 231 -6.08 -0.73 -17.90
N SER A 232 -7.32 -0.69 -18.35
CA SER A 232 -8.11 -1.91 -18.52
C SER A 232 -8.15 -2.75 -17.26
N ILE A 233 -8.43 -2.11 -16.13
CA ILE A 233 -8.55 -2.81 -14.86
C ILE A 233 -9.54 -3.94 -15.18
N SER A 234 -9.28 -5.15 -14.66
CA SER A 234 -10.18 -6.26 -14.98
C SER A 234 -11.51 -6.26 -14.23
N GLY A 235 -12.38 -7.19 -14.62
CA GLY A 235 -13.69 -7.31 -14.02
C GLY A 235 -13.58 -7.54 -12.52
N GLY A 236 -12.60 -8.34 -12.14
CA GLY A 236 -12.39 -8.62 -10.74
C GLY A 236 -11.69 -7.45 -10.08
N ASP A 237 -10.63 -6.97 -10.70
CA ASP A 237 -9.88 -5.84 -10.18
C ASP A 237 -10.85 -4.76 -9.76
N LEU A 238 -11.87 -4.57 -10.58
CA LEU A 238 -12.92 -3.61 -10.30
C LEU A 238 -13.93 -4.20 -9.34
N ASP A 239 -14.31 -5.46 -9.56
CA ASP A 239 -15.29 -6.16 -8.72
C ASP A 239 -14.82 -6.26 -7.26
N LYS A 240 -13.51 -6.38 -7.05
CA LYS A 240 -12.97 -6.46 -5.71
C LYS A 240 -13.05 -5.10 -5.05
N PHE A 241 -12.56 -4.07 -5.73
CA PHE A 241 -12.58 -2.73 -5.19
C PHE A 241 -13.94 -2.32 -4.65
N ARG A 242 -15.02 -2.63 -5.39
CA ARG A 242 -16.35 -2.27 -4.94
C ARG A 242 -16.68 -2.99 -3.65
N GLU A 243 -16.56 -4.31 -3.69
CA GLU A 243 -16.82 -5.15 -2.54
C GLU A 243 -15.92 -4.59 -1.43
N CYS A 244 -14.73 -4.14 -1.83
CA CYS A 244 -13.79 -3.52 -0.88
C CYS A 244 -14.53 -2.32 -0.25
N LEU A 245 -15.43 -1.69 -1.00
CA LEU A 245 -16.19 -0.57 -0.44
C LEU A 245 -17.33 -1.08 0.42
N LEU A 246 -17.65 -2.35 0.27
CA LEU A 246 -18.71 -2.95 1.07
C LEU A 246 -18.04 -3.43 2.35
N THR A 247 -16.78 -3.81 2.24
CA THR A 247 -15.98 -4.32 3.36
C THR A 247 -15.50 -3.27 4.37
N HIS A 248 -15.03 -2.14 3.88
CA HIS A 248 -14.50 -1.13 4.76
C HIS A 248 -15.40 0.09 4.94
N CYS A 249 -16.40 0.21 4.07
CA CYS A 249 -17.25 1.38 4.11
C CYS A 249 -18.75 1.22 4.37
N ASP A 250 -19.49 0.54 3.49
CA ASP A 250 -20.94 0.40 3.69
C ASP A 250 -21.28 0.35 5.17
N ASN A 252 -24.28 0.98 8.13
CA ASN A 252 -25.35 0.04 8.46
C ASN A 252 -25.65 -0.69 7.15
N LYS A 253 -26.25 -1.87 7.21
CA LYS A 253 -26.58 -2.61 5.98
C LYS A 253 -27.46 -1.69 5.13
N ASP A 254 -26.83 -0.82 4.34
CA ASP A 254 -27.61 0.11 3.53
C ASP A 254 -27.00 0.46 2.18
N GLY A 255 -25.67 0.48 2.13
CA GLY A 255 -24.97 0.81 0.90
C GLY A 255 -24.72 2.30 0.72
N LYS A 256 -24.68 3.08 1.81
CA LYS A 256 -24.46 4.52 1.72
C LYS A 256 -23.09 4.97 2.23
N ILE A 257 -22.23 5.40 1.29
CA ILE A 257 -20.87 5.87 1.60
C ILE A 257 -20.75 7.38 1.65
N GLN A 258 -19.98 7.90 2.61
CA GLN A 258 -19.78 9.33 2.78
C GLN A 258 -18.70 9.82 1.80
N LYS A 259 -19.02 10.84 1.02
CA LYS A 259 -18.02 11.39 0.10
C LYS A 259 -16.74 11.69 0.89
N SER A 260 -16.91 12.09 2.14
CA SER A 260 -15.73 12.38 2.94
C SER A 260 -14.99 11.06 3.16
N GLU A 261 -15.70 10.07 3.70
CA GLU A 261 -15.13 8.74 3.92
C GLU A 261 -14.80 8.11 2.59
N LEU A 262 -15.81 7.95 1.74
CA LEU A 262 -15.64 7.35 0.41
C LEU A 262 -14.24 7.61 -0.10
N ALA A 263 -13.88 8.89 -0.12
CA ALA A 263 -12.59 9.40 -0.55
C ALA A 263 -11.35 8.65 -0.05
N LEU A 264 -11.33 8.33 1.24
CA LEU A 264 -10.19 7.62 1.84
C LEU A 264 -9.62 6.44 1.06
N CYS A 265 -10.43 5.51 0.56
CA CYS A 265 -9.85 4.37 -0.14
C CYS A 265 -9.16 4.79 -1.43
N LEU A 266 -9.44 6.02 -1.87
CA LEU A 266 -8.81 6.53 -3.09
C LEU A 266 -7.48 7.18 -2.69
N GLY A 267 -7.32 7.35 -1.38
CA GLY A 267 -6.14 7.98 -0.84
C GLY A 267 -6.09 9.48 -1.10
N LEU A 268 -7.19 10.19 -0.84
CA LEU A 268 -7.22 11.64 -1.07
C LEU A 268 -7.57 12.31 0.24
N LYS A 269 -7.33 13.62 0.30
CA LYS A 269 -7.66 14.41 1.49
C LYS A 269 -8.79 15.37 1.10
N HIS A 270 -10.03 15.00 1.46
CA HIS A 270 -11.18 15.85 1.11
C HIS A 270 -11.86 16.50 2.32
N LYS A 271 -11.83 17.83 2.35
CA LYS A 271 -12.44 18.60 3.43
C LYS A 271 -13.75 19.23 2.93
N PRO A 272 -14.86 19.03 3.68
CA PRO A 272 -16.20 19.55 3.36
C PRO A 272 -16.38 21.05 3.64
#